data_7SAD
#
_entry.id   7SAD
#
_cell.length_a   1.00
_cell.length_b   1.00
_cell.length_c   1.00
_cell.angle_alpha   90.00
_cell.angle_beta   90.00
_cell.angle_gamma   90.00
#
_symmetry.space_group_name_H-M   'P 1'
#
loop_
_entity.id
_entity.type
_entity.pdbx_description
1 polymer 'Glutamate receptor ionotropic, NMDA 1'
2 polymer 'Glutamate receptor ionotropic, NMDA 2B'
3 branched 2-acetamido-2-deoxy-beta-D-glucopyranose-(1-4)-2-acetamido-2-deoxy-beta-D-glucopyranose
4 non-polymer 2-acetamido-2-deoxy-beta-D-glucopyranose
5 non-polymer Memantine
#
loop_
_entity_poly.entity_id
_entity_poly.type
_entity_poly.pdbx_seq_one_letter_code
_entity_poly.pdbx_strand_id
1 'polypeptide(L)'
;MSTMHLLTFALLFSCSFARAASDPKIVNIGAVLSTRKHEQMFREAVNQANKRHGSWKIQLQATSVTHKPNAIQMALSVCE
DLISSQVYAILVSHPPTPNDHFTPTPVSYTAGFYRIPVLGLTTRMSIYSDKSIHLSFLRTVPPYSHQSSVWFEMMRVYNW
NHIILLVSDDHEGRAAQKRLETLLEERESKAEKVLQFDPGTKNVTALLMEARELEARVIILSASEDDAATVYRAAAMLDM
TGSGYVWLVGEREISGNALRYAPDGIIGLQLINGKNESAHISDAVGVVAQAVHELLEKENITDPPRGCVGNTNIWKTGPL
FKRVLMSSKYADGVTGRVEFNEDGDRKFAQYSIMNLQNRKLVQVGIYNGTHVIPNDRKIIWPGGETEKPRGYQMSTRLKI
VTIHQEPFVYVKPTMSDGTCKEEFTVNGDPVKKVICTGPNDTSPGSPRHTVPQCCYGFCIDLLIKLARTMQFTYEVHLVA
DGKFGTQERVQNSNKKEWNGMMGELLSGQADMIVAPLTINNERAQYIEFSKPFKYQGLTILVKKEIPRSTLDSFMQPFQS
TLWLLVGLSVHVVAVMLYLLDRFSPFGRFKVNSEEEEEDALTLSSAMWFSWGVLLNSGIGEGAPRSFSARILGMVWAGFA
MIIVASYTANLAAFLVLDRPEERITGINDPRLRNPSDKFIYATVKQSSVDIYFRRQVELSTMYRHMEKHNYESAAEAIQA
VRDNKLHAFIWDSAVLEFEASQKCDLVTTGELFFRSGFGIGMRKDSPWKQQVSLSILKSHENGFMEDLDKTWVRYQECDS
RSNAPATLTFENMAGVFMLVAGGIVAGIFLIFIEIAYKRHKDANGAQ
;
A,C
2 'polypeptide(L)'
;MGTMRLFLLAVLFLFSFARATGWSHPQFEKGGGSGGGSGGSAWSHPQFEKGALVPRGRSQKSPPSIGIAVILVGTSDEVA
IKDAHEKDDFHHLSVVPRVELVAMNETDPKSIITRICDLMSDRKIQGVVFADDTDQEAIAQILDFISAQTLTPILGIHGG
SSMIMADKDESSMFFQFGPSIEQQASVMLNIMEEYDWYIFSIVTTYFPGYQDFVNKIRSTIENSFVGWELEEVLLLDMSL
DDGDSKIQNQLKKLQSPIILLYCTKEEATYIFEVANSVGLTGYGYTWIVPSLVAGDTDTVPSEFPTGLISVSYDEWDYGL
PARVRDGIAIITTAASDMLSEHSFIPEPKSSCYNTHEKRIYQSNMLNRYLINVTFEGRNLSFSEDGYQMHPKLVIILLNK
ERKWERVGKWKDKSLQMKYYVWPRMCPETEEQEDDHLSIVTLEEAPFVIVESVDPLSGTCMRNTVPCQKRIISENKTDEE
PGYIKKCCKGFCIDILKKISKSVKFTYDLYLVTNGKHGKKINGTWNGMIGEVVMKRAYMAVGSLTINEERSEVVDFSVPF
IETGISVMVSRSNGTVSPSAFLEPFSADVWVMMFVMLLIVSAVAVFVFEYFSPVGYNRCLADGREPGGPSFTIGKAIWLL
WGLVFNNSVPVQNPKGTTSKIMVSVWAFFAVIFLASYTANLAAFMIQEEYVDQVSGLSDKKFQRPNDFSPPFRFGTVPNG
STERNIRNNYAEMHAYMGKFNQRGVDDALLSLKTGKLDAFIYDAAVLNYMAGRDEGCKLVTIGSGKVFASTGYGIAIQKD
SGWKRQVDLAILQLFGDGEMEELEALWLTGICHNEKNEVMSSQLDIDNMAGVFYMLGAAMALSLITFICEHLFYWQFRHS
FMG
;
B,D
#
loop_
_chem_comp.id
_chem_comp.type
_chem_comp.name
_chem_comp.formula
377 non-polymer Memantine 'C12 H21 N'
NAG D-saccharide, beta linking 2-acetamido-2-deoxy-beta-D-glucopyranose 'C8 H15 N O6'
#
# COMPACT_ATOMS: atom_id res chain seq x y z
N LYS A 25 -10.81 20.22 68.39
CA LYS A 25 -11.69 19.05 68.54
C LYS A 25 -10.92 17.87 69.14
N ILE A 26 -11.67 16.86 69.57
CA ILE A 26 -11.09 15.65 70.15
C ILE A 26 -11.47 14.47 69.27
N VAL A 27 -10.47 13.71 68.83
CA VAL A 27 -10.66 12.55 67.98
C VAL A 27 -9.96 11.35 68.61
N ASN A 28 -10.68 10.24 68.74
CA ASN A 28 -10.14 9.00 69.26
C ASN A 28 -9.82 8.04 68.13
N ILE A 29 -9.00 7.03 68.45
CA ILE A 29 -8.64 5.99 67.49
C ILE A 29 -8.92 4.64 68.14
N GLY A 30 -9.08 3.62 67.29
CA GLY A 30 -9.41 2.30 67.74
C GLY A 30 -8.28 1.31 67.48
N ALA A 31 -8.27 0.25 68.28
CA ALA A 31 -7.26 -0.79 68.16
C ALA A 31 -7.80 -2.06 68.79
N VAL A 32 -7.16 -3.18 68.44
CA VAL A 32 -7.44 -4.47 69.06
C VAL A 32 -6.12 -5.22 69.25
N LEU A 33 -5.94 -5.79 70.43
CA LEU A 33 -4.76 -6.61 70.73
C LEU A 33 -5.22 -7.80 71.58
N SER A 34 -4.25 -8.61 72.01
CA SER A 34 -4.55 -9.84 72.74
C SER A 34 -3.65 -10.00 73.94
N THR A 35 -3.42 -8.90 74.68
CA THR A 35 -2.58 -8.93 75.87
C THR A 35 -2.85 -7.68 76.69
N ARG A 36 -3.11 -7.86 77.99
CA ARG A 36 -3.33 -6.71 78.87
C ARG A 36 -2.09 -5.84 78.95
N LYS A 37 -0.90 -6.46 79.03
CA LYS A 37 0.34 -5.70 79.01
C LYS A 37 0.49 -4.93 77.71
N HIS A 38 0.05 -5.53 76.59
CA HIS A 38 0.07 -4.82 75.32
C HIS A 38 -0.87 -3.62 75.35
N GLU A 39 -2.03 -3.75 76.00
CA GLU A 39 -2.93 -2.63 76.15
C GLU A 39 -2.30 -1.51 76.99
N GLN A 40 -1.60 -1.89 78.06
CA GLN A 40 -0.90 -0.89 78.87
C GLN A 40 0.20 -0.20 78.05
N MET A 41 0.90 -0.97 77.21
CA MET A 41 1.90 -0.37 76.33
C MET A 41 1.26 0.59 75.34
N PHE A 42 0.09 0.24 74.82
CA PHE A 42 -0.64 1.14 73.93
C PHE A 42 -1.02 2.43 74.64
N ARG A 43 -1.49 2.31 75.89
CA ARG A 43 -1.83 3.50 76.68
C ARG A 43 -0.61 4.36 76.93
N GLU A 44 0.54 3.74 77.23
CA GLU A 44 1.76 4.51 77.42
C GLU A 44 2.19 5.19 76.13
N ALA A 45 2.02 4.51 74.99
CA ALA A 45 2.37 5.10 73.71
C ALA A 45 1.50 6.32 73.41
N VAL A 46 0.19 6.22 73.64
CA VAL A 46 -0.67 7.37 73.39
C VAL A 46 -0.39 8.48 74.39
N ASN A 47 0.00 8.13 75.62
CA ASN A 47 0.40 9.14 76.58
C ASN A 47 1.64 9.89 76.11
N GLN A 48 2.62 9.17 75.57
CA GLN A 48 3.82 9.81 75.05
C GLN A 48 3.52 10.65 73.81
N ALA A 49 2.60 10.18 72.97
CA ALA A 49 2.26 10.91 71.75
C ALA A 49 1.29 12.06 72.00
N ASN A 50 0.75 12.17 73.22
CA ASN A 50 -0.14 13.29 73.54
C ASN A 50 0.51 14.65 73.25
N LYS A 51 1.83 14.75 73.39
CA LYS A 51 2.51 16.01 73.13
C LYS A 51 2.35 16.44 71.67
N ARG A 52 2.48 15.49 70.74
CA ARG A 52 2.35 15.78 69.32
C ARG A 52 1.01 15.28 68.80
N ILE A 58 -6.24 19.93 69.37
CA ILE A 58 -6.39 18.57 68.86
C ILE A 58 -5.90 17.56 69.90
N GLN A 59 -6.82 17.05 70.69
CA GLN A 59 -6.52 16.08 71.74
C GLN A 59 -6.93 14.69 71.27
N LEU A 60 -5.98 13.76 71.29
CA LEU A 60 -6.20 12.39 70.85
C LEU A 60 -6.65 11.52 72.02
N GLN A 61 -7.24 10.37 71.68
CA GLN A 61 -7.69 9.40 72.66
C GLN A 61 -7.50 7.99 72.09
N ALA A 62 -7.50 7.01 72.97
CA ALA A 62 -7.24 5.63 72.61
C ALA A 62 -8.35 4.73 73.14
N THR A 63 -8.73 3.73 72.35
CA THR A 63 -9.70 2.73 72.73
C THR A 63 -9.25 1.38 72.18
N SER A 64 -9.44 0.32 72.97
CA SER A 64 -8.96 -0.99 72.57
C SER A 64 -9.84 -2.07 73.20
N VAL A 65 -9.74 -3.28 72.64
CA VAL A 65 -10.51 -4.43 73.10
C VAL A 65 -9.64 -5.67 72.93
N THR A 66 -9.97 -6.71 73.69
CA THR A 66 -9.19 -7.94 73.68
C THR A 66 -9.59 -8.81 72.48
N HIS A 67 -9.10 -10.05 72.47
CA HIS A 67 -9.33 -10.97 71.37
C HIS A 67 -10.24 -12.10 71.83
N LYS A 68 -10.96 -12.70 70.88
CA LYS A 68 -11.93 -13.73 71.17
C LYS A 68 -11.58 -15.03 70.43
N PRO A 69 -12.02 -16.18 70.96
CA PRO A 69 -11.71 -17.44 70.27
C PRO A 69 -12.53 -17.69 69.03
N ASN A 70 -13.71 -17.09 68.91
CA ASN A 70 -14.56 -17.25 67.74
C ASN A 70 -14.84 -15.89 67.10
N ALA A 71 -15.10 -15.91 65.80
CA ALA A 71 -15.19 -14.69 65.00
C ALA A 71 -16.53 -13.98 65.13
N ILE A 72 -17.61 -14.68 65.47
CA ILE A 72 -18.92 -14.04 65.55
C ILE A 72 -18.98 -13.09 66.74
N GLN A 73 -18.55 -13.56 67.92
CA GLN A 73 -18.48 -12.70 69.08
C GLN A 73 -17.50 -11.55 68.83
N MET A 74 -16.40 -11.83 68.14
CA MET A 74 -15.44 -10.79 67.81
C MET A 74 -16.08 -9.71 66.96
N ALA A 75 -16.88 -10.11 65.96
CA ALA A 75 -17.52 -9.14 65.08
C ALA A 75 -18.56 -8.31 65.81
N LEU A 76 -19.39 -8.95 66.65
CA LEU A 76 -20.38 -8.16 67.38
C LEU A 76 -19.70 -7.22 68.37
N SER A 77 -18.62 -7.67 69.01
CA SER A 77 -17.90 -6.81 69.93
C SER A 77 -17.27 -5.62 69.22
N VAL A 78 -16.69 -5.84 68.04
CA VAL A 78 -16.06 -4.72 67.35
C VAL A 78 -17.11 -3.75 66.82
N CYS A 79 -18.28 -4.25 66.41
CA CYS A 79 -19.34 -3.31 66.03
C CYS A 79 -19.80 -2.50 67.23
N GLU A 80 -19.91 -3.13 68.40
CA GLU A 80 -20.28 -2.40 69.60
C GLU A 80 -19.24 -1.33 69.95
N ASP A 81 -17.95 -1.68 69.84
CA ASP A 81 -16.90 -0.71 70.14
C ASP A 81 -16.90 0.43 69.12
N LEU A 82 -17.12 0.12 67.84
CA LEU A 82 -17.19 1.15 66.82
C LEU A 82 -18.36 2.10 67.09
N ILE A 83 -19.50 1.56 67.53
CA ILE A 83 -20.64 2.39 67.88
C ILE A 83 -20.29 3.28 69.07
N SER A 84 -19.67 2.70 70.09
CA SER A 84 -19.42 3.44 71.33
C SER A 84 -18.38 4.55 71.12
N SER A 85 -17.32 4.28 70.36
CA SER A 85 -16.20 5.20 70.28
C SER A 85 -16.17 6.02 69.00
N GLN A 86 -16.82 5.57 67.93
CA GLN A 86 -16.79 6.23 66.63
C GLN A 86 -15.34 6.42 66.16
N VAL A 87 -14.63 5.30 66.03
CA VAL A 87 -13.21 5.32 65.76
C VAL A 87 -12.96 5.81 64.34
N TYR A 88 -11.73 6.29 64.09
CA TYR A 88 -11.31 6.71 62.78
C TYR A 88 -10.29 5.78 62.14
N ALA A 89 -9.70 4.88 62.93
CA ALA A 89 -8.74 3.90 62.43
C ALA A 89 -8.70 2.74 63.40
N ILE A 90 -8.38 1.56 62.88
CA ILE A 90 -8.35 0.33 63.68
C ILE A 90 -6.96 -0.28 63.57
N LEU A 91 -6.37 -0.61 64.72
CA LEU A 91 -5.06 -1.22 64.78
C LEU A 91 -5.22 -2.67 65.21
N VAL A 92 -4.70 -3.59 64.40
CA VAL A 92 -4.98 -5.02 64.54
C VAL A 92 -3.68 -5.78 64.74
N SER A 93 -3.65 -6.63 65.76
CA SER A 93 -2.55 -7.55 66.02
C SER A 93 -3.07 -8.98 66.00
N HIS A 94 -2.17 -9.92 65.67
CA HIS A 94 -2.61 -11.30 65.58
C HIS A 94 -2.60 -11.97 66.95
N PRO A 95 -3.50 -12.93 67.17
CA PRO A 95 -3.51 -13.69 68.42
C PRO A 95 -2.26 -14.54 68.53
N PRO A 96 -1.91 -15.01 69.73
CA PRO A 96 -0.70 -15.83 69.89
C PRO A 96 -0.75 -17.17 69.16
N THR A 97 -1.85 -17.51 68.50
CA THR A 97 -1.89 -18.71 67.69
C THR A 97 -0.89 -18.58 66.53
N PRO A 98 -0.29 -19.70 66.11
CA PRO A 98 0.72 -19.60 65.03
C PRO A 98 0.15 -19.08 63.72
N ASN A 99 -0.91 -19.69 63.21
CA ASN A 99 -1.46 -19.26 61.93
C ASN A 99 -2.21 -17.94 62.07
N ASP A 100 -3.29 -17.93 62.85
CA ASP A 100 -4.09 -16.73 63.10
C ASP A 100 -4.64 -16.13 61.80
N HIS A 101 -4.86 -16.98 60.79
CA HIS A 101 -5.30 -16.49 59.50
C HIS A 101 -6.77 -16.07 59.49
N PHE A 102 -7.56 -16.49 60.47
CA PHE A 102 -9.00 -16.31 60.39
C PHE A 102 -9.41 -14.88 60.74
N THR A 103 -9.18 -14.47 62.00
CA THR A 103 -9.82 -13.26 62.53
C THR A 103 -9.59 -11.98 61.72
N PRO A 104 -8.42 -11.72 61.12
CA PRO A 104 -8.28 -10.48 60.35
C PRO A 104 -9.30 -10.34 59.23
N THR A 105 -9.76 -11.45 58.63
CA THR A 105 -10.79 -11.33 57.60
C THR A 105 -12.11 -10.84 58.18
N PRO A 106 -12.65 -11.40 59.28
CA PRO A 106 -13.82 -10.77 59.90
C PRO A 106 -13.59 -9.32 60.28
N VAL A 107 -12.42 -8.99 60.83
CA VAL A 107 -12.16 -7.61 61.24
C VAL A 107 -12.22 -6.68 60.03
N SER A 108 -11.56 -7.08 58.94
CA SER A 108 -11.53 -6.27 57.73
C SER A 108 -12.91 -6.13 57.12
N TYR A 109 -13.69 -7.22 57.09
CA TYR A 109 -15.04 -7.13 56.55
C TYR A 109 -15.91 -6.18 57.37
N THR A 110 -15.86 -6.33 58.70
CA THR A 110 -16.68 -5.48 59.57
C THR A 110 -16.30 -4.02 59.43
N ALA A 111 -15.00 -3.73 59.33
CA ALA A 111 -14.58 -2.34 59.17
C ALA A 111 -14.93 -1.79 57.79
N GLY A 112 -14.64 -2.56 56.74
CA GLY A 112 -14.85 -2.13 55.38
C GLY A 112 -16.30 -2.04 54.97
N PHE A 113 -17.22 -2.63 55.74
CA PHE A 113 -18.63 -2.36 55.51
C PHE A 113 -18.90 -0.86 55.52
N TYR A 114 -18.28 -0.12 56.43
CA TYR A 114 -18.41 1.33 56.50
C TYR A 114 -17.33 2.06 55.71
N ARG A 115 -16.44 1.33 55.04
CA ARG A 115 -15.39 1.91 54.20
C ARG A 115 -14.46 2.81 55.00
N ILE A 116 -13.90 2.27 56.08
CA ILE A 116 -12.93 3.00 56.90
C ILE A 116 -11.59 2.28 56.81
N PRO A 117 -10.46 3.01 56.87
CA PRO A 117 -9.16 2.36 56.73
C PRO A 117 -8.81 1.49 57.94
N VAL A 118 -7.98 0.48 57.69
CA VAL A 118 -7.51 -0.44 58.72
C VAL A 118 -6.01 -0.59 58.57
N LEU A 119 -5.28 -0.49 59.68
CA LEU A 119 -3.83 -0.68 59.70
C LEU A 119 -3.51 -2.06 60.25
N GLY A 120 -2.87 -2.90 59.44
CA GLY A 120 -2.47 -4.23 59.85
C GLY A 120 -1.02 -4.27 60.29
N LEU A 121 -0.76 -5.02 61.37
CA LEU A 121 0.55 -5.02 61.99
C LEU A 121 1.24 -6.39 61.93
N THR A 122 0.60 -7.45 62.43
CA THR A 122 1.26 -8.73 62.65
C THR A 122 0.72 -9.82 61.74
N THR A 123 0.38 -9.48 60.50
CA THR A 123 0.01 -10.45 59.49
C THR A 123 0.64 -10.08 58.15
N ARG A 124 1.09 -11.09 57.41
CA ARG A 124 1.71 -10.85 56.11
C ARG A 124 1.29 -11.88 55.07
N MET A 125 0.17 -12.58 55.28
CA MET A 125 -0.29 -13.55 54.30
C MET A 125 -0.76 -12.84 53.04
N SER A 126 -0.65 -13.52 51.90
CA SER A 126 -0.90 -12.91 50.61
C SER A 126 -2.38 -12.87 50.24
N ILE A 127 -3.27 -13.39 51.09
CA ILE A 127 -4.69 -13.33 50.79
C ILE A 127 -5.19 -11.88 50.82
N TYR A 128 -4.65 -11.07 51.73
CA TYR A 128 -5.00 -9.66 51.79
C TYR A 128 -4.17 -8.79 50.86
N SER A 129 -3.27 -9.38 50.08
CA SER A 129 -2.47 -8.60 49.14
C SER A 129 -3.32 -7.97 48.05
N ASP A 130 -4.48 -8.53 47.75
CA ASP A 130 -5.35 -7.99 46.71
C ASP A 130 -5.90 -6.62 47.12
N LYS A 131 -6.13 -5.78 46.13
CA LYS A 131 -6.69 -4.45 46.34
C LYS A 131 -8.18 -4.36 46.02
N SER A 132 -8.80 -5.47 45.60
CA SER A 132 -10.20 -5.46 45.17
C SER A 132 -11.11 -6.27 46.07
N ILE A 133 -10.73 -7.51 46.39
CA ILE A 133 -11.59 -8.35 47.22
C ILE A 133 -11.73 -7.77 48.62
N HIS A 134 -10.68 -7.14 49.13
CA HIS A 134 -10.70 -6.46 50.42
C HIS A 134 -10.61 -4.96 50.17
N LEU A 135 -11.64 -4.23 50.60
CA LEU A 135 -11.76 -2.82 50.21
C LEU A 135 -10.63 -1.98 50.81
N SER A 136 -10.40 -2.12 52.12
CA SER A 136 -9.37 -1.33 52.78
C SER A 136 -8.58 -2.20 53.74
N PHE A 137 -7.26 -2.14 53.62
CA PHE A 137 -6.34 -2.83 54.52
C PHE A 137 -4.93 -2.34 54.22
N LEU A 138 -4.11 -2.21 55.27
CA LEU A 138 -2.75 -1.72 55.13
C LEU A 138 -1.79 -2.69 55.81
N ARG A 139 -0.54 -2.65 55.36
CA ARG A 139 0.52 -3.51 55.88
C ARG A 139 1.70 -2.68 56.34
N THR A 140 2.28 -3.07 57.49
CA THR A 140 3.53 -2.48 57.97
C THR A 140 4.73 -3.35 57.71
N VAL A 141 4.52 -4.61 57.30
CA VAL A 141 5.61 -5.54 57.02
C VAL A 141 5.40 -6.08 55.62
N PRO A 142 6.46 -6.50 54.91
CA PRO A 142 6.26 -7.07 53.59
C PRO A 142 5.52 -8.39 53.68
N PRO A 143 4.70 -8.72 52.68
CA PRO A 143 3.97 -10.00 52.72
C PRO A 143 4.90 -11.19 52.63
N TYR A 144 4.40 -12.31 53.16
CA TYR A 144 5.20 -13.54 53.20
C TYR A 144 5.70 -13.96 51.83
N SER A 145 4.92 -13.68 50.78
CA SER A 145 5.33 -14.03 49.43
C SER A 145 6.31 -13.01 48.82
N HIS A 146 6.48 -11.85 49.45
CA HIS A 146 7.33 -10.81 48.88
C HIS A 146 8.81 -11.15 48.94
N GLN A 147 9.20 -12.18 49.68
CA GLN A 147 10.62 -12.52 49.80
C GLN A 147 11.10 -13.27 48.56
N SER A 148 10.90 -12.65 47.39
CA SER A 148 11.39 -13.20 46.14
C SER A 148 12.48 -12.34 45.50
N SER A 149 12.60 -11.09 45.93
CA SER A 149 13.67 -10.22 45.45
C SER A 149 15.02 -10.57 46.05
N VAL A 150 15.03 -11.13 47.27
CA VAL A 150 16.29 -11.53 47.89
C VAL A 150 16.93 -12.66 47.10
N TRP A 151 16.12 -13.58 46.56
CA TRP A 151 16.66 -14.64 45.73
C TRP A 151 17.32 -14.10 44.47
N PHE A 152 16.70 -13.08 43.86
CA PHE A 152 17.28 -12.49 42.65
C PHE A 152 18.64 -11.86 42.95
N GLU A 153 18.74 -11.10 44.04
CA GLU A 153 20.00 -10.46 44.38
C GLU A 153 21.04 -11.49 44.80
N MET A 154 20.62 -12.56 45.48
CA MET A 154 21.55 -13.63 45.82
C MET A 154 22.09 -14.31 44.57
N MET A 155 21.22 -14.53 43.57
CA MET A 155 21.67 -15.07 42.29
C MET A 155 22.64 -14.10 41.62
N ARG A 156 22.34 -12.80 41.65
CA ARG A 156 23.19 -11.82 41.01
C ARG A 156 24.58 -11.80 41.64
N VAL A 157 24.65 -11.87 42.98
CA VAL A 157 25.95 -11.85 43.63
C VAL A 157 26.69 -13.17 43.43
N TYR A 158 25.96 -14.28 43.34
CA TYR A 158 26.59 -15.59 43.18
C TYR A 158 26.38 -16.20 41.79
N ASN A 159 26.01 -15.37 40.80
CA ASN A 159 25.94 -15.71 39.37
C ASN A 159 25.53 -17.15 39.09
N TRP A 160 24.46 -17.62 39.72
CA TRP A 160 23.90 -18.95 39.48
C TRP A 160 22.85 -18.81 38.37
N ASN A 161 23.29 -18.94 37.13
CA ASN A 161 22.49 -18.56 35.97
C ASN A 161 21.25 -19.43 35.76
N HIS A 162 21.16 -20.59 36.42
CA HIS A 162 20.02 -21.47 36.26
C HIS A 162 19.57 -21.97 37.62
N ILE A 163 18.25 -21.94 37.86
CA ILE A 163 17.67 -22.34 39.12
C ILE A 163 16.46 -23.24 38.85
N ILE A 164 15.94 -23.83 39.91
CA ILE A 164 14.74 -24.67 39.86
C ILE A 164 13.73 -24.11 40.86
N LEU A 165 12.49 -23.94 40.41
CA LEU A 165 11.41 -23.44 41.24
C LEU A 165 10.49 -24.60 41.60
N LEU A 166 10.28 -24.80 42.91
CA LEU A 166 9.49 -25.91 43.42
C LEU A 166 8.57 -25.35 44.51
N VAL A 167 7.29 -25.13 44.15
CA VAL A 167 6.33 -24.49 45.03
C VAL A 167 5.09 -25.37 45.13
N SER A 168 4.10 -24.88 45.86
CA SER A 168 2.84 -25.57 46.09
C SER A 168 1.73 -24.99 45.22
N ASP A 169 0.58 -25.64 45.25
CA ASP A 169 -0.60 -25.17 44.54
C ASP A 169 -1.46 -24.39 45.53
N ASP A 170 -1.23 -23.08 45.60
CA ASP A 170 -1.93 -22.20 46.53
C ASP A 170 -1.85 -20.78 45.99
N HIS A 171 -2.64 -19.90 46.59
CA HIS A 171 -2.60 -18.49 46.20
C HIS A 171 -1.22 -17.90 46.43
N GLU A 172 -0.59 -18.21 47.57
CA GLU A 172 0.78 -17.80 47.80
C GLU A 172 1.72 -18.37 46.75
N GLY A 173 1.52 -19.64 46.37
CA GLY A 173 2.39 -20.25 45.39
C GLY A 173 2.29 -19.58 44.04
N ARG A 174 1.07 -19.34 43.56
CA ARG A 174 0.91 -18.70 42.26
C ARG A 174 1.39 -17.26 42.28
N ALA A 175 1.14 -16.54 43.39
CA ALA A 175 1.61 -15.16 43.49
C ALA A 175 3.13 -15.09 43.47
N ALA A 176 3.79 -15.95 44.25
CA ALA A 176 5.25 -15.98 44.25
C ALA A 176 5.79 -16.39 42.89
N GLN A 177 5.16 -17.36 42.24
CA GLN A 177 5.61 -17.77 40.91
C GLN A 177 5.49 -16.62 39.92
N LYS A 178 4.36 -15.90 39.93
CA LYS A 178 4.18 -14.79 39.02
C LYS A 178 5.22 -13.70 39.28
N ARG A 179 5.44 -13.36 40.55
CA ARG A 179 6.40 -12.31 40.88
C ARG A 179 7.81 -12.70 40.44
N LEU A 180 8.23 -13.92 40.76
CA LEU A 180 9.57 -14.35 40.38
C LEU A 180 9.71 -14.43 38.87
N GLU A 181 8.68 -14.91 38.17
CA GLU A 181 8.75 -15.01 36.72
C GLU A 181 8.88 -13.63 36.10
N THR A 182 8.09 -12.67 36.55
CA THR A 182 8.18 -11.31 36.02
C THR A 182 9.55 -10.69 36.32
N LEU A 183 10.04 -10.87 37.55
CA LEU A 183 11.31 -10.27 37.92
C LEU A 183 12.45 -10.85 37.09
N LEU A 184 12.44 -12.17 36.88
CA LEU A 184 13.48 -12.79 36.07
C LEU A 184 13.34 -12.39 34.60
N GLU A 185 12.12 -12.38 34.07
CA GLU A 185 11.89 -12.00 32.68
C GLU A 185 12.23 -10.55 32.41
N GLU A 186 12.30 -9.72 33.45
CA GLU A 186 12.84 -8.38 33.29
C GLU A 186 14.25 -8.44 32.69
N ARG A 187 15.01 -9.47 33.04
CA ARG A 187 16.30 -9.75 32.41
C ARG A 187 16.17 -10.63 31.18
N GLU A 188 14.94 -11.02 30.80
CA GLU A 188 14.69 -11.93 29.70
C GLU A 188 15.39 -13.28 29.92
N SER A 189 15.36 -13.75 31.17
CA SER A 189 15.94 -15.04 31.54
C SER A 189 14.85 -15.85 32.23
N LYS A 190 14.20 -16.74 31.48
CA LYS A 190 13.12 -17.55 32.04
C LYS A 190 13.67 -18.56 33.05
N ALA A 191 12.82 -18.91 34.01
CA ALA A 191 13.16 -19.99 34.93
C ALA A 191 13.26 -21.30 34.17
N GLU A 192 14.15 -22.17 34.64
CA GLU A 192 14.42 -23.42 33.92
C GLU A 192 13.16 -24.28 33.82
N LYS A 193 12.51 -24.53 34.95
CA LYS A 193 11.28 -25.30 34.96
C LYS A 193 10.59 -25.11 36.31
N VAL A 194 9.26 -24.98 36.25
CA VAL A 194 8.44 -24.80 37.44
C VAL A 194 7.50 -25.99 37.57
N LEU A 195 7.38 -26.51 38.79
CA LEU A 195 6.49 -27.63 39.08
C LEU A 195 5.78 -27.38 40.40
N GLN A 196 4.49 -27.70 40.44
CA GLN A 196 3.68 -27.53 41.64
C GLN A 196 2.92 -28.81 41.92
N PHE A 197 2.90 -29.21 43.18
CA PHE A 197 2.21 -30.42 43.61
C PHE A 197 0.92 -30.06 44.34
N ASP A 198 0.22 -31.07 44.84
CA ASP A 198 -1.00 -30.86 45.60
C ASP A 198 -0.68 -30.83 47.09
N PRO A 199 -0.97 -29.73 47.78
CA PRO A 199 -0.63 -29.64 49.21
C PRO A 199 -1.27 -30.76 50.01
N GLY A 200 -0.54 -31.24 51.01
CA GLY A 200 -1.02 -32.29 51.89
C GLY A 200 -0.69 -33.70 51.47
N THR A 201 -0.12 -33.90 50.28
CA THR A 201 0.22 -35.23 49.82
C THR A 201 1.43 -35.76 50.59
N LYS A 202 1.33 -36.99 51.08
CA LYS A 202 2.38 -37.61 51.87
C LYS A 202 3.41 -38.35 51.04
N ASN A 203 3.28 -38.33 49.71
CA ASN A 203 4.23 -39.02 48.84
C ASN A 203 4.44 -38.18 47.60
N VAL A 204 5.61 -37.55 47.49
CA VAL A 204 5.92 -36.66 46.38
C VAL A 204 7.25 -37.05 45.74
N THR A 205 7.65 -38.31 45.91
CA THR A 205 8.95 -38.74 45.39
C THR A 205 8.98 -38.75 43.87
N ALA A 206 7.82 -38.83 43.21
CA ALA A 206 7.79 -38.84 41.76
C ALA A 206 8.33 -37.54 41.18
N LEU A 207 7.90 -36.40 41.76
CA LEU A 207 8.38 -35.11 41.28
C LEU A 207 9.87 -34.95 41.54
N LEU A 208 10.35 -35.43 42.70
CA LEU A 208 11.78 -35.38 42.99
C LEU A 208 12.58 -36.21 41.99
N MET A 209 12.08 -37.40 41.66
CA MET A 209 12.76 -38.23 40.66
C MET A 209 12.76 -37.56 39.30
N GLU A 210 11.63 -36.94 38.93
CA GLU A 210 11.57 -36.24 37.64
C GLU A 210 12.57 -35.09 37.58
N ALA A 211 12.67 -34.31 38.66
CA ALA A 211 13.60 -33.19 38.71
C ALA A 211 15.03 -33.60 39.00
N ARG A 212 15.27 -34.88 39.31
CA ARG A 212 16.60 -35.33 39.68
C ARG A 212 17.57 -35.32 38.50
N GLU A 213 17.07 -35.53 37.28
CA GLU A 213 17.91 -35.78 36.12
C GLU A 213 18.20 -34.52 35.32
N LEU A 214 17.76 -33.36 35.79
CA LEU A 214 17.93 -32.10 35.06
C LEU A 214 19.33 -31.53 35.27
N GLU A 215 19.62 -30.49 34.49
CA GLU A 215 20.96 -29.90 34.52
C GLU A 215 21.23 -29.17 35.82
N ALA A 216 20.28 -28.34 36.27
CA ALA A 216 20.49 -27.51 37.44
C ALA A 216 20.62 -28.35 38.70
N ARG A 217 21.35 -27.82 39.68
CA ARG A 217 21.56 -28.49 40.96
C ARG A 217 21.24 -27.57 42.13
N VAL A 218 20.54 -26.46 41.89
CA VAL A 218 20.10 -25.55 42.95
C VAL A 218 18.58 -25.52 42.94
N ILE A 219 17.99 -25.56 44.13
CA ILE A 219 16.54 -25.69 44.29
C ILE A 219 16.04 -24.59 45.21
N ILE A 220 14.87 -24.05 44.90
CA ILE A 220 14.17 -23.09 45.75
C ILE A 220 12.92 -23.77 46.28
N LEU A 221 12.75 -23.76 47.60
CA LEU A 221 11.65 -24.44 48.26
C LEU A 221 10.71 -23.42 48.88
N SER A 222 9.41 -23.60 48.64
CA SER A 222 8.39 -22.69 49.18
C SER A 222 7.10 -23.49 49.32
N ALA A 223 6.78 -23.88 50.56
CA ALA A 223 5.57 -24.64 50.85
C ALA A 223 5.20 -24.40 52.31
N SER A 224 4.26 -25.19 52.81
CA SER A 224 3.85 -25.09 54.20
C SER A 224 4.89 -25.73 55.11
N GLU A 225 4.83 -25.36 56.40
CA GLU A 225 5.80 -25.89 57.36
C GLU A 225 5.67 -27.40 57.50
N ASP A 226 4.44 -27.91 57.54
CA ASP A 226 4.25 -29.36 57.65
C ASP A 226 4.73 -30.07 56.40
N ASP A 227 4.45 -29.50 55.22
CA ASP A 227 4.92 -30.10 53.97
C ASP A 227 6.45 -30.11 53.90
N ALA A 228 7.10 -29.16 54.56
CA ALA A 228 8.56 -29.12 54.55
C ALA A 228 9.16 -30.36 55.19
N ALA A 229 8.51 -30.89 56.24
CA ALA A 229 9.02 -32.09 56.90
C ALA A 229 9.07 -33.27 55.93
N THR A 230 7.96 -33.54 55.24
CA THR A 230 7.94 -34.67 54.33
C THR A 230 8.83 -34.42 53.10
N VAL A 231 8.93 -33.16 52.65
CA VAL A 231 9.83 -32.86 51.54
C VAL A 231 11.28 -33.15 51.95
N TYR A 232 11.66 -32.73 53.14
CA TYR A 232 13.01 -32.98 53.63
C TYR A 232 13.28 -34.47 53.79
N ARG A 233 12.31 -35.20 54.34
CA ARG A 233 12.49 -36.64 54.51
C ARG A 233 12.64 -37.35 53.18
N ALA A 234 11.81 -36.98 52.20
CA ALA A 234 11.92 -37.57 50.87
C ALA A 234 13.26 -37.24 50.22
N ALA A 235 13.71 -36.00 50.36
CA ALA A 235 15.00 -35.61 49.79
C ALA A 235 16.14 -36.38 50.46
N ALA A 236 16.07 -36.57 51.78
CA ALA A 236 17.09 -37.36 52.46
C ALA A 236 17.08 -38.80 51.98
N MET A 237 15.89 -39.38 51.79
CA MET A 237 15.81 -40.74 51.26
C MET A 237 16.28 -40.82 49.82
N LEU A 238 16.12 -39.74 49.04
CA LEU A 238 16.46 -39.73 47.63
C LEU A 238 17.86 -39.20 47.35
N ASP A 239 18.65 -38.95 48.40
CA ASP A 239 20.06 -38.58 48.25
C ASP A 239 20.24 -37.27 47.49
N MET A 240 19.31 -36.34 47.71
CA MET A 240 19.39 -35.00 47.14
C MET A 240 19.92 -33.97 48.13
N THR A 241 20.45 -34.41 49.27
CA THR A 241 20.94 -33.51 50.31
C THR A 241 22.45 -33.61 50.51
N GLY A 242 23.15 -34.35 49.65
CA GLY A 242 24.59 -34.51 49.79
C GLY A 242 25.38 -33.38 49.18
N SER A 243 26.48 -33.71 48.52
CA SER A 243 27.33 -32.70 47.90
C SER A 243 26.76 -32.26 46.56
N GLY A 244 27.21 -31.09 46.11
CA GLY A 244 26.78 -30.56 44.83
C GLY A 244 25.35 -30.06 44.78
N TYR A 245 24.77 -29.71 45.92
CA TYR A 245 23.40 -29.21 45.97
C TYR A 245 23.34 -27.98 46.87
N VAL A 246 22.36 -27.12 46.59
CA VAL A 246 22.18 -25.87 47.33
C VAL A 246 20.69 -25.65 47.54
N TRP A 247 20.33 -25.18 48.74
CA TRP A 247 18.94 -24.92 49.10
C TRP A 247 18.76 -23.46 49.48
N LEU A 248 17.77 -22.82 48.90
CA LEU A 248 17.31 -21.49 49.31
C LEU A 248 15.84 -21.59 49.69
N VAL A 249 15.49 -21.15 50.89
CA VAL A 249 14.17 -21.35 51.45
C VAL A 249 13.66 -20.04 52.04
N GLY A 250 12.47 -20.09 52.63
CA GLY A 250 11.85 -18.93 53.25
C GLY A 250 11.68 -19.06 54.74
N GLU A 251 10.90 -18.16 55.34
CA GLU A 251 10.76 -18.14 56.79
C GLU A 251 9.85 -19.25 57.29
N ARG A 252 8.87 -19.66 56.46
CA ARG A 252 7.88 -20.62 56.93
C ARG A 252 8.42 -22.04 57.05
N GLU A 253 9.62 -22.30 56.51
CA GLU A 253 10.22 -23.62 56.57
C GLU A 253 11.61 -23.61 57.18
N ILE A 254 11.97 -22.56 57.93
CA ILE A 254 13.22 -22.53 58.67
C ILE A 254 12.90 -22.68 60.15
N SER A 255 11.72 -22.25 60.56
CA SER A 255 11.27 -22.38 61.93
C SER A 255 10.46 -23.67 62.09
N GLY A 256 9.81 -23.83 63.24
CA GLY A 256 9.01 -25.01 63.48
C GLY A 256 9.85 -26.27 63.60
N ASN A 257 9.27 -27.39 63.16
CA ASN A 257 9.95 -28.67 63.20
C ASN A 257 10.95 -28.85 62.06
N ALA A 258 11.27 -27.78 61.33
CA ALA A 258 12.23 -27.89 60.24
C ALA A 258 13.61 -28.26 60.76
N LEU A 259 14.03 -27.64 61.88
CA LEU A 259 15.37 -27.92 62.42
C LEU A 259 15.50 -29.37 62.85
N ARG A 260 14.39 -30.02 63.21
CA ARG A 260 14.45 -31.43 63.60
C ARG A 260 14.86 -32.30 62.43
N TYR A 261 14.32 -32.03 61.24
CA TYR A 261 14.58 -32.83 60.04
C TYR A 261 14.98 -31.88 58.91
N ALA A 262 16.28 -31.64 58.77
CA ALA A 262 16.80 -30.80 57.69
C ALA A 262 18.29 -31.02 57.52
N PRO A 263 18.76 -31.15 56.28
CA PRO A 263 20.21 -31.27 56.06
C PRO A 263 20.93 -29.99 56.40
N ASP A 264 22.21 -30.13 56.75
CA ASP A 264 23.04 -28.98 57.09
C ASP A 264 23.30 -28.13 55.86
N GLY A 265 23.55 -26.85 56.10
CA GLY A 265 23.89 -25.92 55.03
C GLY A 265 22.72 -25.23 54.37
N ILE A 266 21.51 -25.40 54.87
CA ILE A 266 20.34 -24.72 54.31
C ILE A 266 20.47 -23.22 54.55
N ILE A 267 20.20 -22.43 53.52
CA ILE A 267 20.25 -20.98 53.60
C ILE A 267 18.81 -20.47 53.65
N GLY A 268 18.47 -19.77 54.74
CA GLY A 268 17.12 -19.27 54.93
C GLY A 268 17.12 -17.79 55.25
N LEU A 269 15.93 -17.20 55.19
CA LEU A 269 15.73 -15.78 55.44
C LEU A 269 14.91 -15.59 56.71
N GLN A 270 15.22 -14.53 57.44
CA GLN A 270 14.54 -14.20 58.67
C GLN A 270 14.22 -12.71 58.71
N LEU A 271 13.15 -12.35 59.42
CA LEU A 271 12.76 -10.96 59.53
C LEU A 271 13.53 -10.27 60.64
N ILE A 272 13.79 -8.97 60.45
CA ILE A 272 14.58 -8.22 61.42
C ILE A 272 13.78 -8.02 62.72
N ASN A 273 12.54 -7.59 62.59
CA ASN A 273 11.69 -7.28 63.75
C ASN A 273 10.30 -7.85 63.56
N GLY A 274 10.21 -9.10 63.10
CA GLY A 274 8.92 -9.68 62.81
C GLY A 274 8.05 -9.88 64.04
N LYS A 275 8.64 -10.39 65.11
CA LYS A 275 7.88 -10.75 66.31
C LYS A 275 7.93 -9.68 67.40
N ASN A 276 8.63 -8.57 67.15
CA ASN A 276 8.71 -7.47 68.12
C ASN A 276 7.54 -6.53 67.85
N GLU A 277 6.45 -6.68 68.60
CA GLU A 277 5.25 -5.90 68.34
C GLU A 277 5.37 -4.44 68.79
N SER A 278 6.12 -4.19 69.85
CA SER A 278 6.13 -2.85 70.47
C SER A 278 6.65 -1.80 69.49
N ALA A 279 7.75 -2.09 68.80
CA ALA A 279 8.34 -1.12 67.89
C ALA A 279 7.42 -0.82 66.71
N HIS A 280 6.81 -1.86 66.14
CA HIS A 280 5.87 -1.65 65.04
C HIS A 280 4.65 -0.84 65.50
N ILE A 281 4.15 -1.13 66.69
CA ILE A 281 3.01 -0.38 67.22
C ILE A 281 3.39 1.09 67.40
N SER A 282 4.58 1.36 67.94
CA SER A 282 5.01 2.73 68.15
C SER A 282 5.15 3.48 66.83
N ASP A 283 5.79 2.84 65.84
CA ASP A 283 5.95 3.49 64.53
C ASP A 283 4.60 3.72 63.88
N ALA A 284 3.69 2.76 63.97
CA ALA A 284 2.37 2.90 63.37
C ALA A 284 1.59 4.02 64.01
N VAL A 285 1.61 4.11 65.35
CA VAL A 285 0.86 5.18 65.99
C VAL A 285 1.48 6.53 65.68
N GLY A 286 2.81 6.61 65.58
CA GLY A 286 3.43 7.87 65.20
C GLY A 286 3.04 8.32 63.81
N VAL A 287 3.10 7.39 62.83
CA VAL A 287 2.79 7.77 61.45
C VAL A 287 1.31 8.09 61.31
N VAL A 288 0.43 7.36 62.01
CA VAL A 288 -0.99 7.67 61.91
C VAL A 288 -1.31 8.98 62.62
N ALA A 289 -0.58 9.31 63.69
CA ALA A 289 -0.75 10.61 64.32
C ALA A 289 -0.34 11.74 63.39
N GLN A 290 0.78 11.57 62.69
CA GLN A 290 1.18 12.58 61.70
C GLN A 290 0.13 12.71 60.60
N ALA A 291 -0.38 11.57 60.12
CA ALA A 291 -1.39 11.59 59.06
C ALA A 291 -2.67 12.27 59.52
N VAL A 292 -3.13 11.98 60.74
CA VAL A 292 -4.36 12.58 61.23
C VAL A 292 -4.16 14.06 61.51
N HIS A 293 -2.96 14.46 61.93
CA HIS A 293 -2.68 15.88 62.05
C HIS A 293 -2.74 16.58 60.70
N GLU A 294 -2.20 15.93 59.67
CA GLU A 294 -2.24 16.52 58.32
C GLU A 294 -3.67 16.60 57.80
N LEU A 295 -4.48 15.58 58.07
CA LEU A 295 -5.80 15.47 57.44
C LEU A 295 -6.92 16.14 58.24
N LEU A 296 -6.73 16.37 59.54
CA LEU A 296 -7.80 16.92 60.36
C LEU A 296 -8.15 18.36 60.00
N GLU A 297 -7.24 19.08 59.34
CA GLU A 297 -7.45 20.47 58.95
C GLU A 297 -8.00 20.59 57.54
N LYS A 298 -8.71 19.59 57.05
CA LYS A 298 -9.26 19.59 55.71
C LYS A 298 -10.73 19.99 55.75
N GLU A 299 -11.36 20.02 54.57
CA GLU A 299 -12.76 20.38 54.44
C GLU A 299 -13.62 19.13 54.25
N ASN A 300 -14.93 19.31 54.48
CA ASN A 300 -15.91 18.25 54.32
C ASN A 300 -15.58 17.03 55.18
N ILE A 301 -15.08 17.29 56.40
CA ILE A 301 -14.78 16.23 57.35
C ILE A 301 -16.03 16.00 58.19
N THR A 302 -16.84 15.03 57.77
CA THR A 302 -18.03 14.64 58.50
C THR A 302 -17.73 13.41 59.35
N ASP A 303 -18.14 13.45 60.60
CA ASP A 303 -17.83 12.36 61.52
C ASP A 303 -18.44 11.06 61.02
N PRO A 304 -17.66 9.99 60.89
CA PRO A 304 -18.22 8.70 60.49
C PRO A 304 -19.28 8.24 61.46
N PRO A 305 -20.33 7.58 60.97
CA PRO A 305 -21.47 7.25 61.84
C PRO A 305 -21.07 6.30 62.96
N ARG A 306 -21.68 6.50 64.13
CA ARG A 306 -21.56 5.61 65.27
C ARG A 306 -22.76 4.68 65.40
N GLY A 307 -23.59 4.60 64.37
CA GLY A 307 -24.78 3.78 64.39
C GLY A 307 -24.55 2.34 63.94
N CYS A 308 -23.98 1.51 64.82
CA CYS A 308 -23.82 0.09 64.51
C CYS A 308 -25.16 -0.53 64.15
N VAL A 309 -26.26 0.00 64.70
CA VAL A 309 -27.59 -0.48 64.38
C VAL A 309 -28.41 0.56 63.61
N GLY A 310 -28.18 1.85 63.84
CA GLY A 310 -29.04 2.89 63.30
C GLY A 310 -28.99 3.10 61.80
N ASN A 311 -27.85 3.57 61.28
CA ASN A 311 -27.74 3.99 59.90
C ASN A 311 -26.96 2.97 59.08
N THR A 312 -27.20 2.97 57.77
CA THR A 312 -26.52 2.08 56.84
C THR A 312 -25.77 2.86 55.75
N ASN A 313 -25.45 4.12 56.00
CA ASN A 313 -24.78 4.96 55.02
C ASN A 313 -23.28 4.68 55.05
N ILE A 314 -22.52 5.45 54.26
CA ILE A 314 -21.07 5.32 54.18
C ILE A 314 -20.45 6.66 54.53
N TRP A 315 -19.41 6.62 55.36
CA TRP A 315 -18.76 7.84 55.83
C TRP A 315 -18.15 8.62 54.67
N LYS A 316 -18.20 9.96 54.78
CA LYS A 316 -17.65 10.81 53.74
C LYS A 316 -16.15 10.60 53.58
N THR A 317 -15.46 10.34 54.69
CA THR A 317 -14.04 9.98 54.60
C THR A 317 -13.89 8.68 53.81
N GLY A 318 -12.75 8.55 53.12
CA GLY A 318 -12.59 7.50 52.14
C GLY A 318 -11.32 7.65 51.34
N PRO A 319 -11.46 7.63 50.01
CA PRO A 319 -10.27 7.58 49.14
C PRO A 319 -9.28 8.70 49.38
N LEU A 320 -9.75 9.89 49.75
CA LEU A 320 -8.81 10.95 50.11
C LEU A 320 -7.99 10.58 51.34
N PHE A 321 -8.65 9.99 52.35
CA PHE A 321 -7.93 9.57 53.55
C PHE A 321 -6.94 8.46 53.23
N LYS A 322 -7.33 7.49 52.39
CA LYS A 322 -6.41 6.44 51.99
C LYS A 322 -5.22 7.00 51.24
N ARG A 323 -5.47 7.95 50.33
CA ARG A 323 -4.38 8.55 49.57
C ARG A 323 -3.42 9.31 50.47
N VAL A 324 -3.94 10.07 51.44
CA VAL A 324 -3.05 10.85 52.30
C VAL A 324 -2.26 9.93 53.24
N LEU A 325 -2.90 8.86 53.74
CA LEU A 325 -2.17 7.98 54.65
C LEU A 325 -1.12 7.15 53.90
N MET A 326 -1.42 6.72 52.67
CA MET A 326 -0.46 5.92 51.92
C MET A 326 0.74 6.74 51.47
N SER A 327 0.55 8.04 51.28
CA SER A 327 1.61 8.92 50.80
C SER A 327 2.30 9.69 51.92
N SER A 328 1.99 9.39 53.18
CA SER A 328 2.55 10.14 54.30
C SER A 328 3.90 9.52 54.69
N LYS A 329 4.98 10.18 54.30
CA LYS A 329 6.32 9.73 54.65
C LYS A 329 6.63 10.03 56.11
N TYR A 330 7.52 9.22 56.69
CA TYR A 330 7.96 9.38 58.07
C TYR A 330 9.45 9.64 58.10
N ALA A 331 9.86 10.66 58.88
CA ALA A 331 11.26 11.06 58.90
C ALA A 331 12.15 9.96 59.47
N ASP A 332 11.81 9.45 60.65
CA ASP A 332 12.61 8.42 61.32
C ASP A 332 11.82 7.87 62.49
N GLY A 333 11.93 6.56 62.71
CA GLY A 333 11.25 5.92 63.82
C GLY A 333 12.12 4.96 64.60
N VAL A 334 11.49 4.06 65.35
CA VAL A 334 12.24 3.06 66.10
C VAL A 334 12.87 2.04 65.16
N THR A 335 12.13 1.62 64.13
CA THR A 335 12.59 0.63 63.17
C THR A 335 13.14 1.27 61.90
N GLY A 336 13.77 2.44 62.02
CA GLY A 336 14.33 3.09 60.86
C GLY A 336 13.26 3.60 59.90
N ARG A 337 13.63 3.68 58.63
CA ARG A 337 12.74 4.20 57.60
C ARG A 337 11.67 3.17 57.28
N VAL A 338 10.42 3.49 57.60
CA VAL A 338 9.27 2.64 57.29
C VAL A 338 8.22 3.54 56.66
N GLU A 339 8.19 3.60 55.33
CA GLU A 339 7.20 4.38 54.60
C GLU A 339 6.54 3.48 53.57
N PHE A 340 5.23 3.67 53.37
CA PHE A 340 4.46 2.80 52.49
C PHE A 340 4.96 2.89 51.05
N ASN A 341 5.04 1.75 50.40
CA ASN A 341 5.33 1.68 48.97
C ASN A 341 4.01 1.68 48.20
N GLU A 342 4.07 1.36 46.92
CA GLU A 342 2.86 1.32 46.11
C GLU A 342 1.91 0.22 46.58
N ASP A 343 0.61 0.52 46.57
CA ASP A 343 -0.44 -0.45 46.85
C ASP A 343 -0.34 -1.06 48.24
N GLY A 344 -0.18 -0.18 49.24
CA GLY A 344 -0.27 -0.57 50.63
C GLY A 344 0.73 -1.60 51.11
N ASP A 345 2.00 -1.42 50.77
CA ASP A 345 3.07 -2.31 51.19
C ASP A 345 4.20 -1.49 51.78
N ARG A 346 4.77 -1.97 52.89
CA ARG A 346 5.89 -1.30 53.52
C ARG A 346 7.19 -1.86 52.95
N LYS A 347 7.93 -1.03 52.22
CA LYS A 347 9.17 -1.42 51.58
C LYS A 347 10.35 -1.13 52.50
N PHE A 348 11.56 -1.22 51.95
CA PHE A 348 12.80 -0.97 52.69
C PHE A 348 12.92 -1.88 53.90
N ALA A 349 12.63 -3.17 53.71
CA ALA A 349 12.71 -4.12 54.80
C ALA A 349 14.15 -4.56 55.03
N GLN A 350 14.40 -5.09 56.23
CA GLN A 350 15.72 -5.56 56.62
C GLN A 350 15.67 -7.07 56.84
N TYR A 351 16.57 -7.79 56.18
CA TYR A 351 16.62 -9.24 56.27
C TYR A 351 17.98 -9.68 56.80
N SER A 352 17.97 -10.74 57.60
CA SER A 352 19.19 -11.35 58.14
C SER A 352 19.32 -12.74 57.54
N ILE A 353 20.20 -12.87 56.54
CA ILE A 353 20.42 -14.17 55.92
C ILE A 353 21.03 -15.12 56.93
N MET A 354 20.48 -16.32 57.02
CA MET A 354 20.80 -17.26 58.08
C MET A 354 21.31 -18.58 57.49
N ASN A 355 22.33 -19.14 58.13
CA ASN A 355 22.90 -20.42 57.75
C ASN A 355 22.71 -21.42 58.89
N LEU A 356 22.63 -22.69 58.53
CA LEU A 356 22.52 -23.78 59.49
C LEU A 356 23.71 -24.72 59.35
N GLN A 357 24.38 -25.00 60.46
CA GLN A 357 25.52 -25.91 60.46
C GLN A 357 25.51 -26.74 61.73
N ASN A 358 25.71 -28.05 61.56
CA ASN A 358 25.77 -29.03 62.66
C ASN A 358 24.74 -28.73 63.75
N ARG A 359 23.48 -28.60 63.33
CA ARG A 359 22.34 -28.39 64.21
C ARG A 359 22.42 -27.09 65.00
N LYS A 360 23.21 -26.12 64.54
CA LYS A 360 23.36 -24.84 65.22
C LYS A 360 23.08 -23.72 64.24
N LEU A 361 22.23 -22.78 64.65
CA LEU A 361 21.90 -21.63 63.82
C LEU A 361 23.03 -20.61 63.85
N VAL A 362 23.01 -19.71 62.87
CA VAL A 362 23.98 -18.62 62.78
C VAL A 362 23.43 -17.59 61.81
N GLN A 363 23.85 -16.34 61.99
CA GLN A 363 23.46 -15.25 61.10
C GLN A 363 24.69 -14.79 60.31
N VAL A 364 24.48 -14.51 59.02
CA VAL A 364 25.58 -14.28 58.09
C VAL A 364 25.69 -12.81 57.72
N GLY A 365 24.61 -12.17 57.32
CA GLY A 365 24.70 -10.81 56.85
C GLY A 365 23.35 -10.12 56.85
N ILE A 366 23.31 -8.97 56.19
CA ILE A 366 22.13 -8.11 56.15
C ILE A 366 21.81 -7.77 54.71
N TYR A 367 20.51 -7.64 54.42
CA TYR A 367 20.03 -7.30 53.09
C TYR A 367 19.86 -5.79 53.02
N ASN A 368 20.76 -5.13 52.30
CA ASN A 368 20.80 -3.67 52.27
C ASN A 368 19.79 -3.08 51.28
N GLY A 369 18.54 -3.51 51.37
CA GLY A 369 17.51 -2.95 50.52
C GLY A 369 17.63 -3.39 49.07
N THR A 370 18.79 -3.12 48.47
CA THR A 370 19.07 -3.51 47.10
C THR A 370 20.33 -4.36 46.97
N HIS A 371 20.99 -4.68 48.08
CA HIS A 371 22.22 -5.45 48.04
C HIS A 371 22.30 -6.32 49.29
N VAL A 372 23.45 -6.94 49.51
CA VAL A 372 23.67 -7.80 50.67
C VAL A 372 25.14 -7.73 51.04
N ILE A 373 25.42 -7.68 52.34
CA ILE A 373 26.79 -7.56 52.84
C ILE A 373 27.08 -8.70 53.81
N PRO A 374 27.75 -9.77 53.38
CA PRO A 374 28.13 -10.83 54.31
C PRO A 374 29.25 -10.38 55.23
N ASN A 375 29.25 -10.92 56.45
CA ASN A 375 30.27 -10.60 57.43
C ASN A 375 31.48 -11.50 57.24
N ASP A 376 32.42 -11.46 58.19
CA ASP A 376 33.65 -12.24 58.06
C ASP A 376 33.42 -13.72 58.33
N ARG A 377 32.26 -14.09 58.88
CA ARG A 377 32.00 -15.49 59.16
C ARG A 377 31.92 -16.30 57.87
N LYS A 378 32.25 -17.58 57.97
CA LYS A 378 32.30 -18.47 56.82
C LYS A 378 31.04 -19.32 56.73
N ILE A 379 30.56 -19.49 55.51
CA ILE A 379 29.37 -20.26 55.21
C ILE A 379 29.78 -21.70 54.92
N ILE A 380 29.13 -22.65 55.58
CA ILE A 380 29.39 -24.08 55.38
C ILE A 380 28.29 -24.63 54.49
N TRP A 381 28.63 -24.90 53.24
CA TRP A 381 27.68 -25.47 52.29
C TRP A 381 27.38 -26.92 52.66
N PRO A 382 26.22 -27.45 52.23
CA PRO A 382 25.91 -28.85 52.51
C PRO A 382 26.96 -29.78 51.91
N GLY A 383 27.25 -30.86 52.63
CA GLY A 383 28.28 -31.79 52.26
C GLY A 383 29.59 -31.62 53.00
N GLY A 384 29.81 -30.46 53.62
CA GLY A 384 31.01 -30.22 54.39
C GLY A 384 32.14 -29.56 53.63
N GLU A 385 32.05 -29.46 52.31
CA GLU A 385 33.11 -28.84 51.53
C GLU A 385 33.15 -27.34 51.79
N THR A 386 34.31 -26.73 51.51
CA THR A 386 34.52 -25.30 51.68
C THR A 386 34.95 -24.73 50.33
N GLU A 387 33.95 -24.39 49.52
CA GLU A 387 34.17 -23.81 48.20
C GLU A 387 32.82 -23.38 47.64
N LYS A 388 32.85 -22.35 46.80
CA LYS A 388 31.61 -21.88 46.19
C LYS A 388 31.18 -22.85 45.07
N PRO A 389 30.01 -23.47 45.20
CA PRO A 389 29.57 -24.41 44.16
C PRO A 389 29.06 -23.66 42.94
N ARG A 390 29.52 -24.10 41.77
CA ARG A 390 29.01 -23.53 40.53
C ARG A 390 27.52 -23.81 40.36
N GLY A 391 27.10 -25.03 40.66
CA GLY A 391 25.70 -25.41 40.55
C GLY A 391 25.22 -25.69 39.16
N TYR A 392 26.12 -25.82 38.18
CA TYR A 392 25.74 -26.04 36.80
C TYR A 392 26.79 -26.92 36.14
N GLN A 393 26.34 -28.07 35.62
CA GLN A 393 27.21 -29.00 34.90
C GLN A 393 26.54 -29.40 33.60
N MET A 394 27.35 -29.62 32.57
CA MET A 394 26.84 -29.92 31.24
C MET A 394 26.76 -31.42 31.04
N SER A 395 25.58 -31.91 30.68
CA SER A 395 25.39 -33.33 30.41
C SER A 395 25.97 -33.69 29.04
N THR A 396 25.94 -34.98 28.73
CA THR A 396 26.41 -35.47 27.43
C THR A 396 25.45 -36.43 26.74
N ARG A 397 24.58 -37.12 27.46
CA ARG A 397 23.56 -37.99 26.86
C ARG A 397 22.31 -37.15 26.65
N LEU A 398 22.13 -36.64 25.44
CA LEU A 398 21.00 -35.81 25.08
C LEU A 398 20.15 -36.48 24.00
N LYS A 399 18.85 -36.19 24.05
CA LYS A 399 17.87 -36.86 23.22
C LYS A 399 17.51 -36.02 21.99
N ILE A 400 16.98 -36.69 20.97
CA ILE A 400 16.61 -36.07 19.70
C ILE A 400 15.17 -36.42 19.37
N VAL A 401 14.46 -35.47 18.76
CA VAL A 401 13.12 -35.67 18.24
C VAL A 401 13.11 -35.23 16.79
N THR A 402 12.65 -36.10 15.91
CA THR A 402 12.74 -35.87 14.48
C THR A 402 11.66 -36.65 13.75
N ILE A 403 11.17 -36.07 12.64
CA ILE A 403 10.18 -36.71 11.79
C ILE A 403 10.80 -36.91 10.40
N HIS A 404 10.17 -37.77 9.62
CA HIS A 404 10.59 -38.05 8.25
C HIS A 404 9.61 -37.37 7.29
N GLN A 405 10.10 -36.52 6.39
CA GLN A 405 9.10 -35.94 5.51
C GLN A 405 8.97 -36.71 4.21
N GLU A 406 9.80 -36.44 3.18
CA GLU A 406 10.18 -37.52 2.27
C GLU A 406 11.64 -37.94 2.47
N PRO A 407 12.64 -37.01 2.24
CA PRO A 407 14.02 -37.46 2.05
C PRO A 407 14.96 -37.32 3.25
N PHE A 408 14.58 -36.56 4.26
CA PHE A 408 15.54 -36.22 5.31
C PHE A 408 15.68 -37.33 6.33
N VAL A 409 14.63 -38.13 6.52
CA VAL A 409 14.67 -39.33 7.33
C VAL A 409 13.90 -40.41 6.59
N TYR A 410 14.43 -41.63 6.59
CA TYR A 410 13.71 -42.78 6.04
C TYR A 410 13.34 -43.71 7.17
N VAL A 411 12.15 -44.30 7.08
CA VAL A 411 11.64 -45.23 8.08
C VAL A 411 11.43 -46.58 7.42
N LYS A 412 12.04 -47.62 7.97
CA LYS A 412 11.91 -48.98 7.46
C LYS A 412 11.95 -49.95 8.62
N PRO A 413 11.23 -51.06 8.54
CA PRO A 413 11.28 -52.06 9.60
C PRO A 413 12.60 -52.79 9.62
N THR A 414 12.93 -53.33 10.80
CA THR A 414 14.17 -54.06 11.00
C THR A 414 13.92 -55.57 10.95
N MET A 415 15.01 -56.32 10.93
CA MET A 415 14.95 -57.77 10.93
C MET A 415 14.75 -58.29 12.36
N SER A 416 14.61 -59.62 12.47
CA SER A 416 14.40 -60.24 13.77
C SER A 416 15.59 -60.05 14.71
N ASP A 417 16.80 -59.92 14.18
CA ASP A 417 17.99 -59.77 15.01
C ASP A 417 18.03 -58.46 15.79
N GLY A 418 17.16 -57.50 15.46
CA GLY A 418 17.17 -56.22 16.12
C GLY A 418 17.75 -55.08 15.32
N THR A 419 18.04 -55.29 14.04
CA THR A 419 18.58 -54.24 13.18
C THR A 419 18.15 -54.56 11.75
N CYS A 420 18.63 -53.76 10.80
CA CYS A 420 18.31 -53.94 9.39
C CYS A 420 19.61 -54.10 8.61
N LYS A 421 19.62 -55.03 7.66
CA LYS A 421 20.81 -55.30 6.88
C LYS A 421 21.20 -54.08 6.05
N GLU A 422 22.49 -53.80 5.99
CA GLU A 422 22.99 -52.61 5.33
C GLU A 422 22.72 -52.67 3.83
N GLU A 423 22.43 -51.50 3.25
CA GLU A 423 22.20 -51.35 1.82
C GLU A 423 23.38 -50.61 1.23
N PHE A 424 24.07 -51.24 0.29
CA PHE A 424 25.26 -50.65 -0.29
C PHE A 424 24.90 -49.47 -1.18
N THR A 425 25.81 -48.49 -1.23
CA THR A 425 25.63 -47.31 -2.06
C THR A 425 25.88 -47.69 -3.52
N VAL A 426 25.84 -46.69 -4.41
CA VAL A 426 26.11 -46.95 -5.83
C VAL A 426 27.53 -47.49 -6.00
N ASN A 427 28.47 -46.97 -5.22
CA ASN A 427 29.84 -47.48 -5.21
C ASN A 427 30.06 -48.55 -4.15
N GLY A 428 29.04 -48.92 -3.39
CA GLY A 428 29.16 -49.93 -2.36
C GLY A 428 29.53 -49.43 -0.99
N ASP A 429 29.71 -48.12 -0.82
CA ASP A 429 30.09 -47.58 0.47
C ASP A 429 29.00 -47.81 1.51
N PRO A 430 29.37 -48.02 2.77
CA PRO A 430 28.36 -48.26 3.80
C PRO A 430 27.46 -47.06 4.02
N VAL A 431 26.21 -47.33 4.38
CA VAL A 431 25.22 -46.31 4.67
C VAL A 431 24.96 -46.32 6.16
N LYS A 432 25.29 -45.23 6.84
CA LYS A 432 25.14 -45.14 8.28
C LYS A 432 23.66 -45.17 8.67
N LYS A 433 23.33 -45.92 9.71
CA LYS A 433 21.98 -46.01 10.24
C LYS A 433 22.01 -45.83 11.75
N VAL A 434 20.83 -45.92 12.36
CA VAL A 434 20.69 -45.76 13.80
C VAL A 434 19.37 -46.37 14.22
N ILE A 435 19.32 -46.91 15.44
CA ILE A 435 18.14 -47.59 15.95
C ILE A 435 17.20 -46.55 16.52
N CYS A 436 16.07 -46.34 15.84
CA CYS A 436 15.03 -45.42 16.28
C CYS A 436 14.01 -46.15 17.13
N THR A 437 13.32 -45.38 17.98
CA THR A 437 12.22 -45.89 18.80
C THR A 437 11.01 -45.01 18.55
N GLY A 438 10.21 -45.35 17.55
CA GLY A 438 9.07 -44.57 17.17
C GLY A 438 7.78 -45.39 17.11
N PRO A 439 6.65 -44.71 17.14
CA PRO A 439 5.37 -45.41 17.10
C PRO A 439 5.16 -46.13 15.78
N ASN A 440 4.43 -47.24 15.84
CA ASN A 440 4.08 -48.00 14.65
C ASN A 440 2.77 -47.47 14.05
N ASP A 441 2.58 -47.76 12.77
CA ASP A 441 1.40 -47.34 12.00
C ASP A 441 1.25 -45.82 11.99
N THR A 442 0.18 -45.33 11.35
CA THR A 442 -0.07 -43.91 11.24
C THR A 442 -1.40 -43.49 11.85
N SER A 443 -2.48 -44.22 11.53
CA SER A 443 -3.82 -43.81 11.94
C SER A 443 -4.00 -43.93 13.45
N PRO A 444 -4.76 -43.03 14.06
CA PRO A 444 -5.04 -43.13 15.49
C PRO A 444 -5.99 -44.29 15.80
N GLY A 445 -5.97 -44.72 17.05
CA GLY A 445 -6.77 -45.83 17.50
C GLY A 445 -6.13 -47.19 17.35
N SER A 446 -4.87 -47.25 16.92
CA SER A 446 -4.15 -48.50 16.77
C SER A 446 -3.57 -48.92 18.11
N PRO A 447 -3.00 -50.14 18.20
CA PRO A 447 -2.28 -50.51 19.42
C PRO A 447 -1.00 -49.71 19.56
N ARG A 448 -1.12 -48.49 20.08
CA ARG A 448 -0.01 -47.52 20.13
C ARG A 448 0.99 -47.93 21.20
N HIS A 449 1.78 -48.96 20.88
CA HIS A 449 2.93 -49.35 21.68
C HIS A 449 4.18 -49.25 20.83
N THR A 450 5.23 -48.66 21.40
CA THR A 450 6.42 -48.33 20.63
C THR A 450 7.17 -49.59 20.19
N VAL A 451 7.84 -49.48 19.05
CA VAL A 451 8.66 -50.56 18.51
C VAL A 451 10.02 -49.99 18.12
N PRO A 452 11.09 -50.79 18.14
CA PRO A 452 12.38 -50.30 17.63
C PRO A 452 12.50 -50.48 16.13
N GLN A 453 13.21 -49.55 15.50
CA GLN A 453 13.40 -49.57 14.06
C GLN A 453 14.65 -48.77 13.72
N CYS A 454 15.05 -48.81 12.46
CA CYS A 454 16.26 -48.17 11.99
C CYS A 454 15.95 -47.05 11.02
N CYS A 455 16.77 -46.00 11.07
CA CYS A 455 16.56 -44.80 10.27
C CYS A 455 17.86 -44.41 9.56
N TYR A 456 17.72 -43.67 8.47
CA TYR A 456 18.84 -43.23 7.65
C TYR A 456 18.34 -42.19 6.66
N GLY A 457 19.23 -41.30 6.25
CA GLY A 457 18.85 -40.29 5.28
C GLY A 457 19.88 -39.18 5.19
N PHE A 458 19.47 -38.11 4.51
CA PHE A 458 20.35 -36.96 4.28
C PHE A 458 20.67 -36.21 5.57
N CYS A 459 19.86 -36.38 6.61
CA CYS A 459 20.04 -35.62 7.83
C CYS A 459 20.80 -36.39 8.90
N ILE A 460 20.63 -37.71 8.94
CA ILE A 460 21.25 -38.51 10.00
C ILE A 460 22.77 -38.44 9.91
N ASP A 461 23.31 -38.50 8.68
CA ASP A 461 24.76 -38.42 8.53
C ASP A 461 25.31 -37.05 8.93
N LEU A 462 24.56 -35.97 8.65
CA LEU A 462 24.96 -34.67 9.13
C LEU A 462 24.97 -34.62 10.65
N LEU A 463 23.97 -35.24 11.28
CA LEU A 463 23.97 -35.36 12.74
C LEU A 463 25.18 -36.14 13.23
N ILE A 464 25.56 -37.20 12.51
CA ILE A 464 26.72 -37.99 12.88
C ILE A 464 27.99 -37.14 12.83
N LYS A 465 28.14 -36.35 11.76
CA LYS A 465 29.29 -35.47 11.64
C LYS A 465 29.31 -34.45 12.77
N LEU A 466 28.16 -33.85 13.09
CA LEU A 466 28.11 -32.88 14.17
C LEU A 466 28.47 -33.52 15.50
N ALA A 467 27.98 -34.73 15.77
CA ALA A 467 28.28 -35.40 17.02
C ALA A 467 29.76 -35.75 17.12
N ARG A 468 30.34 -36.28 16.05
CA ARG A 468 31.77 -36.62 16.07
C ARG A 468 32.63 -35.38 16.26
N THR A 469 32.28 -34.28 15.57
CA THR A 469 33.09 -33.06 15.67
C THR A 469 33.05 -32.49 17.08
N MET A 470 31.88 -32.51 17.72
CA MET A 470 31.71 -31.91 19.05
C MET A 470 31.79 -32.93 20.18
N GLN A 471 31.95 -34.22 19.86
CA GLN A 471 32.23 -35.26 20.85
C GLN A 471 31.11 -35.35 21.91
N PHE A 472 29.94 -35.79 21.47
CA PHE A 472 28.85 -36.11 22.39
C PHE A 472 28.07 -37.29 21.86
N THR A 473 27.44 -38.02 22.79
CA THR A 473 26.63 -39.18 22.46
C THR A 473 25.16 -38.77 22.33
N TYR A 474 24.35 -39.71 21.85
CA TYR A 474 22.98 -39.38 21.47
C TYR A 474 22.10 -40.62 21.54
N GLU A 475 20.79 -40.39 21.56
CA GLU A 475 19.80 -41.47 21.47
C GLU A 475 18.52 -40.85 20.93
N VAL A 476 18.22 -41.10 19.67
CA VAL A 476 17.10 -40.43 18.99
C VAL A 476 15.80 -41.18 19.29
N HIS A 477 14.69 -40.50 19.04
CA HIS A 477 13.37 -41.09 19.11
C HIS A 477 12.38 -40.18 18.40
N LEU A 478 11.49 -40.77 17.62
CA LEU A 478 10.58 -40.00 16.78
C LEU A 478 9.49 -39.33 17.62
N VAL A 479 8.65 -38.55 16.95
CA VAL A 479 7.61 -37.79 17.61
C VAL A 479 6.33 -38.63 17.68
N ALA A 480 5.49 -38.32 18.67
CA ALA A 480 4.30 -39.13 18.92
C ALA A 480 3.20 -38.88 17.89
N ASP A 481 2.97 -37.61 17.53
CA ASP A 481 1.80 -37.24 16.75
C ASP A 481 2.09 -37.04 15.27
N GLY A 482 3.36 -36.98 14.87
CA GLY A 482 3.68 -36.77 13.47
C GLY A 482 3.20 -35.45 12.92
N LYS A 483 3.33 -34.38 13.70
CA LYS A 483 2.95 -33.04 13.25
C LYS A 483 4.02 -32.06 13.69
N PHE A 484 4.30 -31.07 12.84
CA PHE A 484 5.34 -30.09 13.14
C PHE A 484 4.99 -29.28 14.38
N GLY A 485 3.73 -28.84 14.48
CA GLY A 485 3.26 -28.20 15.70
C GLY A 485 3.16 -26.69 15.63
N THR A 486 2.09 -26.14 16.20
CA THR A 486 1.91 -24.70 16.28
C THR A 486 1.01 -24.38 17.48
N GLN A 487 0.92 -23.09 17.79
CA GLN A 487 0.13 -22.64 18.93
C GLN A 487 -1.37 -22.83 18.66
N GLU A 488 -2.10 -23.22 19.70
CA GLU A 488 -3.56 -23.34 19.63
C GLU A 488 -4.12 -23.25 21.04
N ARG A 489 -5.00 -22.30 21.28
CA ARG A 489 -5.61 -22.15 22.59
C ARG A 489 -6.55 -23.31 22.87
N VAL A 490 -6.42 -23.90 24.06
CA VAL A 490 -7.16 -25.10 24.42
C VAL A 490 -7.90 -24.87 25.73
N GLN A 491 -9.00 -25.59 25.89
CA GLN A 491 -9.84 -25.60 27.10
C GLN A 491 -10.39 -24.22 27.45
N ASN A 492 -10.36 -23.27 26.52
CA ASN A 492 -10.88 -21.92 26.74
C ASN A 492 -10.29 -21.29 28.00
N SER A 493 -8.99 -21.46 28.19
CA SER A 493 -8.28 -20.94 29.35
C SER A 493 -7.36 -19.79 28.95
N ASN A 494 -6.87 -19.08 29.96
CA ASN A 494 -6.01 -17.92 29.70
C ASN A 494 -4.69 -18.32 29.05
N LYS A 495 -4.04 -19.35 29.58
CA LYS A 495 -2.73 -19.74 29.08
C LYS A 495 -2.83 -20.41 27.73
N LYS A 496 -1.75 -20.32 26.96
CA LYS A 496 -1.64 -20.96 25.66
C LYS A 496 -0.40 -21.84 25.64
N GLU A 497 -0.59 -23.11 25.25
CA GLU A 497 0.50 -24.08 25.25
C GLU A 497 0.53 -24.80 23.90
N TRP A 498 1.75 -25.06 23.43
CA TRP A 498 1.96 -25.67 22.13
C TRP A 498 1.60 -27.15 22.16
N ASN A 499 1.66 -27.78 20.99
CA ASN A 499 1.55 -29.23 20.85
C ASN A 499 2.44 -29.67 19.71
N GLY A 500 2.93 -30.91 19.79
CA GLY A 500 3.87 -31.39 18.81
C GLY A 500 5.31 -31.11 19.23
N MET A 501 6.19 -31.01 18.23
CA MET A 501 7.62 -30.82 18.51
C MET A 501 7.87 -29.58 19.36
N MET A 502 7.04 -28.54 19.19
CA MET A 502 7.17 -27.34 19.99
C MET A 502 7.04 -27.67 21.47
N GLY A 503 6.03 -28.46 21.83
CA GLY A 503 5.89 -28.89 23.21
C GLY A 503 6.99 -29.81 23.66
N GLU A 504 7.45 -30.71 22.78
CA GLU A 504 8.51 -31.65 23.14
C GLU A 504 9.79 -30.92 23.50
N LEU A 505 10.18 -29.92 22.70
CA LEU A 505 11.39 -29.18 23.02
C LEU A 505 11.18 -28.19 24.15
N LEU A 506 10.00 -27.57 24.24
CA LEU A 506 9.81 -26.50 25.21
C LEU A 506 9.69 -27.01 26.63
N SER A 507 9.30 -28.28 26.84
CA SER A 507 9.12 -28.82 28.18
C SER A 507 9.86 -30.15 28.33
N GLY A 508 11.17 -30.07 28.59
CA GLY A 508 11.92 -31.16 29.17
C GLY A 508 12.09 -32.43 28.36
N GLN A 509 11.28 -32.60 27.31
CA GLN A 509 11.28 -33.89 26.62
C GLN A 509 12.48 -34.06 25.70
N ALA A 510 12.92 -32.99 25.04
CA ALA A 510 13.96 -33.11 24.03
C ALA A 510 15.03 -32.07 24.29
N ASP A 511 16.15 -32.19 23.56
CA ASP A 511 17.24 -31.25 23.66
C ASP A 511 17.60 -30.67 22.30
N MET A 512 17.46 -31.46 21.24
CA MET A 512 17.79 -31.01 19.90
C MET A 512 16.72 -31.46 18.92
N ILE A 513 16.28 -30.52 18.07
CA ILE A 513 15.38 -30.82 16.96
C ILE A 513 16.19 -30.76 15.68
N VAL A 514 16.37 -31.90 15.04
CA VAL A 514 17.17 -31.99 13.81
C VAL A 514 16.24 -32.53 12.74
N ALA A 515 15.58 -31.64 12.02
CA ALA A 515 14.46 -32.00 11.15
C ALA A 515 14.20 -30.83 10.21
N PRO A 516 13.36 -31.04 9.19
CA PRO A 516 13.01 -29.90 8.31
C PRO A 516 12.11 -28.89 9.01
N LEU A 517 12.71 -28.04 9.83
CA LEU A 517 11.99 -27.02 10.58
C LEU A 517 12.13 -25.67 9.89
N THR A 518 11.01 -24.99 9.67
CA THR A 518 10.99 -23.71 8.99
C THR A 518 11.10 -22.57 9.99
N ILE A 519 11.76 -21.49 9.57
CA ILE A 519 12.01 -20.34 10.43
C ILE A 519 10.97 -19.27 10.15
N ASN A 520 10.26 -18.84 11.19
CA ASN A 520 9.30 -17.75 11.07
C ASN A 520 9.32 -16.96 12.37
N ASN A 521 8.49 -15.91 12.41
CA ASN A 521 8.47 -15.01 13.57
C ASN A 521 8.01 -15.73 14.82
N GLU A 522 6.98 -16.57 14.71
CA GLU A 522 6.40 -17.21 15.89
C GLU A 522 7.40 -18.17 16.53
N ARG A 523 8.03 -19.04 15.74
CA ARG A 523 8.97 -20.01 16.29
C ARG A 523 10.30 -19.39 16.67
N ALA A 524 10.60 -18.18 16.21
CA ALA A 524 11.82 -17.49 16.62
C ALA A 524 11.66 -16.78 17.96
N GLN A 525 10.42 -16.60 18.43
CA GLN A 525 10.22 -15.98 19.74
C GLN A 525 10.67 -16.90 20.86
N TYR A 526 10.33 -18.19 20.77
CA TYR A 526 10.58 -19.12 21.87
C TYR A 526 11.79 -20.02 21.64
N ILE A 527 12.31 -20.09 20.42
CA ILE A 527 13.51 -20.86 20.12
C ILE A 527 14.49 -19.96 19.37
N GLU A 528 15.74 -19.96 19.82
CA GLU A 528 16.81 -19.28 19.10
C GLU A 528 17.50 -20.29 18.19
N PHE A 529 17.56 -19.98 16.90
CA PHE A 529 17.92 -20.95 15.88
C PHE A 529 19.41 -20.91 15.60
N SER A 530 19.83 -21.58 14.53
CA SER A 530 21.20 -21.57 14.05
C SER A 530 21.19 -21.20 12.57
N LYS A 531 22.39 -21.00 12.02
CA LYS A 531 22.50 -20.64 10.63
C LYS A 531 21.96 -21.77 9.74
N PRO A 532 21.19 -21.45 8.70
CA PRO A 532 20.60 -22.50 7.87
C PRO A 532 21.66 -23.26 7.06
N PHE A 533 21.32 -24.50 6.73
CA PHE A 533 22.17 -25.35 5.91
C PHE A 533 21.61 -25.64 4.53
N LYS A 534 20.37 -25.24 4.26
CA LYS A 534 19.78 -25.44 2.93
C LYS A 534 18.62 -24.47 2.77
N TYR A 535 18.78 -23.50 1.88
CA TYR A 535 17.68 -22.59 1.57
C TYR A 535 16.65 -23.29 0.67
N GLN A 536 15.43 -22.79 0.73
CA GLN A 536 14.33 -23.38 -0.05
C GLN A 536 13.20 -22.36 -0.14
N GLY A 537 12.06 -22.81 -0.65
CA GLY A 537 10.91 -21.96 -0.76
C GLY A 537 9.64 -22.79 -0.81
N LEU A 538 8.58 -22.19 -1.35
CA LEU A 538 7.30 -22.85 -1.51
C LEU A 538 6.91 -22.86 -2.98
N THR A 539 6.50 -24.02 -3.48
CA THR A 539 6.09 -24.19 -4.86
C THR A 539 4.73 -24.86 -4.91
N ILE A 540 4.28 -25.19 -6.12
CA ILE A 540 2.99 -25.81 -6.34
C ILE A 540 3.17 -27.04 -7.20
N LEU A 541 2.44 -28.11 -6.86
CA LEU A 541 2.50 -29.38 -7.58
C LEU A 541 1.20 -29.60 -8.35
N VAL A 542 1.32 -29.90 -9.64
CA VAL A 542 0.19 -30.18 -10.51
C VAL A 542 0.45 -31.48 -11.26
N LYS A 543 -0.50 -31.84 -12.11
CA LYS A 543 -0.39 -33.01 -12.98
C LYS A 543 -0.47 -32.58 -14.44
N LYS A 544 0.30 -33.25 -15.29
CA LYS A 544 0.39 -32.92 -16.70
C LYS A 544 -0.21 -34.02 -17.55
N GLU A 545 -0.78 -33.62 -18.69
CA GLU A 545 -1.48 -34.54 -19.58
C GLU A 545 -0.58 -34.94 -20.74
N ILE A 546 -0.69 -36.19 -21.15
CA ILE A 546 0.11 -36.69 -22.27
C ILE A 546 -0.31 -35.99 -23.55
N PRO A 547 0.62 -35.49 -24.36
CA PRO A 547 0.23 -34.81 -25.60
C PRO A 547 -0.13 -35.78 -26.72
N ARG A 548 -0.39 -35.23 -27.91
CA ARG A 548 -0.81 -36.04 -29.03
C ARG A 548 0.29 -36.99 -29.48
N SER A 549 -0.11 -38.13 -30.03
CA SER A 549 0.83 -39.16 -30.48
C SER A 549 1.40 -38.76 -31.84
N THR A 550 2.20 -39.67 -32.43
CA THR A 550 2.77 -39.43 -33.74
C THR A 550 1.80 -39.77 -34.87
N LEU A 551 0.71 -40.48 -34.56
CA LEU A 551 -0.37 -40.77 -35.51
C LEU A 551 0.08 -41.71 -36.62
N ASP A 552 -0.77 -41.90 -37.61
CA ASP A 552 -0.48 -42.77 -38.74
C ASP A 552 0.30 -42.02 -39.82
N SER A 553 0.93 -42.79 -40.70
CA SER A 553 1.74 -42.20 -41.77
C SER A 553 0.86 -41.40 -42.74
N PHE A 554 -0.31 -41.93 -43.07
CA PHE A 554 -1.13 -41.32 -44.11
C PHE A 554 -2.29 -40.50 -43.54
N MET A 555 -2.85 -40.93 -42.40
CA MET A 555 -4.04 -40.28 -41.87
C MET A 555 -3.73 -38.89 -41.34
N GLN A 556 -2.54 -38.70 -40.76
CA GLN A 556 -2.24 -37.45 -40.06
C GLN A 556 -2.29 -36.23 -40.97
N PRO A 557 -1.61 -36.21 -42.09
CA PRO A 557 -1.73 -34.89 -42.62
C PRO A 557 -2.74 -34.77 -43.68
N PHE A 558 -3.44 -35.84 -43.93
CA PHE A 558 -4.49 -35.75 -44.89
C PHE A 558 -5.66 -36.51 -44.33
N GLN A 559 -6.86 -35.94 -44.39
CA GLN A 559 -8.08 -36.62 -43.98
C GLN A 559 -8.59 -37.38 -45.18
N SER A 560 -9.45 -38.34 -44.97
CA SER A 560 -9.86 -39.23 -46.07
C SER A 560 -10.48 -38.68 -47.34
N THR A 561 -11.01 -37.47 -47.31
CA THR A 561 -11.68 -36.84 -48.44
C THR A 561 -10.88 -36.58 -49.67
N LEU A 562 -9.58 -36.56 -49.56
CA LEU A 562 -8.81 -36.28 -50.70
C LEU A 562 -8.49 -37.52 -51.39
N TRP A 563 -7.26 -37.88 -51.21
CA TRP A 563 -6.78 -39.07 -51.91
C TRP A 563 -7.75 -39.50 -52.99
N LEU A 564 -9.04 -39.50 -52.67
CA LEU A 564 -10.05 -39.91 -53.65
C LEU A 564 -10.04 -38.99 -54.86
N LEU A 565 -10.00 -37.68 -54.62
CA LEU A 565 -10.06 -36.74 -55.73
C LEU A 565 -8.80 -36.80 -56.59
N VAL A 566 -7.63 -36.97 -55.97
CA VAL A 566 -6.41 -37.05 -56.78
C VAL A 566 -6.39 -38.36 -57.58
N GLY A 567 -6.87 -39.45 -56.98
CA GLY A 567 -6.93 -40.72 -57.71
C GLY A 567 -7.89 -40.64 -58.88
N LEU A 568 -9.01 -39.92 -58.72
CA LEU A 568 -9.90 -39.73 -59.85
C LEU A 568 -9.29 -38.83 -60.92
N SER A 569 -8.65 -37.73 -60.49
CA SER A 569 -8.13 -36.75 -61.44
C SER A 569 -6.96 -37.28 -62.26
N VAL A 570 -6.13 -38.14 -61.68
CA VAL A 570 -5.02 -38.70 -62.47
C VAL A 570 -5.57 -39.54 -63.62
N HIS A 571 -6.59 -40.36 -63.35
CA HIS A 571 -7.20 -41.13 -64.44
C HIS A 571 -7.94 -40.23 -65.42
N VAL A 572 -8.54 -39.14 -64.94
CA VAL A 572 -9.23 -38.22 -65.83
C VAL A 572 -8.24 -37.58 -66.81
N VAL A 573 -7.10 -37.12 -66.30
CA VAL A 573 -6.12 -36.49 -67.20
C VAL A 573 -5.48 -37.54 -68.11
N ALA A 574 -5.31 -38.77 -67.63
CA ALA A 574 -4.81 -39.82 -68.50
C ALA A 574 -5.78 -40.09 -69.66
N VAL A 575 -7.08 -40.13 -69.35
CA VAL A 575 -8.09 -40.33 -70.40
C VAL A 575 -8.08 -39.15 -71.37
N MET A 576 -7.92 -37.93 -70.85
CA MET A 576 -7.87 -36.74 -71.71
C MET A 576 -6.69 -36.82 -72.66
N LEU A 577 -5.52 -37.21 -72.14
CA LEU A 577 -4.33 -37.35 -72.98
C LEU A 577 -4.52 -38.44 -74.03
N TYR A 578 -5.14 -39.56 -73.64
CA TYR A 578 -5.38 -40.64 -74.60
C TYR A 578 -6.33 -40.18 -75.71
N LEU A 579 -7.37 -39.44 -75.35
CA LEU A 579 -8.29 -38.91 -76.35
C LEU A 579 -7.59 -37.94 -77.29
N LEU A 580 -6.73 -37.08 -76.74
CA LEU A 580 -5.98 -36.14 -77.58
C LEU A 580 -5.08 -36.89 -78.54
N ASP A 581 -4.41 -37.95 -78.07
CA ASP A 581 -3.55 -38.74 -78.96
C ASP A 581 -4.37 -39.41 -80.04
N ARG A 582 -5.53 -39.97 -79.68
CA ARG A 582 -6.37 -40.66 -80.66
C ARG A 582 -6.91 -39.70 -81.71
N PHE A 583 -7.31 -38.50 -81.30
CA PHE A 583 -7.93 -37.55 -82.24
C PHE A 583 -6.92 -37.06 -83.27
N SER A 584 -5.73 -36.65 -82.82
CA SER A 584 -4.71 -36.15 -83.74
C SER A 584 -3.36 -36.82 -83.46
N THR A 602 -0.87 -46.63 -77.92
CA THR A 602 -0.25 -45.61 -77.09
C THR A 602 -1.14 -45.25 -75.91
N LEU A 603 -2.33 -45.85 -75.87
CA LEU A 603 -3.25 -45.59 -74.77
C LEU A 603 -2.68 -46.07 -73.45
N SER A 604 -2.06 -47.24 -73.43
CA SER A 604 -1.47 -47.76 -72.20
C SER A 604 -0.28 -46.91 -71.77
N SER A 605 0.50 -46.40 -72.73
CA SER A 605 1.69 -45.64 -72.39
C SER A 605 1.35 -44.35 -71.64
N ALA A 606 0.17 -43.78 -71.91
CA ALA A 606 -0.24 -42.57 -71.23
C ALA A 606 -0.42 -42.79 -69.73
N MET A 607 -0.95 -43.96 -69.34
CA MET A 607 -1.12 -44.27 -67.92
C MET A 607 0.22 -44.27 -67.21
N TRP A 608 1.24 -44.87 -67.81
CA TRP A 608 2.57 -44.86 -67.19
C TRP A 608 3.16 -43.46 -67.20
N PHE A 609 3.02 -42.73 -68.31
CA PHE A 609 3.49 -41.36 -68.37
C PHE A 609 2.90 -40.50 -67.26
N SER A 610 1.67 -40.81 -66.86
CA SER A 610 1.05 -40.08 -65.75
C SER A 610 1.55 -40.59 -64.40
N TRP A 611 1.46 -41.91 -64.18
CA TRP A 611 1.75 -42.45 -62.86
C TRP A 611 3.21 -42.24 -62.46
N GLY A 612 4.13 -42.45 -63.40
CA GLY A 612 5.54 -42.28 -63.08
C GLY A 612 5.89 -40.86 -62.68
N VAL A 613 5.40 -39.88 -63.44
CA VAL A 613 5.70 -38.49 -63.10
C VAL A 613 4.99 -38.11 -61.81
N LEU A 614 3.88 -38.72 -61.49
CA LEU A 614 3.37 -38.39 -60.20
C LEU A 614 4.26 -38.96 -59.17
N LEU A 615 4.76 -40.13 -59.44
CA LEU A 615 5.51 -40.81 -58.42
C LEU A 615 6.96 -40.63 -58.33
N ASN A 616 7.44 -39.69 -59.07
CA ASN A 616 8.82 -39.33 -59.03
C ASN A 616 9.70 -40.46 -59.35
N SER A 617 9.22 -41.35 -60.17
CA SER A 617 10.04 -42.47 -60.56
C SER A 617 9.99 -42.63 -62.07
N GLY A 618 11.10 -43.07 -62.65
CA GLY A 618 11.19 -43.23 -64.09
C GLY A 618 10.80 -44.61 -64.58
N ILE A 619 9.68 -44.71 -65.31
CA ILE A 619 9.24 -45.97 -65.90
C ILE A 619 8.84 -45.69 -67.33
N GLY A 620 9.33 -46.52 -68.25
CA GLY A 620 8.99 -46.38 -69.65
C GLY A 620 9.64 -45.22 -70.34
N GLU A 621 9.30 -45.00 -71.61
CA GLU A 621 9.84 -43.91 -72.41
C GLU A 621 8.72 -43.16 -73.11
N GLY A 622 7.68 -42.81 -72.37
CA GLY A 622 6.54 -42.10 -72.94
C GLY A 622 6.89 -40.69 -73.37
N ALA A 623 6.89 -40.45 -74.68
CA ALA A 623 7.24 -39.16 -75.27
C ALA A 623 6.17 -38.77 -76.26
N PRO A 624 5.07 -38.17 -75.79
CA PRO A 624 4.01 -37.73 -76.72
C PRO A 624 4.53 -36.68 -77.69
N ARG A 625 3.99 -36.71 -78.91
CA ARG A 625 4.40 -35.79 -79.95
C ARG A 625 3.45 -34.61 -80.13
N SER A 626 2.29 -34.63 -79.49
CA SER A 626 1.34 -33.54 -79.64
C SER A 626 1.83 -32.31 -78.90
N PHE A 627 1.55 -31.13 -79.49
CA PHE A 627 1.90 -29.87 -78.86
C PHE A 627 1.07 -29.62 -77.62
N SER A 628 -0.26 -29.77 -77.74
CA SER A 628 -1.15 -29.55 -76.61
C SER A 628 -0.90 -30.55 -75.48
N ALA A 629 -0.67 -31.82 -75.84
CA ALA A 629 -0.40 -32.83 -74.81
C ALA A 629 0.90 -32.53 -74.06
N ARG A 630 1.92 -32.07 -74.79
CA ARG A 630 3.17 -31.69 -74.14
C ARG A 630 2.95 -30.51 -73.20
N ILE A 631 2.15 -29.54 -73.62
CA ILE A 631 1.81 -28.41 -72.73
C ILE A 631 1.11 -28.93 -71.47
N LEU A 632 0.15 -29.84 -71.66
CA LEU A 632 -0.61 -30.35 -70.52
C LEU A 632 0.29 -31.08 -69.53
N GLY A 633 1.22 -31.90 -70.03
CA GLY A 633 2.14 -32.58 -69.15
C GLY A 633 3.06 -31.63 -68.43
N MET A 634 3.57 -30.62 -69.15
CA MET A 634 4.42 -29.61 -68.52
C MET A 634 3.68 -28.89 -67.40
N VAL A 635 2.39 -28.65 -67.59
CA VAL A 635 1.60 -28.03 -66.53
C VAL A 635 1.43 -28.98 -65.35
N TRP A 636 1.13 -30.25 -65.62
CA TRP A 636 0.80 -31.17 -64.54
C TRP A 636 2.02 -31.52 -63.69
N ALA A 637 3.23 -31.45 -64.26
CA ALA A 637 4.42 -31.73 -63.47
C ALA A 637 4.54 -30.76 -62.30
N GLY A 638 4.28 -29.48 -62.54
CA GLY A 638 4.30 -28.51 -61.46
C GLY A 638 3.26 -28.79 -60.40
N PHE A 639 2.08 -29.26 -60.83
CA PHE A 639 1.05 -29.64 -59.88
C PHE A 639 1.52 -30.77 -58.96
N ALA A 640 2.17 -31.78 -59.55
CA ALA A 640 2.70 -32.87 -58.75
C ALA A 640 3.72 -32.37 -57.74
N MET A 641 4.62 -31.49 -58.20
CA MET A 641 5.63 -30.94 -57.29
C MET A 641 4.98 -30.15 -56.15
N ILE A 642 3.96 -29.36 -56.47
CA ILE A 642 3.27 -28.60 -55.43
C ILE A 642 2.60 -29.52 -54.43
N ILE A 643 1.99 -30.61 -54.91
CA ILE A 643 1.34 -31.56 -53.99
C ILE A 643 2.37 -32.14 -53.03
N VAL A 644 3.52 -32.57 -53.56
CA VAL A 644 4.55 -33.17 -52.71
C VAL A 644 5.06 -32.15 -51.70
N ALA A 645 5.34 -30.93 -52.15
CA ALA A 645 5.86 -29.91 -51.25
C ALA A 645 4.84 -29.55 -50.17
N SER A 646 3.56 -29.47 -50.54
CA SER A 646 2.51 -29.19 -49.56
C SER A 646 2.42 -30.29 -48.52
N TYR A 647 2.48 -31.55 -48.95
CA TYR A 647 2.48 -32.64 -47.98
C TYR A 647 3.64 -32.55 -47.01
N THR A 648 4.85 -32.30 -47.54
CA THR A 648 6.02 -32.21 -46.68
C THR A 648 5.88 -31.04 -45.69
N ALA A 649 5.43 -29.88 -46.17
CA ALA A 649 5.28 -28.72 -45.31
C ALA A 649 4.23 -28.97 -44.24
N ASN A 650 3.11 -29.60 -44.61
CA ASN A 650 2.07 -29.93 -43.64
C ASN A 650 2.62 -30.81 -42.53
N LEU A 651 3.31 -31.89 -42.91
CA LEU A 651 3.80 -32.81 -41.88
C LEU A 651 4.85 -32.12 -41.00
N ALA A 652 5.72 -31.32 -41.60
CA ALA A 652 6.75 -30.63 -40.83
C ALA A 652 6.12 -29.65 -39.84
N ALA A 653 5.13 -28.88 -40.30
CA ALA A 653 4.47 -27.92 -39.41
C ALA A 653 3.72 -28.62 -38.29
N PHE A 654 3.07 -29.75 -38.58
CA PHE A 654 2.31 -30.43 -37.54
C PHE A 654 3.21 -31.15 -36.55
N LEU A 655 4.41 -31.55 -36.98
CA LEU A 655 5.28 -32.33 -36.13
C LEU A 655 6.01 -31.50 -35.08
N VAL A 656 5.90 -30.17 -35.13
CA VAL A 656 6.62 -29.31 -34.20
C VAL A 656 5.70 -28.48 -33.31
N LEU A 657 4.48 -28.19 -33.75
CA LEU A 657 3.56 -27.40 -32.95
C LEU A 657 3.05 -28.24 -31.78
N ASP A 658 3.03 -27.64 -30.59
CA ASP A 658 2.63 -28.32 -29.38
C ASP A 658 1.37 -27.70 -28.80
N ARG A 659 0.56 -28.53 -28.15
CA ARG A 659 -0.66 -28.05 -27.53
C ARG A 659 -0.33 -27.26 -26.26
N PRO A 660 -0.83 -26.04 -26.13
CA PRO A 660 -0.55 -25.24 -24.94
C PRO A 660 -1.18 -25.87 -23.69
N GLU A 661 -0.51 -25.66 -22.57
CA GLU A 661 -0.96 -26.20 -21.28
C GLU A 661 -1.28 -25.05 -20.33
N GLU A 662 -2.05 -25.37 -19.29
CA GLU A 662 -2.43 -24.36 -18.31
C GLU A 662 -1.23 -23.86 -17.54
N ARG A 663 -0.57 -24.74 -16.79
CA ARG A 663 0.66 -24.40 -16.07
C ARG A 663 0.47 -23.18 -15.19
N ILE A 664 -0.34 -23.38 -14.13
CA ILE A 664 -0.74 -22.30 -13.25
C ILE A 664 0.50 -21.53 -12.81
N THR A 665 0.45 -20.20 -13.00
CA THR A 665 1.66 -19.40 -12.82
C THR A 665 2.13 -19.39 -11.38
N GLY A 666 1.21 -19.24 -10.43
CA GLY A 666 1.60 -19.16 -9.03
C GLY A 666 0.55 -18.56 -8.12
N ILE A 667 1.00 -17.86 -7.08
CA ILE A 667 0.07 -17.23 -6.15
C ILE A 667 -0.72 -16.10 -6.78
N ASN A 668 -0.28 -15.61 -7.94
CA ASN A 668 -1.00 -14.58 -8.66
C ASN A 668 -2.02 -15.14 -9.65
N ASP A 669 -2.11 -16.45 -9.78
CA ASP A 669 -3.06 -17.05 -10.69
C ASP A 669 -4.49 -16.70 -10.27
N PRO A 670 -5.35 -16.26 -11.19
CA PRO A 670 -6.75 -16.00 -10.82
C PRO A 670 -7.46 -17.21 -10.25
N ARG A 671 -7.09 -18.41 -10.69
CA ARG A 671 -7.71 -19.63 -10.16
C ARG A 671 -7.41 -19.80 -8.67
N LEU A 672 -6.19 -19.47 -8.24
CA LEU A 672 -5.87 -19.50 -6.82
C LEU A 672 -6.40 -18.29 -6.06
N ARG A 673 -6.73 -17.20 -6.75
CA ARG A 673 -7.09 -15.97 -6.05
C ARG A 673 -8.53 -15.98 -5.55
N ASN A 674 -9.40 -16.80 -6.16
CA ASN A 674 -10.76 -16.93 -5.67
C ASN A 674 -11.18 -18.39 -5.68
N PRO A 675 -12.01 -18.81 -4.74
CA PRO A 675 -12.43 -20.21 -4.69
C PRO A 675 -13.27 -20.60 -5.89
N SER A 676 -13.14 -21.86 -6.29
CA SER A 676 -13.93 -22.42 -7.37
C SER A 676 -14.42 -23.80 -6.96
N ASP A 677 -15.54 -24.21 -7.55
CA ASP A 677 -16.15 -25.50 -7.25
C ASP A 677 -15.60 -26.63 -8.10
N LYS A 678 -14.70 -26.32 -9.04
CA LYS A 678 -14.03 -27.32 -9.85
C LYS A 678 -12.52 -27.27 -9.69
N PHE A 679 -12.03 -26.74 -8.56
CA PHE A 679 -10.60 -26.62 -8.33
C PHE A 679 -10.37 -26.67 -6.82
N ILE A 680 -9.90 -27.80 -6.32
CA ILE A 680 -9.69 -28.02 -4.89
C ILE A 680 -8.23 -28.29 -4.64
N TYR A 681 -7.67 -27.63 -3.62
CA TYR A 681 -6.28 -27.80 -3.22
C TYR A 681 -6.20 -27.76 -1.71
N ALA A 682 -5.14 -28.35 -1.16
CA ALA A 682 -5.03 -28.51 0.28
C ALA A 682 -3.56 -28.50 0.70
N THR A 683 -3.36 -28.45 2.01
CA THR A 683 -2.04 -28.44 2.62
C THR A 683 -2.11 -29.27 3.90
N VAL A 684 -0.95 -29.77 4.34
CA VAL A 684 -0.91 -30.59 5.54
C VAL A 684 -1.38 -29.80 6.74
N LYS A 685 -2.03 -30.49 7.68
CA LYS A 685 -2.62 -29.84 8.83
C LYS A 685 -1.56 -29.29 9.78
N GLN A 686 -1.83 -28.11 10.33
CA GLN A 686 -1.08 -27.56 11.47
C GLN A 686 0.42 -27.51 11.19
N SER A 687 0.78 -26.67 10.23
CA SER A 687 2.19 -26.49 9.85
C SER A 687 2.44 -25.00 9.60
N SER A 688 3.61 -24.69 9.05
CA SER A 688 4.01 -23.30 8.89
C SER A 688 3.28 -22.62 7.73
N VAL A 689 2.94 -23.38 6.68
CA VAL A 689 2.19 -22.79 5.57
C VAL A 689 0.85 -22.27 6.06
N ASP A 690 0.21 -23.01 6.96
CA ASP A 690 -1.06 -22.55 7.54
C ASP A 690 -0.87 -21.26 8.31
N ILE A 691 0.22 -21.15 9.08
CA ILE A 691 0.50 -19.92 9.81
C ILE A 691 0.71 -18.75 8.85
N TYR A 692 1.47 -18.97 7.78
CA TYR A 692 1.71 -17.92 6.80
C TYR A 692 0.42 -17.46 6.15
N PHE A 693 -0.46 -18.40 5.80
CA PHE A 693 -1.72 -18.03 5.17
C PHE A 693 -2.66 -17.32 6.15
N ARG A 694 -2.76 -17.83 7.38
CA ARG A 694 -3.69 -17.26 8.35
C ARG A 694 -3.25 -15.89 8.85
N ARG A 695 -1.94 -15.67 9.02
CA ARG A 695 -1.48 -14.43 9.62
C ARG A 695 -1.84 -13.23 8.77
N GLN A 696 -1.65 -13.32 7.45
CA GLN A 696 -1.94 -12.20 6.59
C GLN A 696 -3.45 -12.00 6.45
N VAL A 697 -3.86 -10.74 6.36
CA VAL A 697 -5.28 -10.39 6.39
C VAL A 697 -5.96 -10.52 5.03
N GLU A 698 -5.23 -10.29 3.94
CA GLU A 698 -5.85 -10.30 2.62
C GLU A 698 -6.01 -11.70 2.05
N LEU A 699 -5.18 -12.65 2.49
CA LEU A 699 -5.19 -14.01 1.96
C LEU A 699 -6.26 -14.89 2.59
N SER A 700 -7.24 -14.30 3.28
CA SER A 700 -8.26 -15.11 3.96
C SER A 700 -9.19 -15.79 2.96
N THR A 701 -9.41 -15.17 1.81
CA THR A 701 -10.47 -15.64 0.90
C THR A 701 -10.21 -17.05 0.40
N MET A 702 -8.95 -17.47 0.34
CA MET A 702 -8.61 -18.83 -0.07
C MET A 702 -8.20 -19.71 1.09
N TYR A 703 -7.73 -19.12 2.19
CA TYR A 703 -7.55 -19.89 3.41
C TYR A 703 -8.87 -20.47 3.89
N ARG A 704 -9.96 -19.72 3.70
CA ARG A 704 -11.27 -20.19 4.13
C ARG A 704 -11.67 -21.46 3.38
N HIS A 705 -11.37 -21.50 2.08
CA HIS A 705 -11.61 -22.70 1.29
C HIS A 705 -10.62 -23.81 1.64
N MET A 706 -9.39 -23.44 2.04
CA MET A 706 -8.38 -24.45 2.35
C MET A 706 -8.67 -25.17 3.66
N GLU A 707 -9.19 -24.45 4.66
CA GLU A 707 -9.29 -24.98 6.01
C GLU A 707 -10.28 -26.13 6.13
N LYS A 708 -11.18 -26.30 5.16
CA LYS A 708 -12.15 -27.38 5.21
C LYS A 708 -11.71 -28.64 4.49
N HIS A 709 -10.49 -28.66 3.93
CA HIS A 709 -10.08 -29.78 3.10
C HIS A 709 -8.65 -30.24 3.40
N ASN A 710 -8.08 -29.82 4.53
CA ASN A 710 -6.68 -30.14 4.81
C ASN A 710 -6.53 -31.63 5.09
N TYR A 711 -5.29 -32.12 4.93
CA TYR A 711 -4.97 -33.53 5.09
C TYR A 711 -4.00 -33.72 6.25
N GLU A 712 -3.59 -34.97 6.48
CA GLU A 712 -2.84 -35.33 7.67
C GLU A 712 -1.33 -35.24 7.48
N SER A 713 -0.81 -35.76 6.37
CA SER A 713 0.63 -35.76 6.15
C SER A 713 0.91 -35.86 4.66
N ALA A 714 2.10 -35.41 4.27
CA ALA A 714 2.47 -35.39 2.86
C ALA A 714 2.65 -36.78 2.28
N ALA A 715 2.91 -37.80 3.11
CA ALA A 715 3.01 -39.17 2.61
C ALA A 715 1.69 -39.68 2.05
N GLU A 716 0.57 -39.02 2.38
CA GLU A 716 -0.74 -39.36 1.85
C GLU A 716 -1.20 -38.43 0.73
N ALA A 717 -0.78 -37.16 0.77
CA ALA A 717 -1.25 -36.20 -0.22
C ALA A 717 -0.73 -36.53 -1.61
N ILE A 718 0.58 -36.81 -1.73
CA ILE A 718 1.16 -37.08 -3.04
C ILE A 718 0.55 -38.32 -3.67
N GLN A 719 0.17 -39.30 -2.84
CA GLN A 719 -0.51 -40.48 -3.34
C GLN A 719 -1.90 -40.13 -3.86
N ALA A 720 -2.56 -39.14 -3.26
CA ALA A 720 -3.90 -38.76 -3.69
C ALA A 720 -3.86 -37.95 -4.98
N VAL A 721 -2.79 -37.19 -5.22
CA VAL A 721 -2.71 -36.36 -6.42
C VAL A 721 -2.67 -37.25 -7.67
N ARG A 722 -1.92 -38.36 -7.60
CA ARG A 722 -1.84 -39.26 -8.75
C ARG A 722 -3.20 -39.87 -9.08
N ASP A 723 -3.99 -40.17 -8.05
CA ASP A 723 -5.29 -40.81 -8.23
C ASP A 723 -6.39 -39.82 -8.63
N ASN A 724 -6.02 -38.62 -9.09
CA ASN A 724 -6.95 -37.64 -9.62
C ASN A 724 -8.01 -37.26 -8.58
N LYS A 725 -7.54 -36.68 -7.49
CA LYS A 725 -8.43 -36.11 -6.47
C LYS A 725 -8.06 -34.71 -6.03
N LEU A 726 -6.85 -34.23 -6.32
CA LEU A 726 -6.43 -32.88 -6.02
C LEU A 726 -5.79 -32.26 -7.25
N HIS A 727 -6.09 -30.99 -7.51
CA HIS A 727 -5.52 -30.28 -8.64
C HIS A 727 -4.28 -29.47 -8.27
N ALA A 728 -3.93 -29.40 -7.00
CA ALA A 728 -2.76 -28.64 -6.57
C ALA A 728 -2.33 -29.11 -5.18
N PHE A 729 -1.11 -28.72 -4.82
CA PHE A 729 -0.57 -29.04 -3.49
C PHE A 729 0.53 -28.03 -3.18
N ILE A 730 0.37 -27.28 -2.09
CA ILE A 730 1.32 -26.27 -1.69
C ILE A 730 2.12 -26.82 -0.51
N TRP A 731 3.44 -26.85 -0.66
CA TRP A 731 4.33 -27.45 0.33
C TRP A 731 5.75 -27.00 0.01
N ASP A 732 6.74 -27.61 0.67
CA ASP A 732 8.13 -27.20 0.53
C ASP A 732 8.60 -27.39 -0.92
N SER A 733 9.57 -26.54 -1.31
CA SER A 733 10.11 -26.64 -2.66
C SER A 733 11.07 -27.81 -2.80
N ALA A 734 11.91 -28.05 -1.80
CA ALA A 734 12.92 -29.10 -1.91
C ALA A 734 12.29 -30.47 -1.97
N VAL A 735 11.38 -30.77 -1.04
CA VAL A 735 10.74 -32.08 -1.01
C VAL A 735 9.93 -32.31 -2.27
N LEU A 736 9.19 -31.30 -2.71
CA LEU A 736 8.38 -31.44 -3.92
C LEU A 736 9.25 -31.66 -5.15
N GLU A 737 10.35 -30.91 -5.27
CA GLU A 737 11.24 -31.06 -6.41
C GLU A 737 11.93 -32.42 -6.40
N PHE A 738 12.27 -32.94 -5.22
CA PHE A 738 12.90 -34.25 -5.16
C PHE A 738 11.97 -35.34 -5.67
N GLU A 739 10.67 -35.23 -5.37
CA GLU A 739 9.67 -36.17 -5.84
C GLU A 739 9.02 -35.74 -7.15
N ALA A 740 9.47 -34.63 -7.73
CA ALA A 740 9.04 -34.26 -9.08
C ALA A 740 9.91 -34.88 -10.16
N SER A 741 11.20 -35.05 -9.87
CA SER A 741 12.13 -35.65 -10.83
C SER A 741 12.28 -37.16 -10.65
N GLN A 742 11.71 -37.74 -9.61
CA GLN A 742 11.79 -39.19 -9.42
C GLN A 742 10.66 -39.92 -10.13
N LYS A 743 9.43 -39.40 -10.02
CA LYS A 743 8.29 -39.91 -10.75
C LYS A 743 7.87 -38.85 -11.75
N CYS A 744 7.93 -39.17 -13.03
CA CYS A 744 7.67 -38.21 -14.09
C CYS A 744 6.23 -38.22 -14.58
N ASP A 745 5.29 -38.60 -13.71
CA ASP A 745 3.87 -38.33 -13.94
C ASP A 745 3.44 -37.01 -13.32
N LEU A 746 4.34 -36.34 -12.59
CA LEU A 746 4.05 -35.11 -11.88
C LEU A 746 5.12 -34.08 -12.21
N VAL A 747 4.70 -32.83 -12.39
CA VAL A 747 5.60 -31.74 -12.75
C VAL A 747 5.36 -30.56 -11.81
N THR A 748 6.46 -29.95 -11.35
CA THR A 748 6.40 -28.78 -10.50
C THR A 748 6.46 -27.51 -11.37
N THR A 749 5.69 -26.50 -10.96
CA THR A 749 5.61 -25.25 -11.70
C THR A 749 5.55 -24.08 -10.73
N GLY A 750 5.80 -22.89 -11.26
CA GLY A 750 5.66 -21.66 -10.51
C GLY A 750 7.00 -21.04 -10.16
N GLU A 751 6.94 -20.04 -9.28
CA GLU A 751 8.13 -19.36 -8.79
C GLU A 751 8.12 -19.37 -7.27
N LEU A 752 9.32 -19.34 -6.68
CA LEU A 752 9.44 -19.43 -5.24
C LEU A 752 8.94 -18.16 -4.56
N PHE A 753 8.30 -18.34 -3.41
CA PHE A 753 7.89 -17.23 -2.56
C PHE A 753 8.04 -17.66 -1.10
N PHE A 754 8.15 -16.67 -0.21
CA PHE A 754 8.43 -16.91 1.20
C PHE A 754 9.73 -17.71 1.35
N ARG A 755 10.82 -17.11 0.88
CA ARG A 755 12.12 -17.77 0.85
C ARG A 755 12.75 -17.72 2.23
N SER A 756 12.90 -18.88 2.86
CA SER A 756 13.52 -18.98 4.17
C SER A 756 14.01 -20.41 4.37
N GLY A 757 15.29 -20.55 4.72
CA GLY A 757 15.88 -21.86 4.86
C GLY A 757 15.49 -22.55 6.15
N PHE A 758 16.07 -23.73 6.34
CA PHE A 758 15.81 -24.54 7.52
C PHE A 758 16.73 -24.12 8.66
N GLY A 759 16.82 -24.97 9.68
CA GLY A 759 17.69 -24.68 10.81
C GLY A 759 17.59 -25.78 11.84
N ILE A 760 18.47 -25.70 12.83
CA ILE A 760 18.51 -26.64 13.95
C ILE A 760 18.02 -25.89 15.19
N GLY A 761 17.07 -26.49 15.89
CA GLY A 761 16.40 -25.84 17.01
C GLY A 761 17.11 -26.12 18.32
N MET A 762 17.13 -25.11 19.18
CA MET A 762 17.79 -25.19 20.48
C MET A 762 16.92 -24.47 21.50
N ARG A 763 17.15 -24.78 22.77
CA ARG A 763 16.67 -23.89 23.81
C ARG A 763 17.57 -22.66 23.87
N LYS A 764 17.19 -21.72 24.72
CA LYS A 764 17.84 -20.41 24.73
C LYS A 764 19.12 -20.36 25.55
N ASP A 765 19.49 -21.44 26.23
CA ASP A 765 20.68 -21.45 27.10
C ASP A 765 21.44 -22.75 26.88
N SER A 766 22.44 -22.72 25.98
CA SER A 766 23.32 -23.85 25.76
C SER A 766 24.54 -23.45 24.94
N PRO A 767 25.75 -23.89 25.31
CA PRO A 767 26.91 -23.63 24.45
C PRO A 767 26.87 -24.41 23.15
N TRP A 768 26.10 -25.50 23.12
CA TRP A 768 25.92 -26.26 21.88
C TRP A 768 25.40 -25.37 20.77
N LYS A 769 24.59 -24.37 21.11
CA LYS A 769 24.17 -23.37 20.13
C LYS A 769 25.38 -22.81 19.37
N GLN A 770 26.29 -22.16 20.09
CA GLN A 770 27.43 -21.53 19.45
C GLN A 770 28.33 -22.54 18.75
N GLN A 771 28.61 -23.66 19.41
CA GLN A 771 29.54 -24.63 18.82
C GLN A 771 28.96 -25.23 17.53
N VAL A 772 27.69 -25.60 17.54
CA VAL A 772 27.05 -26.16 16.35
C VAL A 772 26.93 -25.10 15.26
N SER A 773 26.60 -23.86 15.64
CA SER A 773 26.46 -22.79 14.65
C SER A 773 27.78 -22.52 13.94
N LEU A 774 28.89 -22.61 14.67
CA LEU A 774 30.19 -22.44 14.02
C LEU A 774 30.55 -23.66 13.18
N SER A 775 30.31 -24.86 13.71
CA SER A 775 30.72 -26.08 13.01
C SER A 775 29.92 -26.31 11.74
N ILE A 776 28.65 -25.88 11.73
CA ILE A 776 27.83 -26.09 10.53
C ILE A 776 28.32 -25.22 9.39
N LEU A 777 28.71 -23.98 9.68
CA LEU A 777 29.34 -23.14 8.66
C LEU A 777 30.68 -23.71 8.23
N LYS A 778 31.45 -24.23 9.19
CA LYS A 778 32.72 -24.87 8.86
C LYS A 778 32.52 -26.00 7.84
N SER A 779 31.53 -26.85 8.09
CA SER A 779 31.26 -27.97 7.19
C SER A 779 30.59 -27.50 5.90
N HIS A 780 29.93 -26.34 5.94
CA HIS A 780 29.25 -25.84 4.75
C HIS A 780 30.22 -25.23 3.76
N GLU A 781 31.30 -24.63 4.26
CA GLU A 781 32.20 -23.89 3.38
C GLU A 781 33.06 -24.82 2.53
N ASN A 782 33.38 -26.01 3.04
CA ASN A 782 34.35 -26.89 2.39
C ASN A 782 33.73 -27.96 1.48
N GLY A 783 32.48 -27.77 1.03
CA GLY A 783 31.92 -28.62 0.00
C GLY A 783 31.33 -29.94 0.47
N PHE A 784 31.34 -30.21 1.78
CA PHE A 784 30.74 -31.45 2.27
C PHE A 784 29.24 -31.49 2.02
N MET A 785 28.57 -30.34 2.16
CA MET A 785 27.14 -30.27 1.87
C MET A 785 26.85 -30.59 0.41
N GLU A 786 27.72 -30.14 -0.51
CA GLU A 786 27.55 -30.51 -1.91
C GLU A 786 27.70 -32.02 -2.11
N ASP A 787 28.64 -32.64 -1.40
CA ASP A 787 28.77 -34.09 -1.49
C ASP A 787 27.51 -34.78 -1.01
N LEU A 788 26.92 -34.31 0.10
CA LEU A 788 25.67 -34.88 0.57
C LEU A 788 24.55 -34.68 -0.44
N ASP A 789 24.49 -33.50 -1.06
CA ASP A 789 23.46 -33.22 -2.05
C ASP A 789 23.59 -34.15 -3.25
N LYS A 790 24.81 -34.37 -3.72
CA LYS A 790 25.02 -35.30 -4.83
C LYS A 790 24.68 -36.73 -4.43
N THR A 791 24.94 -37.09 -3.15
CA THR A 791 24.70 -38.45 -2.71
C THR A 791 23.21 -38.75 -2.57
N TRP A 792 22.45 -37.84 -1.99
CA TRP A 792 21.10 -38.15 -1.54
C TRP A 792 19.99 -37.45 -2.33
N VAL A 793 20.31 -36.46 -3.15
CA VAL A 793 19.29 -35.60 -3.77
C VAL A 793 19.34 -35.67 -5.30
N ARG A 794 20.53 -35.50 -5.88
CA ARG A 794 20.65 -35.21 -7.30
C ARG A 794 20.97 -36.44 -8.14
N TYR A 795 20.44 -37.61 -7.78
CA TYR A 795 20.62 -38.78 -8.64
C TYR A 795 19.71 -38.73 -9.86
N GLN A 796 18.55 -38.08 -9.74
CA GLN A 796 17.59 -37.74 -10.80
C GLN A 796 17.06 -38.96 -11.56
N GLU A 797 16.01 -38.74 -12.34
CA GLU A 797 15.33 -39.81 -13.07
C GLU A 797 14.69 -39.20 -14.30
N CYS A 798 13.72 -39.91 -14.90
CA CYS A 798 12.99 -39.44 -16.07
C CYS A 798 12.48 -38.01 -15.89
N ASP A 799 12.97 -37.10 -16.73
CA ASP A 799 12.63 -35.68 -16.67
C ASP A 799 12.60 -35.08 -18.07
N SER A 800 11.88 -35.73 -18.99
CA SER A 800 11.98 -35.37 -20.41
C SER A 800 11.20 -34.10 -20.75
N ARG A 801 11.57 -32.99 -20.12
CA ARG A 801 11.06 -31.65 -20.44
C ARG A 801 9.55 -31.61 -20.59
N SER A 802 9.06 -30.77 -21.50
CA SER A 802 7.63 -30.70 -21.80
C SER A 802 7.33 -30.83 -23.28
N ASN A 803 8.17 -30.25 -24.15
CA ASN A 803 7.95 -30.41 -25.59
C ASN A 803 8.36 -31.79 -26.06
N ALA A 804 9.50 -32.29 -25.57
CA ALA A 804 9.96 -33.65 -25.82
C ALA A 804 9.99 -34.01 -27.31
N PRO A 805 10.97 -33.50 -28.06
CA PRO A 805 11.05 -33.86 -29.49
C PRO A 805 11.13 -35.37 -29.65
N ALA A 806 10.11 -35.92 -30.31
CA ALA A 806 9.85 -37.36 -30.30
C ALA A 806 10.44 -38.01 -31.54
N THR A 807 11.32 -38.98 -31.33
CA THR A 807 11.79 -39.85 -32.42
C THR A 807 10.67 -40.81 -32.78
N LEU A 808 10.34 -40.89 -34.07
CA LEU A 808 9.20 -41.70 -34.49
C LEU A 808 9.51 -43.19 -34.34
N THR A 809 8.63 -43.88 -33.65
CA THR A 809 8.79 -45.28 -33.28
C THR A 809 8.11 -46.18 -34.32
N PHE A 810 7.91 -47.46 -33.98
CA PHE A 810 7.29 -48.43 -34.87
C PHE A 810 6.00 -47.94 -35.52
N GLU A 811 5.36 -46.90 -34.95
CA GLU A 811 4.06 -46.45 -35.44
C GLU A 811 4.10 -46.16 -36.94
N ASN A 812 5.16 -45.48 -37.40
CA ASN A 812 5.27 -45.20 -38.83
C ASN A 812 5.63 -46.45 -39.61
N MET A 813 6.53 -47.27 -39.07
CA MET A 813 7.09 -48.39 -39.84
C MET A 813 6.08 -49.51 -40.06
N ALA A 814 5.16 -49.73 -39.10
CA ALA A 814 4.28 -50.88 -39.17
C ALA A 814 3.36 -50.82 -40.38
N GLY A 815 2.77 -49.66 -40.63
CA GLY A 815 1.84 -49.53 -41.74
C GLY A 815 2.50 -49.77 -43.08
N VAL A 816 3.67 -49.15 -43.30
CA VAL A 816 4.36 -49.32 -44.57
C VAL A 816 4.88 -50.76 -44.73
N PHE A 817 5.33 -51.37 -43.63
CA PHE A 817 5.76 -52.76 -43.70
C PHE A 817 4.61 -53.68 -44.10
N MET A 818 3.42 -53.45 -43.52
CA MET A 818 2.26 -54.23 -43.93
C MET A 818 1.88 -53.97 -45.38
N LEU A 819 2.04 -52.73 -45.84
CA LEU A 819 1.70 -52.47 -47.22
C LEU A 819 2.60 -53.19 -48.14
N VAL A 820 3.86 -53.20 -47.83
CA VAL A 820 4.80 -53.91 -48.72
C VAL A 820 4.35 -55.35 -48.94
N ALA A 821 4.00 -56.05 -47.87
CA ALA A 821 3.57 -57.44 -48.00
C ALA A 821 2.24 -57.55 -48.74
N GLY A 822 1.33 -56.61 -48.49
CA GLY A 822 0.09 -56.57 -49.25
C GLY A 822 0.33 -56.37 -50.73
N GLY A 823 1.27 -55.48 -51.07
CA GLY A 823 1.63 -55.30 -52.46
C GLY A 823 2.25 -56.54 -53.07
N ILE A 824 3.05 -57.27 -52.29
CA ILE A 824 3.66 -58.50 -52.78
C ILE A 824 2.58 -59.54 -53.10
N VAL A 825 1.62 -59.73 -52.20
CA VAL A 825 0.58 -60.73 -52.44
C VAL A 825 -0.33 -60.30 -53.59
N ALA A 826 -0.64 -59.00 -53.67
CA ALA A 826 -1.38 -58.50 -54.82
C ALA A 826 -0.59 -58.71 -56.11
N GLY A 827 0.73 -58.59 -56.04
CA GLY A 827 1.55 -58.79 -57.21
C GLY A 827 1.55 -60.23 -57.69
N ILE A 828 1.61 -61.19 -56.76
CA ILE A 828 1.56 -62.59 -57.18
C ILE A 828 0.17 -62.95 -57.72
N PHE A 829 -0.88 -62.36 -57.14
CA PHE A 829 -2.22 -62.55 -57.70
C PHE A 829 -2.30 -62.00 -59.12
N LEU A 830 -1.76 -60.80 -59.33
CA LEU A 830 -1.72 -60.22 -60.66
C LEU A 830 -0.81 -61.00 -61.59
N ILE A 831 0.18 -61.72 -61.05
CA ILE A 831 0.99 -62.61 -61.88
C ILE A 831 0.14 -63.77 -62.40
N PHE A 832 -0.63 -64.38 -61.51
CA PHE A 832 -1.57 -65.41 -61.96
C PHE A 832 -2.52 -64.86 -63.02
N ILE A 833 -3.00 -63.64 -62.81
CA ILE A 833 -3.82 -62.98 -63.82
C ILE A 833 -3.04 -62.77 -65.11
N GLU A 834 -1.73 -62.55 -65.01
CA GLU A 834 -0.91 -62.35 -66.21
C GLU A 834 -0.78 -63.62 -67.03
N ILE A 835 -0.56 -64.76 -66.37
CA ILE A 835 -0.62 -66.04 -67.10
C ILE A 835 -2.00 -66.24 -67.70
N ALA A 836 -3.07 -65.87 -66.96
CA ALA A 836 -4.41 -65.99 -67.52
C ALA A 836 -4.56 -65.16 -68.79
N TYR A 837 -4.08 -63.92 -68.77
CA TYR A 837 -4.17 -63.05 -69.93
C TYR A 837 -3.33 -63.57 -71.10
N LYS A 838 -2.13 -64.09 -70.81
CA LYS A 838 -1.30 -64.65 -71.86
C LYS A 838 -1.98 -65.85 -72.52
N ARG A 839 -2.62 -66.70 -71.71
CA ARG A 839 -3.38 -67.81 -72.26
C ARG A 839 -4.56 -67.32 -73.09
N HIS A 840 -5.21 -66.25 -72.65
CA HIS A 840 -6.40 -65.75 -73.34
C HIS A 840 -6.08 -65.31 -74.76
N LYS A 841 -4.97 -64.61 -74.95
CA LYS A 841 -4.59 -64.13 -76.27
C LYS A 841 -4.23 -65.28 -77.21
N SER B 65 -37.92 -33.84 58.26
CA SER B 65 -37.69 -33.22 59.56
C SER B 65 -36.67 -32.09 59.45
N ILE B 66 -36.23 -31.82 58.22
CA ILE B 66 -35.25 -30.76 58.00
C ILE B 66 -35.90 -29.40 58.21
N GLY B 67 -35.23 -28.54 58.97
CA GLY B 67 -35.71 -27.20 59.24
C GLY B 67 -35.09 -26.21 58.29
N ILE B 68 -35.94 -25.50 57.54
CA ILE B 68 -35.50 -24.55 56.54
C ILE B 68 -36.01 -23.18 56.92
N ALA B 69 -35.12 -22.19 56.92
CA ALA B 69 -35.46 -20.82 57.30
C ALA B 69 -35.62 -19.96 56.06
N VAL B 70 -36.75 -19.26 55.96
CA VAL B 70 -37.01 -18.34 54.87
C VAL B 70 -37.06 -16.94 55.45
N ILE B 71 -36.16 -16.08 55.02
CA ILE B 71 -36.00 -14.74 55.56
C ILE B 71 -36.27 -13.72 54.46
N LEU B 72 -37.14 -12.76 54.76
CA LEU B 72 -37.47 -11.68 53.83
C LEU B 72 -37.09 -10.35 54.45
N VAL B 73 -36.65 -9.42 53.59
CA VAL B 73 -36.26 -8.08 54.01
C VAL B 73 -37.15 -7.08 53.27
N GLY B 74 -37.73 -6.16 54.03
CA GLY B 74 -38.63 -5.18 53.44
C GLY B 74 -40.01 -5.76 53.17
N THR B 75 -40.74 -5.10 52.28
CA THR B 75 -42.09 -5.53 51.94
C THR B 75 -42.05 -6.87 51.22
N SER B 76 -43.07 -7.68 51.47
CA SER B 76 -43.19 -8.99 50.84
C SER B 76 -44.64 -9.44 50.91
N ASP B 77 -44.95 -10.47 50.12
CA ASP B 77 -46.29 -11.07 50.11
C ASP B 77 -46.26 -12.30 51.02
N GLU B 78 -46.33 -12.04 52.33
CA GLU B 78 -46.16 -13.09 53.31
C GLU B 78 -47.22 -14.19 53.17
N VAL B 79 -48.48 -13.80 52.98
CA VAL B 79 -49.53 -14.80 52.80
C VAL B 79 -49.33 -15.56 51.50
N ALA B 80 -48.91 -14.87 50.43
CA ALA B 80 -48.65 -15.55 49.17
C ALA B 80 -47.47 -16.50 49.29
N ILE B 81 -46.41 -16.09 50.00
CA ILE B 81 -45.27 -16.97 50.20
C ILE B 81 -45.68 -18.21 51.01
N LYS B 82 -46.49 -18.01 52.06
CA LYS B 82 -46.95 -19.13 52.85
C LYS B 82 -47.79 -20.09 52.01
N ASP B 83 -48.68 -19.55 51.17
CA ASP B 83 -49.49 -20.41 50.32
C ASP B 83 -48.64 -21.16 49.29
N ALA B 84 -47.66 -20.48 48.70
CA ALA B 84 -46.82 -21.07 47.66
C ALA B 84 -45.74 -21.98 48.21
N HIS B 85 -45.53 -21.99 49.53
CA HIS B 85 -44.57 -22.93 50.10
C HIS B 85 -44.93 -24.37 49.76
N GLU B 86 -46.21 -24.73 49.90
CA GLU B 86 -46.69 -26.04 49.50
C GLU B 86 -47.33 -25.95 48.12
N LYS B 87 -46.47 -25.74 47.12
CA LYS B 87 -46.92 -25.61 45.73
C LYS B 87 -46.55 -26.79 44.85
N ASP B 88 -45.51 -27.56 45.22
CA ASP B 88 -45.05 -28.69 44.44
C ASP B 88 -45.48 -29.99 45.12
N ASP B 89 -45.05 -31.11 44.52
CA ASP B 89 -45.43 -32.43 45.01
C ASP B 89 -44.47 -32.85 46.11
N PHE B 90 -44.94 -32.82 47.36
CA PHE B 90 -44.13 -33.19 48.51
C PHE B 90 -44.49 -34.57 49.03
N HIS B 91 -45.34 -35.30 48.30
CA HIS B 91 -45.73 -36.64 48.68
C HIS B 91 -44.92 -37.74 47.99
N HIS B 92 -43.94 -37.37 47.16
CA HIS B 92 -43.12 -38.33 46.45
C HIS B 92 -41.82 -38.68 47.18
N LEU B 93 -41.56 -38.03 48.31
CA LEU B 93 -40.32 -38.23 49.05
C LEU B 93 -40.50 -37.78 50.49
N SER B 94 -39.92 -38.54 51.42
CA SER B 94 -40.20 -38.39 52.85
C SER B 94 -39.22 -37.41 53.47
N VAL B 95 -39.65 -36.14 53.55
CA VAL B 95 -38.90 -35.11 54.26
C VAL B 95 -39.78 -34.43 55.32
N VAL B 96 -41.02 -34.11 54.95
CA VAL B 96 -41.97 -33.30 55.73
C VAL B 96 -41.25 -32.16 56.44
N PRO B 97 -40.69 -31.20 55.72
CA PRO B 97 -39.87 -30.16 56.35
C PRO B 97 -40.73 -29.13 57.07
N ARG B 98 -40.07 -28.39 57.95
CA ARG B 98 -40.70 -27.28 58.66
C ARG B 98 -40.22 -25.97 58.05
N VAL B 99 -41.17 -25.11 57.67
CA VAL B 99 -40.90 -23.85 56.99
C VAL B 99 -41.32 -22.72 57.93
N GLU B 100 -40.43 -21.74 58.09
CA GLU B 100 -40.67 -20.59 58.96
C GLU B 100 -40.46 -19.30 58.17
N LEU B 101 -41.35 -18.34 58.39
CA LEU B 101 -41.26 -17.02 57.76
C LEU B 101 -40.90 -15.99 58.82
N VAL B 102 -39.81 -15.25 58.59
CA VAL B 102 -39.35 -14.22 59.50
C VAL B 102 -39.19 -12.92 58.73
N ALA B 103 -39.89 -11.88 59.18
CA ALA B 103 -39.77 -10.55 58.60
C ALA B 103 -38.76 -9.74 59.40
N MET B 104 -38.04 -8.85 58.71
CA MET B 104 -37.02 -8.04 59.35
C MET B 104 -36.91 -6.71 58.63
N ASN B 105 -36.36 -5.73 59.34
CA ASN B 105 -36.12 -4.41 58.79
C ASN B 105 -34.71 -4.35 58.22
N GLU B 106 -34.26 -3.15 57.87
CA GLU B 106 -32.92 -2.92 57.33
C GLU B 106 -31.98 -2.33 58.37
N THR B 107 -32.08 -2.79 59.61
CA THR B 107 -31.33 -2.21 60.71
C THR B 107 -29.83 -2.31 60.50
N ASP B 108 -29.29 -3.53 60.48
CA ASP B 108 -27.86 -3.75 60.37
C ASP B 108 -27.60 -5.25 60.28
N PRO B 109 -26.46 -5.65 59.69
CA PRO B 109 -26.13 -7.07 59.65
C PRO B 109 -25.86 -7.69 61.02
N LYS B 110 -25.61 -6.88 62.05
CA LYS B 110 -25.53 -7.44 63.39
C LYS B 110 -26.87 -8.01 63.83
N SER B 111 -27.96 -7.32 63.48
CA SER B 111 -29.28 -7.90 63.69
C SER B 111 -29.43 -9.20 62.91
N ILE B 112 -28.86 -9.24 61.70
CA ILE B 112 -28.93 -10.46 60.88
C ILE B 112 -28.22 -11.62 61.58
N ILE B 113 -27.01 -11.38 62.08
CA ILE B 113 -26.25 -12.44 62.74
C ILE B 113 -26.96 -12.89 64.01
N THR B 114 -27.47 -11.95 64.80
CA THR B 114 -28.19 -12.32 66.02
C THR B 114 -29.42 -13.16 65.68
N ARG B 115 -30.19 -12.73 64.68
CA ARG B 115 -31.40 -13.44 64.30
C ARG B 115 -31.09 -14.84 63.78
N ILE B 116 -30.03 -14.99 62.98
CA ILE B 116 -29.73 -16.30 62.44
C ILE B 116 -29.22 -17.24 63.52
N CYS B 117 -28.43 -16.73 64.49
CA CYS B 117 -28.10 -17.58 65.63
C CYS B 117 -29.34 -18.00 66.40
N ASP B 118 -30.26 -17.06 66.65
CA ASP B 118 -31.47 -17.40 67.38
C ASP B 118 -32.28 -18.47 66.64
N LEU B 119 -32.41 -18.32 65.32
CA LEU B 119 -33.18 -19.29 64.55
C LEU B 119 -32.50 -20.65 64.52
N MET B 120 -31.20 -20.68 64.22
CA MET B 120 -30.50 -21.96 64.14
C MET B 120 -30.39 -22.65 65.49
N SER B 121 -30.45 -21.90 66.59
CA SER B 121 -30.50 -22.52 67.92
C SER B 121 -31.92 -22.76 68.40
N ASP B 122 -32.93 -22.29 67.66
CA ASP B 122 -34.31 -22.47 68.08
C ASP B 122 -34.79 -23.89 67.81
N ARG B 123 -34.84 -24.30 66.54
CA ARG B 123 -35.31 -25.65 66.21
C ARG B 123 -34.60 -26.14 64.95
N LYS B 124 -33.47 -26.81 65.15
CA LYS B 124 -32.85 -27.75 64.21
C LYS B 124 -32.98 -27.29 62.75
N ILE B 125 -32.43 -26.11 62.47
CA ILE B 125 -32.44 -25.58 61.11
C ILE B 125 -31.37 -26.27 60.29
N GLN B 126 -31.75 -26.79 59.12
CA GLN B 126 -30.83 -27.44 58.21
C GLN B 126 -30.41 -26.53 57.05
N GLY B 127 -31.23 -25.56 56.67
CA GLY B 127 -30.88 -24.68 55.57
C GLY B 127 -31.62 -23.36 55.67
N VAL B 128 -31.18 -22.41 54.87
CA VAL B 128 -31.73 -21.05 54.84
C VAL B 128 -31.87 -20.62 53.39
N VAL B 129 -32.97 -19.92 53.08
CA VAL B 129 -33.17 -19.25 51.80
C VAL B 129 -33.32 -17.77 52.07
N PHE B 130 -32.52 -16.96 51.38
CA PHE B 130 -32.38 -15.55 51.70
C PHE B 130 -32.73 -14.69 50.48
N ALA B 131 -33.26 -13.50 50.74
CA ALA B 131 -33.60 -12.57 49.67
C ALA B 131 -33.61 -11.15 50.23
N ASP B 132 -33.46 -10.17 49.32
CA ASP B 132 -33.46 -8.76 49.67
C ASP B 132 -34.28 -8.00 48.65
N ASP B 133 -34.32 -6.67 48.81
CA ASP B 133 -35.01 -5.79 47.88
C ASP B 133 -34.18 -4.61 47.40
N THR B 134 -33.18 -4.17 48.16
CA THR B 134 -32.36 -3.03 47.78
C THR B 134 -31.33 -3.42 46.72
N ASP B 135 -30.52 -2.44 46.32
CA ASP B 135 -29.49 -2.63 45.30
C ASP B 135 -28.08 -2.68 45.91
N GLN B 136 -27.97 -2.97 47.20
CA GLN B 136 -26.66 -3.04 47.84
C GLN B 136 -25.86 -4.22 47.33
N GLU B 137 -24.56 -4.19 47.61
CA GLU B 137 -23.63 -5.23 47.16
C GLU B 137 -22.76 -5.79 48.27
N ALA B 138 -22.44 -5.01 49.30
CA ALA B 138 -21.55 -5.48 50.36
C ALA B 138 -22.19 -6.52 51.27
N ILE B 139 -23.53 -6.62 51.26
CA ILE B 139 -24.21 -7.58 52.12
C ILE B 139 -23.82 -9.00 51.75
N ALA B 140 -23.65 -9.26 50.45
CA ALA B 140 -23.25 -10.58 50.00
C ALA B 140 -21.92 -11.03 50.60
N GLN B 141 -21.04 -10.07 50.92
CA GLN B 141 -19.79 -10.42 51.58
C GLN B 141 -20.04 -11.02 52.96
N ILE B 142 -20.94 -10.42 53.74
CA ILE B 142 -21.27 -10.96 55.06
C ILE B 142 -22.02 -12.27 54.93
N LEU B 143 -22.85 -12.40 53.88
CA LEU B 143 -23.51 -13.68 53.64
C LEU B 143 -22.50 -14.78 53.36
N ASP B 144 -21.48 -14.48 52.55
CA ASP B 144 -20.41 -15.44 52.30
C ASP B 144 -19.62 -15.72 53.58
N PHE B 145 -19.42 -14.70 54.40
CA PHE B 145 -18.81 -14.88 55.72
C PHE B 145 -19.54 -15.95 56.53
N ILE B 146 -20.84 -15.74 56.75
CA ILE B 146 -21.59 -16.69 57.57
C ILE B 146 -21.68 -18.05 56.87
N SER B 147 -21.61 -18.05 55.54
CA SER B 147 -21.49 -19.33 54.84
C SER B 147 -20.17 -20.01 55.19
N ALA B 148 -19.13 -19.22 55.45
CA ALA B 148 -17.81 -19.78 55.70
C ALA B 148 -17.71 -20.36 57.11
N GLN B 149 -17.92 -19.53 58.14
CA GLN B 149 -17.63 -20.02 59.49
C GLN B 149 -18.71 -20.94 60.07
N THR B 150 -19.83 -21.15 59.39
CA THR B 150 -20.73 -22.24 59.76
C THR B 150 -21.12 -23.03 58.53
N LEU B 151 -21.45 -24.30 58.74
CA LEU B 151 -21.66 -25.25 57.65
C LEU B 151 -23.11 -25.31 57.18
N THR B 152 -24.01 -24.53 57.77
CA THR B 152 -25.41 -24.56 57.37
C THR B 152 -25.57 -23.98 55.97
N PRO B 153 -26.19 -24.69 55.04
CA PRO B 153 -26.38 -24.14 53.70
C PRO B 153 -27.30 -22.93 53.68
N ILE B 154 -27.04 -22.03 52.73
CA ILE B 154 -27.86 -20.85 52.52
C ILE B 154 -27.81 -20.49 51.05
N LEU B 155 -28.94 -20.00 50.54
CA LEU B 155 -29.06 -19.64 49.13
C LEU B 155 -29.65 -18.24 49.01
N GLY B 156 -29.09 -17.46 48.10
CA GLY B 156 -29.60 -16.14 47.77
C GLY B 156 -30.23 -16.14 46.40
N ILE B 157 -31.37 -15.45 46.26
CA ILE B 157 -32.17 -15.48 45.06
C ILE B 157 -32.33 -14.12 44.41
N HIS B 158 -32.57 -13.07 45.21
CA HIS B 158 -32.94 -11.79 44.65
C HIS B 158 -32.36 -10.66 45.50
N GLY B 159 -32.20 -9.50 44.87
CA GLY B 159 -31.70 -8.32 45.55
C GLY B 159 -30.19 -8.26 45.64
N GLY B 160 -29.67 -7.94 46.82
CA GLY B 160 -28.23 -7.91 47.02
C GLY B 160 -27.60 -9.27 46.78
N SER B 161 -28.35 -10.35 47.05
CA SER B 161 -27.84 -11.69 46.78
C SER B 161 -27.58 -11.91 45.29
N SER B 162 -28.37 -11.27 44.43
CA SER B 162 -28.18 -11.42 42.99
C SER B 162 -26.86 -10.81 42.51
N MET B 163 -26.27 -9.92 43.29
CA MET B 163 -25.00 -9.31 42.92
C MET B 163 -23.93 -10.39 42.80
N ILE B 164 -23.15 -10.34 41.72
CA ILE B 164 -22.18 -11.39 41.43
C ILE B 164 -20.92 -11.15 42.26
N MET B 165 -20.72 -11.99 43.27
CA MET B 165 -19.66 -11.76 44.25
C MET B 165 -18.30 -12.13 43.67
N ALA B 166 -17.25 -11.86 44.44
CA ALA B 166 -15.90 -11.85 43.88
C ALA B 166 -15.40 -13.26 43.59
N ASP B 167 -15.25 -14.08 44.63
CA ASP B 167 -14.67 -15.42 44.46
C ASP B 167 -15.03 -16.26 45.68
N LYS B 168 -15.78 -17.33 45.47
CA LYS B 168 -16.14 -18.22 46.57
C LYS B 168 -14.90 -18.91 47.11
N ASP B 169 -14.81 -19.00 48.43
CA ASP B 169 -13.64 -19.58 49.06
C ASP B 169 -13.70 -21.11 48.98
N GLU B 170 -12.61 -21.75 49.41
CA GLU B 170 -12.53 -23.20 49.36
C GLU B 170 -13.53 -23.85 50.31
N SER B 171 -13.57 -23.38 51.56
CA SER B 171 -14.48 -23.91 52.57
C SER B 171 -15.76 -23.11 52.66
N SER B 172 -15.89 -22.03 51.91
CA SER B 172 -17.13 -21.28 51.87
C SER B 172 -18.12 -21.96 50.94
N MET B 173 -19.34 -22.15 51.41
CA MET B 173 -20.37 -22.92 50.72
C MET B 173 -21.61 -22.03 50.58
N PHE B 174 -21.69 -21.34 49.45
CA PHE B 174 -22.73 -20.36 49.18
C PHE B 174 -23.02 -20.38 47.69
N PHE B 175 -24.30 -20.23 47.33
CA PHE B 175 -24.72 -20.25 45.94
C PHE B 175 -25.74 -19.14 45.69
N GLN B 176 -25.60 -18.48 44.55
CA GLN B 176 -26.45 -17.37 44.17
C GLN B 176 -27.40 -17.79 43.05
N PHE B 177 -28.27 -16.85 42.67
CA PHE B 177 -29.11 -16.97 41.50
C PHE B 177 -28.85 -15.77 40.60
N GLY B 178 -28.32 -16.04 39.41
CA GLY B 178 -27.95 -14.99 38.49
C GLY B 178 -26.87 -15.43 37.52
N PRO B 179 -26.74 -14.71 36.41
CA PRO B 179 -25.79 -15.12 35.37
C PRO B 179 -24.35 -14.87 35.79
N SER B 180 -23.46 -15.72 35.29
CA SER B 180 -22.03 -15.54 35.47
C SER B 180 -21.52 -14.46 34.52
N ILE B 181 -20.31 -13.97 34.80
CA ILE B 181 -19.73 -12.90 33.99
C ILE B 181 -19.47 -13.36 32.56
N GLU B 182 -18.92 -14.58 32.40
CA GLU B 182 -18.57 -15.04 31.06
C GLU B 182 -19.80 -15.25 30.20
N GLN B 183 -20.86 -15.83 30.75
CA GLN B 183 -22.08 -16.02 29.99
C GLN B 183 -22.70 -14.68 29.60
N GLN B 184 -22.70 -13.72 30.51
CA GLN B 184 -23.25 -12.40 30.21
C GLN B 184 -22.44 -11.72 29.10
N ALA B 185 -21.11 -11.81 29.17
CA ALA B 185 -20.27 -11.25 28.12
C ALA B 185 -20.55 -11.92 26.78
N SER B 186 -20.69 -13.25 26.78
CA SER B 186 -20.98 -13.98 25.56
C SER B 186 -22.31 -13.54 24.96
N VAL B 187 -23.32 -13.35 25.81
CA VAL B 187 -24.64 -12.96 25.31
C VAL B 187 -24.59 -11.55 24.72
N MET B 188 -23.96 -10.61 25.44
CA MET B 188 -23.95 -9.23 24.96
C MET B 188 -22.94 -9.05 23.83
N LEU B 189 -22.11 -10.05 23.56
CA LEU B 189 -21.34 -10.06 22.32
C LEU B 189 -22.12 -10.69 21.18
N ASN B 190 -22.96 -11.69 21.49
CA ASN B 190 -23.77 -12.32 20.46
C ASN B 190 -24.82 -11.36 19.91
N ILE B 191 -25.41 -10.53 20.76
CA ILE B 191 -26.39 -9.55 20.27
C ILE B 191 -25.73 -8.58 19.30
N MET B 192 -24.52 -8.12 19.65
CA MET B 192 -23.76 -7.27 18.74
C MET B 192 -23.42 -7.99 17.44
N GLU B 193 -23.05 -9.26 17.56
CA GLU B 193 -22.79 -10.07 16.37
C GLU B 193 -24.02 -10.17 15.48
N GLU B 194 -25.21 -10.17 16.09
CA GLU B 194 -26.45 -10.27 15.32
C GLU B 194 -26.81 -8.95 14.66
N TYR B 195 -26.67 -7.84 15.37
CA TYR B 195 -27.05 -6.54 14.81
C TYR B 195 -25.93 -5.87 14.00
N ASP B 196 -24.91 -6.64 13.59
CA ASP B 196 -23.94 -6.20 12.59
C ASP B 196 -23.24 -4.90 13.01
N TRP B 197 -22.53 -4.99 14.13
CA TRP B 197 -21.68 -3.90 14.62
C TRP B 197 -20.29 -4.49 14.87
N TYR B 198 -19.37 -4.21 13.96
CA TYR B 198 -18.04 -4.81 13.97
C TYR B 198 -16.97 -3.86 14.49
N ILE B 199 -17.35 -2.67 14.97
CA ILE B 199 -16.42 -1.71 15.53
C ILE B 199 -16.87 -1.40 16.96
N PHE B 200 -15.96 -1.58 17.92
CA PHE B 200 -16.31 -1.34 19.32
C PHE B 200 -15.03 -1.15 20.13
N SER B 201 -15.20 -0.56 21.31
CA SER B 201 -14.15 -0.45 22.30
C SER B 201 -14.79 -0.56 23.68
N ILE B 202 -14.01 -1.00 24.65
CA ILE B 202 -14.51 -1.27 25.99
C ILE B 202 -13.84 -0.34 26.99
N VAL B 203 -14.62 0.18 27.93
CA VAL B 203 -14.12 1.02 29.02
C VAL B 203 -14.61 0.42 30.33
N THR B 204 -13.70 0.30 31.30
CA THR B 204 -14.05 -0.33 32.56
C THR B 204 -13.25 0.31 33.70
N THR B 205 -13.79 0.18 34.90
CA THR B 205 -13.10 0.55 36.12
C THR B 205 -12.63 -0.72 36.83
N TYR B 206 -12.10 -0.57 38.03
CA TYR B 206 -11.58 -1.71 38.79
C TYR B 206 -12.72 -2.33 39.60
N PHE B 207 -12.98 -3.61 39.34
CA PHE B 207 -14.03 -4.37 39.99
C PHE B 207 -13.61 -5.84 39.98
N PRO B 208 -14.14 -6.64 40.92
CA PRO B 208 -13.68 -8.04 41.00
C PRO B 208 -14.13 -8.90 39.83
N GLY B 209 -13.37 -8.84 38.73
CA GLY B 209 -13.67 -9.69 37.58
C GLY B 209 -13.50 -9.04 36.21
N TYR B 210 -13.00 -7.80 36.18
CA TYR B 210 -12.79 -7.12 34.90
C TYR B 210 -11.72 -7.82 34.07
N GLN B 211 -10.65 -8.30 34.72
CA GLN B 211 -9.55 -8.92 33.98
C GLN B 211 -10.00 -10.18 33.26
N ASP B 212 -10.78 -11.03 33.93
CA ASP B 212 -11.29 -12.22 33.27
C ASP B 212 -12.28 -11.85 32.16
N PHE B 213 -13.05 -10.78 32.36
CA PHE B 213 -13.98 -10.32 31.33
C PHE B 213 -13.22 -9.94 30.06
N VAL B 214 -12.20 -9.09 30.19
CA VAL B 214 -11.46 -8.66 29.00
C VAL B 214 -10.68 -9.83 28.40
N ASN B 215 -10.17 -10.73 29.25
CA ASN B 215 -9.45 -11.89 28.72
C ASN B 215 -10.38 -12.79 27.92
N LYS B 216 -11.60 -13.01 28.42
CA LYS B 216 -12.57 -13.81 27.68
C LYS B 216 -12.94 -13.15 26.36
N ILE B 217 -13.17 -11.83 26.38
CA ILE B 217 -13.49 -11.13 25.15
C ILE B 217 -12.36 -11.28 24.13
N ARG B 218 -11.13 -11.04 24.57
CA ARG B 218 -9.99 -11.11 23.67
C ARG B 218 -9.80 -12.53 23.12
N SER B 219 -9.94 -13.54 23.98
CA SER B 219 -9.76 -14.92 23.54
C SER B 219 -10.85 -15.33 22.57
N THR B 220 -12.10 -14.90 22.81
CA THR B 220 -13.18 -15.26 21.91
C THR B 220 -13.03 -14.58 20.55
N ILE B 221 -12.59 -13.32 20.53
CA ILE B 221 -12.39 -12.63 19.25
C ILE B 221 -11.07 -12.99 18.59
N GLU B 222 -10.16 -13.68 19.29
CA GLU B 222 -8.87 -14.02 18.72
C GLU B 222 -9.01 -14.95 17.52
N ASN B 223 -9.76 -16.03 17.68
CA ASN B 223 -9.96 -17.02 16.63
C ASN B 223 -11.46 -17.10 16.33
N SER B 224 -11.86 -16.48 15.22
CA SER B 224 -13.23 -16.50 14.77
C SER B 224 -13.24 -16.21 13.27
N PHE B 225 -14.29 -16.69 12.61
CA PHE B 225 -14.46 -16.49 11.17
C PHE B 225 -15.08 -15.15 10.84
N VAL B 226 -15.45 -14.36 11.86
CA VAL B 226 -16.02 -13.04 11.68
C VAL B 226 -14.93 -12.00 11.85
N GLY B 227 -15.04 -10.89 11.12
CA GLY B 227 -14.05 -9.84 11.22
C GLY B 227 -14.34 -8.88 12.36
N TRP B 228 -13.68 -9.10 13.50
CA TRP B 228 -13.80 -8.24 14.67
C TRP B 228 -12.66 -7.23 14.68
N GLU B 229 -13.02 -5.95 14.72
CA GLU B 229 -12.05 -4.86 14.73
C GLU B 229 -12.14 -4.16 16.07
N LEU B 230 -11.21 -4.46 16.97
CA LEU B 230 -11.13 -3.84 18.28
C LEU B 230 -10.14 -2.69 18.25
N GLU B 231 -10.56 -1.53 18.73
CA GLU B 231 -9.73 -0.32 18.73
C GLU B 231 -9.37 0.00 20.17
N GLU B 232 -8.27 -0.60 20.65
CA GLU B 232 -7.68 -0.32 21.95
C GLU B 232 -8.58 -0.72 23.11
N VAL B 233 -8.01 -0.83 24.30
CA VAL B 233 -8.74 -1.11 25.53
C VAL B 233 -8.37 -0.07 26.56
N LEU B 234 -9.37 0.41 27.30
CA LEU B 234 -9.18 1.46 28.29
C LEU B 234 -9.40 0.88 29.69
N LEU B 235 -8.58 1.35 30.63
CA LEU B 235 -8.64 0.91 32.02
C LEU B 235 -8.72 2.11 32.95
N LEU B 236 -9.62 3.04 32.64
CA LEU B 236 -9.74 4.27 33.40
C LEU B 236 -10.23 4.01 34.82
N ASP B 237 -9.81 4.88 35.74
CA ASP B 237 -10.20 4.81 37.14
C ASP B 237 -10.50 6.21 37.64
N MET B 238 -11.57 6.33 38.44
CA MET B 238 -11.95 7.61 39.04
C MET B 238 -11.54 7.71 40.51
N SER B 239 -10.70 6.79 40.98
CA SER B 239 -10.28 6.81 42.38
C SER B 239 -9.50 8.08 42.71
N LEU B 240 -8.60 8.49 41.82
CA LEU B 240 -7.76 9.65 42.07
C LEU B 240 -8.59 10.92 42.19
N ASP B 241 -8.29 11.71 43.22
CA ASP B 241 -8.99 12.97 43.43
C ASP B 241 -8.57 14.01 42.40
N ASP B 242 -9.55 14.74 41.88
CA ASP B 242 -9.35 15.78 40.87
C ASP B 242 -8.70 15.24 39.61
N GLY B 243 -8.93 13.97 39.30
CA GLY B 243 -8.42 13.34 38.10
C GLY B 243 -9.37 13.34 36.93
N ASP B 244 -10.48 14.09 37.02
CA ASP B 244 -11.46 14.08 35.95
C ASP B 244 -10.91 14.67 34.66
N SER B 245 -9.88 15.52 34.75
CA SER B 245 -9.30 16.11 33.54
C SER B 245 -8.65 15.04 32.68
N LYS B 246 -7.79 14.20 33.28
CA LYS B 246 -7.17 13.12 32.52
C LYS B 246 -8.19 12.11 32.03
N ILE B 247 -9.24 11.85 32.83
CA ILE B 247 -10.29 10.94 32.40
C ILE B 247 -11.01 11.49 31.17
N GLN B 248 -11.32 12.79 31.18
CA GLN B 248 -11.94 13.40 30.00
C GLN B 248 -11.01 13.35 28.81
N ASN B 249 -9.71 13.55 29.02
CA ASN B 249 -8.75 13.44 27.93
C ASN B 249 -8.75 12.03 27.33
N GLN B 250 -8.80 11.01 28.18
CA GLN B 250 -8.85 9.64 27.68
C GLN B 250 -10.16 9.36 26.94
N LEU B 251 -11.28 9.86 27.47
CA LEU B 251 -12.56 9.66 26.79
C LEU B 251 -12.63 10.41 25.47
N LYS B 252 -11.84 11.47 25.32
CA LYS B 252 -11.78 12.19 24.05
C LYS B 252 -11.13 11.38 22.95
N LYS B 253 -10.42 10.29 23.28
CA LYS B 253 -9.75 9.48 22.28
C LYS B 253 -10.67 8.46 21.61
N LEU B 254 -11.86 8.24 22.14
CA LEU B 254 -12.76 7.25 21.56
C LEU B 254 -13.27 7.70 20.20
N GLN B 255 -13.40 6.74 19.28
CA GLN B 255 -13.93 6.98 17.95
C GLN B 255 -14.92 5.93 17.47
N SER B 256 -15.00 4.78 18.13
CA SER B 256 -15.89 3.72 17.69
C SER B 256 -17.35 4.10 17.98
N PRO B 257 -18.29 3.56 17.20
CA PRO B 257 -19.71 3.86 17.46
C PRO B 257 -20.34 2.98 18.52
N ILE B 258 -19.66 1.95 18.99
CA ILE B 258 -20.17 1.06 20.03
C ILE B 258 -19.18 1.06 21.19
N ILE B 259 -19.69 1.27 22.40
CA ILE B 259 -18.88 1.32 23.61
C ILE B 259 -19.48 0.38 24.64
N LEU B 260 -18.67 -0.53 25.16
CA LEU B 260 -19.07 -1.41 26.25
C LEU B 260 -18.59 -0.83 27.57
N LEU B 261 -19.47 -0.84 28.56
CA LEU B 261 -19.19 -0.22 29.86
C LEU B 261 -19.20 -1.30 30.95
N TYR B 262 -18.38 -1.07 31.98
CA TYR B 262 -18.29 -2.01 33.10
C TYR B 262 -17.83 -1.23 34.32
N CYS B 263 -18.78 -0.86 35.18
CA CYS B 263 -18.49 -0.18 36.44
C CYS B 263 -19.73 -0.24 37.32
N THR B 264 -19.69 0.48 38.43
CA THR B 264 -20.77 0.52 39.40
C THR B 264 -21.70 1.69 39.11
N LYS B 265 -22.94 1.59 39.60
CA LYS B 265 -23.94 2.61 39.34
C LYS B 265 -23.45 4.00 39.75
N GLU B 266 -22.72 4.10 40.86
CA GLU B 266 -22.15 5.37 41.28
C GLU B 266 -21.16 5.88 40.24
N GLU B 267 -20.24 5.01 39.80
CA GLU B 267 -19.26 5.39 38.79
C GLU B 267 -19.94 5.74 37.48
N ALA B 268 -20.97 4.99 37.09
CA ALA B 268 -21.68 5.27 35.84
C ALA B 268 -22.35 6.63 35.89
N THR B 269 -23.03 6.94 37.00
CA THR B 269 -23.65 8.25 37.15
C THR B 269 -22.61 9.36 37.16
N TYR B 270 -21.45 9.12 37.77
CA TYR B 270 -20.38 10.11 37.76
C TYR B 270 -19.84 10.34 36.34
N ILE B 271 -19.74 9.28 35.55
CA ILE B 271 -19.05 9.35 34.28
C ILE B 271 -19.96 9.79 33.12
N PHE B 272 -21.27 9.56 33.22
CA PHE B 272 -22.14 9.96 32.13
C PHE B 272 -22.21 11.48 32.00
N GLU B 273 -21.98 12.22 33.09
CA GLU B 273 -21.96 13.67 33.01
C GLU B 273 -20.78 14.15 32.15
N VAL B 274 -19.59 13.62 32.39
CA VAL B 274 -18.44 14.01 31.58
C VAL B 274 -18.58 13.47 30.16
N ALA B 275 -19.25 12.33 30.00
CA ALA B 275 -19.51 11.82 28.65
C ALA B 275 -20.40 12.77 27.86
N ASN B 276 -21.46 13.28 28.50
CA ASN B 276 -22.28 14.29 27.85
C ASN B 276 -21.51 15.59 27.62
N SER B 277 -20.59 15.92 28.53
CA SER B 277 -19.76 17.10 28.34
C SER B 277 -18.90 16.97 27.08
N VAL B 278 -18.34 15.78 26.85
CA VAL B 278 -17.55 15.55 25.64
C VAL B 278 -18.43 15.71 24.41
N GLY B 279 -19.63 15.14 24.43
CA GLY B 279 -20.57 15.26 23.34
C GLY B 279 -20.77 14.02 22.51
N LEU B 280 -20.08 12.91 22.80
CA LEU B 280 -20.24 11.68 22.04
C LEU B 280 -21.39 10.82 22.58
N THR B 281 -22.54 11.44 22.77
CA THR B 281 -23.72 10.74 23.26
C THR B 281 -25.01 11.16 22.59
N GLY B 282 -24.97 12.01 21.56
CA GLY B 282 -26.19 12.61 21.06
C GLY B 282 -26.97 11.83 20.02
N TYR B 283 -26.35 11.55 18.87
CA TYR B 283 -27.09 11.00 17.73
C TYR B 283 -26.61 9.62 17.30
N GLY B 284 -25.33 9.45 17.04
CA GLY B 284 -24.86 8.23 16.40
C GLY B 284 -24.08 7.27 17.29
N TYR B 285 -24.22 7.40 18.61
CA TYR B 285 -23.48 6.57 19.53
C TYR B 285 -24.44 5.81 20.44
N THR B 286 -23.99 4.66 20.91
CA THR B 286 -24.78 3.80 21.78
C THR B 286 -23.89 3.26 22.91
N TRP B 287 -24.54 2.77 23.96
CA TRP B 287 -23.85 2.20 25.11
C TRP B 287 -24.51 0.89 25.50
N ILE B 288 -23.71 -0.02 26.04
CA ILE B 288 -24.18 -1.30 26.55
C ILE B 288 -23.62 -1.50 27.94
N VAL B 289 -24.47 -1.87 28.89
CA VAL B 289 -24.07 -1.96 30.29
C VAL B 289 -24.50 -3.31 30.84
N PRO B 290 -23.81 -3.81 31.86
CA PRO B 290 -24.17 -5.10 32.46
C PRO B 290 -25.39 -4.97 33.36
N SER B 291 -25.79 -6.12 33.92
CA SER B 291 -27.00 -6.17 34.75
C SER B 291 -26.86 -5.36 36.02
N LEU B 292 -25.69 -5.45 36.69
CA LEU B 292 -25.53 -4.78 37.98
C LEU B 292 -25.68 -3.27 37.89
N VAL B 293 -25.50 -2.69 36.70
CA VAL B 293 -25.73 -1.26 36.54
C VAL B 293 -27.20 -0.93 36.69
N ALA B 294 -28.09 -1.78 36.15
CA ALA B 294 -29.52 -1.53 36.24
C ALA B 294 -30.03 -1.77 37.65
N GLY B 295 -29.89 -2.99 38.15
CA GLY B 295 -30.25 -3.30 39.52
C GLY B 295 -31.74 -3.38 39.76
N ASP B 296 -32.41 -2.23 39.67
CA ASP B 296 -33.85 -2.12 39.89
C ASP B 296 -34.50 -1.43 38.71
N THR B 297 -35.71 -1.87 38.35
CA THR B 297 -36.40 -1.28 37.21
C THR B 297 -36.97 0.10 37.56
N ASP B 298 -37.42 0.28 38.80
CA ASP B 298 -38.12 1.51 39.15
C ASP B 298 -37.20 2.71 39.24
N THR B 299 -35.92 2.51 39.56
CA THR B 299 -35.01 3.63 39.76
C THR B 299 -34.73 4.36 38.45
N VAL B 300 -34.53 5.67 38.54
CA VAL B 300 -34.18 6.49 37.40
C VAL B 300 -33.09 7.47 37.83
N PRO B 301 -31.84 7.30 37.36
CA PRO B 301 -30.77 8.21 37.77
C PRO B 301 -30.80 9.55 37.06
N SER B 302 -31.60 9.71 36.02
CA SER B 302 -31.75 10.95 35.25
C SER B 302 -30.47 11.37 34.55
N GLU B 303 -29.45 10.50 34.51
CA GLU B 303 -28.20 10.80 33.84
C GLU B 303 -27.94 9.92 32.62
N PHE B 304 -28.74 8.88 32.42
CA PHE B 304 -28.53 7.97 31.30
C PHE B 304 -29.01 8.61 29.99
N PRO B 305 -28.18 8.64 28.96
CA PRO B 305 -28.65 9.07 27.64
C PRO B 305 -29.70 8.12 27.11
N THR B 306 -30.62 8.65 26.30
CA THR B 306 -31.70 7.85 25.76
C THR B 306 -31.17 6.81 24.78
N GLY B 307 -31.66 5.57 24.92
CA GLY B 307 -31.32 4.51 24.01
C GLY B 307 -30.31 3.50 24.52
N LEU B 308 -30.24 3.26 25.82
CA LEU B 308 -29.31 2.28 26.35
C LEU B 308 -29.78 0.85 26.04
N ILE B 309 -28.82 -0.04 25.85
CA ILE B 309 -29.08 -1.46 25.69
C ILE B 309 -28.42 -2.19 26.84
N SER B 310 -29.18 -3.04 27.52
CA SER B 310 -28.66 -3.74 28.69
C SER B 310 -29.27 -5.12 28.77
N VAL B 311 -28.58 -6.00 29.49
CA VAL B 311 -29.03 -7.36 29.75
C VAL B 311 -29.24 -7.51 31.26
N SER B 312 -30.33 -8.14 31.64
CA SER B 312 -30.67 -8.28 33.05
C SER B 312 -31.35 -9.62 33.28
N TYR B 313 -31.40 -10.01 34.55
CA TYR B 313 -32.04 -11.27 34.93
C TYR B 313 -33.55 -11.17 34.73
N ASP B 314 -34.17 -12.33 34.50
CA ASP B 314 -35.60 -12.41 34.22
C ASP B 314 -36.37 -12.20 35.53
N GLU B 315 -37.11 -11.09 35.62
CA GLU B 315 -37.85 -10.75 36.82
C GLU B 315 -39.33 -10.43 36.58
N TRP B 316 -39.71 -10.01 35.37
CA TRP B 316 -41.10 -9.61 35.13
C TRP B 316 -42.02 -10.83 35.12
N ASP B 317 -41.63 -11.89 34.43
CA ASP B 317 -42.43 -13.11 34.36
C ASP B 317 -41.95 -14.14 35.37
N TYR B 318 -40.96 -13.80 36.20
CA TYR B 318 -40.39 -14.69 37.20
C TYR B 318 -40.42 -13.92 38.52
N GLY B 319 -41.56 -13.99 39.20
CA GLY B 319 -41.85 -13.08 40.31
C GLY B 319 -41.06 -13.27 41.58
N LEU B 320 -41.35 -14.34 42.32
CA LEU B 320 -40.77 -14.56 43.65
C LEU B 320 -41.24 -15.87 44.26
N PRO B 321 -42.54 -16.20 44.24
CA PRO B 321 -42.94 -17.53 44.73
C PRO B 321 -42.27 -18.67 43.98
N ALA B 322 -42.04 -18.50 42.67
CA ALA B 322 -41.30 -19.50 41.92
C ALA B 322 -39.88 -19.65 42.44
N ARG B 323 -39.22 -18.56 42.80
CA ARG B 323 -37.85 -18.63 43.30
C ARG B 323 -37.77 -19.46 44.58
N VAL B 324 -38.60 -19.13 45.57
CA VAL B 324 -38.56 -19.84 46.84
C VAL B 324 -39.00 -21.29 46.66
N ARG B 325 -40.00 -21.52 45.79
CA ARG B 325 -40.43 -22.89 45.53
C ARG B 325 -39.31 -23.72 44.92
N ASP B 326 -38.61 -23.14 43.93
CA ASP B 326 -37.50 -23.84 43.29
C ASP B 326 -36.38 -24.13 44.29
N GLY B 327 -36.06 -23.14 45.12
CA GLY B 327 -35.01 -23.35 46.12
C GLY B 327 -35.37 -24.43 47.12
N ILE B 328 -36.60 -24.41 47.63
CA ILE B 328 -37.04 -25.44 48.57
C ILE B 328 -37.00 -26.80 47.90
N ALA B 329 -37.47 -26.89 46.66
CA ALA B 329 -37.48 -28.17 45.95
C ALA B 329 -36.06 -28.71 45.77
N ILE B 330 -35.12 -27.86 45.36
CA ILE B 330 -33.78 -28.35 45.07
C ILE B 330 -33.06 -28.77 46.35
N ILE B 331 -33.18 -27.96 47.41
CA ILE B 331 -32.52 -28.34 48.66
C ILE B 331 -33.16 -29.61 49.23
N THR B 332 -34.48 -29.74 49.11
CA THR B 332 -35.16 -30.92 49.62
C THR B 332 -34.74 -32.17 48.87
N THR B 333 -34.66 -32.08 47.53
CA THR B 333 -34.22 -33.24 46.75
C THR B 333 -32.76 -33.59 47.03
N ALA B 334 -31.89 -32.59 47.19
CA ALA B 334 -30.51 -32.88 47.53
C ALA B 334 -30.40 -33.58 48.88
N ALA B 335 -31.15 -33.10 49.87
CA ALA B 335 -31.13 -33.75 51.18
C ALA B 335 -31.68 -35.17 51.10
N SER B 336 -32.75 -35.37 50.33
CA SER B 336 -33.32 -36.71 50.17
C SER B 336 -32.33 -37.66 49.53
N ASP B 337 -31.64 -37.21 48.47
CA ASP B 337 -30.65 -38.05 47.81
C ASP B 337 -29.51 -38.38 48.75
N MET B 338 -29.02 -37.39 49.50
CA MET B 338 -27.93 -37.64 50.44
C MET B 338 -28.33 -38.64 51.51
N LEU B 339 -29.55 -38.51 52.03
CA LEU B 339 -30.03 -39.46 53.03
C LEU B 339 -30.19 -40.86 52.44
N SER B 340 -30.69 -40.96 51.21
CA SER B 340 -30.98 -42.27 50.63
C SER B 340 -29.71 -43.01 50.27
N GLU B 341 -28.73 -42.32 49.69
CA GLU B 341 -27.56 -43.01 49.15
C GLU B 341 -26.64 -43.56 50.23
N HIS B 342 -26.51 -42.88 51.36
CA HIS B 342 -25.55 -43.28 52.40
C HIS B 342 -26.19 -43.63 53.73
N SER B 343 -27.49 -43.40 53.90
CA SER B 343 -28.20 -43.67 55.16
C SER B 343 -27.67 -42.82 56.31
N PHE B 344 -26.98 -41.73 56.01
CA PHE B 344 -26.46 -40.82 57.02
C PHE B 344 -26.94 -39.40 56.71
N ILE B 345 -27.62 -38.79 57.67
CA ILE B 345 -28.13 -37.43 57.50
C ILE B 345 -27.44 -36.49 58.47
N PRO B 346 -26.86 -35.39 58.00
CA PRO B 346 -26.24 -34.41 58.91
C PRO B 346 -27.32 -33.56 59.58
N GLU B 347 -27.43 -33.69 60.90
CA GLU B 347 -28.35 -32.90 61.71
C GLU B 347 -27.60 -32.30 62.89
N PRO B 348 -26.69 -31.35 62.62
CA PRO B 348 -25.90 -30.78 63.71
C PRO B 348 -26.76 -29.93 64.62
N LYS B 349 -26.47 -30.01 65.92
CA LYS B 349 -27.11 -29.17 66.93
C LYS B 349 -26.24 -27.93 67.15
N SER B 350 -26.01 -27.22 66.05
CA SER B 350 -25.10 -26.08 66.04
C SER B 350 -25.67 -24.93 66.87
N SER B 351 -24.79 -24.25 67.60
CA SER B 351 -25.15 -23.06 68.36
C SER B 351 -24.26 -21.91 67.93
N CYS B 352 -24.70 -20.69 68.27
CA CYS B 352 -23.97 -19.50 67.86
C CYS B 352 -22.81 -19.21 68.80
N TYR B 353 -22.67 -19.98 69.87
CA TYR B 353 -21.54 -19.91 70.78
C TYR B 353 -20.81 -21.24 70.77
N ASN B 354 -19.50 -21.18 71.00
CA ASN B 354 -18.62 -22.35 70.93
C ASN B 354 -18.69 -23.00 69.55
N THR B 355 -18.32 -22.21 68.54
CA THR B 355 -18.32 -22.66 67.14
C THR B 355 -16.97 -23.22 66.71
N HIS B 356 -15.97 -23.27 67.59
CA HIS B 356 -14.65 -23.76 67.23
C HIS B 356 -14.64 -25.25 66.90
N GLU B 357 -15.66 -25.99 67.33
CA GLU B 357 -15.74 -27.43 67.12
C GLU B 357 -16.85 -27.79 66.13
N LYS B 358 -17.01 -26.98 65.09
CA LYS B 358 -18.07 -27.20 64.10
C LYS B 358 -17.72 -28.23 63.04
N ARG B 359 -16.50 -28.77 63.06
CA ARG B 359 -16.05 -29.72 62.06
C ARG B 359 -16.16 -31.18 62.51
N ILE B 360 -17.07 -31.49 63.43
CA ILE B 360 -17.22 -32.86 63.92
C ILE B 360 -17.72 -33.76 62.79
N TYR B 361 -18.75 -33.33 62.09
CA TYR B 361 -19.42 -34.14 61.07
C TYR B 361 -19.09 -33.57 59.69
N GLN B 362 -18.26 -34.29 58.93
CA GLN B 362 -17.93 -33.89 57.58
C GLN B 362 -19.16 -34.05 56.68
N SER B 363 -19.48 -33.00 55.92
CA SER B 363 -20.64 -32.98 55.05
C SER B 363 -20.26 -32.48 53.66
N ASN B 364 -19.05 -32.80 53.21
CA ASN B 364 -18.60 -32.41 51.88
C ASN B 364 -19.24 -33.26 50.79
N MET B 365 -19.69 -34.47 51.12
CA MET B 365 -20.47 -35.25 50.16
C MET B 365 -21.77 -34.54 49.83
N LEU B 366 -22.38 -33.90 50.83
CA LEU B 366 -23.56 -33.08 50.57
C LEU B 366 -23.22 -31.91 49.65
N ASN B 367 -22.02 -31.33 49.83
CA ASN B 367 -21.57 -30.28 48.92
C ASN B 367 -21.45 -30.79 47.50
N ARG B 368 -20.90 -31.98 47.32
CA ARG B 368 -20.81 -32.56 45.99
C ARG B 368 -22.18 -32.85 45.40
N TYR B 369 -23.13 -33.22 46.26
CA TYR B 369 -24.49 -33.52 45.80
C TYR B 369 -25.29 -32.26 45.48
N LEU B 370 -24.94 -31.13 46.08
CA LEU B 370 -25.69 -29.90 45.90
C LEU B 370 -25.46 -29.25 44.53
N ILE B 371 -24.52 -29.75 43.74
CA ILE B 371 -24.15 -29.06 42.50
C ILE B 371 -25.01 -29.43 41.30
N ASN B 372 -25.71 -30.57 41.33
CA ASN B 372 -26.46 -31.02 40.16
C ASN B 372 -27.77 -31.67 40.63
N VAL B 373 -28.85 -30.88 40.62
CA VAL B 373 -30.20 -31.39 40.86
C VAL B 373 -31.11 -30.78 39.82
N THR B 374 -32.28 -31.39 39.65
CA THR B 374 -33.25 -30.91 38.68
C THR B 374 -34.65 -31.26 39.16
N PHE B 375 -35.63 -30.46 38.73
CA PHE B 375 -37.02 -30.64 39.11
C PHE B 375 -37.88 -29.74 38.23
N GLU B 376 -39.14 -30.16 38.03
CA GLU B 376 -40.12 -29.41 37.25
C GLU B 376 -39.64 -29.12 35.83
N GLY B 377 -38.96 -30.11 35.24
CA GLY B 377 -38.58 -30.01 33.83
C GLY B 377 -37.44 -29.07 33.52
N ARG B 378 -36.74 -28.56 34.53
CA ARG B 378 -35.63 -27.63 34.32
C ARG B 378 -34.40 -28.13 35.05
N ASN B 379 -33.25 -28.03 34.38
CA ASN B 379 -31.98 -28.47 34.95
C ASN B 379 -31.37 -27.34 35.77
N LEU B 380 -31.44 -27.47 37.09
CA LEU B 380 -30.93 -26.44 38.01
C LEU B 380 -29.55 -26.81 38.55
N SER B 381 -28.72 -27.47 37.74
CA SER B 381 -27.37 -27.80 38.16
C SER B 381 -26.59 -26.52 38.43
N PHE B 382 -25.70 -26.58 39.42
CA PHE B 382 -24.92 -25.41 39.83
C PHE B 382 -23.46 -25.58 39.42
N SER B 383 -22.74 -24.47 39.46
CA SER B 383 -21.33 -24.43 39.09
C SER B 383 -20.46 -24.52 40.33
N GLU B 384 -19.15 -24.57 40.10
CA GLU B 384 -18.21 -24.56 41.22
C GLU B 384 -18.18 -23.20 41.90
N ASP B 385 -18.40 -22.13 41.15
CA ASP B 385 -18.42 -20.79 41.73
C ASP B 385 -19.81 -20.35 42.15
N GLY B 386 -20.85 -21.13 41.83
CA GLY B 386 -22.19 -20.80 42.28
C GLY B 386 -23.11 -20.19 41.25
N TYR B 387 -23.11 -20.73 40.03
CA TYR B 387 -24.01 -20.28 38.97
C TYR B 387 -24.70 -21.50 38.35
N GLN B 388 -25.81 -21.25 37.67
CA GLN B 388 -26.69 -22.33 37.22
C GLN B 388 -26.35 -22.81 35.81
N MET B 389 -25.75 -21.96 34.99
CA MET B 389 -25.44 -22.18 33.57
C MET B 389 -26.69 -22.30 32.70
N HIS B 390 -27.90 -22.27 33.28
CA HIS B 390 -29.14 -22.26 32.52
C HIS B 390 -30.09 -21.22 33.11
N PRO B 391 -29.75 -19.94 33.03
CA PRO B 391 -30.70 -18.90 33.48
C PRO B 391 -31.54 -18.39 32.32
N LYS B 392 -32.45 -17.45 32.61
CA LYS B 392 -33.26 -16.81 31.60
C LYS B 392 -32.86 -15.33 31.53
N LEU B 393 -32.47 -14.87 30.34
CA LEU B 393 -31.96 -13.53 30.15
C LEU B 393 -32.90 -12.74 29.24
N VAL B 394 -32.98 -11.43 29.48
CA VAL B 394 -33.77 -10.53 28.67
C VAL B 394 -32.93 -9.31 28.31
N ILE B 395 -33.22 -8.74 27.15
CA ILE B 395 -32.56 -7.54 26.65
C ILE B 395 -33.57 -6.40 26.64
N ILE B 396 -33.18 -5.27 27.23
CA ILE B 396 -34.10 -4.16 27.46
C ILE B 396 -33.51 -2.89 26.85
N LEU B 397 -34.36 -2.11 26.18
CA LEU B 397 -33.97 -0.84 25.60
C LEU B 397 -34.76 0.28 26.29
N LEU B 398 -34.08 1.41 26.52
CA LEU B 398 -34.65 2.54 27.23
C LEU B 398 -35.31 3.49 26.23
N ASN B 399 -36.57 3.83 26.48
CA ASN B 399 -37.38 4.61 25.55
C ASN B 399 -37.16 6.10 25.78
N LYS B 400 -37.98 6.93 25.12
CA LYS B 400 -37.85 8.38 25.28
C LYS B 400 -38.14 8.81 26.71
N GLU B 401 -39.23 8.30 27.29
CA GLU B 401 -39.50 8.49 28.71
C GLU B 401 -38.69 7.45 29.49
N ARG B 402 -38.26 7.82 30.69
CA ARG B 402 -37.38 6.97 31.47
C ARG B 402 -38.17 5.73 31.91
N LYS B 403 -37.97 4.64 31.20
CA LYS B 403 -38.66 3.37 31.47
C LYS B 403 -37.73 2.24 31.03
N TRP B 404 -38.28 1.04 30.91
CA TRP B 404 -37.51 -0.12 30.47
C TRP B 404 -38.43 -1.01 29.64
N GLU B 405 -38.17 -1.07 28.33
CA GLU B 405 -39.01 -1.82 27.40
C GLU B 405 -38.32 -3.11 26.99
N ARG B 406 -39.02 -4.23 27.19
CA ARG B 406 -38.49 -5.53 26.80
C ARG B 406 -38.35 -5.62 25.28
N VAL B 407 -37.24 -6.19 24.84
CA VAL B 407 -36.95 -6.29 23.41
C VAL B 407 -36.94 -7.75 22.97
N GLY B 408 -36.05 -8.55 23.57
CA GLY B 408 -35.89 -9.93 23.16
C GLY B 408 -35.53 -10.82 24.32
N LYS B 409 -35.83 -12.11 24.15
CA LYS B 409 -35.56 -13.13 25.15
C LYS B 409 -34.51 -14.10 24.61
N TRP B 410 -33.50 -14.38 25.42
CA TRP B 410 -32.40 -15.27 25.05
C TRP B 410 -32.48 -16.54 25.88
N LYS B 411 -32.50 -17.69 25.21
CA LYS B 411 -32.61 -18.97 25.90
C LYS B 411 -32.06 -20.08 25.01
N ASP B 412 -31.71 -21.19 25.66
CA ASP B 412 -31.21 -22.39 24.96
C ASP B 412 -29.98 -22.06 24.11
N LYS B 413 -29.12 -21.18 24.63
CA LYS B 413 -27.89 -20.78 23.94
C LYS B 413 -28.19 -20.26 22.54
N SER B 414 -29.32 -19.57 22.39
CA SER B 414 -29.72 -19.00 21.12
C SER B 414 -30.51 -17.73 21.39
N LEU B 415 -30.50 -16.82 20.43
CA LEU B 415 -31.01 -15.48 20.62
C LEU B 415 -32.20 -15.25 19.69
N GLN B 416 -33.13 -14.39 20.13
CA GLN B 416 -34.34 -14.12 19.36
C GLN B 416 -34.75 -12.68 19.59
N MET B 417 -34.98 -11.94 18.51
CA MET B 417 -35.39 -10.55 18.54
C MET B 417 -36.87 -10.39 18.21
N LYS B 418 -37.44 -9.28 18.67
CA LYS B 418 -38.77 -8.86 18.26
C LYS B 418 -38.71 -7.97 17.02
N TYR B 419 -37.90 -6.91 17.07
CA TYR B 419 -37.66 -6.07 15.90
C TYR B 419 -36.64 -6.76 15.00
N TYR B 420 -37.02 -6.98 13.75
CA TYR B 420 -36.07 -7.59 12.81
C TYR B 420 -34.92 -6.65 12.49
N VAL B 421 -35.20 -5.35 12.39
CA VAL B 421 -34.18 -4.36 12.06
C VAL B 421 -34.19 -3.27 13.13
N TRP B 422 -33.04 -2.65 13.32
CA TRP B 422 -32.92 -1.62 14.34
C TRP B 422 -33.76 -0.39 13.96
N PRO B 423 -34.52 0.16 14.91
CA PRO B 423 -35.25 1.40 14.63
C PRO B 423 -34.38 2.63 14.85
N ARG B 424 -34.17 3.41 13.79
CA ARG B 424 -33.30 4.57 13.86
C ARG B 424 -34.01 5.72 14.57
N MET B 425 -33.34 6.87 14.64
CA MET B 425 -33.88 8.05 15.29
C MET B 425 -33.67 9.30 14.44
N ASP B 434 -29.88 13.56 6.03
CA ASP B 434 -30.10 12.13 5.89
C ASP B 434 -28.80 11.40 5.58
N ASP B 435 -28.22 10.75 6.60
CA ASP B 435 -26.98 10.00 6.46
C ASP B 435 -27.22 8.50 6.58
N HIS B 436 -28.42 8.06 6.25
CA HIS B 436 -28.82 6.65 6.31
C HIS B 436 -29.39 6.21 4.97
N LEU B 437 -28.66 6.53 3.90
CA LEU B 437 -29.15 6.29 2.55
C LEU B 437 -29.36 4.81 2.30
N SER B 438 -30.42 4.48 1.55
CA SER B 438 -30.68 3.12 1.12
C SER B 438 -30.21 2.93 -0.32
N ILE B 439 -29.77 1.72 -0.64
CA ILE B 439 -29.24 1.38 -1.95
C ILE B 439 -29.96 0.14 -2.46
N VAL B 440 -30.26 0.13 -3.76
CA VAL B 440 -30.91 -1.00 -4.42
C VAL B 440 -29.96 -1.52 -5.50
N THR B 441 -29.84 -2.84 -5.58
CA THR B 441 -28.94 -3.45 -6.54
C THR B 441 -29.56 -4.75 -7.06
N LEU B 442 -29.06 -5.19 -8.21
CA LEU B 442 -29.52 -6.42 -8.85
C LEU B 442 -28.33 -7.31 -9.11
N GLU B 443 -28.51 -8.62 -8.93
CA GLU B 443 -27.42 -9.57 -9.08
C GLU B 443 -26.89 -9.56 -10.51
N GLU B 444 -25.56 -9.52 -10.63
CA GLU B 444 -24.89 -9.69 -11.91
C GLU B 444 -23.69 -10.59 -11.70
N ALA B 445 -23.30 -11.29 -12.77
CA ALA B 445 -22.32 -12.37 -12.60
C ALA B 445 -20.95 -11.87 -12.14
N PRO B 446 -20.31 -10.89 -12.80
CA PRO B 446 -18.96 -10.49 -12.37
C PRO B 446 -18.93 -9.30 -11.43
N PHE B 447 -20.06 -8.63 -11.17
CA PHE B 447 -20.05 -7.38 -10.44
C PHE B 447 -20.54 -7.50 -9.00
N VAL B 448 -21.54 -8.32 -8.73
CA VAL B 448 -22.03 -8.53 -7.37
C VAL B 448 -22.44 -10.00 -7.23
N ILE B 449 -21.87 -10.68 -6.24
CA ILE B 449 -22.05 -12.11 -6.07
C ILE B 449 -22.85 -12.37 -4.80
N VAL B 450 -23.90 -13.18 -4.91
CA VAL B 450 -24.72 -13.57 -3.77
C VAL B 450 -24.31 -14.99 -3.36
N GLU B 451 -24.14 -15.19 -2.06
CA GLU B 451 -23.70 -16.49 -1.55
C GLU B 451 -24.34 -16.72 -0.18
N SER B 452 -24.46 -18.00 0.16
CA SER B 452 -25.15 -18.38 1.39
C SER B 452 -24.36 -17.91 2.61
N VAL B 453 -25.11 -17.60 3.67
CA VAL B 453 -24.50 -17.17 4.93
C VAL B 453 -23.81 -18.35 5.60
N ASP B 454 -22.78 -18.05 6.39
CA ASP B 454 -22.10 -19.09 7.16
C ASP B 454 -22.97 -19.51 8.32
N PRO B 455 -23.35 -20.79 8.43
CA PRO B 455 -24.31 -21.19 9.47
C PRO B 455 -23.76 -21.10 10.88
N LEU B 456 -22.44 -21.25 11.08
CA LEU B 456 -21.90 -21.39 12.43
C LEU B 456 -22.09 -20.13 13.25
N SER B 457 -21.87 -18.95 12.66
CA SER B 457 -21.86 -17.70 13.40
C SER B 457 -22.97 -16.74 13.01
N GLY B 458 -23.88 -17.14 12.12
CA GLY B 458 -24.98 -16.25 11.77
C GLY B 458 -24.60 -15.08 10.90
N THR B 459 -23.39 -15.07 10.37
CA THR B 459 -22.91 -14.03 9.47
C THR B 459 -21.75 -14.60 8.68
N CYS B 460 -21.23 -13.82 7.74
CA CYS B 460 -20.33 -14.34 6.72
C CYS B 460 -18.96 -13.65 6.81
N MET B 461 -18.16 -13.88 5.77
CA MET B 461 -16.76 -13.47 5.69
C MET B 461 -16.61 -11.98 5.95
N ARG B 462 -15.38 -11.57 6.28
CA ARG B 462 -15.07 -10.15 6.27
C ARG B 462 -14.94 -9.66 4.83
N ASN B 463 -14.72 -8.36 4.69
CA ASN B 463 -14.62 -7.70 3.38
C ASN B 463 -15.91 -7.86 2.57
N THR B 464 -17.03 -8.10 3.24
CA THR B 464 -18.30 -8.32 2.58
C THR B 464 -19.39 -7.57 3.32
N VAL B 465 -20.26 -6.90 2.58
CA VAL B 465 -21.32 -6.07 3.13
C VAL B 465 -22.54 -6.95 3.38
N PRO B 466 -23.19 -6.86 4.54
CA PRO B 466 -24.46 -7.59 4.73
C PRO B 466 -25.49 -7.15 3.70
N CYS B 467 -26.08 -8.13 3.03
CA CYS B 467 -26.87 -7.91 1.82
C CYS B 467 -28.27 -8.47 2.06
N GLN B 468 -29.18 -7.63 2.52
CA GLN B 468 -30.53 -8.03 2.87
C GLN B 468 -31.39 -8.13 1.62
N LYS B 469 -32.32 -9.08 1.61
CA LYS B 469 -33.20 -9.29 0.47
C LYS B 469 -34.61 -9.62 0.93
N ARG B 470 -35.57 -9.34 0.07
CA ARG B 470 -36.98 -9.67 0.30
C ARG B 470 -37.33 -10.99 -0.36
N ILE B 471 -38.60 -11.39 -0.24
CA ILE B 471 -39.09 -12.57 -0.93
C ILE B 471 -40.61 -12.44 -1.06
N ILE B 472 -41.15 -12.96 -2.15
CA ILE B 472 -42.58 -13.04 -2.39
C ILE B 472 -42.89 -14.47 -2.78
N SER B 473 -43.44 -15.24 -1.85
CA SER B 473 -43.63 -16.68 -2.04
C SER B 473 -45.08 -17.12 -1.94
N GLU B 474 -45.91 -16.44 -1.15
CA GLU B 474 -47.29 -16.84 -0.99
C GLU B 474 -48.05 -16.76 -2.31
N ASN B 475 -48.81 -17.80 -2.61
CA ASN B 475 -49.59 -17.89 -3.84
C ASN B 475 -51.03 -17.44 -3.67
N LYS B 476 -51.62 -17.65 -2.48
CA LYS B 476 -53.00 -17.25 -2.25
C LYS B 476 -53.12 -15.73 -2.12
N THR B 477 -52.09 -15.07 -1.61
CA THR B 477 -52.11 -13.62 -1.42
C THR B 477 -50.67 -13.12 -1.48
N ASP B 478 -50.47 -11.87 -1.08
CA ASP B 478 -49.14 -11.30 -1.00
C ASP B 478 -48.40 -11.86 0.21
N GLU B 479 -47.10 -12.01 0.06
CA GLU B 479 -46.26 -12.63 1.08
C GLU B 479 -45.96 -11.62 2.19
N GLU B 480 -46.02 -12.09 3.43
CA GLU B 480 -45.56 -11.29 4.56
C GLU B 480 -44.06 -11.02 4.42
N PRO B 481 -43.56 -9.88 4.92
CA PRO B 481 -42.15 -9.54 4.69
C PRO B 481 -41.20 -10.66 5.06
N GLY B 482 -40.65 -11.32 4.05
CA GLY B 482 -39.74 -12.42 4.24
C GLY B 482 -38.29 -11.98 4.21
N TYR B 483 -37.90 -11.15 5.16
CA TYR B 483 -36.56 -10.57 5.18
C TYR B 483 -35.56 -11.67 5.52
N ILE B 484 -34.90 -12.19 4.50
CA ILE B 484 -33.82 -13.17 4.65
C ILE B 484 -32.52 -12.47 4.30
N LYS B 485 -31.55 -12.52 5.21
CA LYS B 485 -30.30 -11.79 5.04
C LYS B 485 -29.26 -12.65 4.34
N LYS B 486 -28.51 -12.01 3.45
CA LYS B 486 -27.36 -12.63 2.79
C LYS B 486 -26.22 -11.63 2.82
N CYS B 487 -25.12 -11.90 2.13
CA CYS B 487 -24.07 -10.90 2.00
C CYS B 487 -23.47 -10.94 0.59
N CYS B 488 -23.23 -9.75 0.04
CA CYS B 488 -22.86 -9.57 -1.35
C CYS B 488 -21.47 -8.98 -1.42
N LYS B 489 -20.62 -9.54 -2.29
CA LYS B 489 -19.26 -9.07 -2.48
C LYS B 489 -18.93 -9.05 -3.97
N GLY B 490 -18.01 -8.17 -4.35
CA GLY B 490 -17.62 -8.09 -5.74
C GLY B 490 -16.95 -6.77 -6.07
N PHE B 491 -17.22 -6.28 -7.27
CA PHE B 491 -16.55 -5.11 -7.83
C PHE B 491 -17.23 -3.82 -7.38
N CYS B 492 -18.52 -3.67 -7.73
CA CYS B 492 -19.26 -2.49 -7.36
C CYS B 492 -19.40 -2.36 -5.85
N ILE B 493 -19.51 -3.49 -5.14
CA ILE B 493 -19.59 -3.44 -3.68
C ILE B 493 -18.31 -2.87 -3.09
N ASP B 494 -17.15 -3.31 -3.60
CA ASP B 494 -15.88 -2.78 -3.12
C ASP B 494 -15.75 -1.29 -3.45
N ILE B 495 -16.16 -0.88 -4.64
CA ILE B 495 -16.11 0.54 -4.99
C ILE B 495 -17.00 1.35 -4.06
N LEU B 496 -18.20 0.84 -3.79
CA LEU B 496 -19.12 1.53 -2.88
C LEU B 496 -18.54 1.64 -1.48
N LYS B 497 -17.89 0.57 -1.00
CA LYS B 497 -17.27 0.62 0.33
C LYS B 497 -16.16 1.67 0.36
N LYS B 498 -15.34 1.73 -0.70
CA LYS B 498 -14.28 2.73 -0.73
C LYS B 498 -14.84 4.14 -0.76
N ILE B 499 -15.90 4.37 -1.53
CA ILE B 499 -16.52 5.69 -1.58
C ILE B 499 -17.10 6.05 -0.21
N SER B 500 -17.77 5.11 0.44
CA SER B 500 -18.34 5.36 1.76
C SER B 500 -17.25 5.66 2.78
N LYS B 501 -16.10 4.99 2.67
CA LYS B 501 -15.00 5.28 3.57
C LYS B 501 -14.36 6.63 3.27
N SER B 502 -14.37 7.06 2.01
CA SER B 502 -13.75 8.33 1.65
C SER B 502 -14.63 9.50 2.06
N VAL B 503 -15.83 9.58 1.51
CA VAL B 503 -16.81 10.61 1.86
C VAL B 503 -17.74 10.04 2.92
N LYS B 504 -17.98 10.79 3.99
CA LYS B 504 -18.61 10.25 5.18
C LYS B 504 -20.12 10.14 4.99
N PHE B 505 -20.62 8.91 4.92
CA PHE B 505 -22.04 8.61 4.95
C PHE B 505 -22.18 7.09 5.09
N THR B 506 -23.37 6.66 5.49
CA THR B 506 -23.64 5.24 5.70
C THR B 506 -24.70 4.77 4.73
N TYR B 507 -24.87 3.45 4.66
CA TYR B 507 -25.75 2.84 3.67
C TYR B 507 -26.31 1.52 4.20
N ASP B 508 -27.24 0.96 3.44
CA ASP B 508 -27.77 -0.37 3.69
C ASP B 508 -28.43 -0.90 2.43
N LEU B 509 -28.09 -2.14 2.06
CA LEU B 509 -28.54 -2.70 0.80
C LEU B 509 -29.86 -3.46 0.94
N TYR B 510 -30.63 -3.48 -0.14
CA TYR B 510 -31.73 -4.41 -0.28
C TYR B 510 -31.94 -4.66 -1.78
N LEU B 511 -32.13 -5.92 -2.13
CA LEU B 511 -32.19 -6.32 -3.53
C LEU B 511 -33.48 -5.83 -4.18
N VAL B 512 -33.56 -6.04 -5.50
CA VAL B 512 -34.75 -5.73 -6.28
C VAL B 512 -35.38 -7.05 -6.71
N THR B 513 -36.70 -7.05 -6.85
CA THR B 513 -37.45 -8.28 -7.05
C THR B 513 -38.23 -8.32 -8.36
N ASN B 514 -38.92 -7.24 -8.73
CA ASN B 514 -39.95 -7.31 -9.75
C ASN B 514 -39.40 -7.53 -11.15
N GLY B 515 -38.62 -6.58 -11.67
CA GLY B 515 -38.32 -6.60 -13.09
C GLY B 515 -36.88 -6.40 -13.51
N LYS B 516 -35.94 -6.87 -12.69
CA LYS B 516 -34.50 -6.81 -13.00
C LYS B 516 -34.14 -5.36 -13.32
N HIS B 517 -33.46 -5.08 -14.44
CA HIS B 517 -33.08 -3.71 -14.76
C HIS B 517 -34.31 -2.82 -14.94
N GLY B 518 -35.31 -3.30 -15.67
CA GLY B 518 -36.55 -2.58 -15.81
C GLY B 518 -36.77 -1.91 -17.15
N LYS B 519 -37.59 -2.53 -18.00
CA LYS B 519 -37.99 -1.91 -19.25
C LYS B 519 -39.08 -0.88 -19.02
N LYS B 520 -39.31 -0.05 -20.04
CA LYS B 520 -40.36 0.96 -20.00
C LYS B 520 -41.56 0.44 -20.77
N ILE B 521 -42.64 0.13 -20.04
CA ILE B 521 -43.84 -0.46 -20.61
C ILE B 521 -45.04 0.39 -20.25
N ASN B 522 -45.88 0.67 -21.24
CA ASN B 522 -47.12 1.46 -21.11
C ASN B 522 -46.94 2.65 -20.17
N GLY B 523 -45.84 3.37 -20.37
CA GLY B 523 -45.55 4.55 -19.57
C GLY B 523 -45.33 4.27 -18.10
N THR B 524 -44.59 3.22 -17.77
CA THR B 524 -44.32 2.88 -16.37
C THR B 524 -42.90 2.34 -16.26
N TRP B 525 -42.28 2.59 -15.12
CA TRP B 525 -40.94 2.10 -14.82
C TRP B 525 -41.02 1.04 -13.74
N ASN B 526 -40.38 -0.11 -13.97
CA ASN B 526 -40.39 -1.22 -13.04
C ASN B 526 -38.96 -1.64 -12.73
N GLY B 527 -38.83 -2.53 -11.75
CA GLY B 527 -37.54 -3.10 -11.39
C GLY B 527 -36.58 -2.11 -10.76
N MET B 528 -35.31 -2.21 -11.13
CA MET B 528 -34.28 -1.38 -10.53
C MET B 528 -34.54 0.11 -10.76
N ILE B 529 -34.80 0.49 -12.00
CA ILE B 529 -35.00 1.91 -12.31
C ILE B 529 -36.31 2.43 -11.74
N GLY B 530 -37.39 1.64 -11.83
CA GLY B 530 -38.65 2.07 -11.27
C GLY B 530 -38.58 2.27 -9.77
N GLU B 531 -37.79 1.44 -9.09
CA GLU B 531 -37.64 1.55 -7.64
C GLU B 531 -37.07 2.89 -7.25
N VAL B 532 -36.06 3.37 -7.98
CA VAL B 532 -35.45 4.65 -7.64
C VAL B 532 -36.29 5.81 -8.14
N VAL B 533 -36.98 5.64 -9.27
CA VAL B 533 -37.85 6.70 -9.77
C VAL B 533 -39.02 6.94 -8.82
N MET B 534 -39.51 5.89 -8.17
CA MET B 534 -40.65 6.01 -7.26
C MET B 534 -40.21 6.41 -5.85
N LYS B 535 -39.05 7.07 -5.75
CA LYS B 535 -38.45 7.47 -4.47
C LYS B 535 -38.15 6.24 -3.63
N ARG B 536 -38.03 6.42 -2.32
CA ARG B 536 -37.87 5.34 -1.33
C ARG B 536 -36.70 4.40 -1.65
N ALA B 537 -35.89 4.75 -2.65
CA ALA B 537 -34.69 3.98 -2.97
C ALA B 537 -33.47 4.89 -3.04
N TYR B 538 -33.67 6.11 -3.56
CA TYR B 538 -32.67 7.17 -3.60
C TYR B 538 -31.56 6.89 -4.62
N MET B 539 -30.66 5.96 -4.30
CA MET B 539 -29.47 5.73 -5.11
C MET B 539 -29.39 4.26 -5.49
N ALA B 540 -29.14 3.99 -6.78
CA ALA B 540 -29.02 2.64 -7.30
C ALA B 540 -27.62 2.43 -7.86
N VAL B 541 -26.99 1.31 -7.50
CA VAL B 541 -25.68 0.93 -8.02
C VAL B 541 -25.77 -0.51 -8.49
N GLY B 542 -24.97 -0.85 -9.48
CA GLY B 542 -24.94 -2.18 -10.02
C GLY B 542 -24.55 -2.16 -11.49
N SER B 543 -25.19 -3.04 -12.26
CA SER B 543 -24.87 -3.21 -13.68
C SER B 543 -25.87 -2.42 -14.50
N LEU B 544 -25.69 -1.10 -14.53
CA LEU B 544 -26.53 -0.21 -15.31
C LEU B 544 -25.81 0.20 -16.60
N THR B 545 -26.48 1.02 -17.39
CA THR B 545 -25.91 1.52 -18.63
C THR B 545 -26.59 2.83 -18.98
N ILE B 546 -25.96 3.60 -19.86
CA ILE B 546 -26.39 4.95 -20.19
C ILE B 546 -27.05 4.93 -21.56
N ASN B 547 -28.30 5.40 -21.62
CA ASN B 547 -29.00 5.62 -22.87
C ASN B 547 -29.90 6.84 -22.69
N GLU B 548 -30.54 7.26 -23.79
CA GLU B 548 -31.18 8.57 -23.82
C GLU B 548 -32.32 8.68 -22.80
N GLU B 549 -33.23 7.70 -22.79
CA GLU B 549 -34.43 7.83 -21.97
C GLU B 549 -34.14 7.65 -20.49
N ARG B 550 -33.31 6.67 -20.13
CA ARG B 550 -32.96 6.47 -18.73
C ARG B 550 -32.19 7.67 -18.18
N SER B 551 -31.30 8.24 -19.00
CA SER B 551 -30.61 9.46 -18.59
C SER B 551 -31.58 10.62 -18.44
N GLU B 552 -32.59 10.68 -19.32
CA GLU B 552 -33.60 11.73 -19.21
C GLU B 552 -34.40 11.61 -17.92
N VAL B 553 -34.77 10.39 -17.54
CA VAL B 553 -35.60 10.21 -16.35
C VAL B 553 -34.81 10.54 -15.08
N VAL B 554 -33.59 10.03 -14.97
CA VAL B 554 -32.74 10.25 -13.80
C VAL B 554 -31.32 10.53 -14.27
N ASP B 555 -30.64 11.43 -13.56
CA ASP B 555 -29.27 11.77 -13.91
C ASP B 555 -28.32 10.61 -13.59
N PHE B 556 -27.16 10.64 -14.22
CA PHE B 556 -26.14 9.62 -14.06
C PHE B 556 -24.85 10.24 -13.52
N SER B 557 -23.82 9.42 -13.39
CA SER B 557 -22.53 9.82 -12.87
C SER B 557 -21.45 9.56 -13.92
N VAL B 558 -20.21 9.86 -13.56
CA VAL B 558 -19.08 9.65 -14.47
C VAL B 558 -18.85 8.15 -14.65
N PRO B 559 -18.79 7.65 -15.89
CA PRO B 559 -18.53 6.22 -16.09
C PRO B 559 -17.13 5.84 -15.64
N PHE B 560 -17.01 4.60 -15.16
CA PHE B 560 -15.75 4.08 -14.64
C PHE B 560 -15.30 2.81 -15.33
N ILE B 561 -15.93 2.48 -16.47
CA ILE B 561 -15.53 1.33 -17.29
C ILE B 561 -16.17 1.48 -18.66
N GLU B 562 -15.53 0.92 -19.69
CA GLU B 562 -16.02 1.00 -21.05
C GLU B 562 -16.76 -0.28 -21.40
N THR B 563 -17.95 -0.14 -21.96
CA THR B 563 -18.78 -1.28 -22.36
C THR B 563 -19.40 -1.01 -23.72
N GLY B 564 -20.21 -1.95 -24.18
CA GLY B 564 -20.86 -1.80 -25.48
C GLY B 564 -21.47 -3.12 -25.91
N ILE B 565 -21.83 -3.17 -27.19
CA ILE B 565 -22.42 -4.35 -27.81
C ILE B 565 -21.34 -5.12 -28.54
N SER B 566 -21.30 -6.43 -28.35
CA SER B 566 -20.28 -7.28 -28.96
C SER B 566 -20.92 -8.58 -29.43
N VAL B 567 -20.20 -9.29 -30.29
CA VAL B 567 -20.67 -10.53 -30.88
C VAL B 567 -19.77 -11.66 -30.39
N MET B 568 -20.37 -12.73 -29.90
CA MET B 568 -19.65 -13.85 -29.30
C MET B 568 -19.85 -15.08 -30.18
N VAL B 569 -18.74 -15.69 -30.60
CA VAL B 569 -18.77 -16.87 -31.46
C VAL B 569 -17.83 -17.92 -30.88
N SER B 570 -17.86 -19.10 -31.49
CA SER B 570 -17.00 -20.21 -31.10
C SER B 570 -15.93 -20.41 -32.18
N ARG B 571 -14.67 -20.52 -31.74
CA ARG B 571 -13.58 -20.67 -32.68
C ARG B 571 -13.62 -22.04 -33.34
N SER B 572 -13.45 -22.05 -34.66
CA SER B 572 -13.42 -23.28 -35.43
C SER B 572 -11.99 -23.76 -35.61
N ASN B 573 -11.79 -25.07 -35.54
CA ASN B 573 -10.45 -25.66 -35.66
C ASN B 573 -9.99 -25.64 -37.12
N GLY B 574 -9.75 -24.43 -37.62
CA GLY B 574 -9.28 -24.25 -38.97
C GLY B 574 -8.79 -22.83 -39.18
N THR B 575 -8.00 -22.66 -40.23
CA THR B 575 -7.42 -21.36 -40.58
C THR B 575 -7.82 -21.01 -42.02
N VAL B 576 -7.42 -19.83 -42.45
CA VAL B 576 -7.78 -19.31 -43.76
C VAL B 576 -6.49 -19.17 -44.57
N SER B 577 -6.21 -20.14 -45.42
CA SER B 577 -5.11 -20.07 -46.39
C SER B 577 -5.58 -20.55 -47.75
N PRO B 578 -6.43 -19.77 -48.45
CA PRO B 578 -6.87 -20.19 -49.78
C PRO B 578 -5.74 -20.41 -50.76
N SER B 579 -4.72 -19.56 -50.75
CA SER B 579 -3.70 -19.53 -51.80
C SER B 579 -2.30 -19.69 -51.22
N ALA B 580 -2.12 -20.65 -50.30
CA ALA B 580 -0.82 -20.88 -49.69
C ALA B 580 0.21 -21.36 -50.70
N PHE B 581 -0.21 -21.96 -51.80
CA PHE B 581 0.72 -22.50 -52.79
C PHE B 581 1.39 -21.42 -53.63
N LEU B 582 0.78 -20.25 -53.78
CA LEU B 582 1.44 -19.10 -54.40
C LEU B 582 1.66 -17.93 -53.46
N GLU B 583 1.17 -18.00 -52.23
CA GLU B 583 1.35 -16.89 -51.29
C GLU B 583 2.81 -16.50 -51.08
N PRO B 584 3.75 -17.42 -50.82
CA PRO B 584 5.14 -17.00 -50.57
C PRO B 584 5.85 -16.70 -51.88
N PHE B 585 7.16 -16.41 -51.76
CA PHE B 585 8.06 -16.24 -52.89
C PHE B 585 7.70 -14.99 -53.69
N SER B 586 8.49 -14.66 -54.71
CA SER B 586 8.29 -13.44 -55.49
C SER B 586 7.37 -13.72 -56.68
N ALA B 587 6.37 -12.86 -56.85
CA ALA B 587 5.36 -13.08 -57.90
C ALA B 587 5.92 -12.81 -59.29
N ASP B 588 6.83 -11.85 -59.42
CA ASP B 588 7.22 -11.37 -60.75
C ASP B 588 8.33 -12.18 -61.40
N VAL B 589 9.26 -12.72 -60.61
CA VAL B 589 10.48 -13.32 -61.14
C VAL B 589 10.22 -14.54 -62.04
N TRP B 590 8.99 -15.06 -62.07
CA TRP B 590 8.70 -16.15 -62.99
C TRP B 590 8.92 -15.73 -64.45
N VAL B 591 8.70 -14.45 -64.76
CA VAL B 591 9.04 -13.98 -66.09
C VAL B 591 10.56 -14.01 -66.30
N MET B 592 11.33 -13.75 -65.24
CA MET B 592 12.78 -13.93 -65.34
C MET B 592 13.13 -15.40 -65.58
N MET B 593 12.39 -16.31 -64.93
CA MET B 593 12.56 -17.73 -65.22
C MET B 593 12.34 -18.01 -66.70
N PHE B 594 11.23 -17.52 -67.25
CA PHE B 594 10.89 -17.81 -68.64
C PHE B 594 11.94 -17.24 -69.58
N VAL B 595 12.39 -16.01 -69.35
CA VAL B 595 13.41 -15.43 -70.23
C VAL B 595 14.74 -16.17 -70.05
N MET B 596 14.99 -16.71 -68.85
CA MET B 596 16.18 -17.54 -68.68
C MET B 596 16.11 -18.80 -69.51
N LEU B 597 14.96 -19.48 -69.52
CA LEU B 597 14.80 -20.63 -70.40
C LEU B 597 14.99 -20.24 -71.86
N LEU B 598 14.41 -19.12 -72.28
CA LEU B 598 14.55 -18.70 -73.67
C LEU B 598 16.01 -18.46 -74.04
N ILE B 599 16.74 -17.71 -73.21
CA ILE B 599 18.12 -17.37 -73.54
C ILE B 599 19.02 -18.60 -73.48
N VAL B 600 18.76 -19.51 -72.52
CA VAL B 600 19.58 -20.72 -72.45
C VAL B 600 19.29 -21.62 -73.64
N SER B 601 18.04 -21.68 -74.11
CA SER B 601 17.73 -22.43 -75.32
C SER B 601 18.44 -21.84 -76.53
N ALA B 602 18.45 -20.51 -76.64
CA ALA B 602 19.16 -19.87 -77.76
C ALA B 602 20.65 -20.17 -77.70
N VAL B 603 21.24 -20.13 -76.50
CA VAL B 603 22.65 -20.47 -76.34
C VAL B 603 22.89 -21.92 -76.73
N ALA B 604 21.97 -22.82 -76.36
CA ALA B 604 22.12 -24.22 -76.73
C ALA B 604 22.05 -24.41 -78.24
N VAL B 605 21.16 -23.68 -78.92
CA VAL B 605 21.11 -23.74 -80.37
C VAL B 605 22.42 -23.25 -80.97
N PHE B 606 22.97 -22.16 -80.44
CA PHE B 606 24.25 -21.67 -80.91
C PHE B 606 25.35 -22.71 -80.68
N VAL B 607 25.29 -23.42 -79.56
CA VAL B 607 26.24 -24.50 -79.30
C VAL B 607 26.11 -25.59 -80.35
N PHE B 608 24.89 -26.02 -80.62
CA PHE B 608 24.65 -27.06 -81.61
C PHE B 608 25.03 -26.63 -83.01
N GLU B 609 25.10 -25.31 -83.27
CA GLU B 609 25.57 -24.84 -84.56
C GLU B 609 27.00 -25.27 -84.83
N TYR B 610 27.86 -25.20 -83.81
CA TYR B 610 29.25 -25.61 -83.95
C TYR B 610 29.45 -27.07 -83.56
N SER B 630 19.73 -35.81 -82.59
CA SER B 630 18.45 -35.25 -83.02
C SER B 630 17.97 -34.15 -82.08
N PHE B 631 18.92 -33.40 -81.52
CA PHE B 631 18.58 -32.31 -80.62
C PHE B 631 17.91 -31.18 -81.39
N THR B 632 16.80 -30.69 -80.84
CA THR B 632 16.05 -29.61 -81.45
C THR B 632 15.49 -28.71 -80.36
N ILE B 633 14.86 -27.61 -80.77
CA ILE B 633 14.28 -26.68 -79.81
C ILE B 633 13.06 -27.28 -79.13
N GLY B 634 12.45 -28.30 -79.75
CA GLY B 634 11.30 -28.93 -79.12
C GLY B 634 11.66 -29.67 -77.85
N LYS B 635 12.77 -30.42 -77.89
CA LYS B 635 13.18 -31.20 -76.73
C LYS B 635 14.05 -30.42 -75.77
N ALA B 636 14.75 -29.38 -76.25
CA ALA B 636 15.57 -28.57 -75.34
C ALA B 636 14.71 -27.86 -74.30
N ILE B 637 13.59 -27.26 -74.74
CA ILE B 637 12.69 -26.61 -73.80
C ILE B 637 12.07 -27.64 -72.86
N TRP B 638 11.79 -28.84 -73.37
CA TRP B 638 11.24 -29.90 -72.53
C TRP B 638 12.20 -30.26 -71.41
N LEU B 639 13.48 -30.42 -71.75
CA LEU B 639 14.49 -30.75 -70.75
C LEU B 639 14.67 -29.61 -69.75
N LEU B 640 14.73 -28.37 -70.24
CA LEU B 640 14.91 -27.23 -69.35
C LEU B 640 13.75 -27.10 -68.37
N TRP B 641 12.52 -27.33 -68.85
CA TRP B 641 11.36 -27.31 -67.96
C TRP B 641 11.41 -28.48 -66.98
N GLY B 642 11.80 -29.66 -67.45
CA GLY B 642 11.76 -30.85 -66.61
C GLY B 642 12.73 -30.80 -65.46
N LEU B 643 13.96 -30.33 -65.71
CA LEU B 643 14.95 -30.28 -64.63
C LEU B 643 14.53 -29.36 -63.49
N VAL B 644 13.55 -28.48 -63.72
CA VAL B 644 13.08 -27.60 -62.66
C VAL B 644 12.38 -28.42 -61.57
N PHE B 645 11.45 -29.28 -61.97
CA PHE B 645 10.68 -30.10 -61.03
C PHE B 645 11.23 -31.51 -60.91
N ASN B 646 12.48 -31.62 -60.46
CA ASN B 646 13.16 -32.86 -60.10
C ASN B 646 13.31 -33.82 -61.28
N ASN B 647 13.40 -33.32 -62.52
CA ASN B 647 13.67 -34.13 -63.72
C ASN B 647 12.80 -35.38 -63.79
N SER B 648 11.57 -35.28 -63.30
CA SER B 648 10.68 -36.43 -63.24
C SER B 648 10.39 -37.00 -64.62
N VAL B 649 10.09 -36.14 -65.58
CA VAL B 649 9.68 -36.57 -66.92
C VAL B 649 10.89 -37.10 -67.68
N PRO B 650 10.77 -38.24 -68.36
CA PRO B 650 11.85 -38.68 -69.24
C PRO B 650 12.05 -37.71 -70.40
N VAL B 651 13.30 -37.65 -70.87
CA VAL B 651 13.72 -36.64 -71.85
C VAL B 651 14.82 -37.23 -72.71
N GLN B 652 15.12 -36.57 -73.83
CA GLN B 652 16.17 -36.96 -74.75
C GLN B 652 17.46 -36.23 -74.39
N ASN B 653 18.57 -36.97 -74.40
CA ASN B 653 19.84 -36.43 -73.96
C ASN B 653 20.45 -35.51 -75.02
N PRO B 654 21.24 -34.51 -74.60
CA PRO B 654 22.02 -33.73 -75.58
C PRO B 654 23.35 -34.38 -75.91
N LYS B 655 23.55 -34.72 -77.19
CA LYS B 655 24.77 -35.42 -77.58
C LYS B 655 26.00 -34.53 -77.47
N GLY B 656 25.83 -33.21 -77.57
CA GLY B 656 26.98 -32.33 -77.52
C GLY B 656 27.71 -32.40 -76.19
N THR B 657 29.03 -32.30 -76.24
CA THR B 657 29.84 -32.38 -75.03
C THR B 657 29.64 -31.15 -74.15
N THR B 658 29.72 -29.96 -74.74
CA THR B 658 29.59 -28.72 -73.96
C THR B 658 28.16 -28.48 -73.49
N SER B 659 27.17 -29.12 -74.10
CA SER B 659 25.79 -28.96 -73.65
C SER B 659 25.62 -29.50 -72.23
N LYS B 660 26.38 -30.54 -71.87
CA LYS B 660 26.32 -31.05 -70.50
C LYS B 660 26.79 -30.00 -69.51
N ILE B 661 27.88 -29.28 -69.83
CA ILE B 661 28.32 -28.19 -68.97
C ILE B 661 27.29 -27.07 -68.95
N MET B 662 26.66 -26.83 -70.10
CA MET B 662 25.63 -25.79 -70.16
C MET B 662 24.45 -26.10 -69.24
N VAL B 663 24.09 -27.37 -69.12
CA VAL B 663 22.92 -27.74 -68.33
C VAL B 663 23.25 -28.09 -66.88
N SER B 664 24.51 -28.37 -66.55
CA SER B 664 24.86 -28.69 -65.17
C SER B 664 24.60 -27.49 -64.25
N VAL B 665 24.98 -26.29 -64.69
CA VAL B 665 24.72 -25.10 -63.89
C VAL B 665 23.22 -24.86 -63.77
N TRP B 666 22.46 -25.17 -64.82
CA TRP B 666 21.00 -25.04 -64.74
C TRP B 666 20.43 -26.01 -63.71
N ALA B 667 20.93 -27.23 -63.66
CA ALA B 667 20.46 -28.20 -62.66
C ALA B 667 20.82 -27.73 -61.25
N PHE B 668 22.01 -27.19 -61.08
CA PHE B 668 22.40 -26.61 -59.79
C PHE B 668 21.45 -25.50 -59.37
N PHE B 669 21.18 -24.57 -60.30
CA PHE B 669 20.17 -23.54 -60.06
C PHE B 669 18.83 -24.14 -59.67
N ALA B 670 18.40 -25.18 -60.37
CA ALA B 670 17.09 -25.76 -60.12
C ALA B 670 17.00 -26.36 -58.72
N VAL B 671 18.02 -27.10 -58.31
CA VAL B 671 17.97 -27.73 -56.98
C VAL B 671 18.01 -26.66 -55.89
N ILE B 672 18.84 -25.63 -56.07
CA ILE B 672 18.87 -24.55 -55.07
C ILE B 672 17.50 -23.86 -55.00
N PHE B 673 16.97 -23.58 -56.13
CA PHE B 673 15.74 -22.90 -56.12
C PHE B 673 14.69 -23.73 -55.48
N LEU B 674 14.67 -24.99 -55.80
CA LEU B 674 13.62 -25.82 -55.31
C LEU B 674 13.58 -25.97 -53.84
N ALA B 675 14.74 -26.14 -53.28
CA ALA B 675 14.81 -26.32 -51.87
C ALA B 675 14.35 -25.12 -51.16
N SER B 676 14.69 -23.94 -51.65
CA SER B 676 14.27 -22.74 -51.02
C SER B 676 12.81 -22.66 -51.04
N TYR B 677 12.17 -22.98 -52.15
CA TYR B 677 10.75 -22.90 -52.12
C TYR B 677 10.16 -23.76 -51.10
N THR B 678 10.58 -25.00 -50.95
CA THR B 678 9.97 -25.78 -49.88
C THR B 678 10.18 -25.25 -48.51
N ALA B 679 11.39 -24.82 -48.29
CA ALA B 679 11.70 -24.33 -46.99
C ALA B 679 10.95 -23.17 -46.68
N ASN B 680 10.88 -22.23 -47.57
CA ASN B 680 10.17 -21.04 -47.19
C ASN B 680 8.76 -21.34 -46.89
N LEU B 681 8.20 -22.25 -47.67
CA LEU B 681 6.83 -22.58 -47.52
C LEU B 681 6.52 -23.14 -46.21
N ALA B 682 7.38 -23.94 -45.64
CA ALA B 682 7.11 -24.45 -44.34
C ALA B 682 6.98 -23.34 -43.35
N ALA B 683 7.82 -22.35 -43.38
CA ALA B 683 7.71 -21.26 -42.46
C ALA B 683 6.44 -20.53 -42.60
N PHE B 684 6.06 -20.30 -43.83
CA PHE B 684 4.85 -19.61 -44.03
C PHE B 684 3.69 -20.35 -43.46
N MET B 685 3.60 -21.63 -43.71
CA MET B 685 2.51 -22.33 -43.14
C MET B 685 2.61 -22.33 -41.63
N ILE B 686 3.77 -22.52 -41.07
CA ILE B 686 3.81 -22.53 -39.62
C ILE B 686 3.40 -21.25 -38.97
N GLN B 687 3.65 -20.08 -39.55
CA GLN B 687 3.13 -18.89 -38.88
C GLN B 687 1.72 -18.61 -39.33
N GLU B 688 0.71 -19.41 -38.95
CA GLU B 688 -0.58 -19.09 -39.56
C GLU B 688 -1.29 -18.02 -38.73
N GLU B 689 -2.56 -17.78 -39.05
CA GLU B 689 -3.37 -16.80 -38.34
C GLU B 689 -4.82 -17.21 -38.42
N TYR B 690 -5.59 -16.88 -37.39
CA TYR B 690 -7.00 -17.23 -37.30
C TYR B 690 -7.84 -15.96 -37.37
N VAL B 691 -8.77 -15.92 -38.33
CA VAL B 691 -9.64 -14.77 -38.54
C VAL B 691 -11.08 -15.24 -38.38
N ASP B 692 -11.86 -14.49 -37.60
CA ASP B 692 -13.28 -14.79 -37.44
C ASP B 692 -14.00 -14.61 -38.77
N GLN B 693 -15.05 -15.42 -38.97
CA GLN B 693 -15.78 -15.38 -40.24
C GLN B 693 -16.80 -14.26 -40.25
N VAL B 694 -16.38 -13.06 -39.85
CA VAL B 694 -17.21 -11.87 -39.91
C VAL B 694 -16.31 -10.65 -39.71
N SER B 695 -16.71 -9.51 -40.27
CA SER B 695 -15.95 -8.28 -40.15
C SER B 695 -16.56 -7.31 -39.13
N GLY B 696 -17.88 -7.19 -39.13
CA GLY B 696 -18.57 -6.30 -38.20
C GLY B 696 -19.94 -6.81 -37.88
N LEU B 697 -20.91 -5.89 -37.79
CA LEU B 697 -22.30 -6.26 -37.52
C LEU B 697 -23.24 -5.90 -38.65
N SER B 698 -22.87 -4.97 -39.53
CA SER B 698 -23.72 -4.53 -40.62
C SER B 698 -23.47 -5.28 -41.93
N ASP B 699 -22.70 -6.37 -41.87
CA ASP B 699 -22.40 -7.13 -43.08
C ASP B 699 -23.64 -7.86 -43.58
N LYS B 700 -23.55 -8.36 -44.81
CA LYS B 700 -24.68 -9.05 -45.44
C LYS B 700 -25.06 -10.32 -44.70
N LYS B 701 -24.15 -10.92 -43.94
CA LYS B 701 -24.44 -12.17 -43.25
C LYS B 701 -25.59 -12.01 -42.25
N PHE B 702 -25.58 -10.92 -41.49
CA PHE B 702 -26.63 -10.70 -40.50
C PHE B 702 -27.89 -10.10 -41.09
N GLN B 703 -27.84 -9.64 -42.34
CA GLN B 703 -29.01 -9.00 -42.95
C GLN B 703 -30.06 -10.04 -43.33
N ARG B 704 -29.71 -10.97 -44.21
CA ARG B 704 -30.65 -11.98 -44.72
C ARG B 704 -30.03 -13.36 -44.52
N PRO B 705 -30.21 -13.95 -43.34
CA PRO B 705 -29.64 -15.29 -43.09
C PRO B 705 -30.21 -16.36 -43.99
N ASN B 706 -31.45 -16.20 -44.47
CA ASN B 706 -32.14 -17.29 -45.16
C ASN B 706 -31.47 -17.64 -46.49
N ASP B 707 -31.08 -16.63 -47.27
CA ASP B 707 -30.60 -16.89 -48.62
C ASP B 707 -29.12 -17.23 -48.65
N PHE B 708 -28.71 -18.16 -47.80
CA PHE B 708 -27.34 -18.68 -47.65
C PHE B 708 -27.44 -20.19 -47.49
N SER B 709 -26.34 -20.79 -47.02
CA SER B 709 -26.24 -22.21 -46.68
C SER B 709 -27.26 -22.56 -45.59
N PRO B 710 -27.36 -23.82 -45.18
CA PRO B 710 -28.28 -24.19 -44.07
C PRO B 710 -28.25 -23.17 -42.96
N PRO B 711 -29.40 -22.88 -42.36
CA PRO B 711 -29.53 -21.68 -41.53
C PRO B 711 -28.65 -21.71 -40.30
N PHE B 712 -28.25 -20.52 -39.86
CA PHE B 712 -27.52 -20.33 -38.62
C PHE B 712 -28.36 -19.46 -37.69
N ARG B 713 -28.34 -19.80 -36.40
CA ARG B 713 -29.21 -19.17 -35.42
C ARG B 713 -28.40 -18.29 -34.48
N PHE B 714 -28.92 -17.10 -34.20
CA PHE B 714 -28.35 -16.20 -33.21
C PHE B 714 -29.48 -15.48 -32.50
N GLY B 715 -29.31 -15.29 -31.19
CA GLY B 715 -30.32 -14.62 -30.41
C GLY B 715 -29.72 -14.02 -29.17
N THR B 716 -30.44 -13.06 -28.61
CA THR B 716 -30.04 -12.38 -27.40
C THR B 716 -31.04 -12.71 -26.29
N VAL B 717 -30.86 -12.07 -25.14
CA VAL B 717 -31.83 -12.12 -24.04
C VAL B 717 -32.65 -10.83 -24.08
N PRO B 718 -33.96 -10.90 -23.97
CA PRO B 718 -34.77 -9.67 -23.95
C PRO B 718 -34.69 -8.96 -22.61
N ASN B 719 -35.48 -7.91 -22.46
CA ASN B 719 -35.72 -7.14 -21.23
C ASN B 719 -34.52 -6.24 -20.93
N GLY B 720 -33.45 -6.30 -21.73
CA GLY B 720 -32.32 -5.42 -21.58
C GLY B 720 -32.38 -4.21 -22.51
N SER B 721 -31.39 -3.33 -22.36
CA SER B 721 -31.26 -2.17 -23.23
C SER B 721 -30.77 -2.56 -24.63
N THR B 722 -30.20 -3.76 -24.77
CA THR B 722 -29.74 -4.20 -26.08
C THR B 722 -30.91 -4.36 -27.05
N GLU B 723 -32.09 -4.74 -26.55
CA GLU B 723 -33.27 -4.78 -27.40
C GLU B 723 -33.63 -3.39 -27.91
N ARG B 724 -33.59 -2.39 -27.02
CA ARG B 724 -33.83 -1.02 -27.42
C ARG B 724 -32.84 -0.60 -28.50
N ASN B 725 -31.55 -0.90 -28.30
CA ASN B 725 -30.53 -0.52 -29.28
C ASN B 725 -30.75 -1.21 -30.62
N ILE B 726 -31.11 -2.49 -30.60
CA ILE B 726 -31.26 -3.24 -31.85
C ILE B 726 -32.47 -2.75 -32.63
N ARG B 727 -33.59 -2.54 -31.94
CA ARG B 727 -34.83 -2.20 -32.65
C ARG B 727 -34.73 -0.88 -33.40
N ASN B 728 -34.13 0.14 -32.77
CA ASN B 728 -34.13 1.48 -33.35
C ASN B 728 -33.11 1.64 -34.47
N ASN B 729 -32.25 0.66 -34.71
CA ASN B 729 -31.23 0.77 -35.75
C ASN B 729 -31.49 -0.16 -36.94
N TYR B 730 -31.72 -1.44 -36.68
CA TYR B 730 -31.94 -2.43 -37.74
C TYR B 730 -33.30 -3.07 -37.51
N ALA B 731 -34.35 -2.46 -38.07
CA ALA B 731 -35.70 -2.98 -37.91
C ALA B 731 -35.96 -4.20 -38.78
N GLU B 732 -35.22 -4.38 -39.87
CA GLU B 732 -35.50 -5.47 -40.80
C GLU B 732 -35.30 -6.82 -40.13
N MET B 733 -34.24 -6.99 -39.36
CA MET B 733 -33.91 -8.29 -38.79
C MET B 733 -34.57 -8.55 -37.44
N HIS B 734 -35.23 -7.54 -36.85
CA HIS B 734 -35.74 -7.68 -35.48
C HIS B 734 -36.75 -8.81 -35.34
N ALA B 735 -37.42 -9.20 -36.43
CA ALA B 735 -38.37 -10.30 -36.38
C ALA B 735 -37.68 -11.67 -36.35
N TYR B 736 -36.40 -11.74 -36.72
CA TYR B 736 -35.75 -13.04 -36.87
C TYR B 736 -35.29 -13.62 -35.54
N MET B 737 -34.85 -12.77 -34.60
CA MET B 737 -34.43 -13.28 -33.30
C MET B 737 -35.61 -13.49 -32.35
N GLY B 738 -36.83 -13.24 -32.78
CA GLY B 738 -37.99 -13.43 -31.92
C GLY B 738 -38.29 -14.88 -31.59
N LYS B 739 -37.59 -15.83 -32.22
CA LYS B 739 -37.86 -17.25 -32.03
C LYS B 739 -36.77 -17.97 -31.26
N PHE B 740 -35.69 -17.30 -30.88
CA PHE B 740 -34.53 -17.97 -30.27
C PHE B 740 -34.05 -17.19 -29.05
N ASN B 741 -34.99 -16.81 -28.17
CA ASN B 741 -34.61 -16.16 -26.93
C ASN B 741 -34.02 -17.17 -25.96
N GLN B 742 -33.21 -16.67 -25.03
CA GLN B 742 -32.48 -17.50 -24.09
C GLN B 742 -32.89 -17.16 -22.66
N ARG B 743 -32.73 -18.13 -21.77
CA ARG B 743 -33.08 -17.94 -20.36
C ARG B 743 -32.16 -16.92 -19.70
N GLY B 744 -30.86 -17.10 -19.84
CA GLY B 744 -29.92 -16.23 -19.16
C GLY B 744 -28.52 -16.35 -19.72
N VAL B 745 -27.57 -15.86 -18.93
CA VAL B 745 -26.17 -15.85 -19.36
C VAL B 745 -25.63 -17.27 -19.51
N ASP B 746 -25.92 -18.13 -18.53
CA ASP B 746 -25.36 -19.48 -18.56
C ASP B 746 -26.01 -20.34 -19.64
N ASP B 747 -27.29 -20.12 -19.93
CA ASP B 747 -27.97 -20.89 -20.98
C ASP B 747 -27.32 -20.65 -22.33
N ALA B 748 -27.03 -19.39 -22.66
CA ALA B 748 -26.36 -19.09 -23.92
C ALA B 748 -24.97 -19.69 -23.98
N LEU B 749 -24.23 -19.63 -22.87
CA LEU B 749 -22.90 -20.24 -22.82
C LEU B 749 -22.97 -21.73 -23.10
N LEU B 750 -23.88 -22.43 -22.42
CA LEU B 750 -24.01 -23.87 -22.61
C LEU B 750 -24.45 -24.20 -24.03
N SER B 751 -25.41 -23.45 -24.57
CA SER B 751 -25.88 -23.71 -25.94
C SER B 751 -24.76 -23.50 -26.95
N LEU B 752 -23.98 -22.42 -26.79
CA LEU B 752 -22.89 -22.17 -27.73
C LEU B 752 -21.81 -23.23 -27.63
N LYS B 753 -21.48 -23.66 -26.40
CA LYS B 753 -20.47 -24.71 -26.25
C LYS B 753 -20.94 -26.03 -26.83
N THR B 754 -22.22 -26.35 -26.65
CA THR B 754 -22.75 -27.61 -27.18
C THR B 754 -22.77 -27.60 -28.70
N GLY B 755 -23.28 -26.54 -29.30
CA GLY B 755 -23.30 -26.42 -30.75
C GLY B 755 -24.65 -26.06 -31.34
N LYS B 756 -25.68 -25.97 -30.48
CA LYS B 756 -27.02 -25.66 -30.97
C LYS B 756 -27.11 -24.24 -31.51
N LEU B 757 -26.42 -23.30 -30.88
CA LEU B 757 -26.47 -21.89 -31.27
C LEU B 757 -25.16 -21.47 -31.92
N ASP B 758 -25.25 -20.49 -32.81
CA ASP B 758 -24.10 -20.06 -33.60
C ASP B 758 -23.46 -18.80 -33.01
N ALA B 759 -24.24 -17.74 -32.83
CA ALA B 759 -23.72 -16.45 -32.38
C ALA B 759 -24.52 -15.94 -31.20
N PHE B 760 -23.89 -15.07 -30.42
CA PHE B 760 -24.50 -14.43 -29.26
C PHE B 760 -24.18 -12.94 -29.29
N ILE B 761 -25.14 -12.13 -28.85
CA ILE B 761 -24.98 -10.69 -28.77
C ILE B 761 -25.41 -10.23 -27.38
N TYR B 762 -24.53 -9.51 -26.70
CA TYR B 762 -24.78 -9.08 -25.32
C TYR B 762 -23.79 -7.95 -25.00
N ASP B 763 -23.75 -7.54 -23.74
CA ASP B 763 -22.89 -6.44 -23.32
C ASP B 763 -21.42 -6.84 -23.44
N ALA B 764 -20.56 -5.82 -23.58
CA ALA B 764 -19.15 -6.07 -23.85
C ALA B 764 -18.39 -6.51 -22.61
N ALA B 765 -18.70 -5.91 -21.45
CA ALA B 765 -17.89 -6.13 -20.25
C ALA B 765 -18.01 -7.56 -19.74
N VAL B 766 -19.23 -7.99 -19.43
CA VAL B 766 -19.45 -9.32 -18.86
C VAL B 766 -19.06 -10.39 -19.88
N LEU B 767 -19.35 -10.16 -21.15
CA LEU B 767 -18.99 -11.13 -22.19
C LEU B 767 -17.48 -11.25 -22.34
N ASN B 768 -16.78 -10.12 -22.25
CA ASN B 768 -15.32 -10.15 -22.25
C ASN B 768 -14.78 -10.90 -21.04
N TYR B 769 -15.40 -10.71 -19.88
CA TYR B 769 -14.96 -11.41 -18.68
C TYR B 769 -15.15 -12.91 -18.81
N MET B 770 -16.28 -13.34 -19.37
CA MET B 770 -16.55 -14.77 -19.48
C MET B 770 -15.56 -15.51 -20.38
N ALA B 771 -14.82 -14.81 -21.22
CA ALA B 771 -13.90 -15.47 -22.14
C ALA B 771 -12.75 -16.13 -21.39
N GLY B 772 -12.21 -15.46 -20.37
CA GLY B 772 -11.02 -15.95 -19.69
C GLY B 772 -11.28 -16.95 -18.58
N ARG B 773 -12.54 -17.16 -18.20
CA ARG B 773 -12.86 -18.02 -17.06
C ARG B 773 -13.45 -19.36 -17.46
N ASP B 774 -13.35 -19.75 -18.72
CA ASP B 774 -13.93 -20.99 -19.20
C ASP B 774 -12.86 -22.06 -19.40
N GLU B 775 -13.22 -23.30 -19.07
CA GLU B 775 -12.33 -24.43 -19.29
C GLU B 775 -12.12 -24.61 -20.79
N GLY B 776 -10.92 -24.32 -21.27
CA GLY B 776 -10.67 -24.23 -22.69
C GLY B 776 -11.09 -22.89 -23.24
N CYS B 777 -10.37 -22.45 -24.26
CA CYS B 777 -10.56 -21.12 -24.85
C CYS B 777 -10.93 -21.23 -26.31
N LYS B 778 -11.83 -22.17 -26.61
CA LYS B 778 -12.40 -22.28 -27.95
C LYS B 778 -13.44 -21.21 -28.23
N LEU B 779 -13.80 -20.40 -27.24
CA LEU B 779 -14.77 -19.33 -27.40
C LEU B 779 -14.04 -18.00 -27.40
N VAL B 780 -14.17 -17.25 -28.49
CA VAL B 780 -13.44 -15.99 -28.67
C VAL B 780 -14.39 -14.95 -29.25
N THR B 781 -14.30 -13.72 -28.74
CA THR B 781 -15.05 -12.61 -29.30
C THR B 781 -14.49 -12.21 -30.66
N ILE B 782 -15.38 -11.84 -31.58
CA ILE B 782 -14.93 -11.47 -32.92
C ILE B 782 -14.06 -10.20 -32.85
N GLY B 783 -13.24 -10.03 -33.88
CA GLY B 783 -12.34 -8.89 -33.92
C GLY B 783 -11.39 -8.90 -32.73
N SER B 784 -11.10 -7.70 -32.23
CA SER B 784 -10.28 -7.55 -31.02
C SER B 784 -10.78 -6.30 -30.28
N GLY B 785 -11.69 -6.53 -29.33
CA GLY B 785 -12.24 -5.42 -28.57
C GLY B 785 -13.14 -4.49 -29.36
N LYS B 786 -13.69 -4.96 -30.47
CA LYS B 786 -14.56 -4.12 -31.28
C LYS B 786 -15.86 -3.83 -30.53
N VAL B 787 -16.29 -2.57 -30.59
CA VAL B 787 -17.50 -2.12 -29.91
C VAL B 787 -18.34 -1.30 -30.89
N PHE B 788 -19.64 -1.25 -30.60
CA PHE B 788 -20.59 -0.56 -31.46
C PHE B 788 -21.47 0.44 -30.73
N ALA B 789 -21.58 0.36 -29.40
CA ALA B 789 -22.43 1.22 -28.59
C ALA B 789 -21.66 1.74 -27.39
N SER B 790 -20.49 2.31 -27.66
CA SER B 790 -19.57 2.75 -26.61
C SER B 790 -20.26 3.60 -25.56
N THR B 791 -20.28 3.10 -24.34
CA THR B 791 -20.83 3.80 -23.19
C THR B 791 -20.19 3.18 -21.94
N GLY B 792 -20.72 3.54 -20.78
CA GLY B 792 -20.14 3.05 -19.53
C GLY B 792 -21.18 2.87 -18.46
N TYR B 793 -20.83 2.04 -17.48
CA TYR B 793 -21.67 1.87 -16.30
C TYR B 793 -21.60 3.14 -15.45
N GLY B 794 -22.49 3.23 -14.46
CA GLY B 794 -22.54 4.42 -13.64
C GLY B 794 -23.33 4.20 -12.37
N ILE B 795 -23.54 5.31 -11.66
CA ILE B 795 -24.25 5.32 -10.39
C ILE B 795 -25.53 6.12 -10.59
N ALA B 796 -26.68 5.49 -10.30
CA ALA B 796 -27.96 6.16 -10.44
C ALA B 796 -28.21 7.02 -9.21
N ILE B 797 -28.48 8.31 -9.44
CA ILE B 797 -28.68 9.27 -8.37
C ILE B 797 -30.09 9.82 -8.44
N GLN B 798 -30.67 10.10 -7.28
CA GLN B 798 -31.98 10.72 -7.23
C GLN B 798 -31.94 12.08 -7.93
N LYS B 799 -33.02 12.41 -8.65
CA LYS B 799 -33.04 13.61 -9.47
C LYS B 799 -32.89 14.86 -8.61
N ASP B 800 -32.01 15.77 -9.06
CA ASP B 800 -31.76 17.05 -8.41
C ASP B 800 -31.42 16.87 -6.93
N SER B 801 -30.32 16.19 -6.68
CA SER B 801 -29.80 16.00 -5.34
C SER B 801 -28.38 16.55 -5.25
N GLY B 802 -28.04 17.13 -4.10
CA GLY B 802 -26.77 17.82 -3.96
C GLY B 802 -25.57 16.89 -3.95
N TRP B 803 -25.78 15.63 -3.59
CA TRP B 803 -24.67 14.68 -3.43
C TRP B 803 -24.00 14.32 -4.75
N LYS B 804 -24.56 14.72 -5.89
CA LYS B 804 -24.02 14.30 -7.18
C LYS B 804 -22.59 14.79 -7.38
N ARG B 805 -22.33 16.06 -7.07
CA ARG B 805 -21.00 16.61 -7.26
C ARG B 805 -19.97 15.93 -6.36
N GLN B 806 -20.32 15.74 -5.09
CA GLN B 806 -19.40 15.05 -4.19
C GLN B 806 -19.13 13.63 -4.66
N VAL B 807 -20.18 12.92 -5.11
CA VAL B 807 -20.00 11.54 -5.55
C VAL B 807 -19.10 11.48 -6.77
N ASP B 808 -19.33 12.36 -7.75
CA ASP B 808 -18.53 12.25 -8.98
C ASP B 808 -17.10 12.68 -8.74
N LEU B 809 -16.87 13.68 -7.88
CA LEU B 809 -15.50 14.03 -7.51
C LEU B 809 -14.81 12.87 -6.80
N ALA B 810 -15.51 12.21 -5.87
CA ALA B 810 -14.91 11.08 -5.17
C ALA B 810 -14.57 9.95 -6.15
N ILE B 811 -15.45 9.69 -7.11
CA ILE B 811 -15.18 8.66 -8.11
C ILE B 811 -13.96 9.03 -8.95
N LEU B 812 -13.90 10.31 -9.38
CA LEU B 812 -12.79 10.74 -10.21
C LEU B 812 -11.46 10.71 -9.47
N GLN B 813 -11.50 10.86 -8.14
CA GLN B 813 -10.26 10.80 -7.37
C GLN B 813 -9.61 9.42 -7.44
N LEU B 814 -10.43 8.37 -7.60
CA LEU B 814 -9.89 7.00 -7.62
C LEU B 814 -8.93 6.80 -8.78
N PHE B 815 -9.28 7.31 -9.96
CA PHE B 815 -8.41 7.17 -11.12
C PHE B 815 -7.06 7.83 -10.88
N GLY B 816 -7.07 9.02 -10.30
CA GLY B 816 -5.82 9.69 -9.98
C GLY B 816 -5.00 8.93 -8.95
N ASP B 817 -5.67 8.35 -7.95
CA ASP B 817 -4.94 7.64 -6.91
C ASP B 817 -4.37 6.32 -7.40
N GLY B 818 -4.95 5.74 -8.45
CA GLY B 818 -4.44 4.51 -9.02
C GLY B 818 -4.94 3.24 -8.37
N GLU B 819 -5.82 3.33 -7.38
CA GLU B 819 -6.34 2.11 -6.74
C GLU B 819 -7.19 1.31 -7.70
N MET B 820 -7.85 1.99 -8.66
CA MET B 820 -8.71 1.31 -9.60
C MET B 820 -7.92 0.30 -10.43
N GLU B 821 -6.68 0.62 -10.78
CA GLU B 821 -5.88 -0.28 -11.60
C GLU B 821 -5.70 -1.63 -10.92
N GLU B 822 -5.24 -1.63 -9.68
CA GLU B 822 -5.04 -2.87 -8.95
C GLU B 822 -6.36 -3.56 -8.61
N LEU B 823 -7.40 -2.79 -8.28
CA LEU B 823 -8.69 -3.39 -7.99
C LEU B 823 -9.23 -4.15 -9.20
N GLU B 824 -9.16 -3.53 -10.39
CA GLU B 824 -9.62 -4.18 -11.61
C GLU B 824 -8.73 -5.35 -11.98
N ALA B 825 -7.41 -5.23 -11.76
CA ALA B 825 -6.52 -6.35 -12.04
C ALA B 825 -6.86 -7.54 -11.17
N LEU B 826 -7.22 -7.30 -9.91
CA LEU B 826 -7.60 -8.38 -9.01
C LEU B 826 -8.94 -8.99 -9.39
N TRP B 827 -9.93 -8.16 -9.71
CA TRP B 827 -11.31 -8.64 -9.84
C TRP B 827 -11.69 -9.06 -11.26
N LEU B 828 -10.93 -8.69 -12.28
CA LEU B 828 -11.37 -8.91 -13.65
C LEU B 828 -10.26 -9.41 -14.57
N THR B 829 -9.50 -10.42 -14.17
CA THR B 829 -8.44 -10.95 -14.99
C THR B 829 -8.83 -12.36 -15.48
N GLY B 830 -8.31 -12.74 -16.65
CA GLY B 830 -8.61 -14.03 -17.24
C GLY B 830 -7.41 -14.92 -17.44
N ILE B 831 -7.56 -15.98 -18.25
CA ILE B 831 -6.49 -16.94 -18.43
C ILE B 831 -5.82 -16.77 -19.79
N CYS B 832 -6.56 -16.96 -20.87
CA CYS B 832 -5.98 -16.99 -22.19
C CYS B 832 -5.75 -15.57 -22.73
N HIS B 833 -5.35 -15.52 -23.99
CA HIS B 833 -5.20 -14.27 -24.72
C HIS B 833 -5.77 -14.44 -26.13
N ASN B 834 -6.15 -13.32 -26.71
CA ASN B 834 -6.77 -13.27 -28.03
C ASN B 834 -5.69 -13.26 -29.12
N GLU B 835 -6.07 -12.84 -30.33
CA GLU B 835 -5.18 -12.61 -31.47
C GLU B 835 -4.86 -13.95 -32.13
N LYS B 836 -3.59 -14.30 -32.35
CA LYS B 836 -3.20 -15.29 -33.35
C LYS B 836 -2.38 -16.43 -32.74
N ASN B 837 -2.87 -17.00 -31.65
CA ASN B 837 -2.29 -18.23 -31.14
C ASN B 837 -2.54 -19.37 -32.12
N GLU B 838 -1.47 -20.06 -32.50
CA GLU B 838 -1.56 -21.06 -33.56
C GLU B 838 -2.22 -22.34 -33.04
N VAL B 839 -3.45 -22.58 -33.49
CA VAL B 839 -4.15 -23.80 -33.11
C VAL B 839 -3.54 -25.02 -33.78
N MET B 840 -3.22 -24.90 -35.08
CA MET B 840 -2.52 -25.84 -35.97
C MET B 840 -3.50 -26.41 -36.99
N SER B 841 -3.43 -25.90 -38.22
CA SER B 841 -4.29 -26.41 -39.29
C SER B 841 -3.90 -27.84 -39.65
N SER B 842 -4.89 -28.63 -40.06
CA SER B 842 -4.67 -30.02 -40.39
C SER B 842 -5.56 -30.43 -41.56
N GLN B 843 -5.08 -31.39 -42.34
CA GLN B 843 -5.82 -32.08 -43.40
C GLN B 843 -6.03 -31.23 -44.65
N LEU B 844 -5.72 -29.94 -44.59
CA LEU B 844 -5.68 -29.05 -45.75
C LEU B 844 -6.93 -29.23 -46.63
N ASP B 845 -8.07 -28.87 -46.04
CA ASP B 845 -9.39 -29.09 -46.63
C ASP B 845 -9.46 -28.62 -48.09
N ILE B 846 -10.34 -29.26 -48.87
CA ILE B 846 -10.42 -29.01 -50.31
C ILE B 846 -10.73 -27.55 -50.61
N ASP B 847 -11.47 -26.88 -49.72
CA ASP B 847 -11.89 -25.51 -49.97
C ASP B 847 -10.71 -24.60 -50.27
N ASN B 848 -9.58 -24.82 -49.59
CA ASN B 848 -8.39 -24.04 -49.87
C ASN B 848 -7.52 -24.66 -50.95
N MET B 849 -7.83 -25.89 -51.38
CA MET B 849 -7.16 -26.53 -52.50
C MET B 849 -7.86 -26.26 -53.83
N ALA B 850 -8.91 -25.44 -53.84
CA ALA B 850 -9.66 -25.21 -55.07
C ALA B 850 -8.84 -24.48 -56.12
N GLY B 851 -7.87 -23.67 -55.70
CA GLY B 851 -7.13 -22.86 -56.65
C GLY B 851 -6.29 -23.69 -57.62
N VAL B 852 -5.62 -24.72 -57.12
CA VAL B 852 -4.77 -25.53 -57.99
C VAL B 852 -5.62 -26.29 -59.01
N PHE B 853 -6.78 -26.82 -58.59
CA PHE B 853 -7.65 -27.51 -59.55
C PHE B 853 -8.27 -26.53 -60.54
N TYR B 854 -8.58 -25.31 -60.11
CA TYR B 854 -9.07 -24.31 -61.05
C TYR B 854 -8.00 -23.97 -62.09
N MET B 855 -6.74 -23.85 -61.65
CA MET B 855 -5.64 -23.61 -62.58
C MET B 855 -5.48 -24.78 -63.55
N LEU B 856 -5.60 -26.01 -63.04
CA LEU B 856 -5.50 -27.19 -63.90
C LEU B 856 -6.61 -27.21 -64.95
N GLY B 857 -7.83 -26.86 -64.53
CA GLY B 857 -8.93 -26.79 -65.48
C GLY B 857 -8.72 -25.72 -66.53
N ALA B 858 -8.23 -24.54 -66.11
CA ALA B 858 -7.92 -23.50 -67.08
C ALA B 858 -6.83 -23.97 -68.04
N ALA B 859 -5.85 -24.71 -67.54
CA ALA B 859 -4.77 -25.21 -68.39
C ALA B 859 -5.30 -26.16 -69.44
N MET B 860 -6.14 -27.13 -69.04
CA MET B 860 -6.67 -28.05 -70.05
C MET B 860 -7.59 -27.34 -71.03
N ALA B 861 -8.34 -26.33 -70.54
CA ALA B 861 -9.20 -25.56 -71.44
C ALA B 861 -8.37 -24.83 -72.50
N LEU B 862 -7.31 -24.14 -72.08
CA LEU B 862 -6.49 -23.44 -73.05
C LEU B 862 -5.75 -24.42 -73.97
N SER B 863 -5.39 -25.60 -73.46
CA SER B 863 -4.77 -26.60 -74.31
C SER B 863 -5.72 -27.06 -75.41
N LEU B 864 -6.98 -27.33 -75.06
CA LEU B 864 -7.93 -27.76 -76.08
C LEU B 864 -8.26 -26.64 -77.05
N ILE B 865 -8.29 -25.38 -76.56
CA ILE B 865 -8.48 -24.24 -77.45
C ILE B 865 -7.34 -24.18 -78.47
N THR B 866 -6.11 -24.33 -78.00
CA THR B 866 -4.96 -24.29 -78.91
C THR B 866 -5.02 -25.44 -79.90
N PHE B 867 -5.41 -26.63 -79.44
CA PHE B 867 -5.51 -27.78 -80.33
C PHE B 867 -6.53 -27.53 -81.43
N ILE B 868 -7.71 -27.02 -81.06
CA ILE B 868 -8.75 -26.74 -82.04
C ILE B 868 -8.30 -25.67 -83.02
N CYS B 869 -7.66 -24.61 -82.51
CA CYS B 869 -7.20 -23.53 -83.38
C CYS B 869 -6.17 -24.03 -84.38
N GLU B 870 -5.20 -24.85 -83.91
CA GLU B 870 -4.19 -25.38 -84.81
C GLU B 870 -4.81 -26.33 -85.84
N HIS B 871 -5.74 -27.18 -85.41
CA HIS B 871 -6.37 -28.11 -86.34
C HIS B 871 -7.15 -27.37 -87.42
N LEU B 872 -7.86 -26.31 -87.04
CA LEU B 872 -8.64 -25.56 -88.02
C LEU B 872 -7.74 -24.76 -88.95
N PHE B 873 -6.71 -24.11 -88.40
CA PHE B 873 -5.83 -23.28 -89.23
C PHE B 873 -5.02 -24.13 -90.20
N TYR B 874 -4.51 -25.27 -89.74
CA TYR B 874 -3.68 -26.11 -90.61
C TYR B 874 -4.48 -26.75 -91.74
N TRP B 875 -5.78 -26.97 -91.55
CA TRP B 875 -6.59 -27.56 -92.60
C TRP B 875 -6.67 -26.66 -93.83
N GLN B 876 -6.83 -25.36 -93.61
CA GLN B 876 -6.91 -24.40 -94.71
C GLN B 876 -5.53 -23.99 -95.20
N LYS C 25 -15.60 53.98 43.63
CA LYS C 25 -14.82 55.21 43.60
C LYS C 25 -15.43 56.24 42.65
N ILE C 26 -14.57 56.99 41.97
CA ILE C 26 -15.00 58.01 41.02
C ILE C 26 -14.30 57.75 39.69
N VAL C 27 -15.08 57.74 38.61
CA VAL C 27 -14.58 57.47 37.27
C VAL C 27 -14.83 58.70 36.41
N ASN C 28 -13.77 59.23 35.82
CA ASN C 28 -13.85 60.37 34.92
C ASN C 28 -13.67 59.92 33.49
N ILE C 29 -14.39 60.57 32.57
CA ILE C 29 -14.41 60.20 31.16
C ILE C 29 -14.08 61.41 30.31
N GLY C 30 -13.25 61.21 29.28
CA GLY C 30 -12.92 62.27 28.35
C GLY C 30 -13.63 62.08 27.02
N ALA C 31 -13.68 63.17 26.25
CA ALA C 31 -14.35 63.16 24.95
C ALA C 31 -13.85 64.33 24.13
N VAL C 32 -14.20 64.31 22.85
CA VAL C 32 -13.89 65.40 21.92
C VAL C 32 -15.07 65.56 20.96
N LEU C 33 -15.54 66.79 20.80
CA LEU C 33 -16.63 67.12 19.89
C LEU C 33 -16.22 68.33 19.05
N SER C 34 -17.16 68.79 18.21
CA SER C 34 -16.92 69.91 17.32
C SER C 34 -17.82 71.11 17.59
N THR C 35 -18.81 70.97 18.47
CA THR C 35 -19.75 72.06 18.76
C THR C 35 -19.86 72.25 20.26
N ARG C 36 -19.92 73.52 20.69
CA ARG C 36 -20.13 73.81 22.10
C ARG C 36 -21.50 73.33 22.56
N LYS C 37 -22.52 73.48 21.70
CA LYS C 37 -23.83 72.93 22.01
C LYS C 37 -23.78 71.42 22.15
N HIS C 38 -22.96 70.76 21.32
CA HIS C 38 -22.76 69.32 21.47
C HIS C 38 -22.12 68.99 22.82
N GLU C 39 -21.17 69.83 23.25
CA GLU C 39 -20.55 69.62 24.56
C GLU C 39 -21.58 69.78 25.68
N GLN C 40 -22.44 70.78 25.58
CA GLN C 40 -23.49 70.96 26.58
C GLN C 40 -24.45 69.78 26.60
N MET C 41 -24.82 69.28 25.42
CA MET C 41 -25.69 68.11 25.35
C MET C 41 -25.03 66.89 25.96
N PHE C 42 -23.74 66.70 25.70
CA PHE C 42 -23.01 65.57 26.30
C PHE C 42 -22.94 65.71 27.82
N ARG C 43 -22.71 66.93 28.32
CA ARG C 43 -22.70 67.15 29.75
C ARG C 43 -24.06 66.83 30.37
N GLU C 44 -25.14 67.26 29.72
CA GLU C 44 -26.47 66.93 30.21
C GLU C 44 -26.70 65.42 30.20
N ALA C 45 -26.25 64.74 29.15
CA ALA C 45 -26.43 63.30 29.03
C ALA C 45 -25.68 62.56 30.14
N VAL C 46 -24.43 62.96 30.40
CA VAL C 46 -23.66 62.28 31.45
C VAL C 46 -24.25 62.59 32.82
N ASN C 47 -24.72 63.82 33.03
CA ASN C 47 -25.36 64.15 34.30
C ASN C 47 -26.62 63.31 34.52
N GLN C 48 -27.41 63.12 33.47
CA GLN C 48 -28.62 62.29 33.58
C GLN C 48 -28.27 60.83 33.82
N ALA C 49 -27.24 60.33 33.12
CA ALA C 49 -26.87 58.92 33.24
C ALA C 49 -26.13 58.62 34.54
N ASN C 50 -25.62 59.64 35.23
CA ASN C 50 -24.93 59.41 36.49
C ASN C 50 -25.86 58.89 37.58
N LYS C 51 -27.17 59.04 37.40
CA LYS C 51 -28.12 58.54 38.39
C LYS C 51 -28.08 57.03 38.53
N ARG C 52 -27.79 56.31 37.45
CA ARG C 52 -27.73 54.85 37.50
C ARG C 52 -26.38 54.35 36.99
N ILE C 58 -21.25 55.87 41.85
CA ILE C 58 -19.99 56.24 41.21
C ILE C 58 -20.14 57.55 40.46
N GLN C 59 -19.36 58.55 40.86
CA GLN C 59 -19.41 59.87 40.24
C GLN C 59 -18.73 59.82 38.88
N LEU C 60 -19.33 60.48 37.90
CA LEU C 60 -18.85 60.52 36.53
C LEU C 60 -18.57 61.96 36.11
N GLN C 61 -17.43 62.17 35.46
CA GLN C 61 -17.01 63.49 35.03
C GLN C 61 -16.69 63.47 33.54
N ALA C 62 -17.07 64.54 32.84
CA ALA C 62 -16.85 64.65 31.40
C ALA C 62 -16.10 65.92 31.07
N THR C 63 -15.39 65.90 29.94
CA THR C 63 -14.64 67.05 29.47
C THR C 63 -14.39 66.87 27.97
N SER C 64 -14.71 67.91 27.20
CA SER C 64 -14.58 67.87 25.75
C SER C 64 -13.80 69.07 25.25
N VAL C 65 -13.12 68.88 24.11
CA VAL C 65 -12.32 69.93 23.48
C VAL C 65 -12.72 70.01 22.01
N THR C 66 -12.47 71.17 21.42
CA THR C 66 -12.78 71.40 20.02
C THR C 66 -11.64 70.92 19.13
N HIS C 67 -11.77 71.16 17.82
CA HIS C 67 -10.78 70.77 16.84
C HIS C 67 -10.06 72.00 16.29
N LYS C 68 -8.84 71.77 15.83
CA LYS C 68 -8.00 72.79 15.22
C LYS C 68 -7.50 72.30 13.87
N PRO C 69 -7.25 73.21 12.92
CA PRO C 69 -6.80 72.82 11.57
C PRO C 69 -5.36 72.35 11.50
N ASN C 70 -4.99 71.41 12.36
CA ASN C 70 -3.66 70.82 12.37
C ASN C 70 -3.67 69.58 13.26
N ALA C 71 -2.83 68.61 12.91
CA ALA C 71 -2.76 67.37 13.67
C ALA C 71 -1.98 67.53 14.97
N ILE C 72 -1.00 68.44 15.00
CA ILE C 72 -0.15 68.59 16.18
C ILE C 72 -0.96 69.02 17.40
N GLN C 73 -1.97 69.87 17.21
CA GLN C 73 -2.76 70.35 18.34
C GLN C 73 -3.44 69.20 19.06
N MET C 74 -4.16 68.35 18.31
CA MET C 74 -4.80 67.19 18.92
C MET C 74 -3.76 66.21 19.45
N ALA C 75 -2.66 66.02 18.72
CA ALA C 75 -1.64 65.07 19.13
C ALA C 75 -1.11 65.39 20.51
N LEU C 76 -0.80 66.67 20.77
CA LEU C 76 -0.38 67.05 22.11
C LEU C 76 -1.55 67.05 23.09
N SER C 77 -2.72 67.55 22.67
CA SER C 77 -3.85 67.72 23.58
C SER C 77 -4.36 66.40 24.12
N VAL C 78 -4.16 65.29 23.41
CA VAL C 78 -4.63 63.99 23.90
C VAL C 78 -4.10 63.74 25.30
N CYS C 79 -2.77 63.58 25.43
CA CYS C 79 -2.27 63.34 26.77
C CYS C 79 -2.15 64.60 27.59
N GLU C 80 -2.21 65.80 26.98
CA GLU C 80 -2.27 67.00 27.81
C GLU C 80 -3.54 67.02 28.64
N ASP C 81 -4.68 66.64 28.06
CA ASP C 81 -5.91 66.51 28.82
C ASP C 81 -5.94 65.24 29.65
N LEU C 82 -5.31 64.16 29.18
CA LEU C 82 -5.25 62.94 29.99
C LEU C 82 -4.47 63.17 31.27
N ILE C 83 -3.48 64.08 31.26
CA ILE C 83 -2.75 64.43 32.48
C ILE C 83 -3.70 65.07 33.49
N SER C 84 -4.47 66.07 33.04
CA SER C 84 -5.36 66.78 33.94
C SER C 84 -6.62 65.98 34.29
N SER C 85 -6.87 64.87 33.61
CA SER C 85 -8.09 64.10 33.86
C SER C 85 -7.84 62.67 34.32
N GLN C 86 -6.87 61.97 33.74
CA GLN C 86 -6.66 60.54 33.96
C GLN C 86 -7.94 59.77 33.63
N VAL C 87 -8.30 59.82 32.34
CA VAL C 87 -9.59 59.33 31.87
C VAL C 87 -9.66 57.81 31.91
N TYR C 88 -10.87 57.28 31.77
CA TYR C 88 -11.09 55.84 31.63
C TYR C 88 -11.57 55.46 30.23
N ALA C 89 -12.11 56.40 29.47
CA ALA C 89 -12.56 56.15 28.11
C ALA C 89 -12.62 57.47 27.36
N ILE C 90 -12.50 57.40 26.04
CA ILE C 90 -12.50 58.58 25.18
C ILE C 90 -13.52 58.37 24.07
N LEU C 91 -14.25 59.42 23.74
CA LEU C 91 -15.21 59.41 22.64
C LEU C 91 -14.79 60.43 21.60
N VAL C 92 -14.75 60.02 20.33
CA VAL C 92 -14.30 60.87 19.24
C VAL C 92 -15.37 60.85 18.15
N SER C 93 -15.72 62.05 17.66
CA SER C 93 -16.71 62.21 16.60
C SER C 93 -16.06 62.87 15.40
N HIS C 94 -16.41 62.41 14.21
CA HIS C 94 -15.85 62.99 12.99
C HIS C 94 -16.31 64.44 12.84
N PRO C 95 -15.45 65.31 12.35
CA PRO C 95 -15.83 66.72 12.16
C PRO C 95 -16.85 66.86 11.04
N PRO C 96 -17.55 68.00 10.98
CA PRO C 96 -18.49 68.21 9.87
C PRO C 96 -17.83 68.19 8.49
N THR C 97 -16.53 68.44 8.41
CA THR C 97 -15.82 68.34 7.15
C THR C 97 -15.80 66.90 6.68
N PRO C 98 -16.30 66.60 5.47
CA PRO C 98 -16.40 65.20 5.04
C PRO C 98 -15.07 64.54 4.72
N ASN C 99 -13.95 65.26 4.81
CA ASN C 99 -12.66 64.67 4.46
C ASN C 99 -12.34 63.48 5.34
N ASP C 100 -12.39 63.67 6.67
CA ASP C 100 -12.16 62.60 7.64
C ASP C 100 -10.83 61.89 7.43
N HIS C 101 -9.89 62.56 6.76
CA HIS C 101 -8.62 61.94 6.46
C HIS C 101 -7.59 62.14 7.56
N PHE C 102 -7.66 63.25 8.28
CA PHE C 102 -6.61 63.60 9.23
C PHE C 102 -7.04 63.63 10.69
N THR C 103 -8.34 63.51 11.00
CA THR C 103 -8.68 63.44 12.42
C THR C 103 -9.56 62.27 12.83
N PRO C 104 -9.42 61.05 12.25
CA PRO C 104 -9.77 59.86 13.04
C PRO C 104 -8.55 59.18 13.64
N THR C 105 -7.38 59.53 13.11
CA THR C 105 -6.10 58.87 13.39
C THR C 105 -5.41 59.27 14.69
N PRO C 106 -5.30 60.60 15.03
CA PRO C 106 -4.40 60.99 16.13
C PRO C 106 -4.77 60.34 17.44
N VAL C 107 -6.02 60.49 17.87
CA VAL C 107 -6.47 59.79 19.07
C VAL C 107 -6.32 58.29 18.90
N SER C 108 -6.72 57.77 17.74
CA SER C 108 -6.84 56.33 17.54
C SER C 108 -5.52 55.62 17.83
N TYR C 109 -4.42 56.06 17.22
CA TYR C 109 -3.13 55.46 17.53
C TYR C 109 -2.19 56.44 18.20
N THR C 110 -2.73 57.27 19.09
CA THR C 110 -1.95 57.92 20.13
C THR C 110 -2.36 57.48 21.52
N ALA C 111 -3.66 57.30 21.77
CA ALA C 111 -4.11 56.74 23.04
C ALA C 111 -3.69 55.28 23.20
N GLY C 112 -3.56 54.57 22.08
CA GLY C 112 -3.16 53.16 22.14
C GLY C 112 -1.78 52.93 22.69
N PHE C 113 -0.94 53.97 22.72
CA PHE C 113 0.39 53.85 23.32
C PHE C 113 0.32 53.42 24.77
N TYR C 114 -0.72 53.85 25.50
CA TYR C 114 -0.94 53.41 26.87
C TYR C 114 -2.02 52.35 26.96
N ARG C 115 -2.52 51.87 25.82
CA ARG C 115 -3.49 50.78 25.76
C ARG C 115 -4.78 51.14 26.49
N ILE C 116 -5.44 52.19 26.02
CA ILE C 116 -6.75 52.60 26.50
C ILE C 116 -7.71 52.62 25.31
N PRO C 117 -8.84 51.91 25.37
CA PRO C 117 -9.76 51.89 24.23
C PRO C 117 -10.43 53.22 24.00
N VAL C 118 -10.78 53.46 22.73
CA VAL C 118 -11.55 54.64 22.33
C VAL C 118 -12.71 54.19 21.46
N LEU C 119 -13.89 54.75 21.70
CA LEU C 119 -15.10 54.37 20.99
C LEU C 119 -15.41 55.41 19.92
N GLY C 120 -15.50 54.97 18.66
CA GLY C 120 -15.83 55.87 17.58
C GLY C 120 -17.32 56.19 17.54
N LEU C 121 -17.63 57.34 16.97
CA LEU C 121 -19.01 57.82 16.89
C LEU C 121 -19.54 57.90 15.47
N THR C 122 -18.85 58.62 14.58
CA THR C 122 -19.36 58.89 13.24
C THR C 122 -18.28 58.67 12.19
N THR C 123 -17.57 57.55 12.27
CA THR C 123 -16.55 57.20 11.29
C THR C 123 -17.07 56.05 10.43
N ARG C 124 -16.97 56.21 9.10
CA ARG C 124 -17.50 55.23 8.18
C ARG C 124 -16.42 54.43 7.45
N MET C 125 -15.16 54.84 7.52
CA MET C 125 -14.10 54.12 6.82
C MET C 125 -13.82 52.78 7.50
N SER C 126 -13.30 51.84 6.70
CA SER C 126 -13.08 50.48 7.16
C SER C 126 -11.61 50.16 7.42
N ILE C 127 -10.69 51.08 7.11
CA ILE C 127 -9.27 50.81 7.33
C ILE C 127 -8.97 50.68 8.82
N TYR C 128 -9.67 51.45 9.65
CA TYR C 128 -9.45 51.44 11.09
C TYR C 128 -10.08 50.23 11.79
N SER C 129 -10.88 49.43 11.08
CA SER C 129 -11.45 48.23 11.67
C SER C 129 -10.42 47.13 11.91
N ASP C 130 -9.21 47.27 11.37
CA ASP C 130 -8.19 46.25 11.56
C ASP C 130 -7.69 46.25 13.01
N LYS C 131 -7.43 45.06 13.54
CA LYS C 131 -7.03 44.90 14.92
C LYS C 131 -5.53 45.02 15.14
N SER C 132 -4.74 45.20 14.08
CA SER C 132 -3.28 45.27 14.24
C SER C 132 -2.85 46.66 14.72
N ILE C 133 -3.13 47.69 13.92
CA ILE C 133 -2.72 49.04 14.28
C ILE C 133 -3.70 49.70 15.24
N HIS C 134 -4.96 49.25 15.25
CA HIS C 134 -6.02 49.92 15.99
C HIS C 134 -6.76 48.92 16.88
N LEU C 135 -5.99 48.12 17.62
CA LEU C 135 -6.57 47.19 18.58
C LEU C 135 -7.36 47.89 19.68
N SER C 136 -7.04 49.16 19.95
CA SER C 136 -7.71 49.94 20.99
C SER C 136 -8.76 50.86 20.40
N PHE C 137 -9.44 50.43 19.34
CA PHE C 137 -10.44 51.24 18.68
C PHE C 137 -11.75 50.48 18.56
N LEU C 138 -12.85 51.17 18.86
CA LEU C 138 -14.19 50.64 18.68
C LEU C 138 -15.03 51.67 17.93
N ARG C 139 -16.19 51.23 17.45
CA ARG C 139 -17.03 52.06 16.60
C ARG C 139 -18.48 51.92 17.03
N THR C 140 -19.34 52.75 16.43
CA THR C 140 -20.76 52.79 16.77
C THR C 140 -21.66 52.43 15.59
N VAL C 141 -21.21 52.62 14.35
CA VAL C 141 -22.00 52.33 13.17
C VAL C 141 -21.21 51.41 12.23
N PRO C 142 -21.87 50.63 11.39
CA PRO C 142 -21.15 49.76 10.49
C PRO C 142 -20.30 50.55 9.51
N PRO C 143 -19.22 49.97 9.00
CA PRO C 143 -18.41 50.62 7.98
C PRO C 143 -19.04 50.40 6.60
N TYR C 144 -18.33 50.89 5.57
CA TYR C 144 -18.78 50.70 4.19
C TYR C 144 -18.61 49.27 3.72
N SER C 145 -17.93 48.41 4.48
CA SER C 145 -17.73 47.03 4.04
C SER C 145 -19.01 46.21 4.14
N HIS C 146 -19.76 46.38 5.24
CA HIS C 146 -20.91 45.51 5.48
C HIS C 146 -22.16 45.94 4.72
N GLN C 147 -22.13 47.06 4.01
CA GLN C 147 -23.31 47.47 3.25
C GLN C 147 -23.35 46.75 1.91
N SER C 148 -23.08 45.44 1.94
CA SER C 148 -23.23 44.57 0.79
C SER C 148 -24.00 43.29 1.07
N SER C 149 -24.11 42.87 2.33
CA SER C 149 -24.93 41.71 2.66
C SER C 149 -26.39 41.95 2.32
N VAL C 150 -26.82 43.22 2.30
CA VAL C 150 -28.18 43.54 1.90
C VAL C 150 -28.41 43.16 0.44
N TRP C 151 -27.39 43.30 -0.40
CA TRP C 151 -27.54 42.99 -1.83
C TRP C 151 -27.78 41.51 -2.05
N PHE C 152 -27.18 40.64 -1.22
CA PHE C 152 -27.43 39.21 -1.34
C PHE C 152 -28.90 38.89 -1.08
N GLU C 153 -29.49 39.47 -0.04
CA GLU C 153 -30.91 39.24 0.24
C GLU C 153 -31.79 39.86 -0.83
N MET C 154 -31.41 41.02 -1.36
CA MET C 154 -32.16 41.63 -2.46
C MET C 154 -32.15 40.72 -3.67
N MET C 155 -31.00 40.13 -4.00
CA MET C 155 -30.91 39.20 -5.10
C MET C 155 -31.74 37.95 -4.85
N ARG C 156 -31.74 37.44 -3.62
CA ARG C 156 -32.51 36.23 -3.30
C ARG C 156 -34.01 36.51 -3.45
N VAL C 157 -34.49 37.62 -2.90
CA VAL C 157 -35.93 37.90 -2.94
C VAL C 157 -36.37 38.27 -4.34
N TYR C 158 -35.52 38.94 -5.12
CA TYR C 158 -35.84 39.27 -6.51
C TYR C 158 -35.34 38.22 -7.50
N ASN C 159 -34.70 37.15 -7.02
CA ASN C 159 -34.34 36.00 -7.86
C ASN C 159 -33.44 36.40 -9.03
N TRP C 160 -32.40 37.18 -8.75
CA TRP C 160 -31.36 37.48 -9.73
C TRP C 160 -30.10 36.72 -9.36
N ASN C 161 -29.62 35.88 -10.29
CA ASN C 161 -28.48 35.00 -10.04
C ASN C 161 -27.28 35.32 -10.94
N HIS C 162 -27.24 36.51 -11.53
CA HIS C 162 -26.14 36.88 -12.42
C HIS C 162 -25.90 38.37 -12.29
N ILE C 163 -24.75 38.75 -11.70
CA ILE C 163 -24.40 40.14 -11.48
C ILE C 163 -22.93 40.35 -11.87
N ILE C 164 -22.58 41.61 -12.08
CA ILE C 164 -21.19 42.03 -12.31
C ILE C 164 -20.84 43.07 -11.26
N LEU C 165 -19.68 42.91 -10.63
CA LEU C 165 -19.23 43.79 -9.57
C LEU C 165 -18.13 44.71 -10.10
N LEU C 166 -18.27 46.01 -9.84
CA LEU C 166 -17.30 47.01 -10.27
C LEU C 166 -16.92 47.84 -9.05
N VAL C 167 -15.68 47.70 -8.60
CA VAL C 167 -15.20 48.35 -7.38
C VAL C 167 -13.84 48.98 -7.65
N SER C 168 -13.42 49.83 -6.72
CA SER C 168 -12.14 50.53 -6.81
C SER C 168 -11.02 49.67 -6.26
N ASP C 169 -9.78 50.06 -6.62
CA ASP C 169 -8.60 49.33 -6.22
C ASP C 169 -8.18 49.59 -4.77
N ASP C 170 -8.80 50.54 -4.10
CA ASP C 170 -8.41 50.88 -2.74
C ASP C 170 -8.83 49.79 -1.76
N HIS C 171 -8.48 49.99 -0.49
CA HIS C 171 -8.70 48.96 0.52
C HIS C 171 -10.18 48.66 0.72
N GLU C 172 -11.02 49.69 0.72
CA GLU C 172 -12.45 49.48 0.93
C GLU C 172 -13.04 48.62 -0.18
N GLY C 173 -12.64 48.88 -1.44
CA GLY C 173 -13.13 48.06 -2.54
C GLY C 173 -12.72 46.62 -2.42
N ARG C 174 -11.46 46.37 -2.06
CA ARG C 174 -10.99 44.99 -1.90
C ARG C 174 -11.73 44.28 -0.77
N ALA C 175 -11.93 44.96 0.35
CA ALA C 175 -12.65 44.35 1.47
C ALA C 175 -14.10 44.03 1.08
N ALA C 176 -14.76 44.97 0.41
CA ALA C 176 -16.13 44.73 -0.04
C ALA C 176 -16.19 43.57 -1.02
N GLN C 177 -15.24 43.51 -1.95
CA GLN C 177 -15.19 42.41 -2.91
C GLN C 177 -15.02 41.08 -2.20
N LYS C 178 -14.11 41.02 -1.23
CA LYS C 178 -13.87 39.76 -0.52
C LYS C 178 -15.12 39.33 0.25
N ARG C 179 -15.74 40.26 0.98
CA ARG C 179 -16.91 39.91 1.77
C ARG C 179 -18.07 39.48 0.87
N LEU C 180 -18.32 40.22 -0.21
CA LEU C 180 -19.40 39.87 -1.12
C LEU C 180 -19.16 38.54 -1.80
N GLU C 181 -17.91 38.28 -2.21
CA GLU C 181 -17.59 37.01 -2.85
C GLU C 181 -17.79 35.85 -1.88
N THR C 182 -17.36 36.01 -0.63
CA THR C 182 -17.56 34.95 0.35
C THR C 182 -19.04 34.69 0.59
N LEU C 183 -19.81 35.76 0.78
CA LEU C 183 -21.24 35.58 1.04
C LEU C 183 -21.97 34.97 -0.16
N LEU C 184 -21.60 35.39 -1.37
CA LEU C 184 -22.23 34.86 -2.57
C LEU C 184 -21.86 33.39 -2.79
N GLU C 185 -20.60 33.03 -2.57
CA GLU C 185 -20.18 31.63 -2.66
C GLU C 185 -20.81 30.78 -1.57
N GLU C 186 -21.20 31.38 -0.44
CA GLU C 186 -21.90 30.62 0.59
C GLU C 186 -23.24 30.06 0.10
N ARG C 187 -23.78 30.62 -0.98
CA ARG C 187 -25.05 30.17 -1.54
C ARG C 187 -24.88 29.27 -2.76
N GLU C 188 -23.68 28.72 -2.97
CA GLU C 188 -23.40 27.83 -4.10
C GLU C 188 -23.63 28.54 -5.44
N SER C 189 -22.99 29.69 -5.61
CA SER C 189 -23.09 30.46 -6.84
C SER C 189 -21.76 31.18 -7.08
N LYS C 190 -21.60 31.68 -8.31
CA LYS C 190 -20.39 32.40 -8.69
C LYS C 190 -20.76 33.67 -9.44
N ALA C 191 -19.99 34.72 -9.19
CA ALA C 191 -20.20 35.99 -9.90
C ALA C 191 -19.78 35.88 -11.35
N GLU C 192 -20.48 36.60 -12.22
CA GLU C 192 -20.18 36.57 -13.64
C GLU C 192 -18.80 37.14 -13.93
N LYS C 193 -18.53 38.35 -13.42
CA LYS C 193 -17.25 39.00 -13.64
C LYS C 193 -17.08 40.11 -12.62
N VAL C 194 -15.82 40.42 -12.30
CA VAL C 194 -15.48 41.51 -11.40
C VAL C 194 -14.56 42.48 -12.15
N LEU C 195 -14.81 43.78 -11.97
CA LEU C 195 -14.09 44.81 -12.69
C LEU C 195 -13.43 45.78 -11.70
N GLN C 196 -12.23 46.24 -12.05
CA GLN C 196 -11.47 47.18 -11.25
C GLN C 196 -11.05 48.36 -12.11
N PHE C 197 -10.95 49.53 -11.50
CA PHE C 197 -10.49 50.74 -12.17
C PHE C 197 -9.59 51.52 -11.23
N ASP C 198 -8.59 52.19 -11.79
CA ASP C 198 -7.64 52.93 -10.97
C ASP C 198 -8.33 54.12 -10.31
N PRO C 199 -8.00 54.40 -9.04
CA PRO C 199 -8.61 55.55 -8.36
C PRO C 199 -8.24 56.87 -9.03
N GLY C 200 -9.19 57.80 -9.04
CA GLY C 200 -8.97 59.11 -9.59
C GLY C 200 -8.88 59.17 -11.10
N THR C 201 -9.11 58.06 -11.80
CA THR C 201 -9.03 58.07 -13.25
C THR C 201 -10.22 58.81 -13.85
N LYS C 202 -9.94 59.71 -14.78
CA LYS C 202 -10.98 60.49 -15.44
C LYS C 202 -11.50 59.84 -16.72
N ASN C 203 -10.89 58.74 -17.16
CA ASN C 203 -11.29 58.04 -18.38
C ASN C 203 -11.38 56.56 -18.07
N VAL C 204 -12.58 56.10 -17.72
CA VAL C 204 -12.84 54.69 -17.46
C VAL C 204 -13.81 54.08 -18.46
N THR C 205 -14.10 54.79 -19.56
CA THR C 205 -15.01 54.25 -20.57
C THR C 205 -14.42 53.06 -21.32
N ALA C 206 -13.10 52.85 -21.23
CA ALA C 206 -12.48 51.72 -21.92
C ALA C 206 -12.97 50.39 -21.37
N LEU C 207 -13.09 50.27 -20.04
CA LEU C 207 -13.55 49.03 -19.45
C LEU C 207 -15.04 48.78 -19.75
N LEU C 208 -15.79 49.85 -20.01
CA LEU C 208 -17.20 49.68 -20.33
C LEU C 208 -17.41 48.93 -21.64
N MET C 209 -16.43 48.95 -22.55
CA MET C 209 -16.52 48.16 -23.78
C MET C 209 -16.59 46.68 -23.46
N GLU C 210 -15.74 46.20 -22.54
CA GLU C 210 -15.80 44.79 -22.15
C GLU C 210 -16.99 44.53 -21.23
N ALA C 211 -17.37 45.50 -20.42
CA ALA C 211 -18.51 45.32 -19.53
C ALA C 211 -19.81 45.14 -20.31
N ARG C 212 -19.96 45.87 -21.42
CA ARG C 212 -21.18 45.79 -22.20
C ARG C 212 -21.40 44.41 -22.77
N GLU C 213 -20.36 43.79 -23.33
CA GLU C 213 -20.49 42.51 -24.02
C GLU C 213 -20.38 41.38 -22.99
N LEU C 214 -21.49 41.17 -22.29
CA LEU C 214 -21.59 40.07 -21.33
C LEU C 214 -23.07 39.78 -21.12
N GLU C 215 -23.37 38.58 -20.63
CA GLU C 215 -24.72 38.01 -20.66
C GLU C 215 -25.61 38.52 -19.54
N ALA C 216 -25.08 39.30 -18.60
CA ALA C 216 -25.85 39.84 -17.49
C ALA C 216 -26.11 41.32 -17.70
N ARG C 217 -27.05 41.86 -16.93
CA ARG C 217 -27.46 43.25 -17.07
C ARG C 217 -27.60 43.98 -15.74
N VAL C 218 -27.23 43.36 -14.62
CA VAL C 218 -27.32 43.98 -13.31
C VAL C 218 -25.91 44.40 -12.90
N ILE C 219 -25.76 45.69 -12.60
CA ILE C 219 -24.45 46.29 -12.32
C ILE C 219 -24.44 46.79 -10.88
N ILE C 220 -23.32 46.58 -10.20
CA ILE C 220 -23.12 47.07 -8.84
C ILE C 220 -21.92 48.01 -8.84
N LEU C 221 -22.08 49.17 -8.20
CA LEU C 221 -21.02 50.18 -8.16
C LEU C 221 -20.62 50.44 -6.71
N SER C 222 -19.34 50.77 -6.53
CA SER C 222 -18.83 51.18 -5.22
C SER C 222 -17.52 51.94 -5.45
N ALA C 223 -17.55 53.25 -5.21
CA ALA C 223 -16.37 54.10 -5.36
C ALA C 223 -16.60 55.37 -4.56
N SER C 224 -15.74 56.36 -4.76
CA SER C 224 -15.91 57.65 -4.11
C SER C 224 -16.97 58.47 -4.84
N GLU C 225 -17.50 59.47 -4.13
CA GLU C 225 -18.57 60.29 -4.69
C GLU C 225 -18.11 61.04 -5.94
N ASP C 226 -16.90 61.60 -5.89
CA ASP C 226 -16.37 62.30 -7.07
C ASP C 226 -16.13 61.34 -8.22
N ASP C 227 -15.60 60.15 -7.94
CA ASP C 227 -15.32 59.18 -8.99
C ASP C 227 -16.62 58.67 -9.61
N ALA C 228 -17.70 58.61 -8.84
CA ALA C 228 -18.95 58.07 -9.34
C ALA C 228 -19.50 58.89 -10.50
N ALA C 229 -19.45 60.22 -10.40
CA ALA C 229 -20.02 61.07 -11.44
C ALA C 229 -19.35 60.87 -12.79
N THR C 230 -18.06 60.52 -12.79
CA THR C 230 -17.36 60.26 -14.04
C THR C 230 -17.98 59.08 -14.77
N VAL C 231 -18.18 57.96 -14.07
CA VAL C 231 -18.83 56.80 -14.69
C VAL C 231 -20.27 57.13 -15.04
N TYR C 232 -20.93 57.93 -14.20
CA TYR C 232 -22.32 58.31 -14.45
C TYR C 232 -22.45 59.04 -15.78
N ARG C 233 -21.54 59.98 -16.04
CA ARG C 233 -21.57 60.73 -17.29
C ARG C 233 -21.04 59.91 -18.46
N ALA C 234 -20.12 58.97 -18.21
CA ALA C 234 -19.58 58.16 -19.30
C ALA C 234 -20.60 57.14 -19.81
N ALA C 235 -21.39 56.55 -18.90
CA ALA C 235 -22.33 55.51 -19.30
C ALA C 235 -23.54 56.10 -20.02
N ALA C 236 -23.81 57.39 -19.83
CA ALA C 236 -24.99 58.00 -20.45
C ALA C 236 -24.89 57.98 -21.98
N MET C 237 -23.72 58.30 -22.52
CA MET C 237 -23.55 58.34 -23.96
C MET C 237 -23.38 56.96 -24.60
N LEU C 238 -23.23 55.91 -23.79
CA LEU C 238 -23.16 54.55 -24.30
C LEU C 238 -24.51 53.84 -24.28
N ASP C 239 -25.55 54.47 -23.74
CA ASP C 239 -26.88 53.89 -23.62
C ASP C 239 -26.86 52.62 -22.77
N MET C 240 -26.13 52.69 -21.66
CA MET C 240 -26.21 51.66 -20.62
C MET C 240 -27.29 51.94 -19.59
N THR C 241 -27.92 53.12 -19.64
CA THR C 241 -28.96 53.49 -18.69
C THR C 241 -30.37 53.23 -19.21
N GLY C 242 -30.51 52.60 -20.38
CA GLY C 242 -31.80 52.35 -20.96
C GLY C 242 -32.51 51.18 -20.31
N SER C 243 -33.60 50.76 -20.96
CA SER C 243 -34.41 49.66 -20.44
C SER C 243 -33.60 48.37 -20.44
N GLY C 244 -33.87 47.54 -19.43
CA GLY C 244 -33.17 46.27 -19.28
C GLY C 244 -31.97 46.30 -18.36
N TYR C 245 -31.78 47.36 -17.58
CA TYR C 245 -30.65 47.46 -16.68
C TYR C 245 -31.13 47.76 -15.27
N VAL C 246 -30.36 47.30 -14.29
CA VAL C 246 -30.65 47.53 -12.88
C VAL C 246 -29.37 48.03 -12.22
N TRP C 247 -29.48 49.11 -11.45
CA TRP C 247 -28.34 49.75 -10.82
C TRP C 247 -28.52 49.79 -9.31
N LEU C 248 -27.48 49.41 -8.59
CA LEU C 248 -27.44 49.49 -7.14
C LEU C 248 -26.18 50.23 -6.73
N VAL C 249 -26.29 51.12 -5.75
CA VAL C 249 -25.20 51.98 -5.33
C VAL C 249 -25.06 51.90 -3.81
N GLY C 250 -24.11 52.68 -3.28
CA GLY C 250 -23.86 52.70 -1.85
C GLY C 250 -24.15 54.03 -1.20
N GLU C 251 -23.59 54.24 0.00
CA GLU C 251 -23.87 55.45 0.76
C GLU C 251 -23.15 56.66 0.18
N ARG C 252 -21.90 56.49 -0.24
CA ARG C 252 -21.07 57.64 -0.62
C ARG C 252 -21.45 58.19 -1.99
N GLU C 253 -21.79 57.32 -2.93
CA GLU C 253 -21.94 57.72 -4.33
C GLU C 253 -23.37 58.08 -4.71
N ILE C 254 -24.30 58.12 -3.77
CA ILE C 254 -25.67 58.47 -4.09
C ILE C 254 -25.91 59.98 -3.98
N SER C 255 -25.37 60.63 -2.96
CA SER C 255 -25.62 62.04 -2.71
C SER C 255 -24.58 62.89 -3.44
N GLY C 256 -24.56 64.19 -3.14
CA GLY C 256 -23.63 65.09 -3.78
C GLY C 256 -24.10 65.51 -5.17
N ASN C 257 -23.15 65.95 -5.99
CA ASN C 257 -23.46 66.39 -7.34
C ASN C 257 -23.85 65.23 -8.25
N ALA C 258 -23.69 63.98 -7.81
CA ALA C 258 -24.18 62.85 -8.58
C ALA C 258 -25.70 62.89 -8.71
N LEU C 259 -26.39 63.46 -7.72
CA LEU C 259 -27.83 63.63 -7.83
C LEU C 259 -28.20 64.52 -9.03
N ARG C 260 -27.32 65.46 -9.37
CA ARG C 260 -27.60 66.34 -10.52
C ARG C 260 -27.38 65.63 -11.84
N TYR C 261 -26.74 64.45 -11.82
CA TYR C 261 -26.41 63.71 -13.04
C TYR C 261 -26.87 62.26 -13.00
N ALA C 262 -27.60 61.87 -11.95
CA ALA C 262 -28.03 60.48 -11.82
C ALA C 262 -29.22 60.20 -12.72
N PRO C 263 -29.14 59.23 -13.64
CA PRO C 263 -30.33 58.83 -14.39
C PRO C 263 -31.41 58.27 -13.47
N ASP C 264 -32.65 58.51 -13.83
CA ASP C 264 -33.77 58.08 -13.02
C ASP C 264 -33.87 56.56 -12.96
N GLY C 265 -34.28 56.04 -11.81
CA GLY C 265 -34.47 54.62 -11.63
C GLY C 265 -33.39 53.91 -10.83
N ILE C 266 -32.53 54.64 -10.13
CA ILE C 266 -31.44 54.02 -9.38
C ILE C 266 -31.91 53.73 -7.95
N ILE C 267 -31.52 52.56 -7.44
CA ILE C 267 -31.88 52.13 -6.10
C ILE C 267 -30.63 52.20 -5.22
N GLY C 268 -30.75 52.86 -4.07
CA GLY C 268 -29.64 53.03 -3.16
C GLY C 268 -29.96 52.53 -1.76
N LEU C 269 -29.04 52.82 -0.85
CA LEU C 269 -29.16 52.43 0.56
C LEU C 269 -28.95 53.63 1.45
N GLN C 270 -29.57 53.60 2.62
CA GLN C 270 -29.43 54.67 3.61
C GLN C 270 -29.60 54.08 5.00
N LEU C 271 -29.05 54.79 5.98
CA LEU C 271 -29.07 54.37 7.38
C LEU C 271 -30.10 55.16 8.16
N ILE C 272 -30.57 54.58 9.26
CA ILE C 272 -31.57 55.25 10.10
C ILE C 272 -30.94 56.30 11.01
N ASN C 273 -29.62 56.27 11.18
CA ASN C 273 -28.90 57.15 12.11
C ASN C 273 -27.70 57.77 11.41
N GLY C 274 -27.92 58.32 10.21
CA GLY C 274 -26.83 58.89 9.45
C GLY C 274 -26.10 59.99 10.19
N LYS C 275 -26.84 60.89 10.83
CA LYS C 275 -26.26 61.95 11.64
C LYS C 275 -27.21 62.27 12.79
N ASN C 276 -27.03 61.57 13.92
CA ASN C 276 -27.77 61.85 15.15
C ASN C 276 -26.74 61.85 16.27
N GLU C 277 -26.12 63.02 16.50
CA GLU C 277 -24.98 63.09 17.40
C GLU C 277 -25.38 62.95 18.86
N SER C 278 -26.44 63.65 19.27
CA SER C 278 -26.81 63.66 20.69
C SER C 278 -27.29 62.29 21.15
N ALA C 279 -28.08 61.60 20.33
CA ALA C 279 -28.53 60.26 20.68
C ALA C 279 -27.36 59.28 20.74
N HIS C 280 -26.43 59.40 19.80
CA HIS C 280 -25.24 58.55 19.83
C HIS C 280 -24.43 58.80 21.10
N ILE C 281 -24.27 60.07 21.49
CA ILE C 281 -23.56 60.40 22.72
C ILE C 281 -24.27 59.79 23.93
N SER C 282 -25.59 59.90 23.97
CA SER C 282 -26.36 59.34 25.08
C SER C 282 -26.18 57.83 25.16
N ASP C 283 -26.28 57.15 24.01
CA ASP C 283 -26.11 55.69 23.99
C ASP C 283 -24.70 55.30 24.45
N ALA C 284 -23.68 56.02 23.97
CA ALA C 284 -22.31 55.70 24.34
C ALA C 284 -22.09 55.91 25.83
N VAL C 285 -22.61 57.02 26.38
CA VAL C 285 -22.47 57.28 27.81
C VAL C 285 -23.17 56.20 28.61
N GLY C 286 -24.37 55.80 28.19
CA GLY C 286 -25.08 54.75 28.91
C GLY C 286 -24.32 53.43 28.90
N VAL C 287 -23.81 53.02 27.75
CA VAL C 287 -23.13 51.73 27.68
C VAL C 287 -21.81 51.78 28.43
N VAL C 288 -21.09 52.90 28.36
CA VAL C 288 -19.83 53.01 29.09
C VAL C 288 -20.05 53.04 30.59
N ALA C 289 -21.14 53.70 31.04
CA ALA C 289 -21.47 53.68 32.46
C ALA C 289 -21.83 52.28 32.93
N GLN C 290 -22.63 51.56 32.12
CA GLN C 290 -22.98 50.19 32.49
C GLN C 290 -21.75 49.31 32.55
N ALA C 291 -20.81 49.49 31.62
CA ALA C 291 -19.59 48.70 31.62
C ALA C 291 -18.71 49.02 32.83
N VAL C 292 -18.52 50.31 33.12
CA VAL C 292 -17.65 50.70 34.22
C VAL C 292 -18.29 50.35 35.57
N HIS C 293 -19.62 50.21 35.62
CA HIS C 293 -20.25 49.77 36.86
C HIS C 293 -19.79 48.36 37.24
N GLU C 294 -19.71 47.46 36.25
CA GLU C 294 -19.17 46.13 36.50
C GLU C 294 -17.66 46.13 36.59
N LEU C 295 -17.00 47.08 35.92
CA LEU C 295 -15.53 47.14 35.96
C LEU C 295 -15.03 47.42 37.37
N LEU C 296 -15.69 48.33 38.09
CA LEU C 296 -15.32 48.61 39.47
C LEU C 296 -15.67 47.46 40.40
N GLU C 297 -16.45 46.48 39.95
CA GLU C 297 -16.75 45.29 40.72
C GLU C 297 -15.85 44.12 40.32
N LYS C 298 -14.64 44.41 39.84
CA LYS C 298 -13.70 43.40 39.39
C LYS C 298 -12.40 43.53 40.17
N GLU C 299 -11.62 42.45 40.16
CA GLU C 299 -10.38 42.38 40.88
C GLU C 299 -9.22 42.91 40.04
N ASN C 300 -8.09 43.17 40.70
CA ASN C 300 -6.88 43.68 40.07
C ASN C 300 -7.15 44.96 39.30
N ILE C 301 -7.93 45.86 39.89
CA ILE C 301 -8.24 47.14 39.28
C ILE C 301 -7.12 48.12 39.60
N THR C 302 -6.55 48.72 38.56
CA THR C 302 -5.48 49.70 38.71
C THR C 302 -5.80 50.90 37.84
N ASP C 303 -5.63 52.10 38.40
CA ASP C 303 -5.92 53.32 37.65
C ASP C 303 -4.84 53.56 36.60
N PRO C 304 -5.22 53.88 35.36
CA PRO C 304 -4.21 54.20 34.34
C PRO C 304 -3.43 55.45 34.74
N PRO C 305 -2.17 55.55 34.34
CA PRO C 305 -1.36 56.67 34.80
C PRO C 305 -1.71 57.95 34.05
N ARG C 306 -1.75 59.05 34.81
CA ARG C 306 -1.98 60.38 34.26
C ARG C 306 -0.68 61.07 33.89
N GLY C 307 0.45 60.40 34.05
CA GLY C 307 1.74 60.96 33.71
C GLY C 307 2.17 60.73 32.28
N CYS C 308 1.62 61.49 31.33
CA CYS C 308 2.11 61.40 29.95
C CYS C 308 3.62 61.57 29.92
N VAL C 309 4.13 62.62 30.57
CA VAL C 309 5.57 62.79 30.70
C VAL C 309 6.15 61.74 31.63
N GLY C 310 5.42 61.40 32.70
CA GLY C 310 5.93 60.57 33.77
C GLY C 310 6.32 59.15 33.41
N ASN C 311 5.35 58.33 33.03
CA ASN C 311 5.55 56.90 32.85
C ASN C 311 5.12 56.48 31.45
N THR C 312 5.78 55.44 30.93
CA THR C 312 5.51 54.91 29.60
C THR C 312 5.18 53.42 29.62
N ASN C 313 4.69 52.89 30.73
CA ASN C 313 4.35 51.48 30.82
C ASN C 313 2.97 51.26 30.20
N ILE C 314 2.40 50.07 30.39
CA ILE C 314 1.10 49.70 29.85
C ILE C 314 0.13 49.52 31.00
N TRP C 315 -1.06 50.11 30.88
CA TRP C 315 -2.06 50.02 31.93
C TRP C 315 -2.57 48.59 32.07
N LYS C 316 -2.70 48.13 33.31
CA LYS C 316 -3.22 46.78 33.55
C LYS C 316 -4.66 46.65 33.07
N THR C 317 -5.48 47.69 33.27
CA THR C 317 -6.86 47.70 32.81
C THR C 317 -6.91 47.99 31.31
N GLY C 318 -6.36 47.05 30.54
CA GLY C 318 -6.29 47.17 29.11
C GLY C 318 -7.19 46.18 28.41
N PRO C 319 -6.62 45.07 27.95
CA PRO C 319 -7.43 44.05 27.25
C PRO C 319 -8.56 43.49 28.09
N LEU C 320 -8.44 43.52 29.43
CA LEU C 320 -9.54 43.06 30.28
C LEU C 320 -10.79 43.89 30.05
N PHE C 321 -10.63 45.22 29.96
CA PHE C 321 -11.80 46.09 29.79
C PHE C 321 -12.46 45.86 28.44
N LYS C 322 -11.67 45.68 27.38
CA LYS C 322 -12.24 45.35 26.08
C LYS C 322 -12.94 44.00 26.11
N ARG C 323 -12.35 43.03 26.81
CA ARG C 323 -12.97 41.70 26.90
C ARG C 323 -14.31 41.76 27.62
N VAL C 324 -14.40 42.55 28.69
CA VAL C 324 -15.68 42.66 29.38
C VAL C 324 -16.64 43.54 28.59
N LEU C 325 -16.14 44.44 27.75
CA LEU C 325 -17.01 45.16 26.82
C LEU C 325 -17.63 44.20 25.80
N MET C 326 -16.86 43.23 25.34
CA MET C 326 -17.35 42.29 24.33
C MET C 326 -18.53 41.47 24.83
N SER C 327 -18.69 41.31 26.14
CA SER C 327 -19.82 40.59 26.70
C SER C 327 -20.99 41.50 27.07
N SER C 328 -20.84 42.81 26.93
CA SER C 328 -21.90 43.74 27.30
C SER C 328 -22.99 43.78 26.23
N LYS C 329 -24.17 44.25 26.64
CA LYS C 329 -25.31 44.36 25.73
C LYS C 329 -26.28 45.37 26.31
N TYR C 330 -26.56 46.43 25.55
CA TYR C 330 -27.48 47.46 26.00
C TYR C 330 -28.90 46.92 26.03
N ALA C 331 -29.67 47.34 27.04
CA ALA C 331 -31.05 46.86 27.18
C ALA C 331 -31.96 47.50 26.14
N ASP C 332 -32.11 48.82 26.19
CA ASP C 332 -32.96 49.53 25.24
C ASP C 332 -32.55 51.00 25.23
N GLY C 333 -32.14 51.50 24.06
CA GLY C 333 -31.81 52.89 23.90
C GLY C 333 -32.67 53.54 22.83
N VAL C 334 -32.47 54.85 22.68
CA VAL C 334 -33.19 55.59 21.63
C VAL C 334 -32.78 55.08 20.26
N THR C 335 -31.56 54.56 20.13
CA THR C 335 -31.10 53.92 18.91
C THR C 335 -31.40 52.43 18.87
N GLY C 336 -32.34 51.96 19.69
CA GLY C 336 -32.69 50.56 19.75
C GLY C 336 -31.65 49.73 20.51
N ARG C 337 -31.87 48.43 20.47
CA ARG C 337 -30.94 47.50 21.10
C ARG C 337 -29.60 47.52 20.36
N VAL C 338 -28.51 47.39 21.12
CA VAL C 338 -27.16 47.47 20.59
C VAL C 338 -26.44 46.16 20.86
N GLU C 339 -25.93 45.54 19.80
CA GLU C 339 -25.13 44.32 19.90
C GLU C 339 -23.83 44.52 19.13
N PHE C 340 -22.72 44.08 19.73
CA PHE C 340 -21.40 44.23 19.14
C PHE C 340 -20.85 42.87 18.74
N ASN C 341 -20.42 42.76 17.49
CA ASN C 341 -19.85 41.53 16.97
C ASN C 341 -18.40 41.42 17.46
N GLU C 342 -17.79 40.25 17.29
CA GLU C 342 -16.44 40.02 17.81
C GLU C 342 -15.42 40.93 17.15
N ASP C 343 -15.73 41.45 15.95
CA ASP C 343 -14.82 42.34 15.24
C ASP C 343 -15.01 43.80 15.65
N GLY C 344 -15.64 44.03 16.81
CA GLY C 344 -15.82 45.37 17.34
C GLY C 344 -16.62 46.29 16.44
N ASP C 345 -17.75 45.81 15.93
CA ASP C 345 -18.57 46.57 15.00
C ASP C 345 -20.04 46.47 15.41
N ARG C 346 -20.82 47.45 14.97
CA ARG C 346 -22.24 47.51 15.26
C ARG C 346 -23.01 46.60 14.29
N LYS C 347 -23.85 45.74 14.83
CA LYS C 347 -24.66 44.83 14.05
C LYS C 347 -26.14 45.01 14.38
N PHE C 348 -26.98 44.21 13.72
CA PHE C 348 -28.43 44.33 13.82
C PHE C 348 -28.89 45.74 13.44
N ALA C 349 -28.24 46.31 12.43
CA ALA C 349 -28.56 47.65 11.97
C ALA C 349 -29.82 47.65 11.13
N GLN C 350 -30.38 48.84 10.94
CA GLN C 350 -31.59 49.04 10.14
C GLN C 350 -31.23 49.83 8.90
N TYR C 351 -31.52 49.26 7.73
CA TYR C 351 -31.24 49.89 6.46
C TYR C 351 -32.53 50.22 5.74
N SER C 352 -32.55 51.36 5.06
CA SER C 352 -33.72 51.84 4.34
C SER C 352 -33.47 51.77 2.85
N ILE C 353 -34.36 51.09 2.13
CA ILE C 353 -34.28 51.02 0.67
C ILE C 353 -34.86 52.29 0.08
N MET C 354 -34.06 52.99 -0.71
CA MET C 354 -34.43 54.29 -1.25
C MET C 354 -34.37 54.26 -2.77
N ASN C 355 -35.31 54.93 -3.42
CA ASN C 355 -35.37 55.03 -4.86
C ASN C 355 -35.54 56.49 -5.26
N LEU C 356 -34.84 56.90 -6.31
CA LEU C 356 -34.91 58.26 -6.83
C LEU C 356 -35.93 58.29 -7.95
N GLN C 357 -37.12 58.82 -7.65
CA GLN C 357 -38.23 58.85 -8.60
C GLN C 357 -38.30 60.26 -9.18
N ASN C 358 -37.55 60.48 -10.26
CA ASN C 358 -37.51 61.76 -10.96
C ASN C 358 -37.14 62.90 -10.01
N ARG C 359 -35.90 62.84 -9.52
CA ARG C 359 -35.36 63.84 -8.59
C ARG C 359 -36.19 63.93 -7.31
N LYS C 360 -36.66 62.79 -6.81
CA LYS C 360 -37.36 62.72 -5.54
C LYS C 360 -36.73 61.62 -4.70
N LEU C 361 -36.20 62.01 -3.53
CA LEU C 361 -35.55 61.07 -2.62
C LEU C 361 -36.65 60.45 -1.75
N VAL C 362 -37.11 59.27 -2.16
CA VAL C 362 -38.25 58.61 -1.52
C VAL C 362 -37.78 57.26 -1.00
N GLN C 363 -38.02 57.01 0.29
CA GLN C 363 -37.74 55.72 0.89
C GLN C 363 -38.86 54.74 0.57
N VAL C 364 -38.49 53.48 0.30
CA VAL C 364 -39.46 52.50 -0.18
C VAL C 364 -39.49 51.28 0.72
N GLY C 365 -38.38 50.96 1.38
CA GLY C 365 -38.30 49.73 2.15
C GLY C 365 -37.43 49.90 3.38
N ILE C 366 -37.59 48.95 4.31
CA ILE C 366 -36.79 48.88 5.52
C ILE C 366 -36.13 47.50 5.56
N TYR C 367 -35.09 47.39 6.38
CA TYR C 367 -34.27 46.19 6.46
C TYR C 367 -33.92 45.92 7.93
N ASN C 368 -34.70 45.09 8.61
CA ASN C 368 -34.32 44.61 9.93
C ASN C 368 -33.49 43.34 9.75
N GLY C 369 -32.39 43.24 10.50
CA GLY C 369 -31.66 41.99 10.58
C GLY C 369 -31.21 41.46 9.24
N THR C 370 -31.89 40.43 8.75
CA THR C 370 -31.67 39.84 7.44
C THR C 370 -33.00 39.65 6.72
N HIS C 371 -33.87 40.67 6.76
CA HIS C 371 -35.19 40.58 6.17
C HIS C 371 -35.54 41.90 5.50
N VAL C 372 -36.31 41.81 4.42
CA VAL C 372 -36.70 42.96 3.60
C VAL C 372 -38.20 43.17 3.75
N ILE C 373 -38.60 44.42 4.00
CA ILE C 373 -40.01 44.77 4.14
C ILE C 373 -40.35 45.89 3.18
N PRO C 374 -41.34 45.71 2.31
CA PRO C 374 -41.74 46.77 1.38
C PRO C 374 -42.77 47.71 2.01
N ASN C 375 -42.98 48.84 1.33
CA ASN C 375 -43.96 49.82 1.80
C ASN C 375 -44.96 50.15 0.70
N ASP C 376 -45.78 51.19 0.93
CA ASP C 376 -46.83 51.53 -0.02
C ASP C 376 -46.28 52.12 -1.31
N ARG C 377 -45.10 52.73 -1.27
CA ARG C 377 -44.56 53.38 -2.46
C ARG C 377 -44.26 52.35 -3.54
N LYS C 378 -44.47 52.75 -4.80
CA LYS C 378 -44.23 51.91 -5.95
C LYS C 378 -42.88 52.23 -6.57
N ILE C 379 -42.15 51.19 -6.96
CA ILE C 379 -40.80 51.32 -7.49
C ILE C 379 -40.86 51.44 -9.01
N ILE C 380 -40.25 52.48 -9.55
CA ILE C 380 -40.03 52.60 -10.99
C ILE C 380 -38.55 52.33 -11.28
N TRP C 381 -38.30 51.68 -12.39
CA TRP C 381 -36.98 51.20 -12.77
C TRP C 381 -36.56 51.81 -14.09
N PRO C 382 -35.26 51.83 -14.42
CA PRO C 382 -34.80 52.54 -15.61
C PRO C 382 -35.52 52.07 -16.87
N GLY C 383 -35.78 53.02 -17.76
CA GLY C 383 -36.58 52.80 -18.94
C GLY C 383 -38.01 53.26 -18.83
N GLY C 384 -38.50 53.47 -17.60
CA GLY C 384 -39.85 53.93 -17.38
C GLY C 384 -40.88 52.85 -17.15
N GLU C 385 -40.58 51.62 -17.53
CA GLU C 385 -41.53 50.53 -17.37
C GLU C 385 -41.74 50.20 -15.89
N THR C 386 -42.97 49.81 -15.56
CA THR C 386 -43.31 49.42 -14.20
C THR C 386 -43.21 47.91 -13.99
N GLU C 387 -42.76 47.17 -15.00
CA GLU C 387 -42.61 45.72 -14.90
C GLU C 387 -41.14 45.38 -14.66
N LYS C 388 -40.90 44.41 -13.79
CA LYS C 388 -39.54 44.04 -13.44
C LYS C 388 -38.93 43.18 -14.53
N PRO C 389 -37.77 43.57 -15.07
CA PRO C 389 -37.07 42.69 -16.01
C PRO C 389 -36.52 41.46 -15.30
N ARG C 390 -36.34 40.39 -16.06
CA ARG C 390 -35.86 39.13 -15.51
C ARG C 390 -34.43 39.23 -14.99
N GLY C 391 -33.66 40.21 -15.44
CA GLY C 391 -32.30 40.40 -14.98
C GLY C 391 -31.24 39.62 -15.73
N TYR C 392 -31.64 38.75 -16.66
CA TYR C 392 -30.70 37.96 -17.45
C TYR C 392 -31.05 38.09 -18.92
N GLN C 393 -30.02 38.11 -19.76
CA GLN C 393 -30.20 38.25 -21.21
C GLN C 393 -29.31 37.20 -21.89
N MET C 394 -29.89 36.05 -22.21
CA MET C 394 -29.16 35.00 -22.91
C MET C 394 -28.83 35.45 -24.33
N SER C 395 -27.63 35.11 -24.77
CA SER C 395 -27.15 35.46 -26.11
C SER C 395 -27.02 34.21 -26.96
N THR C 396 -27.20 34.39 -28.27
CA THR C 396 -27.25 33.29 -29.21
C THR C 396 -25.92 33.06 -29.93
N ARG C 397 -24.85 33.74 -29.52
CA ARG C 397 -23.54 33.55 -30.10
C ARG C 397 -22.59 32.94 -29.06
N LEU C 398 -21.70 32.08 -29.54
CA LEU C 398 -20.74 31.40 -28.69
C LEU C 398 -19.35 31.53 -29.29
N LYS C 399 -18.37 31.83 -28.44
CA LYS C 399 -16.98 31.95 -28.84
C LYS C 399 -16.26 30.66 -28.45
N ILE C 400 -15.87 29.89 -29.45
CA ILE C 400 -15.29 28.57 -29.25
C ILE C 400 -13.80 28.61 -29.57
N VAL C 401 -12.99 28.12 -28.64
CA VAL C 401 -11.54 28.09 -28.80
C VAL C 401 -11.09 26.64 -28.84
N THR C 402 -10.10 26.35 -29.67
CA THR C 402 -9.62 24.99 -29.88
C THR C 402 -8.11 24.98 -29.79
N ILE C 403 -7.51 23.84 -30.14
CA ILE C 403 -6.06 23.68 -30.18
C ILE C 403 -5.73 22.77 -31.36
N HIS C 404 -4.48 22.86 -31.81
CA HIS C 404 -4.03 22.11 -32.97
C HIS C 404 -3.53 20.74 -32.52
N GLN C 405 -4.36 19.72 -32.71
CA GLN C 405 -3.99 18.33 -32.51
C GLN C 405 -4.10 17.61 -33.84
N GLU C 406 -3.05 16.88 -34.21
CA GLU C 406 -2.93 16.41 -35.59
C GLU C 406 -4.08 15.52 -36.04
N PRO C 407 -4.51 14.50 -35.30
CA PRO C 407 -5.61 13.67 -35.82
C PRO C 407 -6.95 14.39 -35.86
N PHE C 408 -7.24 15.25 -34.88
CA PHE C 408 -8.58 15.81 -34.74
C PHE C 408 -8.74 17.09 -35.54
N VAL C 409 -7.87 18.08 -35.30
CA VAL C 409 -8.01 19.40 -35.90
C VAL C 409 -6.80 19.65 -36.79
N TYR C 410 -7.05 19.80 -38.09
CA TYR C 410 -6.01 20.16 -39.04
C TYR C 410 -5.95 21.67 -39.21
N VAL C 411 -4.80 22.16 -39.68
CA VAL C 411 -4.61 23.57 -39.97
C VAL C 411 -3.91 23.70 -41.31
N LYS C 412 -4.51 24.49 -42.21
CA LYS C 412 -3.97 24.74 -43.54
C LYS C 412 -4.06 26.22 -43.87
N PRO C 413 -3.13 26.75 -44.66
CA PRO C 413 -3.22 28.15 -45.06
C PRO C 413 -4.15 28.33 -46.26
N THR C 414 -5.01 29.34 -46.17
CA THR C 414 -6.00 29.57 -47.21
C THR C 414 -5.35 30.12 -48.47
N MET C 415 -6.13 30.15 -49.54
CA MET C 415 -5.65 30.63 -50.83
C MET C 415 -5.52 32.15 -50.82
N SER C 416 -4.97 32.69 -51.91
CA SER C 416 -4.75 34.14 -52.00
C SER C 416 -6.05 34.92 -52.02
N ASP C 417 -7.12 34.32 -52.53
CA ASP C 417 -8.41 35.02 -52.61
C ASP C 417 -8.93 35.38 -51.22
N GLY C 418 -8.79 34.47 -50.26
CA GLY C 418 -9.36 34.63 -48.93
C GLY C 418 -10.39 33.59 -48.57
N THR C 419 -10.79 32.73 -49.51
CA THR C 419 -11.69 31.62 -49.23
C THR C 419 -10.93 30.32 -49.34
N CYS C 420 -11.19 29.42 -48.40
CA CYS C 420 -10.42 28.18 -48.29
C CYS C 420 -10.68 27.28 -49.49
N LYS C 421 -9.60 26.66 -49.97
CA LYS C 421 -9.66 25.90 -51.22
C LYS C 421 -10.46 24.62 -51.06
N GLU C 422 -11.33 24.37 -52.05
CA GLU C 422 -12.16 23.18 -52.01
C GLU C 422 -11.33 21.92 -52.24
N GLU C 423 -11.75 20.83 -51.61
CA GLU C 423 -11.09 19.54 -51.77
C GLU C 423 -12.12 18.43 -51.59
N PHE C 424 -11.76 17.24 -52.08
CA PHE C 424 -12.63 16.07 -51.96
C PHE C 424 -11.80 14.87 -51.52
N THR C 425 -12.43 13.99 -50.76
CA THR C 425 -11.79 12.78 -50.27
C THR C 425 -12.00 11.64 -51.27
N VAL C 426 -11.69 10.41 -50.85
CA VAL C 426 -11.88 9.27 -51.73
C VAL C 426 -13.36 9.08 -52.08
N ASN C 427 -14.26 9.40 -51.15
CA ASN C 427 -15.68 9.37 -51.45
C ASN C 427 -16.10 10.56 -52.31
N GLY C 428 -15.44 11.70 -52.11
CA GLY C 428 -15.80 12.92 -52.81
C GLY C 428 -16.84 13.77 -52.13
N ASP C 429 -17.35 13.35 -50.98
CA ASP C 429 -18.35 14.12 -50.26
C ASP C 429 -17.76 15.43 -49.76
N PRO C 430 -18.57 16.48 -49.62
CA PRO C 430 -18.05 17.79 -49.21
C PRO C 430 -17.44 17.74 -47.81
N VAL C 431 -16.14 18.01 -47.73
CA VAL C 431 -15.42 18.07 -46.47
C VAL C 431 -15.66 19.47 -45.89
N LYS C 432 -16.64 19.59 -45.00
CA LYS C 432 -17.02 20.90 -44.47
C LYS C 432 -15.85 21.54 -43.73
N LYS C 433 -15.75 22.86 -43.88
CA LYS C 433 -14.63 23.62 -43.35
C LYS C 433 -15.16 24.89 -42.70
N VAL C 434 -14.32 25.49 -41.84
CA VAL C 434 -14.60 26.77 -41.21
C VAL C 434 -13.34 27.62 -41.26
N ILE C 435 -13.42 28.81 -40.67
CA ILE C 435 -12.34 29.80 -40.70
C ILE C 435 -12.02 30.23 -39.28
N CYS C 436 -10.73 30.38 -38.99
CA CYS C 436 -10.27 30.83 -37.68
C CYS C 436 -9.12 31.81 -37.86
N THR C 437 -8.96 32.68 -36.86
CA THR C 437 -7.89 33.67 -36.85
C THR C 437 -6.71 33.14 -36.02
N GLY C 438 -6.12 32.06 -36.53
CA GLY C 438 -5.01 31.43 -35.86
C GLY C 438 -3.72 32.20 -36.04
N PRO C 439 -3.09 32.58 -34.93
CA PRO C 439 -1.80 33.29 -35.01
C PRO C 439 -0.75 32.46 -35.74
N ASN C 440 -0.30 32.98 -36.88
CA ASN C 440 0.71 32.30 -37.67
C ASN C 440 2.07 32.34 -36.98
N ASP C 441 2.96 31.45 -37.42
CA ASP C 441 4.34 31.40 -36.93
C ASP C 441 4.38 31.21 -35.42
N THR C 442 3.91 30.03 -35.00
CA THR C 442 3.65 29.72 -33.60
C THR C 442 4.88 29.88 -32.71
N SER C 443 6.02 30.25 -33.27
CA SER C 443 7.18 30.58 -32.45
C SER C 443 6.85 31.82 -31.60
N PRO C 444 7.31 31.86 -30.35
CA PRO C 444 6.90 32.96 -29.46
C PRO C 444 7.30 34.34 -29.95
N GLY C 445 8.43 34.47 -30.65
CA GLY C 445 8.91 35.79 -31.05
C GLY C 445 8.13 36.42 -32.19
N SER C 446 7.29 35.65 -32.87
CA SER C 446 6.56 36.16 -34.00
C SER C 446 5.51 37.18 -33.56
N PRO C 447 5.17 38.15 -34.42
CA PRO C 447 4.09 39.08 -34.09
C PRO C 447 2.76 38.37 -33.95
N ARG C 448 1.89 38.93 -33.10
CA ARG C 448 0.62 38.32 -32.75
C ARG C 448 -0.50 38.64 -33.75
N HIS C 449 -0.16 38.98 -34.98
CA HIS C 449 -1.18 39.22 -35.99
C HIS C 449 -1.97 37.95 -36.28
N THR C 450 -3.28 38.10 -36.44
CA THR C 450 -4.19 36.96 -36.59
C THR C 450 -4.69 36.93 -38.03
N VAL C 451 -3.96 36.21 -38.89
CA VAL C 451 -4.37 36.01 -40.28
C VAL C 451 -5.43 34.93 -40.35
N PRO C 452 -6.40 35.03 -41.25
CA PRO C 452 -7.38 33.95 -41.42
C PRO C 452 -6.71 32.68 -41.94
N GLN C 453 -7.25 31.54 -41.52
CA GLN C 453 -6.70 30.23 -41.87
C GLN C 453 -7.85 29.26 -42.05
N CYS C 454 -7.51 28.04 -42.46
CA CYS C 454 -8.47 26.96 -42.70
C CYS C 454 -8.22 25.83 -41.72
N CYS C 455 -9.31 25.24 -41.23
CA CYS C 455 -9.24 24.09 -40.35
C CYS C 455 -10.44 23.17 -40.59
N TYR C 456 -10.24 21.89 -40.33
CA TYR C 456 -11.29 20.89 -40.52
C TYR C 456 -10.87 19.60 -39.82
N GLY C 457 -11.85 18.73 -39.61
CA GLY C 457 -11.56 17.43 -39.05
C GLY C 457 -12.75 16.88 -38.28
N PHE C 458 -12.44 15.89 -37.45
CA PHE C 458 -13.46 15.19 -36.67
C PHE C 458 -14.19 16.15 -35.72
N CYS C 459 -13.44 16.92 -34.94
CA CYS C 459 -14.06 17.86 -34.01
C CYS C 459 -14.86 18.92 -34.74
N ILE C 460 -14.39 19.36 -35.90
CA ILE C 460 -15.14 20.34 -36.69
C ILE C 460 -16.47 19.76 -37.14
N ASP C 461 -16.48 18.51 -37.61
CA ASP C 461 -17.72 17.87 -38.02
C ASP C 461 -18.67 17.71 -36.84
N LEU C 462 -18.14 17.30 -35.69
CA LEU C 462 -18.99 17.17 -34.50
C LEU C 462 -19.58 18.51 -34.10
N LEU C 463 -18.78 19.58 -34.15
CA LEU C 463 -19.27 20.91 -33.83
C LEU C 463 -20.33 21.35 -34.82
N ILE C 464 -20.16 21.04 -36.10
CA ILE C 464 -21.16 21.39 -37.10
C ILE C 464 -22.47 20.67 -36.83
N LYS C 465 -22.39 19.38 -36.46
CA LYS C 465 -23.59 18.64 -36.11
C LYS C 465 -24.28 19.25 -34.89
N LEU C 466 -23.49 19.63 -33.88
CA LEU C 466 -24.07 20.27 -32.71
C LEU C 466 -24.74 21.59 -33.06
N ALA C 467 -24.11 22.39 -33.92
CA ALA C 467 -24.72 23.65 -34.34
C ALA C 467 -26.01 23.42 -35.10
N ARG C 468 -26.04 22.40 -35.95
CA ARG C 468 -27.27 22.06 -36.67
C ARG C 468 -28.37 21.64 -35.71
N THR C 469 -28.04 20.82 -34.72
CA THR C 469 -29.08 20.31 -33.82
C THR C 469 -29.49 21.33 -32.77
N MET C 470 -28.69 22.38 -32.55
CA MET C 470 -29.03 23.39 -31.55
C MET C 470 -29.35 24.76 -32.13
N GLN C 471 -29.14 24.98 -33.43
CA GLN C 471 -29.54 26.20 -34.12
C GLN C 471 -28.91 27.44 -33.49
N PHE C 472 -27.58 27.51 -33.56
CA PHE C 472 -26.86 28.70 -33.13
C PHE C 472 -25.67 28.92 -34.05
N THR C 473 -25.24 30.18 -34.11
CA THR C 473 -24.06 30.56 -34.87
C THR C 473 -22.86 30.70 -33.93
N TYR C 474 -21.68 30.85 -34.52
CA TYR C 474 -20.45 30.85 -33.74
C TYR C 474 -19.34 31.54 -34.53
N GLU C 475 -18.17 31.64 -33.88
CA GLU C 475 -16.95 32.17 -34.49
C GLU C 475 -15.79 31.53 -33.74
N VAL C 476 -15.20 30.49 -34.35
CA VAL C 476 -14.17 29.70 -33.69
C VAL C 476 -12.80 30.26 -34.03
N HIS C 477 -11.96 30.42 -33.00
CA HIS C 477 -10.60 30.90 -33.17
C HIS C 477 -9.65 30.08 -32.30
N LEU C 478 -8.42 29.93 -32.76
CA LEU C 478 -7.46 29.05 -32.12
C LEU C 478 -7.00 29.62 -30.78
N VAL C 479 -6.17 28.83 -30.10
CA VAL C 479 -5.63 29.23 -28.81
C VAL C 479 -4.36 30.07 -29.02
N ALA C 480 -4.00 30.84 -27.98
CA ALA C 480 -2.90 31.79 -28.11
C ALA C 480 -1.56 31.07 -28.28
N ASP C 481 -1.18 30.25 -27.29
CA ASP C 481 0.17 29.68 -27.25
C ASP C 481 0.18 28.15 -27.32
N GLY C 482 -0.96 27.52 -27.56
CA GLY C 482 -1.01 26.08 -27.74
C GLY C 482 -0.63 25.24 -26.53
N LYS C 483 -1.17 25.58 -25.36
CA LYS C 483 -0.95 24.80 -24.14
C LYS C 483 -2.28 24.41 -23.54
N PHE C 484 -2.36 23.18 -23.03
CA PHE C 484 -3.62 22.66 -22.51
C PHE C 484 -3.96 23.20 -21.14
N GLY C 485 -3.00 23.80 -20.43
CA GLY C 485 -3.28 24.49 -19.19
C GLY C 485 -3.17 23.66 -17.92
N THR C 486 -2.48 24.20 -16.92
CA THR C 486 -2.37 23.61 -15.59
C THR C 486 -2.38 24.73 -14.57
N GLN C 487 -2.70 24.38 -13.32
CA GLN C 487 -2.54 25.34 -12.24
C GLN C 487 -1.08 25.69 -12.06
N GLU C 488 -0.80 26.98 -11.90
CA GLU C 488 0.56 27.45 -11.73
C GLU C 488 0.53 28.68 -10.83
N ARG C 489 1.52 28.77 -9.95
CA ARG C 489 1.66 29.88 -9.01
C ARG C 489 2.85 30.73 -9.43
N VAL C 490 2.57 31.98 -9.82
CA VAL C 490 3.58 32.88 -10.37
C VAL C 490 3.91 33.96 -9.35
N GLN C 491 5.18 34.32 -9.27
CA GLN C 491 5.71 35.33 -8.36
C GLN C 491 5.53 34.97 -6.89
N ASN C 492 5.16 33.71 -6.59
CA ASN C 492 5.00 33.23 -5.21
C ASN C 492 4.00 34.06 -4.43
N SER C 493 2.95 34.51 -5.09
CA SER C 493 1.92 35.33 -4.44
C SER C 493 0.86 34.42 -3.83
N ASN C 494 -0.21 35.02 -3.30
CA ASN C 494 -1.30 34.27 -2.69
C ASN C 494 -2.37 33.87 -3.69
N LYS C 495 -2.21 34.23 -4.96
CA LYS C 495 -3.18 33.89 -6.00
C LYS C 495 -2.47 33.12 -7.11
N LYS C 496 -3.07 32.02 -7.53
CA LYS C 496 -2.57 31.21 -8.63
C LYS C 496 -3.62 31.17 -9.73
N GLU C 497 -3.19 31.43 -10.96
CA GLU C 497 -4.08 31.51 -12.11
C GLU C 497 -3.58 30.57 -13.20
N TRP C 498 -4.52 30.06 -13.98
CA TRP C 498 -4.18 29.14 -15.07
C TRP C 498 -3.51 29.90 -16.21
N ASN C 499 -2.79 29.14 -17.04
CA ASN C 499 -2.27 29.66 -18.30
C ASN C 499 -2.50 28.63 -19.40
N GLY C 500 -3.04 29.08 -20.52
CA GLY C 500 -3.42 28.20 -21.61
C GLY C 500 -4.90 28.31 -21.92
N MET C 501 -5.39 27.34 -22.70
CA MET C 501 -6.78 27.34 -23.13
C MET C 501 -7.74 27.44 -21.94
N MET C 502 -7.36 26.84 -20.82
CA MET C 502 -8.09 27.01 -19.56
C MET C 502 -8.23 28.48 -19.20
N GLY C 503 -7.20 29.26 -19.50
CA GLY C 503 -7.20 30.67 -19.14
C GLY C 503 -8.32 31.46 -19.80
N GLU C 504 -8.49 31.33 -21.11
CA GLU C 504 -9.60 32.05 -21.73
C GLU C 504 -10.92 31.33 -21.56
N LEU C 505 -10.90 30.04 -21.18
CA LEU C 505 -12.15 29.41 -20.78
C LEU C 505 -12.68 30.03 -19.50
N LEU C 506 -11.80 30.29 -18.53
CA LEU C 506 -12.24 30.88 -17.27
C LEU C 506 -12.48 32.38 -17.42
N SER C 507 -11.63 33.09 -18.15
CA SER C 507 -11.63 34.55 -18.12
C SER C 507 -12.73 35.18 -18.95
N GLY C 508 -13.45 34.40 -19.75
CA GLY C 508 -14.60 34.90 -20.48
C GLY C 508 -14.38 35.18 -21.95
N GLN C 509 -13.13 35.16 -22.43
CA GLN C 509 -12.90 35.33 -23.86
C GLN C 509 -13.47 34.18 -24.68
N ALA C 510 -13.69 33.02 -24.06
CA ALA C 510 -14.35 31.89 -24.69
C ALA C 510 -15.43 31.37 -23.75
N ASP C 511 -16.32 30.53 -24.29
CA ASP C 511 -17.44 30.01 -23.51
C ASP C 511 -17.58 28.50 -23.54
N MET C 512 -17.05 27.81 -24.55
CA MET C 512 -17.14 26.36 -24.62
C MET C 512 -15.84 25.80 -25.19
N ILE C 513 -15.59 24.53 -24.88
CA ILE C 513 -14.40 23.83 -25.34
C ILE C 513 -14.82 22.65 -26.19
N VAL C 514 -14.29 22.57 -27.41
CA VAL C 514 -14.48 21.42 -28.29
C VAL C 514 -13.09 21.04 -28.78
N ALA C 515 -12.44 20.11 -28.08
CA ALA C 515 -11.07 19.70 -28.35
C ALA C 515 -10.73 18.52 -27.45
N PRO C 516 -9.67 17.76 -27.75
CA PRO C 516 -9.24 16.71 -26.83
C PRO C 516 -8.82 17.29 -25.48
N LEU C 517 -9.58 16.98 -24.44
CA LEU C 517 -9.33 17.52 -23.10
C LEU C 517 -9.72 16.44 -22.10
N THR C 518 -8.73 15.70 -21.61
CA THR C 518 -8.97 14.60 -20.69
C THR C 518 -9.50 15.11 -19.36
N ILE C 519 -10.31 14.29 -18.72
CA ILE C 519 -10.96 14.63 -17.46
C ILE C 519 -10.14 14.06 -16.31
N ASN C 520 -9.85 14.89 -15.31
CA ASN C 520 -9.15 14.43 -14.11
C ASN C 520 -9.75 15.16 -12.90
N ASN C 521 -9.11 15.00 -11.75
CA ASN C 521 -9.64 15.60 -10.52
C ASN C 521 -9.37 17.09 -10.48
N GLU C 522 -8.22 17.53 -11.00
CA GLU C 522 -7.82 18.93 -10.87
C GLU C 522 -8.79 19.86 -11.57
N ARG C 523 -9.08 19.58 -12.85
CA ARG C 523 -9.96 20.46 -13.63
C ARG C 523 -11.42 20.32 -13.26
N ALA C 524 -11.82 19.26 -12.56
CA ALA C 524 -13.23 19.00 -12.33
C ALA C 524 -13.86 19.95 -11.31
N GLN C 525 -13.07 20.77 -10.63
CA GLN C 525 -13.60 21.66 -9.60
C GLN C 525 -14.09 22.99 -10.16
N TYR C 526 -13.39 23.53 -11.17
CA TYR C 526 -13.71 24.86 -11.67
C TYR C 526 -14.69 24.83 -12.85
N ILE C 527 -14.66 23.77 -13.67
CA ILE C 527 -15.58 23.62 -14.78
C ILE C 527 -16.20 22.23 -14.73
N GLU C 528 -17.05 21.94 -15.70
CA GLU C 528 -17.80 20.69 -15.77
C GLU C 528 -17.76 20.16 -17.19
N PHE C 529 -17.76 18.84 -17.32
CA PHE C 529 -17.67 18.19 -18.62
C PHE C 529 -18.95 17.42 -18.92
N SER C 530 -19.25 17.31 -20.21
CA SER C 530 -20.33 16.45 -20.66
C SER C 530 -19.85 14.99 -20.68
N LYS C 531 -20.76 14.08 -20.98
CA LYS C 531 -20.40 12.68 -21.09
C LYS C 531 -19.39 12.49 -22.22
N PRO C 532 -18.40 11.63 -22.05
CA PRO C 532 -17.33 11.54 -23.06
C PRO C 532 -17.84 10.95 -24.37
N PHE C 533 -17.21 11.41 -25.46
CA PHE C 533 -17.52 10.92 -26.80
C PHE C 533 -16.40 10.09 -27.40
N LYS C 534 -15.42 9.69 -26.58
CA LYS C 534 -14.32 8.85 -27.02
C LYS C 534 -13.56 8.31 -25.80
N TYR C 535 -13.26 7.03 -25.80
CA TYR C 535 -12.55 6.38 -24.71
C TYR C 535 -11.14 6.02 -25.16
N GLN C 536 -10.16 6.36 -24.35
CA GLN C 536 -8.76 6.19 -24.73
C GLN C 536 -7.93 5.91 -23.49
N GLY C 537 -6.62 5.86 -23.66
CA GLY C 537 -5.70 5.63 -22.56
C GLY C 537 -4.36 6.28 -22.85
N LEU C 538 -3.31 5.72 -22.27
CA LEU C 538 -1.95 6.20 -22.49
C LEU C 538 -1.08 5.05 -22.96
N THR C 539 -0.06 5.39 -23.77
CA THR C 539 0.83 4.40 -24.34
C THR C 539 2.20 5.02 -24.54
N ILE C 540 3.13 4.23 -25.06
CA ILE C 540 4.51 4.64 -25.28
C ILE C 540 4.86 4.42 -26.74
N LEU C 541 5.56 5.38 -27.34
CA LEU C 541 6.03 5.30 -28.71
C LEU C 541 7.52 5.04 -28.72
N VAL C 542 7.95 4.03 -29.49
CA VAL C 542 9.35 3.72 -29.66
C VAL C 542 9.63 3.48 -31.13
N LYS C 543 10.90 3.63 -31.51
CA LYS C 543 11.29 3.39 -32.89
C LYS C 543 11.39 1.90 -33.16
N LYS C 544 10.91 1.48 -34.34
CA LYS C 544 10.90 0.07 -34.68
C LYS C 544 12.31 -0.43 -34.96
N GLU C 545 12.50 -1.74 -34.82
CA GLU C 545 13.78 -2.36 -35.08
C GLU C 545 13.87 -2.79 -36.54
N ILE C 546 15.10 -2.89 -37.03
CA ILE C 546 15.33 -3.25 -38.44
C ILE C 546 14.98 -4.72 -38.64
N PRO C 547 14.15 -5.05 -39.63
CA PRO C 547 13.86 -6.47 -39.91
C PRO C 547 15.09 -7.18 -40.44
N ARG C 548 15.16 -8.47 -40.15
CA ARG C 548 16.29 -9.28 -40.59
C ARG C 548 16.31 -9.41 -42.11
N SER C 549 17.52 -9.48 -42.66
CA SER C 549 17.69 -9.61 -44.10
C SER C 549 17.71 -11.09 -44.50
N THR C 550 17.81 -11.33 -45.81
CA THR C 550 17.87 -12.69 -46.34
C THR C 550 19.29 -13.18 -46.60
N LEU C 551 20.29 -12.32 -46.44
CA LEU C 551 21.69 -12.68 -46.55
C LEU C 551 22.04 -13.24 -47.92
N ASP C 552 23.23 -13.83 -48.06
CA ASP C 552 23.67 -14.42 -49.31
C ASP C 552 23.08 -15.82 -49.43
N SER C 553 22.56 -16.14 -50.62
CA SER C 553 21.87 -17.40 -50.83
C SER C 553 22.81 -18.58 -50.59
N PHE C 554 24.03 -18.50 -51.11
CA PHE C 554 24.97 -19.61 -51.00
C PHE C 554 25.85 -19.54 -49.76
N MET C 555 25.81 -18.44 -49.01
CA MET C 555 26.66 -18.26 -47.85
C MET C 555 25.90 -18.24 -46.53
N GLN C 556 24.59 -18.07 -46.56
CA GLN C 556 23.83 -18.00 -45.31
C GLN C 556 23.95 -19.26 -44.46
N PRO C 557 23.72 -20.47 -44.98
CA PRO C 557 23.80 -21.65 -44.10
C PRO C 557 25.14 -22.35 -44.13
N PHE C 558 26.03 -21.99 -45.06
CA PHE C 558 27.27 -22.72 -45.26
C PHE C 558 28.46 -21.78 -45.27
N GLN C 559 29.62 -22.31 -44.87
CA GLN C 559 30.89 -21.65 -45.07
C GLN C 559 31.56 -22.16 -46.35
N SER C 560 32.50 -21.37 -46.86
CA SER C 560 33.22 -21.77 -48.07
C SER C 560 33.98 -23.07 -47.86
N THR C 561 34.58 -23.25 -46.68
CA THR C 561 35.39 -24.44 -46.41
C THR C 561 34.61 -25.71 -46.70
N LEU C 562 33.31 -25.73 -46.42
CA LEU C 562 32.48 -26.88 -46.77
C LEU C 562 32.44 -27.09 -48.28
N TRP C 563 32.34 -26.00 -49.04
CA TRP C 563 32.30 -26.13 -50.50
C TRP C 563 33.62 -26.69 -51.04
N LEU C 564 34.75 -26.16 -50.56
CA LEU C 564 36.04 -26.69 -50.99
C LEU C 564 36.19 -28.15 -50.59
N LEU C 565 35.77 -28.50 -49.37
CA LEU C 565 35.91 -29.87 -48.90
C LEU C 565 35.08 -30.84 -49.72
N VAL C 566 33.84 -30.47 -50.06
CA VAL C 566 33.00 -31.37 -50.84
C VAL C 566 33.52 -31.47 -52.27
N GLY C 567 34.05 -30.39 -52.83
CA GLY C 567 34.66 -30.47 -54.15
C GLY C 567 35.86 -31.40 -54.17
N LEU C 568 36.73 -31.28 -53.15
CA LEU C 568 37.87 -32.18 -53.06
C LEU C 568 37.43 -33.63 -52.85
N SER C 569 36.35 -33.84 -52.09
CA SER C 569 35.81 -35.18 -51.94
C SER C 569 35.32 -35.75 -53.25
N VAL C 570 34.65 -34.92 -54.07
CA VAL C 570 34.20 -35.36 -55.38
C VAL C 570 35.39 -35.77 -56.24
N HIS C 571 36.43 -34.94 -56.24
CA HIS C 571 37.60 -35.25 -57.05
C HIS C 571 38.28 -36.53 -56.58
N VAL C 572 38.43 -36.71 -55.26
CA VAL C 572 39.15 -37.88 -54.76
C VAL C 572 38.33 -39.15 -54.97
N VAL C 573 37.00 -39.05 -54.87
CA VAL C 573 36.19 -40.23 -55.13
C VAL C 573 36.19 -40.56 -56.61
N ALA C 574 36.29 -39.56 -57.48
CA ALA C 574 36.48 -39.83 -58.90
C ALA C 574 37.79 -40.57 -59.15
N VAL C 575 38.86 -40.12 -58.49
CA VAL C 575 40.16 -40.79 -58.63
C VAL C 575 40.07 -42.22 -58.11
N MET C 576 39.38 -42.43 -56.98
CA MET C 576 39.22 -43.77 -56.44
C MET C 576 38.43 -44.67 -57.38
N LEU C 577 37.37 -44.13 -58.00
CA LEU C 577 36.61 -44.90 -58.97
C LEU C 577 37.47 -45.28 -60.16
N TYR C 578 38.32 -44.35 -60.62
CA TYR C 578 39.24 -44.66 -61.70
C TYR C 578 40.20 -45.77 -61.30
N LEU C 579 40.70 -45.73 -60.06
CA LEU C 579 41.63 -46.76 -59.60
C LEU C 579 40.96 -48.12 -59.51
N LEU C 580 39.75 -48.18 -58.97
CA LEU C 580 39.02 -49.45 -58.93
C LEU C 580 38.72 -49.97 -60.32
N ASP C 581 38.35 -49.08 -61.25
CA ASP C 581 38.11 -49.52 -62.63
C ASP C 581 39.38 -50.07 -63.26
N ARG C 582 40.52 -49.42 -63.03
CA ARG C 582 41.77 -49.89 -63.62
C ARG C 582 42.20 -51.22 -63.02
N PHE C 583 42.05 -51.37 -61.70
CA PHE C 583 42.52 -52.59 -61.04
C PHE C 583 41.75 -53.82 -61.52
N SER C 584 40.43 -53.71 -61.66
CA SER C 584 39.60 -54.82 -62.09
C SER C 584 38.27 -54.33 -62.65
N THR C 602 34.93 -46.15 -67.54
CA THR C 602 35.73 -45.29 -68.40
C THR C 602 36.34 -44.16 -67.57
N LEU C 603 37.59 -43.79 -67.93
CA LEU C 603 38.30 -42.76 -67.18
C LEU C 603 37.56 -41.43 -67.24
N SER C 604 37.07 -41.04 -68.42
CA SER C 604 36.38 -39.78 -68.58
C SER C 604 34.94 -39.81 -68.09
N SER C 605 34.41 -40.98 -67.75
CA SER C 605 33.03 -41.11 -67.31
C SER C 605 32.86 -41.08 -65.80
N ALA C 606 33.93 -41.35 -65.03
CA ALA C 606 33.80 -41.36 -63.58
C ALA C 606 33.43 -39.97 -63.05
N MET C 607 34.06 -38.92 -63.58
CA MET C 607 33.74 -37.57 -63.14
C MET C 607 32.30 -37.20 -63.50
N TRP C 608 31.85 -37.59 -64.69
CA TRP C 608 30.46 -37.34 -65.08
C TRP C 608 29.49 -38.05 -64.16
N PHE C 609 29.79 -39.31 -63.84
CA PHE C 609 28.95 -40.06 -62.90
C PHE C 609 28.89 -39.37 -61.55
N SER C 610 30.04 -38.98 -61.01
CA SER C 610 30.07 -38.34 -59.70
C SER C 610 29.29 -37.03 -59.71
N TRP C 611 29.48 -36.21 -60.75
CA TRP C 611 28.81 -34.91 -60.79
C TRP C 611 27.31 -35.08 -61.00
N GLY C 612 26.90 -36.05 -61.82
CA GLY C 612 25.48 -36.30 -62.00
C GLY C 612 24.81 -36.78 -60.73
N VAL C 613 25.49 -37.64 -59.97
CA VAL C 613 24.97 -38.04 -58.66
C VAL C 613 24.88 -36.83 -57.74
N LEU C 614 25.91 -35.98 -57.75
CA LEU C 614 25.94 -34.84 -56.85
C LEU C 614 24.82 -33.85 -57.14
N LEU C 615 24.59 -33.54 -58.42
CA LEU C 615 23.65 -32.48 -58.79
C LEU C 615 22.32 -33.00 -59.32
N ASN C 616 22.11 -34.32 -59.34
CA ASN C 616 20.86 -34.91 -59.82
C ASN C 616 20.54 -34.44 -61.24
N SER C 617 21.52 -34.59 -62.12
CA SER C 617 21.37 -34.19 -63.51
C SER C 617 20.95 -35.38 -64.37
N GLY C 618 20.40 -35.07 -65.54
CA GLY C 618 20.00 -36.11 -66.47
C GLY C 618 21.15 -36.74 -67.21
N ILE C 619 22.35 -36.17 -67.12
CA ILE C 619 23.51 -36.72 -67.81
C ILE C 619 23.89 -38.06 -67.18
N GLY C 620 24.44 -38.95 -68.00
CA GLY C 620 24.89 -40.25 -67.52
C GLY C 620 25.32 -41.16 -68.65
N GLU C 621 26.38 -41.93 -68.42
CA GLU C 621 26.91 -42.84 -69.44
C GLU C 621 26.82 -44.30 -69.04
N GLY C 622 27.32 -44.65 -67.86
CA GLY C 622 27.29 -46.04 -67.42
C GLY C 622 27.82 -46.26 -66.02
N ALA C 623 27.11 -47.07 -65.25
CA ALA C 623 27.56 -47.40 -63.90
C ALA C 623 28.75 -48.35 -63.95
N PRO C 624 29.61 -48.32 -62.93
CA PRO C 624 30.75 -49.25 -62.91
C PRO C 624 30.27 -50.69 -62.79
N ARG C 625 31.08 -51.61 -63.33
CA ARG C 625 30.71 -53.02 -63.38
C ARG C 625 31.19 -53.81 -62.17
N SER C 626 32.19 -53.32 -61.45
CA SER C 626 32.71 -54.05 -60.30
C SER C 626 31.72 -54.00 -59.14
N PHE C 627 31.93 -54.92 -58.19
CA PHE C 627 31.05 -55.00 -57.03
C PHE C 627 31.35 -53.90 -56.02
N SER C 628 32.57 -53.89 -55.48
CA SER C 628 32.96 -52.86 -54.53
C SER C 628 32.76 -51.46 -55.11
N ALA C 629 32.92 -51.32 -56.42
CA ALA C 629 32.55 -50.08 -57.09
C ALA C 629 31.06 -49.79 -56.93
N ARG C 630 30.22 -50.82 -57.00
CA ARG C 630 28.80 -50.61 -56.80
C ARG C 630 28.49 -50.15 -55.39
N ILE C 631 29.12 -50.76 -54.37
CA ILE C 631 28.90 -50.30 -53.01
C ILE C 631 29.39 -48.87 -52.82
N LEU C 632 30.54 -48.54 -53.40
CA LEU C 632 31.06 -47.17 -53.29
C LEU C 632 30.12 -46.17 -53.95
N GLY C 633 29.60 -46.50 -55.13
CA GLY C 633 28.62 -45.65 -55.76
C GLY C 633 27.36 -45.48 -54.93
N MET C 634 26.93 -46.57 -54.29
CA MET C 634 25.74 -46.51 -53.43
C MET C 634 25.96 -45.53 -52.28
N VAL C 635 27.08 -45.64 -51.57
CA VAL C 635 27.32 -44.76 -50.43
C VAL C 635 27.53 -43.32 -50.89
N TRP C 636 28.18 -43.13 -52.05
CA TRP C 636 28.35 -41.79 -52.58
C TRP C 636 27.01 -41.15 -52.92
N ALA C 637 26.09 -41.93 -53.50
CA ALA C 637 24.74 -41.44 -53.74
C ALA C 637 24.04 -41.12 -52.43
N GLY C 638 24.26 -41.94 -51.41
CA GLY C 638 23.66 -41.68 -50.11
C GLY C 638 24.09 -40.36 -49.49
N PHE C 639 25.35 -39.98 -49.70
CA PHE C 639 25.89 -38.77 -49.07
C PHE C 639 25.14 -37.51 -49.52
N ALA C 640 24.83 -37.40 -50.81
CA ALA C 640 24.27 -36.16 -51.35
C ALA C 640 22.88 -35.87 -50.78
N MET C 641 22.07 -36.91 -50.57
CA MET C 641 20.75 -36.70 -49.99
C MET C 641 20.84 -36.10 -48.60
N ILE C 642 21.74 -36.62 -47.77
CA ILE C 642 21.94 -36.06 -46.44
C ILE C 642 22.39 -34.61 -46.54
N ILE C 643 23.32 -34.33 -47.47
CA ILE C 643 23.81 -32.97 -47.63
C ILE C 643 22.66 -32.01 -47.95
N VAL C 644 21.86 -32.36 -48.95
CA VAL C 644 20.80 -31.45 -49.39
C VAL C 644 19.70 -31.33 -48.33
N ALA C 645 19.40 -32.41 -47.62
CA ALA C 645 18.39 -32.35 -46.57
C ALA C 645 18.85 -31.44 -45.44
N SER C 646 20.12 -31.55 -45.02
CA SER C 646 20.63 -30.65 -44.01
C SER C 646 20.58 -29.20 -44.49
N TYR C 647 20.96 -28.98 -45.76
CA TYR C 647 20.92 -27.62 -46.30
C TYR C 647 19.52 -27.02 -46.20
N THR C 648 18.50 -27.75 -46.59
CA THR C 648 17.17 -27.20 -46.41
C THR C 648 16.75 -26.97 -45.01
N ALA C 649 17.05 -27.92 -44.17
CA ALA C 649 16.66 -27.80 -42.82
C ALA C 649 17.33 -26.65 -42.22
N ASN C 650 18.61 -26.42 -42.43
CA ASN C 650 19.19 -25.24 -41.87
C ASN C 650 18.66 -24.00 -42.40
N LEU C 651 18.30 -23.95 -43.66
CA LEU C 651 17.73 -22.75 -44.15
C LEU C 651 16.48 -22.44 -43.45
N ALA C 652 15.59 -23.39 -43.23
CA ALA C 652 14.36 -22.96 -42.58
C ALA C 652 14.49 -22.38 -41.20
N ALA C 653 15.16 -23.10 -40.34
CA ALA C 653 15.24 -22.62 -38.97
C ALA C 653 15.59 -21.18 -38.92
N PHE C 654 16.56 -20.81 -39.75
CA PHE C 654 17.04 -19.46 -39.89
C PHE C 654 15.95 -18.61 -40.35
N LEU C 655 15.16 -19.10 -41.29
CA LEU C 655 14.09 -18.36 -41.82
C LEU C 655 12.92 -18.06 -40.93
N VAL C 656 12.76 -18.76 -39.82
CA VAL C 656 11.63 -18.42 -38.98
C VAL C 656 11.87 -17.89 -37.56
N LEU C 657 13.10 -17.82 -37.07
CA LEU C 657 13.30 -17.28 -35.71
C LEU C 657 13.92 -15.87 -35.61
N ASP C 658 13.14 -14.90 -35.18
CA ASP C 658 13.63 -13.53 -35.09
C ASP C 658 13.63 -13.02 -33.67
N ARG C 659 14.75 -12.42 -33.29
CA ARG C 659 14.90 -11.96 -31.91
C ARG C 659 13.84 -10.91 -31.58
N PRO C 660 13.16 -11.05 -30.44
CA PRO C 660 12.15 -10.07 -30.01
C PRO C 660 12.66 -8.91 -29.18
N GLU C 661 13.97 -8.65 -29.17
CA GLU C 661 14.55 -7.64 -28.28
C GLU C 661 13.97 -6.26 -28.56
N GLU C 662 14.24 -5.34 -27.62
CA GLU C 662 13.80 -3.95 -27.70
C GLU C 662 12.28 -3.83 -27.74
N ARG C 663 11.60 -4.37 -26.73
CA ARG C 663 10.14 -4.26 -26.64
C ARG C 663 9.79 -3.93 -25.19
N ILE C 664 9.40 -2.68 -24.95
CA ILE C 664 9.02 -2.24 -23.61
C ILE C 664 7.64 -2.76 -23.29
N THR C 665 7.50 -3.40 -22.12
CA THR C 665 6.21 -3.99 -21.75
C THR C 665 5.19 -2.93 -21.36
N GLY C 666 5.63 -1.82 -20.77
CA GLY C 666 4.71 -0.78 -20.34
C GLY C 666 5.22 0.09 -19.22
N ILE C 667 4.41 0.23 -18.16
CA ILE C 667 4.75 1.11 -17.05
C ILE C 667 5.51 0.39 -15.94
N ASN C 668 5.45 -0.94 -15.90
CA ASN C 668 6.13 -1.72 -14.88
C ASN C 668 7.52 -2.19 -15.33
N ASP C 669 7.97 -1.78 -16.50
CA ASP C 669 9.26 -2.20 -17.01
C ASP C 669 10.37 -1.64 -16.12
N PRO C 670 11.33 -2.46 -15.68
CA PRO C 670 12.47 -1.93 -14.92
C PRO C 670 13.32 -0.93 -15.69
N ARG C 671 13.14 -0.83 -17.01
CA ARG C 671 13.85 0.19 -17.78
C ARG C 671 13.50 1.59 -17.30
N LEU C 672 12.21 1.83 -17.03
CA LEU C 672 11.72 3.14 -16.64
C LEU C 672 11.85 3.39 -15.14
N ARG C 673 11.68 2.35 -14.31
CA ARG C 673 11.70 2.54 -12.86
C ARG C 673 13.08 2.94 -12.35
N ASN C 674 14.13 2.54 -13.05
CA ASN C 674 15.51 2.91 -12.71
C ASN C 674 16.16 3.48 -13.97
N PRO C 675 15.88 4.73 -14.29
CA PRO C 675 16.37 5.28 -15.56
C PRO C 675 17.89 5.40 -15.59
N SER C 676 18.43 5.28 -16.79
CA SER C 676 19.86 5.40 -17.06
C SER C 676 20.10 6.56 -18.01
N ASP C 677 21.36 6.98 -18.11
CA ASP C 677 21.71 8.11 -18.96
C ASP C 677 21.50 7.80 -20.44
N LYS C 678 21.68 6.55 -20.86
CA LYS C 678 21.53 6.18 -22.27
C LYS C 678 20.08 6.09 -22.71
N PHE C 679 19.13 6.19 -21.79
CA PHE C 679 17.71 6.09 -22.11
C PHE C 679 17.05 7.41 -21.75
N ILE C 680 16.40 8.03 -22.74
CA ILE C 680 15.77 9.33 -22.58
C ILE C 680 14.33 9.25 -23.04
N TYR C 681 13.43 9.85 -22.28
CA TYR C 681 12.00 9.86 -22.60
C TYR C 681 11.37 11.09 -21.97
N ALA C 682 10.38 11.66 -22.67
CA ALA C 682 9.75 12.89 -22.21
C ALA C 682 8.37 13.02 -22.83
N THR C 683 7.58 13.94 -22.26
CA THR C 683 6.21 14.19 -22.73
C THR C 683 6.00 15.66 -23.04
N VAL C 684 4.75 16.05 -23.26
CA VAL C 684 4.39 17.43 -23.57
C VAL C 684 4.08 18.16 -22.28
N LYS C 685 4.70 19.32 -22.08
CA LYS C 685 4.52 20.08 -20.84
C LYS C 685 3.10 20.64 -20.75
N GLN C 686 2.64 20.82 -19.51
CA GLN C 686 1.31 21.34 -19.20
C GLN C 686 0.22 20.53 -19.88
N SER C 687 0.16 19.24 -19.51
CA SER C 687 -0.86 18.34 -20.01
C SER C 687 -1.31 17.43 -18.87
N SER C 688 -2.15 16.46 -19.19
CA SER C 688 -2.62 15.52 -18.18
C SER C 688 -1.51 14.63 -17.66
N VAL C 689 -0.51 14.35 -18.50
CA VAL C 689 0.60 13.50 -18.08
C VAL C 689 1.37 14.15 -16.93
N ASP C 690 1.64 15.45 -17.04
CA ASP C 690 2.36 16.15 -15.98
C ASP C 690 1.57 16.12 -14.67
N ILE C 691 0.26 16.35 -14.75
CA ILE C 691 -0.56 16.32 -13.55
C ILE C 691 -0.58 14.93 -12.93
N TYR C 692 -0.69 13.90 -13.78
CA TYR C 692 -0.74 12.53 -13.27
C TYR C 692 0.57 12.13 -12.61
N PHE C 693 1.70 12.49 -13.22
CA PHE C 693 3.00 12.10 -12.66
C PHE C 693 3.32 12.90 -11.41
N ARG C 694 3.10 14.22 -11.45
CA ARG C 694 3.47 15.07 -10.32
C ARG C 694 2.62 14.78 -9.09
N ARG C 695 1.32 14.55 -9.28
CA ARG C 695 0.42 14.37 -8.14
C ARG C 695 0.78 13.12 -7.34
N GLN C 696 1.07 12.03 -8.03
CA GLN C 696 1.39 10.78 -7.34
C GLN C 696 2.74 10.91 -6.63
N VAL C 697 2.84 10.26 -5.46
CA VAL C 697 3.97 10.48 -4.56
C VAL C 697 4.96 9.33 -4.55
N GLU C 698 4.92 8.43 -5.54
CA GLU C 698 5.80 7.26 -5.57
C GLU C 698 6.77 7.28 -6.74
N LEU C 699 6.48 8.07 -7.78
CA LEU C 699 7.29 8.09 -9.01
C LEU C 699 8.15 9.33 -9.14
N SER C 700 8.76 9.79 -8.03
CA SER C 700 9.51 11.05 -8.04
C SER C 700 10.68 11.02 -9.02
N THR C 701 11.45 9.93 -9.02
CA THR C 701 12.60 9.84 -9.92
C THR C 701 12.17 9.85 -11.39
N MET C 702 11.10 9.10 -11.71
CA MET C 702 10.58 9.12 -13.07
C MET C 702 10.09 10.51 -13.45
N TYR C 703 9.41 11.19 -12.53
CA TYR C 703 8.91 12.54 -12.83
C TYR C 703 10.05 13.50 -13.09
N ARG C 704 11.10 13.45 -12.27
CA ARG C 704 12.24 14.33 -12.47
C ARG C 704 12.93 14.04 -13.80
N HIS C 705 13.12 12.75 -14.11
CA HIS C 705 13.80 12.38 -15.35
C HIS C 705 13.02 12.84 -16.57
N MET C 706 11.69 12.67 -16.55
CA MET C 706 10.90 13.08 -17.70
C MET C 706 10.78 14.61 -17.78
N GLU C 707 10.80 15.28 -16.62
CA GLU C 707 10.70 16.73 -16.61
C GLU C 707 11.96 17.39 -17.14
N LYS C 708 13.13 16.79 -16.87
CA LYS C 708 14.39 17.44 -17.26
C LYS C 708 14.50 17.65 -18.76
N HIS C 709 13.91 16.76 -19.57
CA HIS C 709 14.13 16.77 -21.01
C HIS C 709 12.83 16.89 -21.81
N ASN C 710 11.82 17.57 -21.25
CA ASN C 710 10.52 17.64 -21.90
C ASN C 710 10.57 18.47 -23.18
N TYR C 711 9.67 18.15 -24.11
CA TYR C 711 9.51 18.87 -25.37
C TYR C 711 8.40 19.91 -25.25
N GLU C 712 8.05 20.51 -26.39
CA GLU C 712 7.06 21.58 -26.44
C GLU C 712 5.73 21.14 -27.05
N SER C 713 5.74 20.54 -28.23
CA SER C 713 4.51 20.19 -28.94
C SER C 713 4.61 18.79 -29.49
N ALA C 714 3.45 18.13 -29.58
CA ALA C 714 3.40 16.76 -30.08
C ALA C 714 3.89 16.66 -31.52
N ALA C 715 3.59 17.68 -32.34
CA ALA C 715 4.07 17.67 -33.72
C ALA C 715 5.59 17.68 -33.79
N GLU C 716 6.25 18.34 -32.84
CA GLU C 716 7.71 18.30 -32.79
C GLU C 716 8.19 16.96 -32.25
N ALA C 717 7.51 16.42 -31.23
CA ALA C 717 7.96 15.19 -30.60
C ALA C 717 7.88 14.00 -31.54
N ILE C 718 6.79 13.88 -32.30
CA ILE C 718 6.65 12.74 -33.21
C ILE C 718 7.73 12.78 -34.28
N GLN C 719 8.00 13.97 -34.84
CA GLN C 719 9.06 14.10 -35.82
C GLN C 719 10.43 13.79 -35.20
N ALA C 720 10.65 14.23 -33.96
CA ALA C 720 11.92 13.97 -33.30
C ALA C 720 12.14 12.48 -33.06
N VAL C 721 11.08 11.76 -32.73
CA VAL C 721 11.19 10.31 -32.50
C VAL C 721 11.68 9.60 -33.75
N ARG C 722 11.35 10.14 -34.94
CA ARG C 722 11.79 9.52 -36.18
C ARG C 722 13.31 9.44 -36.26
N ASP C 723 14.00 10.50 -35.84
CA ASP C 723 15.45 10.48 -35.72
C ASP C 723 15.85 9.92 -34.37
N ASN C 724 17.08 9.40 -34.30
CA ASN C 724 17.59 8.79 -33.07
C ASN C 724 18.07 9.91 -32.13
N LYS C 725 17.10 10.68 -31.63
CA LYS C 725 17.35 11.70 -30.63
C LYS C 725 16.71 11.39 -29.28
N LEU C 726 15.62 10.61 -29.27
CA LEU C 726 15.02 10.13 -28.04
C LEU C 726 14.40 8.76 -28.32
N HIS C 727 14.26 7.96 -27.26
CA HIS C 727 13.90 6.56 -27.40
C HIS C 727 12.47 6.25 -26.99
N ALA C 728 11.75 7.20 -26.38
CA ALA C 728 10.39 6.94 -25.95
C ALA C 728 9.63 8.26 -25.87
N PHE C 729 8.30 8.13 -25.87
CA PHE C 729 7.42 9.31 -25.84
C PHE C 729 6.06 8.87 -25.31
N ILE C 730 5.61 9.48 -24.23
CA ILE C 730 4.35 9.12 -23.58
C ILE C 730 3.33 10.20 -23.89
N TRP C 731 2.19 9.80 -24.45
CA TRP C 731 1.18 10.74 -24.90
C TRP C 731 -0.16 10.00 -24.99
N ASP C 732 -1.14 10.63 -25.64
CA ASP C 732 -2.46 10.05 -25.78
C ASP C 732 -2.40 8.75 -26.58
N SER C 733 -3.53 8.02 -26.58
CA SER C 733 -3.62 6.75 -27.27
C SER C 733 -4.10 6.88 -28.72
N ALA C 734 -5.19 7.63 -28.93
CA ALA C 734 -5.75 7.73 -30.28
C ALA C 734 -4.79 8.44 -31.23
N VAL C 735 -4.16 9.52 -30.78
CA VAL C 735 -3.20 10.24 -31.61
C VAL C 735 -2.03 9.34 -31.98
N LEU C 736 -1.52 8.58 -31.00
CA LEU C 736 -0.41 7.67 -31.28
C LEU C 736 -0.82 6.57 -32.25
N GLU C 737 -2.05 6.05 -32.10
CA GLU C 737 -2.53 5.04 -33.04
C GLU C 737 -2.62 5.60 -34.45
N PHE C 738 -3.13 6.82 -34.60
CA PHE C 738 -3.19 7.45 -35.92
C PHE C 738 -1.80 7.65 -36.51
N GLU C 739 -0.85 8.13 -35.70
CA GLU C 739 0.50 8.35 -36.18
C GLU C 739 1.16 7.04 -36.61
N ALA C 740 0.95 5.97 -35.83
CA ALA C 740 1.50 4.67 -36.20
C ALA C 740 0.82 4.11 -37.45
N SER C 741 -0.45 4.45 -37.65
CA SER C 741 -1.16 4.00 -38.85
C SER C 741 -0.61 4.68 -40.10
N GLN C 742 -0.46 6.01 -40.05
CA GLN C 742 0.00 6.73 -41.23
C GLN C 742 1.49 6.51 -41.48
N LYS C 743 2.30 6.59 -40.44
CA LYS C 743 3.74 6.38 -40.55
C LYS C 743 4.09 5.01 -39.99
N CYS C 744 4.73 4.17 -40.80
CA CYS C 744 5.03 2.79 -40.43
C CYS C 744 6.50 2.58 -40.09
N ASP C 745 7.25 3.66 -39.84
CA ASP C 745 8.59 3.52 -39.29
C ASP C 745 8.59 3.58 -37.76
N LEU C 746 7.43 3.82 -37.15
CA LEU C 746 7.28 3.77 -35.70
C LEU C 746 6.12 2.85 -35.35
N VAL C 747 6.22 2.21 -34.19
CA VAL C 747 5.21 1.25 -33.75
C VAL C 747 4.89 1.50 -32.28
N THR C 748 3.61 1.37 -31.92
CA THR C 748 3.19 1.51 -30.55
C THR C 748 3.38 0.19 -29.79
N THR C 749 3.27 0.26 -28.47
CA THR C 749 3.42 -0.92 -27.62
C THR C 749 2.82 -0.60 -26.25
N GLY C 750 2.94 -1.58 -25.36
CA GLY C 750 2.50 -1.41 -23.98
C GLY C 750 1.01 -1.68 -23.80
N GLU C 751 0.57 -1.49 -22.57
CA GLU C 751 -0.82 -1.65 -22.19
C GLU C 751 -1.36 -0.36 -21.59
N LEU C 752 -2.65 -0.10 -21.82
CA LEU C 752 -3.26 1.11 -21.30
C LEU C 752 -3.24 1.10 -19.78
N PHE C 753 -2.86 2.24 -19.19
CA PHE C 753 -2.71 2.33 -17.76
C PHE C 753 -3.29 3.61 -17.16
N PHE C 754 -4.07 4.37 -17.92
CA PHE C 754 -4.80 5.52 -17.38
C PHE C 754 -6.07 5.66 -18.19
N ARG C 755 -7.17 5.08 -17.70
CA ARG C 755 -8.42 5.03 -18.44
C ARG C 755 -9.23 6.28 -18.12
N SER C 756 -9.51 7.07 -19.16
CA SER C 756 -10.30 8.29 -19.03
C SER C 756 -11.04 8.50 -20.35
N GLY C 757 -11.58 9.70 -20.53
CA GLY C 757 -12.30 10.03 -21.75
C GLY C 757 -12.23 11.50 -22.06
N PHE C 758 -12.59 11.84 -23.30
CA PHE C 758 -12.62 13.21 -23.75
C PHE C 758 -13.92 13.86 -23.26
N GLY C 759 -14.22 15.04 -23.78
CA GLY C 759 -15.48 15.68 -23.43
C GLY C 759 -15.54 17.08 -23.98
N ILE C 760 -16.72 17.68 -23.86
CA ILE C 760 -16.98 19.05 -24.26
C ILE C 760 -17.09 19.89 -22.99
N GLY C 761 -16.13 20.80 -22.80
CA GLY C 761 -16.06 21.58 -21.57
C GLY C 761 -16.70 22.94 -21.74
N MET C 762 -17.49 23.32 -20.73
CA MET C 762 -18.15 24.62 -20.70
C MET C 762 -18.30 25.07 -19.26
N ARG C 763 -18.52 26.36 -19.08
CA ARG C 763 -18.65 26.93 -17.75
C ARG C 763 -19.93 26.42 -17.09
N LYS C 764 -19.97 26.53 -15.76
CA LYS C 764 -21.06 25.98 -14.97
C LYS C 764 -22.35 26.78 -15.18
N ASP C 765 -23.46 26.18 -14.72
CA ASP C 765 -24.76 26.83 -14.63
C ASP C 765 -25.25 27.32 -16.00
N SER C 766 -25.48 26.33 -16.89
CA SER C 766 -26.00 26.62 -18.21
C SER C 766 -26.75 25.40 -18.74
N PRO C 767 -27.91 25.60 -19.38
CA PRO C 767 -28.63 24.45 -19.97
C PRO C 767 -27.95 23.89 -21.21
N TRP C 768 -27.00 24.63 -21.79
CA TRP C 768 -26.20 24.08 -22.87
C TRP C 768 -25.58 22.75 -22.45
N LYS C 769 -25.13 22.66 -21.19
CA LYS C 769 -24.51 21.44 -20.69
C LYS C 769 -25.45 20.25 -20.81
N GLN C 770 -26.66 20.37 -20.26
CA GLN C 770 -27.58 19.23 -20.26
C GLN C 770 -28.04 18.90 -21.67
N GLN C 771 -28.34 19.92 -22.49
CA GLN C 771 -28.80 19.63 -23.84
C GLN C 771 -27.70 18.99 -24.68
N VAL C 772 -26.47 19.45 -24.52
CA VAL C 772 -25.35 18.86 -25.26
C VAL C 772 -25.10 17.43 -24.80
N SER C 773 -25.23 17.18 -23.49
CA SER C 773 -25.07 15.80 -23.01
C SER C 773 -26.13 14.88 -23.61
N LEU C 774 -27.39 15.34 -23.63
CA LEU C 774 -28.45 14.54 -24.23
C LEU C 774 -28.19 14.31 -25.71
N SER C 775 -27.75 15.35 -26.42
CA SER C 775 -27.47 15.22 -27.85
C SER C 775 -26.33 14.25 -28.10
N ILE C 776 -25.28 14.28 -27.27
CA ILE C 776 -24.16 13.37 -27.43
C ILE C 776 -24.59 11.93 -27.19
N LEU C 777 -25.40 11.70 -26.16
CA LEU C 777 -25.90 10.35 -25.91
C LEU C 777 -26.77 9.87 -27.06
N LYS C 778 -27.63 10.73 -27.58
CA LYS C 778 -28.46 10.34 -28.73
C LYS C 778 -27.61 10.06 -29.97
N SER C 779 -26.52 10.81 -30.14
CA SER C 779 -25.63 10.58 -31.27
C SER C 779 -24.93 9.24 -31.15
N HIS C 780 -24.47 8.88 -29.94
CA HIS C 780 -23.98 7.53 -29.71
C HIS C 780 -25.07 6.49 -29.94
N GLU C 781 -26.33 6.85 -29.67
CA GLU C 781 -27.42 5.89 -29.83
C GLU C 781 -27.63 5.51 -31.30
N ASN C 782 -27.51 6.46 -32.21
CA ASN C 782 -27.84 6.23 -33.62
C ASN C 782 -26.62 5.96 -34.49
N GLY C 783 -25.46 5.73 -33.89
CA GLY C 783 -24.28 5.37 -34.65
C GLY C 783 -23.70 6.48 -35.51
N PHE C 784 -23.90 7.74 -35.14
CA PHE C 784 -23.40 8.84 -35.96
C PHE C 784 -21.88 8.88 -35.98
N MET C 785 -21.23 8.73 -34.83
CA MET C 785 -19.78 8.82 -34.78
C MET C 785 -19.09 7.61 -35.42
N GLU C 786 -19.84 6.54 -35.69
CA GLU C 786 -19.24 5.40 -36.39
C GLU C 786 -18.77 5.79 -37.78
N ASP C 787 -19.59 6.56 -38.51
CA ASP C 787 -19.17 7.04 -39.82
C ASP C 787 -17.96 7.94 -39.74
N LEU C 788 -17.93 8.83 -38.73
CA LEU C 788 -16.78 9.72 -38.55
C LEU C 788 -15.52 8.92 -38.25
N ASP C 789 -15.63 7.89 -37.41
CA ASP C 789 -14.49 7.04 -37.12
C ASP C 789 -14.01 6.31 -38.38
N LYS C 790 -14.95 5.83 -39.19
CA LYS C 790 -14.58 5.14 -40.42
C LYS C 790 -13.90 6.08 -41.41
N THR C 791 -14.35 7.34 -41.45
CA THR C 791 -13.86 8.28 -42.47
C THR C 791 -12.39 8.61 -42.27
N TRP C 792 -11.98 8.89 -41.03
CA TRP C 792 -10.67 9.47 -40.78
C TRP C 792 -9.64 8.48 -40.23
N VAL C 793 -9.94 7.80 -39.12
CA VAL C 793 -8.91 7.07 -38.40
C VAL C 793 -9.19 5.57 -38.38
N ARG C 794 -9.80 5.05 -39.45
CA ARG C 794 -10.09 3.62 -39.53
C ARG C 794 -9.24 2.87 -40.54
N TYR C 795 -8.69 3.55 -41.54
CA TYR C 795 -7.92 2.89 -42.59
C TYR C 795 -6.44 2.94 -42.27
N GLN C 796 -5.77 1.80 -42.44
CA GLN C 796 -4.34 1.67 -42.17
C GLN C 796 -3.59 1.52 -43.49
N GLU C 797 -2.37 2.08 -43.53
CA GLU C 797 -1.56 2.09 -44.75
C GLU C 797 -0.56 0.93 -44.80
N CYS C 798 0.30 0.82 -43.80
CA CYS C 798 1.42 -0.11 -43.84
C CYS C 798 1.06 -1.43 -43.17
N ASP C 799 2.07 -2.28 -42.97
CA ASP C 799 1.88 -3.64 -42.49
C ASP C 799 1.57 -3.67 -40.99
N SER C 800 1.29 -4.87 -40.50
CA SER C 800 0.93 -5.09 -39.11
C SER C 800 1.64 -6.34 -38.59
N ARG C 801 1.23 -6.81 -37.41
CA ARG C 801 1.69 -8.06 -36.80
C ARG C 801 3.13 -7.96 -36.31
N SER C 802 3.63 -9.04 -35.72
CA SER C 802 4.93 -9.05 -35.07
C SER C 802 5.91 -10.03 -35.70
N ASN C 803 5.48 -11.27 -35.97
CA ASN C 803 6.38 -12.27 -36.52
C ASN C 803 6.89 -11.85 -37.90
N ALA C 804 6.01 -11.31 -38.73
CA ALA C 804 6.33 -10.79 -40.06
C ALA C 804 7.01 -11.83 -40.94
N PRO C 805 6.30 -12.88 -41.37
CA PRO C 805 6.88 -13.78 -42.38
C PRO C 805 6.90 -13.12 -43.75
N ALA C 806 8.10 -12.80 -44.25
CA ALA C 806 8.25 -12.02 -45.46
C ALA C 806 8.67 -12.91 -46.62
N THR C 807 7.98 -12.77 -47.75
CA THR C 807 8.36 -13.49 -48.96
C THR C 807 9.71 -12.99 -49.46
N LEU C 808 10.49 -13.91 -50.03
CA LEU C 808 11.80 -13.54 -50.54
C LEU C 808 11.66 -12.70 -51.80
N THR C 809 12.71 -11.93 -52.09
CA THR C 809 12.68 -10.96 -53.17
C THR C 809 13.96 -11.11 -54.00
N PHE C 810 14.23 -10.10 -54.84
CA PHE C 810 15.33 -10.18 -55.79
C PHE C 810 16.70 -10.29 -55.12
N GLU C 811 16.79 -9.99 -53.82
CA GLU C 811 18.07 -10.17 -53.13
C GLU C 811 18.56 -11.60 -53.24
N ASN C 812 17.64 -12.56 -53.16
CA ASN C 812 18.00 -13.96 -53.42
C ASN C 812 18.21 -14.20 -54.91
N MET C 813 17.35 -13.62 -55.75
CA MET C 813 17.37 -13.93 -57.17
C MET C 813 18.69 -13.52 -57.83
N ALA C 814 19.15 -12.30 -57.57
CA ALA C 814 20.34 -11.79 -58.25
C ALA C 814 21.60 -12.56 -57.88
N GLY C 815 21.68 -13.06 -56.65
CA GLY C 815 22.85 -13.80 -56.23
C GLY C 815 23.14 -15.01 -57.10
N VAL C 816 22.10 -15.71 -57.53
CA VAL C 816 22.26 -16.86 -58.41
C VAL C 816 22.13 -16.48 -59.88
N PHE C 817 21.44 -15.37 -60.20
CA PHE C 817 21.44 -14.89 -61.58
C PHE C 817 22.84 -14.48 -62.02
N MET C 818 23.64 -13.92 -61.11
CA MET C 818 25.03 -13.61 -61.44
C MET C 818 25.79 -14.87 -61.82
N LEU C 819 25.61 -15.95 -61.06
CA LEU C 819 26.31 -17.19 -61.34
C LEU C 819 25.87 -17.78 -62.67
N VAL C 820 24.56 -17.80 -62.93
CA VAL C 820 24.08 -18.40 -64.18
C VAL C 820 24.51 -17.56 -65.38
N ALA C 821 24.51 -16.23 -65.24
CA ALA C 821 24.99 -15.37 -66.31
C ALA C 821 26.48 -15.57 -66.56
N GLY C 822 27.26 -15.70 -65.49
CA GLY C 822 28.68 -15.99 -65.65
C GLY C 822 28.93 -17.30 -66.38
N GLY C 823 28.16 -18.33 -66.02
CA GLY C 823 28.27 -19.59 -66.74
C GLY C 823 27.92 -19.47 -68.21
N ILE C 824 26.83 -18.75 -68.50
CA ILE C 824 26.41 -18.57 -69.89
C ILE C 824 27.49 -17.84 -70.69
N VAL C 825 28.02 -16.75 -70.12
CA VAL C 825 29.02 -15.97 -70.86
C VAL C 825 30.33 -16.73 -71.00
N ALA C 826 30.71 -17.52 -70.00
CA ALA C 826 31.91 -18.35 -70.12
C ALA C 826 31.70 -19.55 -71.04
N GLY C 827 30.44 -19.88 -71.35
CA GLY C 827 30.19 -20.99 -72.26
C GLY C 827 30.85 -20.83 -73.61
N ILE C 828 30.75 -19.64 -74.20
CA ILE C 828 31.33 -19.42 -75.52
C ILE C 828 32.85 -19.53 -75.48
N PHE C 829 33.48 -18.97 -74.45
CA PHE C 829 34.93 -19.07 -74.32
C PHE C 829 35.35 -20.53 -74.16
N LEU C 830 34.61 -21.30 -73.36
CA LEU C 830 34.96 -22.71 -73.19
C LEU C 830 34.72 -23.49 -74.47
N ILE C 831 33.71 -23.13 -75.26
CA ILE C 831 33.52 -23.76 -76.56
C ILE C 831 34.70 -23.48 -77.48
N PHE C 832 35.18 -22.23 -77.48
CA PHE C 832 36.34 -21.89 -78.30
C PHE C 832 37.55 -22.69 -77.87
N ILE C 833 37.77 -22.81 -76.56
CA ILE C 833 38.87 -23.63 -76.06
C ILE C 833 38.71 -25.07 -76.49
N GLU C 834 37.48 -25.59 -76.42
CA GLU C 834 37.23 -26.98 -76.77
C GLU C 834 37.51 -27.25 -78.24
N ILE C 835 37.06 -26.36 -79.14
CA ILE C 835 37.31 -26.60 -80.57
C ILE C 835 38.79 -26.45 -80.87
N ALA C 836 39.46 -25.49 -80.22
CA ALA C 836 40.91 -25.35 -80.41
C ALA C 836 41.65 -26.61 -79.98
N TYR C 837 41.28 -27.17 -78.83
CA TYR C 837 41.95 -28.38 -78.36
C TYR C 837 41.62 -29.59 -79.22
N LYS C 838 40.38 -29.67 -79.74
CA LYS C 838 40.01 -30.80 -80.58
C LYS C 838 40.72 -30.74 -81.92
N ARG C 839 40.83 -29.55 -82.51
CA ARG C 839 41.50 -29.40 -83.80
C ARG C 839 43.01 -29.53 -83.68
N HIS C 840 43.60 -28.99 -82.62
CA HIS C 840 45.05 -29.06 -82.46
C HIS C 840 45.53 -30.46 -82.12
N LYS C 841 44.64 -31.35 -81.68
CA LYS C 841 45.03 -32.72 -81.35
C LYS C 841 43.92 -33.70 -81.69
N SER D 65 23.00 72.16 0.44
CA SER D 65 23.06 72.58 1.83
C SER D 65 21.86 72.06 2.61
N ILE D 66 21.49 70.80 2.36
CA ILE D 66 20.38 70.20 3.07
C ILE D 66 20.73 70.04 4.55
N GLY D 67 19.71 70.10 5.41
CA GLY D 67 19.90 69.99 6.84
C GLY D 67 19.63 68.58 7.32
N ILE D 68 20.58 68.04 8.09
CA ILE D 68 20.45 66.71 8.67
C ILE D 68 20.62 66.83 10.18
N ALA D 69 19.67 66.29 10.93
CA ALA D 69 19.72 66.27 12.38
C ALA D 69 19.76 64.84 12.87
N VAL D 70 20.59 64.58 13.88
CA VAL D 70 20.75 63.25 14.46
C VAL D 70 20.20 63.31 15.88
N ILE D 71 19.19 62.49 16.16
CA ILE D 71 18.55 62.43 17.46
C ILE D 71 18.78 61.05 18.05
N LEU D 72 19.39 61.00 19.24
CA LEU D 72 19.65 59.75 19.92
C LEU D 72 18.87 59.73 21.24
N VAL D 73 18.27 58.58 21.54
CA VAL D 73 17.53 58.36 22.78
C VAL D 73 18.04 57.08 23.41
N GLY D 74 18.49 57.17 24.65
CA GLY D 74 19.07 56.02 25.32
C GLY D 74 20.49 56.27 25.79
N THR D 75 21.34 55.26 25.68
CA THR D 75 22.72 55.33 26.15
C THR D 75 23.68 55.11 24.98
N SER D 76 24.63 56.03 24.82
CA SER D 76 25.64 55.94 23.76
C SER D 76 26.70 56.99 24.06
N ASP D 77 27.75 56.99 23.24
CA ASP D 77 28.86 57.93 23.38
C ASP D 77 28.72 59.00 22.30
N GLU D 78 28.53 60.24 22.73
CA GLU D 78 28.29 61.33 21.78
C GLU D 78 29.57 61.74 21.06
N VAL D 79 30.68 61.84 21.78
CA VAL D 79 31.93 62.28 21.17
C VAL D 79 32.40 61.29 20.13
N ALA D 80 32.33 59.99 20.43
CA ALA D 80 32.78 58.98 19.48
C ALA D 80 31.90 58.96 18.23
N ILE D 81 30.58 59.06 18.40
CA ILE D 81 29.69 58.99 17.26
C ILE D 81 29.85 60.25 16.40
N LYS D 82 30.07 61.40 17.04
CA LYS D 82 30.34 62.62 16.29
C LYS D 82 31.64 62.53 15.52
N ASP D 83 32.67 61.95 16.12
CA ASP D 83 33.95 61.78 15.42
C ASP D 83 33.79 60.84 14.24
N ALA D 84 33.02 59.76 14.40
CA ALA D 84 32.81 58.81 13.32
C ALA D 84 31.81 59.31 12.27
N HIS D 85 31.08 60.39 12.57
CA HIS D 85 30.17 60.95 11.58
C HIS D 85 30.93 61.45 10.34
N GLU D 86 32.07 62.10 10.55
CA GLU D 86 32.89 62.61 9.44
C GLU D 86 33.91 61.58 8.99
N LYS D 87 33.40 60.39 8.66
CA LYS D 87 34.23 59.29 8.18
C LYS D 87 33.91 58.88 6.76
N ASP D 88 33.21 59.72 6.00
CA ASP D 88 32.85 59.43 4.62
C ASP D 88 33.39 60.53 3.71
N ASP D 89 33.99 60.11 2.60
CA ASP D 89 34.56 61.03 1.62
C ASP D 89 33.64 61.06 0.40
N PHE D 90 33.13 62.25 0.10
CA PHE D 90 32.21 62.44 -1.04
C PHE D 90 32.58 63.69 -1.81
N HIS D 91 33.87 63.88 -2.07
CA HIS D 91 34.34 65.08 -2.75
C HIS D 91 33.89 65.16 -4.21
N HIS D 92 33.34 64.09 -4.77
CA HIS D 92 32.84 64.08 -6.13
C HIS D 92 31.41 64.60 -6.24
N LEU D 93 30.82 65.03 -5.13
CA LEU D 93 29.46 65.56 -5.13
C LEU D 93 29.39 66.67 -4.10
N SER D 94 28.63 67.72 -4.41
CA SER D 94 28.60 68.94 -3.61
C SER D 94 27.24 69.06 -2.93
N VAL D 95 27.15 68.54 -1.70
CA VAL D 95 25.98 68.76 -0.86
C VAL D 95 26.30 69.54 0.39
N VAL D 96 27.59 69.76 0.71
CA VAL D 96 28.09 70.43 1.91
C VAL D 96 27.21 70.13 3.13
N PRO D 97 27.06 68.86 3.51
CA PRO D 97 26.11 68.51 4.57
C PRO D 97 26.53 69.06 5.93
N ARG D 98 25.52 69.37 6.73
CA ARG D 98 25.70 69.83 8.10
C ARG D 98 24.90 68.95 9.03
N VAL D 99 25.53 68.53 10.13
CA VAL D 99 24.94 67.59 11.07
C VAL D 99 24.90 68.24 12.46
N GLU D 100 23.73 68.18 13.10
CA GLU D 100 23.54 68.69 14.44
C GLU D 100 23.04 67.56 15.33
N LEU D 101 23.68 67.41 16.49
CA LEU D 101 23.37 66.32 17.42
C LEU D 101 22.66 66.88 18.65
N VAL D 102 21.55 66.27 19.01
CA VAL D 102 20.77 66.64 20.20
C VAL D 102 20.47 65.38 20.97
N ALA D 103 20.71 65.41 22.28
CA ALA D 103 20.49 64.28 23.15
C ALA D 103 19.34 64.56 24.11
N MET D 104 18.54 63.53 24.38
CA MET D 104 17.38 63.65 25.25
C MET D 104 16.97 62.25 25.70
N ASN D 105 15.90 62.20 26.48
CA ASN D 105 15.38 60.95 27.02
C ASN D 105 14.14 60.51 26.24
N GLU D 106 13.49 59.45 26.73
CA GLU D 106 12.27 58.89 26.15
C GLU D 106 11.04 59.25 26.97
N THR D 107 10.98 60.48 27.48
CA THR D 107 9.96 60.87 28.45
C THR D 107 8.55 60.61 27.93
N ASP D 108 8.16 61.28 26.85
CA ASP D 108 6.81 61.16 26.34
C ASP D 108 6.81 61.50 24.86
N PRO D 109 5.75 61.13 24.14
CA PRO D 109 5.65 61.57 22.73
C PRO D 109 5.64 63.08 22.57
N LYS D 110 5.05 63.82 23.52
CA LYS D 110 4.89 65.26 23.36
C LYS D 110 6.25 65.95 23.26
N SER D 111 7.20 65.56 24.11
CA SER D 111 8.54 66.13 24.03
C SER D 111 9.18 65.79 22.69
N ILE D 112 8.93 64.58 22.18
CA ILE D 112 9.46 64.20 20.87
C ILE D 112 8.91 65.10 19.78
N ILE D 113 7.60 65.36 19.80
CA ILE D 113 7.00 66.23 18.80
C ILE D 113 7.58 67.63 18.89
N THR D 114 7.72 68.16 20.12
CA THR D 114 8.27 69.50 20.28
C THR D 114 9.71 69.56 19.78
N ARG D 115 10.51 68.55 20.08
CA ARG D 115 11.90 68.52 19.61
C ARG D 115 11.96 68.43 18.09
N ILE D 116 11.09 67.62 17.49
CA ILE D 116 11.08 67.51 16.04
C ILE D 116 10.72 68.84 15.40
N CYS D 117 9.68 69.52 15.92
CA CYS D 117 9.31 70.81 15.38
C CYS D 117 10.43 71.83 15.56
N ASP D 118 11.07 71.84 16.72
CA ASP D 118 12.15 72.79 16.98
C ASP D 118 13.33 72.56 16.05
N LEU D 119 13.75 71.29 15.88
CA LEU D 119 14.88 71.00 15.01
C LEU D 119 14.55 71.30 13.56
N MET D 120 13.29 71.06 13.14
CA MET D 120 12.88 71.39 11.79
C MET D 120 12.90 72.90 11.57
N SER D 121 12.48 73.67 12.57
CA SER D 121 12.43 75.12 12.43
C SER D 121 13.79 75.77 12.62
N ASP D 122 14.76 75.07 13.20
CA ASP D 122 16.05 75.67 13.49
C ASP D 122 16.82 76.00 12.20
N ARG D 123 17.15 74.98 11.41
CA ARG D 123 18.01 75.15 10.25
C ARG D 123 17.50 74.43 9.02
N LYS D 124 16.18 74.22 8.90
CA LYS D 124 15.57 73.61 7.72
C LYS D 124 16.16 72.22 7.46
N ILE D 125 15.87 71.32 8.39
CA ILE D 125 16.38 69.96 8.32
C ILE D 125 15.64 69.20 7.21
N GLN D 126 16.40 68.50 6.36
CA GLN D 126 15.85 67.62 5.34
C GLN D 126 16.10 66.15 5.64
N GLY D 127 16.41 65.80 6.89
CA GLY D 127 16.66 64.41 7.22
C GLY D 127 16.94 64.16 8.69
N VAL D 128 16.29 63.15 9.25
CA VAL D 128 16.42 62.80 10.67
C VAL D 128 16.77 61.33 10.79
N VAL D 129 17.72 61.03 11.66
CA VAL D 129 18.11 59.66 11.98
C VAL D 129 17.91 59.46 13.49
N PHE D 130 17.21 58.38 13.85
CA PHE D 130 16.77 58.16 15.20
C PHE D 130 17.40 56.89 15.76
N ALA D 131 17.62 56.89 17.08
CA ALA D 131 18.15 55.74 17.80
C ALA D 131 17.32 55.51 19.06
N ASP D 132 17.33 54.27 19.54
CA ASP D 132 16.51 53.90 20.68
C ASP D 132 17.14 52.69 21.37
N ASP D 133 16.63 52.39 22.57
CA ASP D 133 17.09 51.21 23.31
C ASP D 133 15.97 50.46 24.01
N THR D 134 14.71 50.84 23.80
CA THR D 134 13.60 50.22 24.52
C THR D 134 13.09 49.01 23.75
N ASP D 135 11.96 48.45 24.19
CA ASP D 135 11.37 47.25 23.61
C ASP D 135 9.87 47.45 23.37
N GLN D 136 9.52 48.60 22.81
CA GLN D 136 8.13 48.93 22.49
C GLN D 136 8.02 49.28 21.01
N GLU D 137 7.01 48.72 20.36
CA GLU D 137 6.78 48.94 18.94
C GLU D 137 5.92 50.17 18.65
N ALA D 138 5.34 50.80 19.67
CA ALA D 138 4.46 51.94 19.43
C ALA D 138 5.24 53.16 18.96
N ILE D 139 6.55 53.21 19.20
CA ILE D 139 7.36 54.32 18.72
C ILE D 139 7.34 54.38 17.21
N ALA D 140 7.28 53.23 16.54
CA ALA D 140 7.17 53.23 15.08
C ALA D 140 5.88 53.89 14.63
N GLN D 141 4.77 53.61 15.32
CA GLN D 141 3.50 54.25 14.99
C GLN D 141 3.56 55.76 15.26
N ILE D 142 4.18 56.16 16.36
CA ILE D 142 4.33 57.59 16.63
C ILE D 142 5.13 58.25 15.52
N LEU D 143 6.21 57.60 15.08
CA LEU D 143 7.04 58.16 14.02
C LEU D 143 6.27 58.22 12.70
N ASP D 144 5.43 57.22 12.42
CA ASP D 144 4.69 57.26 11.16
C ASP D 144 3.67 58.39 11.18
N PHE D 145 3.05 58.64 12.34
CA PHE D 145 2.16 59.78 12.47
C PHE D 145 2.92 61.10 12.32
N ILE D 146 4.14 61.17 12.87
CA ILE D 146 4.96 62.37 12.71
C ILE D 146 5.24 62.62 11.24
N SER D 147 5.64 61.57 10.53
CA SER D 147 5.96 61.69 9.11
C SER D 147 4.72 61.90 8.25
N ALA D 148 3.53 61.59 8.77
CA ALA D 148 2.30 61.78 8.00
C ALA D 148 2.15 63.24 7.57
N GLN D 149 2.25 64.16 8.52
CA GLN D 149 2.24 65.59 8.21
C GLN D 149 3.66 66.11 7.99
N THR D 150 4.41 65.44 7.12
CA THR D 150 5.79 65.79 6.84
C THR D 150 6.20 65.16 5.51
N LEU D 151 7.05 65.88 4.77
CA LEU D 151 7.61 65.36 3.53
C LEU D 151 9.05 64.91 3.68
N THR D 152 9.63 65.03 4.87
CA THR D 152 11.02 64.64 5.08
C THR D 152 11.12 63.13 5.33
N PRO D 153 11.96 62.42 4.59
CA PRO D 153 12.19 61.00 4.91
C PRO D 153 12.83 60.85 6.28
N ILE D 154 12.48 59.76 6.95
CA ILE D 154 12.93 59.49 8.31
C ILE D 154 13.56 58.09 8.35
N LEU D 155 14.74 57.99 8.94
CA LEU D 155 15.49 56.75 9.03
C LEU D 155 15.66 56.35 10.48
N GLY D 156 15.31 55.11 10.81
CA GLY D 156 15.57 54.54 12.12
C GLY D 156 16.54 53.37 11.99
N ILE D 157 17.47 53.29 12.93
CA ILE D 157 18.59 52.36 12.78
C ILE D 157 18.71 51.39 13.94
N HIS D 158 18.16 51.75 15.11
CA HIS D 158 18.40 50.94 16.30
C HIS D 158 17.24 51.11 17.27
N GLY D 159 17.09 50.14 18.16
CA GLY D 159 16.10 50.23 19.21
C GLY D 159 14.69 49.99 18.69
N GLY D 160 13.75 50.82 19.16
CA GLY D 160 12.38 50.71 18.75
C GLY D 160 12.17 50.86 17.26
N SER D 161 13.08 51.56 16.58
CA SER D 161 13.02 51.70 15.13
C SER D 161 13.45 50.44 14.39
N SER D 162 14.13 49.51 15.06
CA SER D 162 14.54 48.26 14.43
C SER D 162 13.37 47.29 14.22
N MET D 163 12.44 47.22 15.16
CA MET D 163 11.29 46.34 14.99
C MET D 163 10.39 46.87 13.88
N ILE D 164 9.80 45.95 13.11
CA ILE D 164 9.01 46.31 11.94
C ILE D 164 7.54 46.31 12.31
N MET D 165 6.84 47.34 11.85
CA MET D 165 5.40 47.45 12.09
C MET D 165 4.65 46.67 11.02
N ALA D 166 3.35 46.93 10.89
CA ALA D 166 2.55 46.20 9.90
C ALA D 166 2.76 46.76 8.50
N ASP D 167 2.38 48.01 8.27
CA ASP D 167 2.36 48.55 6.91
C ASP D 167 2.44 50.06 6.93
N LYS D 168 3.20 50.62 5.98
CA LYS D 168 3.34 52.06 5.85
C LYS D 168 2.21 52.62 4.99
N ASP D 169 1.86 53.88 5.25
CA ASP D 169 0.81 54.55 4.50
C ASP D 169 1.31 54.90 3.09
N GLU D 170 0.37 55.24 2.22
CA GLU D 170 0.69 55.50 0.82
C GLU D 170 1.58 56.73 0.66
N SER D 171 1.30 57.79 1.42
CA SER D 171 2.02 59.04 1.30
C SER D 171 3.19 59.15 2.26
N SER D 172 3.45 58.11 3.06
CA SER D 172 4.57 58.14 3.98
C SER D 172 5.89 58.02 3.24
N MET D 173 6.95 58.52 3.86
CA MET D 173 8.28 58.49 3.26
C MET D 173 9.37 57.98 4.19
N PHE D 174 9.04 57.67 5.45
CA PHE D 174 10.03 57.17 6.39
C PHE D 174 10.44 55.74 6.01
N PHE D 175 11.69 55.41 6.31
CA PHE D 175 12.25 54.12 5.95
C PHE D 175 12.75 53.42 7.20
N GLN D 176 12.83 52.10 7.12
CA GLN D 176 13.34 51.26 8.20
C GLN D 176 14.63 50.61 7.76
N PHE D 177 15.67 50.72 8.59
CA PHE D 177 16.99 50.18 8.30
C PHE D 177 17.13 48.83 9.00
N GLY D 178 16.53 47.80 8.40
CA GLY D 178 16.58 46.47 8.96
C GLY D 178 15.92 45.42 8.08
N PRO D 179 15.88 44.19 8.56
CA PRO D 179 15.30 43.09 7.77
C PRO D 179 13.79 43.01 7.90
N SER D 180 13.19 42.27 6.96
CA SER D 180 11.76 42.09 6.90
C SER D 180 11.38 40.66 7.28
N ILE D 181 10.07 40.37 7.25
CA ILE D 181 9.58 39.05 7.64
C ILE D 181 9.96 38.00 6.61
N GLU D 182 9.79 38.31 5.32
CA GLU D 182 9.98 37.31 4.28
C GLU D 182 11.41 36.81 4.23
N GLN D 183 12.38 37.74 4.21
CA GLN D 183 13.79 37.33 4.14
C GLN D 183 14.20 36.56 5.38
N GLN D 184 13.79 37.01 6.56
CA GLN D 184 14.15 36.30 7.78
C GLN D 184 13.57 34.89 7.80
N ALA D 185 12.31 34.76 7.41
CA ALA D 185 11.68 33.44 7.39
C ALA D 185 12.33 32.52 6.37
N SER D 186 12.68 33.05 5.19
CA SER D 186 13.35 32.24 4.20
C SER D 186 14.74 31.81 4.66
N VAL D 187 15.46 32.71 5.34
CA VAL D 187 16.77 32.36 5.88
C VAL D 187 16.63 31.26 6.93
N MET D 188 15.64 31.38 7.81
CA MET D 188 15.40 30.33 8.80
C MET D 188 15.06 29.00 8.14
N LEU D 189 14.23 29.03 7.09
CA LEU D 189 13.89 27.80 6.40
C LEU D 189 15.11 27.19 5.72
N ASN D 190 15.99 28.02 5.17
CA ASN D 190 17.22 27.50 4.58
C ASN D 190 18.13 26.89 5.63
N ILE D 191 18.24 27.53 6.79
CA ILE D 191 19.04 26.98 7.88
C ILE D 191 18.50 25.62 8.28
N MET D 192 17.17 25.48 8.33
CA MET D 192 16.58 24.16 8.55
C MET D 192 16.88 23.21 7.41
N GLU D 193 16.97 23.72 6.18
CA GLU D 193 17.27 22.87 5.02
C GLU D 193 18.63 22.22 5.14
N GLU D 194 19.67 23.01 5.40
CA GLU D 194 21.03 22.54 5.14
C GLU D 194 21.40 21.39 6.08
N TYR D 195 20.84 21.38 7.29
CA TYR D 195 20.89 20.19 8.14
C TYR D 195 19.71 19.28 7.88
N ASP D 196 19.92 17.98 8.12
CA ASP D 196 18.94 16.96 7.77
C ASP D 196 17.79 16.96 8.80
N TRP D 197 16.97 18.00 8.70
CA TRP D 197 15.72 18.09 9.44
C TRP D 197 14.59 18.29 8.43
N TYR D 198 13.74 17.28 8.30
CA TYR D 198 12.72 17.27 7.25
C TYR D 198 11.30 17.25 7.80
N ILE D 199 11.12 17.16 9.11
CA ILE D 199 9.81 17.13 9.74
C ILE D 199 9.71 18.32 10.68
N PHE D 200 8.65 19.11 10.54
CA PHE D 200 8.46 20.30 11.37
C PHE D 200 6.99 20.62 11.46
N SER D 201 6.64 21.40 12.49
CA SER D 201 5.28 21.88 12.70
C SER D 201 5.34 23.32 13.17
N ILE D 202 4.24 24.05 12.92
CA ILE D 202 4.18 25.48 13.22
C ILE D 202 3.06 25.73 14.22
N VAL D 203 3.39 26.43 15.29
CA VAL D 203 2.42 26.91 16.28
C VAL D 203 2.52 28.43 16.31
N THR D 204 1.38 29.11 16.31
CA THR D 204 1.36 30.56 16.20
C THR D 204 0.44 31.19 17.23
N THR D 205 0.75 32.43 17.58
CA THR D 205 -0.13 33.32 18.31
C THR D 205 -0.48 34.46 17.35
N TYR D 206 -1.69 35.02 17.50
CA TYR D 206 -2.28 35.85 16.46
C TYR D 206 -1.32 36.90 15.93
N PHE D 207 -0.95 37.89 16.76
CA PHE D 207 0.08 38.89 16.43
C PHE D 207 -0.33 39.69 15.19
N PRO D 208 0.23 40.88 14.97
CA PRO D 208 -0.01 41.54 13.67
C PRO D 208 0.84 41.01 12.53
N GLY D 209 1.44 39.83 12.72
CA GLY D 209 2.27 39.23 11.70
C GLY D 209 1.82 37.86 11.24
N TYR D 210 0.52 37.60 11.31
CA TYR D 210 -0.02 36.29 10.96
C TYR D 210 -0.57 36.30 9.54
N GLN D 211 -0.82 35.09 9.03
CA GLN D 211 -1.53 34.84 7.78
C GLN D 211 -0.68 35.17 6.55
N ASP D 212 0.52 35.70 6.78
CA ASP D 212 1.45 35.92 5.67
C ASP D 212 2.67 35.03 5.80
N PHE D 213 3.19 34.88 7.03
CA PHE D 213 4.28 33.95 7.29
C PHE D 213 3.87 32.53 6.94
N VAL D 214 2.72 32.09 7.45
CA VAL D 214 2.25 30.72 7.20
C VAL D 214 1.95 30.54 5.72
N ASN D 215 1.33 31.54 5.09
CA ASN D 215 1.03 31.43 3.66
C ASN D 215 2.30 31.30 2.83
N LYS D 216 3.31 32.11 3.12
CA LYS D 216 4.54 32.05 2.35
C LYS D 216 5.25 30.73 2.57
N ILE D 217 5.30 30.25 3.82
CA ILE D 217 5.99 28.99 4.09
C ILE D 217 5.24 27.82 3.48
N ARG D 218 3.91 27.92 3.36
CA ARG D 218 3.15 26.85 2.71
C ARG D 218 3.36 26.88 1.20
N SER D 219 3.46 28.07 0.61
CA SER D 219 3.70 28.18 -0.83
C SER D 219 5.16 27.94 -1.20
N THR D 220 6.07 27.91 -0.22
CA THR D 220 7.49 27.75 -0.51
C THR D 220 7.84 26.30 -0.82
N ILE D 221 7.18 25.34 -0.17
CA ILE D 221 7.60 23.95 -0.20
C ILE D 221 6.69 23.08 -1.07
N GLU D 222 6.02 23.67 -2.05
CA GLU D 222 5.18 22.90 -2.96
C GLU D 222 5.94 22.51 -4.22
N ASN D 223 6.45 23.50 -4.95
CA ASN D 223 7.18 23.25 -6.19
C ASN D 223 8.68 23.13 -5.89
N SER D 224 9.02 22.03 -5.23
CA SER D 224 10.40 21.73 -4.89
C SER D 224 10.65 20.24 -5.04
N PHE D 225 11.89 19.88 -5.35
CA PHE D 225 12.25 18.48 -5.56
C PHE D 225 12.43 17.73 -4.25
N VAL D 226 12.69 18.43 -3.15
CA VAL D 226 13.02 17.75 -1.90
C VAL D 226 11.74 17.41 -1.15
N GLY D 227 11.86 16.45 -0.22
CA GLY D 227 10.72 15.89 0.46
C GLY D 227 10.29 16.56 1.75
N TRP D 228 9.68 17.74 1.67
CA TRP D 228 9.08 18.34 2.84
C TRP D 228 7.69 17.76 3.08
N GLU D 229 7.26 17.79 4.34
CA GLU D 229 5.89 17.40 4.69
C GLU D 229 5.53 18.08 6.01
N LEU D 230 4.62 19.05 5.93
CA LEU D 230 4.04 19.65 7.12
C LEU D 230 2.73 18.97 7.45
N GLU D 231 2.45 18.79 8.74
CA GLU D 231 1.33 17.99 9.18
C GLU D 231 0.42 18.66 10.20
N GLU D 232 0.83 19.77 10.80
CA GLU D 232 -0.01 20.42 11.82
C GLU D 232 0.33 21.91 11.87
N VAL D 233 -0.68 22.74 11.70
CA VAL D 233 -0.57 24.19 11.88
C VAL D 233 -1.48 24.57 13.02
N LEU D 234 -0.93 25.24 14.04
CA LEU D 234 -1.66 25.55 15.26
C LEU D 234 -1.87 27.05 15.38
N LEU D 235 -3.11 27.45 15.67
CA LEU D 235 -3.43 28.82 16.03
C LEU D 235 -3.91 28.79 17.48
N LEU D 236 -3.32 29.65 18.31
CA LEU D 236 -3.58 29.67 19.74
C LEU D 236 -4.15 31.03 20.13
N ASP D 237 -5.36 31.02 20.70
CA ASP D 237 -6.00 32.23 21.18
C ASP D 237 -5.56 32.48 22.62
N MET D 238 -4.27 32.81 22.76
CA MET D 238 -3.69 33.06 24.07
C MET D 238 -4.05 34.43 24.62
N SER D 239 -4.58 35.34 23.79
CA SER D 239 -5.01 36.63 24.28
C SER D 239 -6.20 36.50 25.23
N LEU D 240 -7.15 35.64 24.88
CA LEU D 240 -8.32 35.44 25.74
C LEU D 240 -7.93 34.71 27.01
N ASP D 241 -8.49 35.14 28.13
CA ASP D 241 -8.20 34.52 29.41
C ASP D 241 -8.88 33.16 29.51
N ASP D 242 -8.42 32.37 30.48
CA ASP D 242 -8.93 31.02 30.77
C ASP D 242 -8.74 30.06 29.60
N GLY D 243 -7.77 30.35 28.72
CA GLY D 243 -7.44 29.49 27.61
C GLY D 243 -6.33 28.51 27.87
N ASP D 244 -5.83 28.42 29.11
CA ASP D 244 -4.72 27.52 29.41
C ASP D 244 -5.08 26.06 29.16
N SER D 245 -6.29 25.66 29.55
CA SER D 245 -6.72 24.29 29.32
C SER D 245 -6.83 23.98 27.83
N LYS D 246 -7.37 24.93 27.06
CA LYS D 246 -7.47 24.73 25.61
C LYS D 246 -6.09 24.61 24.97
N ILE D 247 -5.16 25.47 25.38
CA ILE D 247 -3.81 25.41 24.82
C ILE D 247 -3.14 24.10 25.18
N GLN D 248 -3.25 23.68 26.44
CA GLN D 248 -2.63 22.42 26.87
C GLN D 248 -3.25 21.22 26.16
N ASN D 249 -4.54 21.28 25.86
CA ASN D 249 -5.17 20.19 25.13
C ASN D 249 -4.77 20.20 23.65
N GLN D 250 -4.56 21.38 23.08
CA GLN D 250 -4.13 21.46 21.68
C GLN D 250 -2.68 21.03 21.50
N LEU D 251 -1.83 21.24 22.52
CA LEU D 251 -0.42 20.86 22.39
C LEU D 251 -0.22 19.37 22.19
N LYS D 252 -1.22 18.54 22.51
CA LYS D 252 -1.05 17.10 22.41
C LYS D 252 -0.90 16.62 20.97
N LYS D 253 -1.27 17.43 19.98
CA LYS D 253 -1.22 17.02 18.59
C LYS D 253 0.15 17.21 17.95
N LEU D 254 1.14 17.75 18.67
CA LEU D 254 2.45 18.01 18.10
C LEU D 254 3.30 16.75 18.16
N GLN D 255 3.73 16.28 16.97
CA GLN D 255 4.63 15.12 16.87
C GLN D 255 5.65 15.44 15.79
N SER D 256 6.77 16.05 16.19
CA SER D 256 7.84 16.41 15.27
C SER D 256 9.08 16.83 16.05
N PRO D 257 10.28 16.49 15.57
CA PRO D 257 11.51 16.87 16.29
C PRO D 257 11.79 18.37 16.26
N ILE D 258 11.14 19.14 15.40
CA ILE D 258 11.40 20.56 15.25
C ILE D 258 10.06 21.30 15.34
N ILE D 259 10.02 22.34 16.17
CA ILE D 259 8.82 23.12 16.41
C ILE D 259 9.12 24.59 16.17
N LEU D 260 8.21 25.29 15.49
CA LEU D 260 8.38 26.68 15.12
C LEU D 260 7.28 27.51 15.76
N LEU D 261 7.63 28.68 16.28
CA LEU D 261 6.64 29.58 16.85
C LEU D 261 6.92 31.02 16.43
N TYR D 262 5.92 31.87 16.64
CA TYR D 262 5.97 33.29 16.31
C TYR D 262 5.09 34.01 17.34
N CYS D 263 5.72 34.50 18.40
CA CYS D 263 4.96 34.96 19.56
C CYS D 263 5.73 36.06 20.27
N THR D 264 5.26 36.42 21.47
CA THR D 264 5.81 37.51 22.27
C THR D 264 6.57 36.94 23.45
N LYS D 265 7.49 37.75 24.00
CA LYS D 265 8.45 37.26 24.99
C LYS D 265 7.77 36.66 26.22
N GLU D 266 6.93 37.45 26.90
CA GLU D 266 6.25 36.94 28.09
C GLU D 266 5.33 35.78 27.75
N GLU D 267 4.58 35.90 26.66
CA GLU D 267 3.73 34.79 26.22
C GLU D 267 4.56 33.58 25.83
N ALA D 268 5.76 33.80 25.25
CA ALA D 268 6.64 32.68 24.95
C ALA D 268 7.09 31.98 26.22
N THR D 269 7.42 32.74 27.26
CA THR D 269 7.80 32.12 28.54
C THR D 269 6.64 31.33 29.12
N TYR D 270 5.43 31.89 29.03
CA TYR D 270 4.24 31.18 29.52
C TYR D 270 4.04 29.87 28.76
N ILE D 271 4.16 29.92 27.43
CA ILE D 271 3.96 28.73 26.60
C ILE D 271 5.03 27.68 26.91
N PHE D 272 6.28 28.11 27.07
CA PHE D 272 7.35 27.16 27.37
C PHE D 272 7.17 26.57 28.76
N GLU D 273 6.66 27.34 29.71
CA GLU D 273 6.34 26.79 31.02
C GLU D 273 5.26 25.72 30.92
N VAL D 274 4.22 25.98 30.11
CA VAL D 274 3.18 24.98 29.89
C VAL D 274 3.76 23.73 29.25
N ALA D 275 4.66 23.91 28.27
CA ALA D 275 5.27 22.78 27.59
C ALA D 275 6.13 21.96 28.54
N ASN D 276 6.87 22.63 29.43
CA ASN D 276 7.64 21.91 30.44
C ASN D 276 6.72 21.17 31.40
N SER D 277 5.56 21.76 31.73
CA SER D 277 4.60 21.07 32.57
C SER D 277 4.08 19.81 31.90
N VAL D 278 3.79 19.88 30.59
CA VAL D 278 3.33 18.70 29.87
C VAL D 278 4.49 17.82 29.41
N GLY D 279 5.71 18.31 29.51
CA GLY D 279 6.87 17.54 29.10
C GLY D 279 7.10 17.55 27.60
N LEU D 280 7.36 18.72 27.05
CA LEU D 280 7.52 18.88 25.61
C LEU D 280 8.90 19.39 25.20
N THR D 281 9.63 20.04 26.10
CA THR D 281 10.91 20.65 25.77
C THR D 281 12.11 19.93 26.38
N GLY D 282 11.93 18.72 26.89
CA GLY D 282 12.97 18.07 27.67
C GLY D 282 14.20 17.63 26.91
N TYR D 283 14.08 16.60 26.07
CA TYR D 283 15.24 15.95 25.47
C TYR D 283 15.24 15.97 23.96
N GLY D 284 14.14 15.56 23.33
CA GLY D 284 14.16 15.29 21.90
C GLY D 284 13.74 16.42 20.99
N TYR D 285 13.14 17.47 21.54
CA TYR D 285 12.56 18.53 20.72
C TYR D 285 13.43 19.78 20.76
N THR D 286 13.47 20.48 19.64
CA THR D 286 14.17 21.75 19.50
C THR D 286 13.21 22.79 18.94
N TRP D 287 13.46 24.05 19.29
CA TRP D 287 12.59 25.15 18.90
C TRP D 287 13.38 26.17 18.08
N ILE D 288 12.78 26.63 16.98
CA ILE D 288 13.37 27.65 16.13
C ILE D 288 12.43 28.85 16.15
N VAL D 289 12.96 30.01 16.52
CA VAL D 289 12.15 31.19 16.77
C VAL D 289 12.70 32.39 16.00
N PRO D 290 11.88 33.38 15.67
CA PRO D 290 12.35 34.51 14.85
C PRO D 290 13.17 35.53 15.63
N SER D 291 13.49 36.65 14.97
CA SER D 291 14.30 37.69 15.59
C SER D 291 13.54 38.40 16.70
N LEU D 292 12.23 38.58 16.55
CA LEU D 292 11.48 39.46 17.44
C LEU D 292 11.45 38.96 18.88
N VAL D 293 11.58 37.65 19.11
CA VAL D 293 11.46 37.13 20.47
C VAL D 293 12.66 37.54 21.31
N ALA D 294 13.83 37.70 20.70
CA ALA D 294 15.03 38.07 21.46
C ALA D 294 14.88 39.45 22.09
N GLY D 295 14.36 40.41 21.33
CA GLY D 295 14.21 41.76 21.83
C GLY D 295 15.54 42.49 21.93
N ASP D 296 16.40 42.02 22.82
CA ASP D 296 17.73 42.56 22.98
C ASP D 296 18.68 41.45 23.39
N THR D 297 19.89 41.45 22.82
CA THR D 297 20.85 40.39 23.10
C THR D 297 21.33 40.40 24.53
N ASP D 298 21.48 41.59 25.12
CA ASP D 298 22.03 41.69 26.48
C ASP D 298 21.11 41.04 27.51
N THR D 299 19.80 41.31 27.42
CA THR D 299 18.85 40.83 28.41
C THR D 299 18.48 39.38 28.13
N VAL D 300 18.51 38.55 29.16
CA VAL D 300 18.20 37.13 29.06
C VAL D 300 17.05 36.83 30.01
N PRO D 301 15.96 36.23 29.54
CA PRO D 301 14.85 35.90 30.43
C PRO D 301 15.15 34.71 31.33
N SER D 302 14.15 34.29 32.11
CA SER D 302 14.39 33.31 33.18
C SER D 302 14.40 31.88 32.66
N GLU D 303 13.29 31.43 32.06
CA GLU D 303 13.06 30.01 31.83
C GLU D 303 12.91 29.64 30.35
N PHE D 304 13.80 30.15 29.49
CA PHE D 304 13.97 29.53 28.19
C PHE D 304 14.87 28.30 28.32
N PRO D 305 14.42 27.12 27.89
CA PRO D 305 15.29 25.94 27.95
C PRO D 305 16.49 26.10 27.02
N THR D 306 17.54 25.34 27.31
CA THR D 306 18.74 25.41 26.51
C THR D 306 18.49 24.87 25.11
N GLY D 307 19.23 25.41 24.14
CA GLY D 307 19.15 24.94 22.77
C GLY D 307 18.27 25.74 21.84
N LEU D 308 17.87 26.95 22.21
CA LEU D 308 17.13 27.80 21.28
C LEU D 308 18.05 28.33 20.18
N ILE D 309 17.51 28.43 18.98
CA ILE D 309 18.21 29.00 17.83
C ILE D 309 17.37 30.14 17.28
N SER D 310 18.02 31.26 16.99
CA SER D 310 17.34 32.43 16.47
C SER D 310 18.22 33.10 15.43
N VAL D 311 17.58 33.81 14.50
CA VAL D 311 18.27 34.64 13.53
C VAL D 311 18.08 36.10 13.94
N SER D 312 19.17 36.87 13.91
CA SER D 312 19.14 38.23 14.42
C SER D 312 20.02 39.13 13.56
N TYR D 313 19.75 40.43 13.64
CA TYR D 313 20.57 41.41 12.97
C TYR D 313 21.92 41.55 13.67
N ASP D 314 22.94 41.82 12.87
CA ASP D 314 24.30 41.93 13.41
C ASP D 314 24.43 43.16 14.29
N GLU D 315 25.08 42.99 15.45
CA GLU D 315 25.39 44.09 16.34
C GLU D 315 26.81 44.06 16.88
N TRP D 316 27.56 42.98 16.64
CA TRP D 316 28.92 42.90 17.16
C TRP D 316 29.85 43.89 16.46
N ASP D 317 29.80 43.95 15.14
CA ASP D 317 30.70 44.80 14.36
C ASP D 317 30.00 45.94 13.67
N TYR D 318 28.79 45.73 13.14
CA TYR D 318 28.03 46.77 12.45
C TYR D 318 27.29 47.62 13.48
N GLY D 319 28.08 48.42 14.20
CA GLY D 319 27.56 49.24 15.29
C GLY D 319 27.04 50.59 14.81
N LEU D 320 26.85 51.47 15.79
CA LEU D 320 26.28 52.79 15.51
C LEU D 320 27.06 53.60 14.47
N PRO D 321 28.39 53.71 14.53
CA PRO D 321 29.08 54.53 13.52
C PRO D 321 28.85 54.07 12.10
N ALA D 322 28.89 52.76 11.83
CA ALA D 322 28.65 52.28 10.49
C ALA D 322 27.25 52.60 10.01
N ARG D 323 26.25 52.39 10.87
CA ARG D 323 24.87 52.66 10.48
C ARG D 323 24.66 54.14 10.19
N VAL D 324 25.18 55.02 11.05
CA VAL D 324 24.95 56.45 10.86
C VAL D 324 25.70 56.94 9.62
N ARG D 325 26.93 56.46 9.41
CA ARG D 325 27.68 56.87 8.23
C ARG D 325 26.97 56.40 6.95
N ASP D 326 26.46 55.16 6.96
CA ASP D 326 25.74 54.65 5.81
C ASP D 326 24.47 55.45 5.55
N GLY D 327 23.72 55.79 6.59
CA GLY D 327 22.52 56.58 6.42
C GLY D 327 22.81 57.97 5.89
N ILE D 328 23.82 58.63 6.44
CA ILE D 328 24.23 59.95 5.95
C ILE D 328 24.61 59.87 4.49
N ALA D 329 25.42 58.85 4.14
CA ALA D 329 25.87 58.71 2.76
C ALA D 329 24.69 58.51 1.81
N ILE D 330 23.77 57.62 2.17
CA ILE D 330 22.67 57.31 1.26
C ILE D 330 21.76 58.52 1.09
N ILE D 331 21.43 59.22 2.18
CA ILE D 331 20.53 60.36 2.05
C ILE D 331 21.21 61.49 1.27
N THR D 332 22.49 61.74 1.53
CA THR D 332 23.19 62.82 0.83
C THR D 332 23.33 62.51 -0.65
N THR D 333 23.66 61.26 -1.00
CA THR D 333 23.81 60.93 -2.42
C THR D 333 22.46 60.91 -3.13
N ALA D 334 21.39 60.51 -2.43
CA ALA D 334 20.06 60.59 -3.05
C ALA D 334 19.67 62.04 -3.31
N ALA D 335 19.95 62.93 -2.35
CA ALA D 335 19.67 64.35 -2.56
C ALA D 335 20.50 64.91 -3.71
N SER D 336 21.78 64.52 -3.79
CA SER D 336 22.64 65.01 -4.86
C SER D 336 22.17 64.49 -6.22
N ASP D 337 21.76 63.22 -6.29
CA ASP D 337 21.24 62.67 -7.54
C ASP D 337 19.96 63.39 -7.95
N MET D 338 19.08 63.69 -6.97
CA MET D 338 17.89 64.48 -7.28
C MET D 338 18.24 65.90 -7.69
N LEU D 339 19.44 66.37 -7.38
CA LEU D 339 19.91 67.69 -7.77
C LEU D 339 20.77 67.67 -9.04
N SER D 340 20.90 66.51 -9.68
CA SER D 340 21.74 66.36 -10.87
C SER D 340 20.95 65.94 -12.10
N GLU D 341 20.01 65.01 -11.97
CA GLU D 341 19.28 64.53 -13.14
C GLU D 341 18.26 65.57 -13.61
N HIS D 342 17.54 66.19 -12.68
CA HIS D 342 16.52 67.17 -13.02
C HIS D 342 16.84 68.59 -12.57
N SER D 343 17.92 68.78 -11.82
CA SER D 343 18.40 70.06 -11.30
C SER D 343 17.46 70.69 -10.29
N PHE D 344 16.36 70.03 -9.94
CA PHE D 344 15.43 70.56 -8.96
C PHE D 344 15.88 70.18 -7.55
N ILE D 345 15.62 71.09 -6.61
CA ILE D 345 16.02 70.90 -5.21
C ILE D 345 14.88 71.35 -4.30
N PRO D 346 14.45 70.52 -3.34
CA PRO D 346 13.37 70.93 -2.45
C PRO D 346 13.78 71.65 -1.17
N GLU D 347 13.27 72.86 -1.02
CA GLU D 347 13.51 73.70 0.16
C GLU D 347 12.18 74.23 0.65
N PRO D 348 11.35 73.37 1.25
CA PRO D 348 9.99 73.79 1.63
C PRO D 348 9.99 74.69 2.86
N LYS D 349 8.80 75.11 3.28
CA LYS D 349 8.64 75.93 4.47
C LYS D 349 8.85 75.03 5.68
N SER D 350 10.07 75.06 6.22
CA SER D 350 10.48 74.15 7.29
C SER D 350 9.80 74.59 8.59
N SER D 351 8.50 74.33 8.67
CA SER D 351 7.72 74.56 9.88
C SER D 351 6.82 73.36 10.12
N CYS D 352 6.46 73.16 11.39
CA CYS D 352 5.56 72.07 11.76
C CYS D 352 4.11 72.50 11.82
N TYR D 353 3.84 73.77 12.08
CA TYR D 353 2.50 74.32 12.01
C TYR D 353 2.24 74.91 10.63
N ASN D 354 0.96 74.89 10.22
CA ASN D 354 0.53 75.41 8.93
C ASN D 354 1.26 74.70 7.78
N THR D 355 1.17 73.38 7.79
CA THR D 355 1.80 72.54 6.78
C THR D 355 0.85 72.18 5.64
N HIS D 356 -0.38 72.68 5.66
CA HIS D 356 -1.35 72.31 4.63
C HIS D 356 -1.01 72.92 3.28
N GLU D 357 -0.46 74.14 3.27
CA GLU D 357 -0.17 74.83 2.01
C GLU D 357 1.15 74.41 1.38
N LYS D 358 1.94 73.57 2.04
CA LYS D 358 3.24 73.15 1.53
C LYS D 358 3.17 71.87 0.72
N ARG D 359 1.97 71.31 0.51
CA ARG D 359 1.82 70.06 -0.23
C ARG D 359 1.74 70.26 -1.73
N ILE D 360 1.78 71.50 -2.23
CA ILE D 360 1.67 71.73 -3.66
C ILE D 360 2.85 71.12 -4.40
N TYR D 361 4.06 71.32 -3.89
CA TYR D 361 5.26 70.80 -4.53
C TYR D 361 5.66 69.45 -3.91
N GLN D 362 4.75 68.50 -3.99
CA GLN D 362 5.04 67.15 -3.53
C GLN D 362 6.15 66.55 -4.38
N SER D 363 7.05 65.81 -3.72
CA SER D 363 8.21 65.26 -4.41
C SER D 363 7.82 64.30 -5.52
N ASN D 364 7.21 63.16 -5.14
CA ASN D 364 6.74 62.15 -6.08
C ASN D 364 7.88 61.56 -6.91
N MET D 365 9.11 62.00 -6.64
CA MET D 365 10.29 61.51 -7.34
C MET D 365 11.45 61.20 -6.42
N LEU D 366 11.46 61.69 -5.19
CA LEU D 366 12.53 61.36 -4.25
C LEU D 366 12.56 59.86 -3.96
N ASN D 367 11.38 59.26 -3.78
CA ASN D 367 11.32 57.83 -3.46
C ASN D 367 11.95 56.98 -4.58
N ARG D 368 11.78 57.41 -5.83
CA ARG D 368 12.43 56.70 -6.93
C ARG D 368 13.95 56.74 -6.81
N TYR D 369 14.48 57.83 -6.25
CA TYR D 369 15.91 57.95 -5.99
C TYR D 369 16.31 57.48 -4.61
N LEU D 370 15.35 57.10 -3.77
CA LEU D 370 15.61 56.54 -2.45
C LEU D 370 15.58 55.01 -2.44
N ILE D 371 15.36 54.38 -3.59
CA ILE D 371 15.30 52.93 -3.70
C ILE D 371 16.43 52.37 -4.56
N ASN D 372 17.32 53.23 -5.04
CA ASN D 372 18.46 52.80 -5.85
C ASN D 372 19.66 53.64 -5.41
N VAL D 373 20.42 53.12 -4.45
CA VAL D 373 21.54 53.85 -3.86
C VAL D 373 22.72 52.91 -3.69
N THR D 374 23.91 53.44 -3.94
CA THR D 374 25.16 52.70 -3.77
C THR D 374 26.16 53.58 -3.03
N PHE D 375 27.07 52.94 -2.29
CA PHE D 375 28.12 53.63 -1.54
C PHE D 375 29.46 52.95 -1.77
N GLU D 376 29.77 52.70 -3.05
CA GLU D 376 31.02 52.07 -3.47
C GLU D 376 31.17 50.68 -2.87
N GLY D 377 30.25 49.80 -3.25
CA GLY D 377 30.28 48.39 -2.87
C GLY D 377 29.05 47.92 -2.12
N ARG D 378 28.51 48.77 -1.24
CA ARG D 378 27.34 48.40 -0.44
C ARG D 378 26.09 48.53 -1.30
N ASN D 379 25.20 47.54 -1.22
CA ASN D 379 23.94 47.57 -1.95
C ASN D 379 22.81 47.78 -0.95
N LEU D 380 22.03 48.85 -1.16
CA LEU D 380 20.94 49.23 -0.27
C LEU D 380 19.68 49.57 -1.07
N SER D 381 19.29 48.67 -1.96
CA SER D 381 18.05 48.85 -2.71
C SER D 381 16.87 48.67 -1.78
N PHE D 382 16.24 49.76 -1.38
CA PHE D 382 15.08 49.69 -0.49
C PHE D 382 13.86 49.18 -1.25
N SER D 383 12.96 48.53 -0.51
CA SER D 383 11.73 48.03 -1.08
C SER D 383 10.73 49.16 -1.28
N GLU D 384 9.60 48.83 -1.92
CA GLU D 384 8.52 49.80 -2.06
C GLU D 384 7.89 50.12 -0.71
N ASP D 385 7.86 49.15 0.22
CA ASP D 385 7.29 49.39 1.53
C ASP D 385 8.26 50.16 2.44
N GLY D 386 9.55 50.13 2.13
CA GLY D 386 10.51 50.87 2.92
C GLY D 386 11.47 50.00 3.71
N TYR D 387 11.81 48.83 3.19
CA TYR D 387 12.73 47.91 3.87
C TYR D 387 13.77 47.42 2.88
N GLN D 388 14.79 46.74 3.40
CA GLN D 388 15.98 46.39 2.65
C GLN D 388 15.84 45.05 1.94
N MET D 389 16.75 44.82 0.99
CA MET D 389 16.83 43.57 0.25
C MET D 389 17.99 42.68 0.68
N HIS D 390 19.14 43.27 1.05
CA HIS D 390 20.34 42.51 1.35
C HIS D 390 20.92 42.93 2.70
N PRO D 391 20.29 42.54 3.80
CA PRO D 391 20.87 42.78 5.12
C PRO D 391 21.69 41.60 5.60
N LYS D 392 22.68 41.90 6.45
CA LYS D 392 23.48 40.86 7.08
C LYS D 392 22.69 40.22 8.21
N LEU D 393 22.66 38.88 8.23
CA LEU D 393 21.91 38.13 9.22
C LEU D 393 22.83 37.18 9.96
N VAL D 394 22.68 37.15 11.29
CA VAL D 394 23.52 36.34 12.16
C VAL D 394 22.63 35.42 12.98
N ILE D 395 23.17 34.26 13.35
CA ILE D 395 22.44 33.23 14.07
C ILE D 395 23.07 33.05 15.44
N ILE D 396 22.24 32.82 16.45
CA ILE D 396 22.70 32.64 17.82
C ILE D 396 22.13 31.33 18.36
N LEU D 397 22.85 30.72 19.29
CA LEU D 397 22.44 29.49 19.94
C LEU D 397 22.65 29.62 21.44
N LEU D 398 21.67 29.16 22.22
CA LEU D 398 21.69 29.30 23.67
C LEU D 398 22.26 28.00 24.27
N ASN D 399 23.53 28.05 24.67
CA ASN D 399 24.19 26.91 25.27
C ASN D 399 23.83 26.83 26.76
N LYS D 400 24.57 26.02 27.52
CA LYS D 400 24.28 25.82 28.93
C LYS D 400 24.23 27.14 29.69
N GLU D 401 25.25 27.97 29.51
CA GLU D 401 25.20 29.32 30.05
C GLU D 401 24.16 30.14 29.31
N ARG D 402 23.41 30.96 30.05
CA ARG D 402 22.36 31.78 29.46
C ARG D 402 23.00 32.97 28.74
N LYS D 403 23.65 32.66 27.63
CA LYS D 403 24.32 33.69 26.82
C LYS D 403 24.15 33.34 25.35
N TRP D 404 24.25 34.36 24.50
CA TRP D 404 24.15 34.22 23.06
C TRP D 404 25.55 34.22 22.46
N GLU D 405 25.91 33.14 21.78
CA GLU D 405 27.20 32.99 21.12
C GLU D 405 26.99 32.94 19.62
N ARG D 406 27.74 33.77 18.89
CA ARG D 406 27.62 33.80 17.44
C ARG D 406 28.00 32.46 16.84
N VAL D 407 27.23 32.02 15.83
CA VAL D 407 27.40 30.69 15.26
C VAL D 407 27.76 30.80 13.78
N GLY D 408 26.89 31.41 12.99
CA GLY D 408 27.08 31.49 11.56
C GLY D 408 26.76 32.87 11.02
N LYS D 409 26.77 32.97 9.69
CA LYS D 409 26.50 34.21 8.99
C LYS D 409 25.75 33.92 7.70
N TRP D 410 25.03 34.92 7.23
CA TRP D 410 24.24 34.85 6.00
C TRP D 410 24.66 35.97 5.05
N LYS D 411 24.96 35.62 3.81
CA LYS D 411 25.38 36.61 2.83
C LYS D 411 25.16 36.04 1.44
N ASP D 412 24.44 36.79 0.60
CA ASP D 412 24.27 36.48 -0.82
C ASP D 412 23.63 35.10 -1.03
N LYS D 413 22.55 34.84 -0.28
CA LYS D 413 21.81 33.59 -0.40
C LYS D 413 22.70 32.37 -0.17
N SER D 414 23.56 32.47 0.85
CA SER D 414 24.50 31.40 1.19
C SER D 414 24.55 31.23 2.69
N LEU D 415 25.01 30.06 3.13
CA LEU D 415 25.13 29.72 4.53
C LEU D 415 26.59 29.44 4.85
N GLN D 416 27.03 29.88 6.03
CA GLN D 416 28.40 29.63 6.48
C GLN D 416 28.41 29.66 8.00
N MET D 417 28.54 28.49 8.63
CA MET D 417 28.67 28.37 10.08
C MET D 417 29.72 27.34 10.43
N LYS D 418 30.26 27.46 11.64
CA LYS D 418 31.46 26.70 12.00
C LYS D 418 31.18 25.20 12.08
N TYR D 419 30.08 24.81 12.72
CA TYR D 419 29.84 23.39 13.00
C TYR D 419 29.35 22.67 11.76
N TYR D 420 30.09 21.64 11.35
CA TYR D 420 29.64 20.80 10.24
C TYR D 420 28.52 19.86 10.67
N VAL D 421 28.61 19.31 11.88
CA VAL D 421 27.59 18.42 12.43
C VAL D 421 27.02 19.06 13.69
N TRP D 422 25.72 18.94 13.87
CA TRP D 422 25.04 19.59 14.99
C TRP D 422 25.47 18.94 16.30
N PRO D 423 25.88 19.72 17.31
CA PRO D 423 26.25 19.12 18.59
C PRO D 423 25.08 18.35 19.20
N ARG D 424 25.39 17.21 19.79
CA ARG D 424 24.37 16.33 20.33
C ARG D 424 23.81 16.89 21.64
N MET D 425 22.60 16.43 21.97
CA MET D 425 21.93 16.88 23.19
C MET D 425 21.85 15.75 24.21
N ASP D 434 21.28 5.30 25.58
CA ASP D 434 21.52 5.95 24.29
C ASP D 434 21.03 5.08 23.14
N ASP D 435 20.37 5.71 22.16
CA ASP D 435 19.85 5.01 21.00
C ASP D 435 20.28 5.70 19.71
N HIS D 436 21.43 6.36 19.72
CA HIS D 436 21.98 7.02 18.55
C HIS D 436 23.20 6.22 18.10
N LEU D 437 23.09 5.55 16.95
CA LEU D 437 24.09 4.61 16.50
C LEU D 437 24.62 5.01 15.13
N SER D 438 25.94 5.00 14.99
CA SER D 438 26.56 5.16 13.69
C SER D 438 26.52 3.85 12.91
N ILE D 439 26.67 3.96 11.59
CA ILE D 439 26.59 2.81 10.70
C ILE D 439 27.55 3.02 9.54
N VAL D 440 28.37 2.02 9.26
CA VAL D 440 29.35 2.10 8.18
C VAL D 440 28.77 1.42 6.95
N THR D 441 29.19 1.88 5.77
CA THR D 441 28.67 1.37 4.51
C THR D 441 29.69 1.63 3.40
N LEU D 442 29.85 0.66 2.50
CA LEU D 442 30.71 0.78 1.34
C LEU D 442 29.85 0.77 0.09
N GLU D 443 30.10 1.73 -0.81
CA GLU D 443 29.32 1.84 -2.03
C GLU D 443 29.60 0.66 -2.95
N GLU D 444 28.54 0.03 -3.44
CA GLU D 444 28.65 -1.13 -4.31
C GLU D 444 27.40 -1.16 -5.18
N ALA D 445 27.60 -1.45 -6.47
CA ALA D 445 26.68 -0.95 -7.49
C ALA D 445 25.23 -1.38 -7.33
N PRO D 446 24.89 -2.67 -7.19
CA PRO D 446 23.48 -3.05 -7.15
C PRO D 446 22.80 -2.94 -5.80
N PHE D 447 23.51 -2.62 -4.72
CA PHE D 447 22.92 -2.59 -3.39
C PHE D 447 22.88 -1.19 -2.79
N VAL D 448 24.00 -0.47 -2.78
CA VAL D 448 24.06 0.88 -2.25
C VAL D 448 24.66 1.78 -3.32
N ILE D 449 23.87 2.76 -3.77
CA ILE D 449 24.27 3.65 -4.84
C ILE D 449 24.45 5.05 -4.28
N VAL D 450 25.54 5.72 -4.68
CA VAL D 450 25.84 7.07 -4.25
C VAL D 450 25.88 7.96 -5.49
N GLU D 451 25.26 9.14 -5.40
CA GLU D 451 25.21 10.07 -6.51
C GLU D 451 25.19 11.49 -5.97
N SER D 452 25.58 12.42 -6.84
CA SER D 452 25.72 13.81 -6.45
C SER D 452 24.37 14.43 -6.07
N VAL D 453 24.42 15.39 -5.15
CA VAL D 453 23.24 16.09 -4.68
C VAL D 453 22.77 17.08 -5.75
N ASP D 454 21.57 17.62 -5.58
CA ASP D 454 21.06 18.62 -6.51
C ASP D 454 21.78 19.94 -6.27
N PRO D 455 22.53 20.47 -7.25
CA PRO D 455 23.28 21.71 -7.00
C PRO D 455 22.40 22.92 -6.70
N LEU D 456 21.23 23.01 -7.33
CA LEU D 456 20.41 24.21 -7.18
C LEU D 456 19.80 24.29 -5.78
N SER D 457 19.23 23.19 -5.29
CA SER D 457 18.56 23.20 -4.00
C SER D 457 19.54 23.21 -2.82
N GLY D 458 20.73 22.66 -2.99
CA GLY D 458 21.67 22.51 -1.91
C GLY D 458 21.63 21.16 -1.21
N THR D 459 20.63 20.33 -1.52
CA THR D 459 20.55 18.97 -1.02
C THR D 459 19.92 18.11 -2.11
N CYS D 460 19.75 16.82 -1.83
CA CYS D 460 19.34 15.87 -2.85
C CYS D 460 17.88 15.49 -2.66
N MET D 461 17.43 14.56 -3.50
CA MET D 461 16.02 14.21 -3.63
C MET D 461 15.53 13.49 -2.37
N ARG D 462 14.23 13.18 -2.37
CA ARG D 462 13.61 12.42 -1.29
C ARG D 462 13.82 10.92 -1.53
N ASN D 463 13.19 10.11 -0.68
CA ASN D 463 13.36 8.64 -0.73
C ASN D 463 14.83 8.27 -0.64
N THR D 464 15.58 9.04 0.14
CA THR D 464 17.02 8.86 0.27
C THR D 464 17.42 9.43 1.62
N VAL D 465 18.60 9.02 2.10
CA VAL D 465 19.13 9.52 3.36
C VAL D 465 20.56 9.99 3.12
N PRO D 466 21.01 11.04 3.80
CA PRO D 466 22.38 11.52 3.59
C PRO D 466 23.41 10.54 4.14
N CYS D 467 24.53 10.43 3.42
CA CYS D 467 25.65 9.58 3.82
C CYS D 467 26.93 10.38 3.71
N GLN D 468 27.46 10.89 4.81
CA GLN D 468 28.68 11.72 4.78
C GLN D 468 29.91 11.00 4.42
N LYS D 469 30.71 11.63 3.58
CA LYS D 469 31.87 11.06 2.93
C LYS D 469 33.13 11.80 3.38
N ARG D 470 34.17 11.05 3.71
CA ARG D 470 35.45 11.60 4.11
C ARG D 470 36.44 11.52 2.95
N ILE D 471 37.16 12.60 2.72
CA ILE D 471 38.16 12.66 1.65
C ILE D 471 39.54 12.71 2.28
N ILE D 472 40.51 12.12 1.59
CA ILE D 472 41.90 12.11 2.05
C ILE D 472 42.56 13.42 1.68
N SER D 473 43.71 13.71 2.29
CA SER D 473 44.44 14.94 2.06
C SER D 473 45.91 14.63 1.80
N GLU D 474 46.68 15.67 1.56
CA GLU D 474 48.11 15.51 1.33
C GLU D 474 48.81 15.07 2.62
N ASN D 475 49.73 14.12 2.47
CA ASN D 475 50.41 13.57 3.64
C ASN D 475 51.36 14.57 4.29
N LYS D 476 51.75 15.63 3.58
CA LYS D 476 52.68 16.61 4.16
C LYS D 476 52.05 17.34 5.33
N THR D 477 50.86 17.89 5.13
CA THR D 477 50.15 18.60 6.21
C THR D 477 48.65 18.40 5.97
N ASP D 478 48.05 17.51 6.74
CA ASP D 478 46.62 17.27 6.62
C ASP D 478 45.83 18.46 7.11
N GLU D 479 44.90 18.94 6.29
CA GLU D 479 44.02 20.03 6.68
C GLU D 479 43.01 19.55 7.72
N GLU D 480 42.20 20.48 8.20
CA GLU D 480 41.13 20.15 9.13
C GLU D 480 40.20 19.12 8.48
N PRO D 481 39.85 18.04 9.18
CA PRO D 481 39.09 16.94 8.55
C PRO D 481 37.93 17.40 7.69
N GLY D 482 38.09 17.29 6.37
CA GLY D 482 37.05 17.73 5.47
C GLY D 482 36.00 16.66 5.26
N TYR D 483 34.76 17.07 5.09
CA TYR D 483 33.65 16.17 4.83
C TYR D 483 32.77 16.75 3.73
N ILE D 484 32.25 15.87 2.89
CA ILE D 484 31.41 16.25 1.76
C ILE D 484 30.07 15.54 1.90
N LYS D 485 28.99 16.28 1.72
CA LYS D 485 27.64 15.76 1.94
C LYS D 485 27.18 14.99 0.70
N LYS D 486 27.02 13.69 0.86
CA LYS D 486 26.42 12.82 -0.16
C LYS D 486 25.25 12.09 0.46
N CYS D 487 24.35 11.59 -0.40
CA CYS D 487 23.19 10.84 0.06
C CYS D 487 23.07 9.55 -0.71
N CYS D 488 22.84 8.46 0.01
CA CYS D 488 22.90 7.11 -0.51
C CYS D 488 21.53 6.47 -0.54
N LYS D 489 21.21 5.80 -1.66
CA LYS D 489 19.95 5.09 -1.81
C LYS D 489 20.23 3.72 -2.40
N GLY D 490 19.34 2.77 -2.11
CA GLY D 490 19.50 1.44 -2.65
C GLY D 490 18.65 0.42 -1.88
N PHE D 491 19.11 -0.83 -1.92
CA PHE D 491 18.37 -1.94 -1.34
C PHE D 491 18.56 -2.00 0.17
N CYS D 492 19.81 -2.16 0.61
CA CYS D 492 20.10 -2.24 2.04
C CYS D 492 19.72 -0.95 2.76
N ILE D 493 19.88 0.19 2.10
CA ILE D 493 19.48 1.46 2.71
C ILE D 493 17.98 1.47 2.98
N ASP D 494 17.17 1.00 2.02
CA ASP D 494 15.73 0.97 2.22
C ASP D 494 15.34 -0.03 3.30
N ILE D 495 15.98 -1.20 3.32
CA ILE D 495 15.65 -2.18 4.36
C ILE D 495 16.05 -1.65 5.74
N LEU D 496 17.15 -0.91 5.81
CA LEU D 496 17.54 -0.28 7.06
C LEU D 496 16.55 0.79 7.48
N LYS D 497 16.04 1.57 6.52
CA LYS D 497 15.04 2.57 6.83
C LYS D 497 13.76 1.93 7.35
N LYS D 498 13.38 0.77 6.80
CA LYS D 498 12.21 0.06 7.31
C LYS D 498 12.45 -0.46 8.72
N ILE D 499 13.60 -1.10 8.96
CA ILE D 499 13.89 -1.67 10.27
C ILE D 499 13.97 -0.57 11.33
N SER D 500 14.60 0.56 11.00
CA SER D 500 14.76 1.63 11.98
C SER D 500 13.41 2.16 12.45
N LYS D 501 12.48 2.37 11.51
CA LYS D 501 11.15 2.82 11.90
C LYS D 501 10.40 1.73 12.65
N SER D 502 10.64 0.46 12.29
CA SER D 502 9.99 -0.64 12.99
C SER D 502 10.46 -0.74 14.43
N VAL D 503 11.70 -0.38 14.70
CA VAL D 503 12.30 -0.51 16.03
C VAL D 503 12.40 0.85 16.71
N LYS D 504 12.17 1.93 15.97
CA LYS D 504 12.14 3.30 16.49
C LYS D 504 13.47 3.68 17.14
N PHE D 505 14.51 3.70 16.30
CA PHE D 505 15.80 4.25 16.70
C PHE D 505 16.36 5.04 15.53
N THR D 506 17.25 5.98 15.83
CA THR D 506 17.82 6.88 14.85
C THR D 506 19.24 6.44 14.50
N TYR D 507 19.72 6.95 13.37
CA TYR D 507 21.01 6.55 12.82
C TYR D 507 21.63 7.69 12.03
N ASP D 508 22.93 7.57 11.79
CA ASP D 508 23.67 8.53 10.96
C ASP D 508 24.85 7.79 10.35
N LEU D 509 24.75 7.45 9.06
CA LEU D 509 25.70 6.59 8.40
C LEU D 509 26.73 7.40 7.62
N TYR D 510 27.92 6.82 7.46
CA TYR D 510 29.00 7.43 6.72
C TYR D 510 29.75 6.36 5.93
N LEU D 511 30.30 6.75 4.79
CA LEU D 511 31.05 5.82 3.97
C LEU D 511 32.42 5.51 4.58
N VAL D 512 32.97 4.37 4.21
CA VAL D 512 34.28 3.98 4.70
C VAL D 512 35.36 4.73 3.93
N THR D 513 36.43 5.12 4.62
CA THR D 513 37.47 5.93 3.99
C THR D 513 38.39 5.08 3.13
N ASN D 514 38.92 3.99 3.69
CA ASN D 514 39.89 3.16 2.98
C ASN D 514 39.62 1.70 3.30
N GLY D 515 39.77 0.86 2.28
CA GLY D 515 39.62 -0.57 2.46
C GLY D 515 38.30 -1.10 1.94
N LYS D 516 38.35 -2.31 1.40
CA LYS D 516 37.17 -3.02 0.92
C LYS D 516 36.56 -3.79 2.09
N HIS D 517 35.66 -4.74 1.80
CA HIS D 517 35.00 -5.52 2.85
C HIS D 517 35.99 -6.04 3.89
N GLY D 518 37.21 -6.38 3.49
CA GLY D 518 38.25 -6.63 4.47
C GLY D 518 39.03 -7.92 4.33
N LYS D 519 40.35 -7.80 4.29
CA LYS D 519 41.27 -8.93 4.42
C LYS D 519 42.14 -8.74 5.65
N LYS D 520 42.52 -9.86 6.25
CA LYS D 520 43.32 -9.86 7.47
C LYS D 520 44.80 -9.71 7.12
N ILE D 521 45.46 -8.75 7.77
CA ILE D 521 46.91 -8.57 7.65
C ILE D 521 47.47 -8.39 9.07
N ASN D 522 48.56 -9.09 9.36
CA ASN D 522 49.20 -9.05 10.68
C ASN D 522 48.22 -9.43 11.77
N GLY D 523 47.29 -10.33 11.45
CA GLY D 523 46.27 -10.72 12.41
C GLY D 523 45.30 -9.62 12.77
N THR D 524 45.25 -8.54 12.00
CA THR D 524 44.37 -7.42 12.25
C THR D 524 43.59 -7.08 10.98
N TRP D 525 42.38 -6.57 11.17
CA TRP D 525 41.47 -6.32 10.06
C TRP D 525 41.53 -4.86 9.60
N ASN D 526 41.13 -4.64 8.35
CA ASN D 526 40.91 -3.31 7.79
C ASN D 526 39.50 -3.26 7.20
N GLY D 527 39.17 -2.12 6.61
CA GLY D 527 37.86 -2.01 5.99
C GLY D 527 36.73 -1.95 7.01
N MET D 528 35.51 -2.22 6.51
CA MET D 528 34.32 -2.15 7.35
C MET D 528 34.43 -3.12 8.52
N ILE D 529 34.82 -4.36 8.26
CA ILE D 529 34.94 -5.34 9.34
C ILE D 529 36.06 -4.94 10.29
N GLY D 530 37.08 -4.23 9.80
CA GLY D 530 38.07 -3.66 10.70
C GLY D 530 37.50 -2.53 11.54
N GLU D 531 36.69 -1.66 10.92
CA GLU D 531 36.15 -0.50 11.62
C GLU D 531 35.18 -0.92 12.71
N VAL D 532 34.38 -1.96 12.46
CA VAL D 532 33.37 -2.37 13.44
C VAL D 532 34.02 -2.91 14.71
N VAL D 533 35.23 -3.46 14.60
CA VAL D 533 35.92 -3.99 15.78
C VAL D 533 36.36 -2.86 16.70
N MET D 534 36.84 -1.76 16.13
CA MET D 534 37.42 -0.67 16.92
C MET D 534 36.37 0.22 17.58
N LYS D 535 35.11 -0.22 17.63
CA LYS D 535 34.00 0.43 18.32
C LYS D 535 33.64 1.79 17.74
N ARG D 536 34.26 2.22 16.64
CA ARG D 536 33.91 3.50 16.04
C ARG D 536 32.60 3.44 15.27
N ALA D 537 32.25 2.28 14.74
CA ALA D 537 31.06 2.13 13.91
C ALA D 537 29.92 1.42 14.64
N TYR D 538 30.22 0.29 15.31
CA TYR D 538 29.28 -0.46 16.13
C TYR D 538 28.24 -1.21 15.30
N MET D 539 28.20 -0.96 14.00
CA MET D 539 27.22 -1.61 13.14
C MET D 539 27.61 -1.40 11.69
N ALA D 540 27.35 -2.41 10.87
CA ALA D 540 27.64 -2.36 9.45
C ALA D 540 26.43 -2.83 8.66
N VAL D 541 26.36 -2.43 7.39
CA VAL D 541 25.29 -2.81 6.48
C VAL D 541 25.83 -2.76 5.06
N GLY D 542 25.22 -3.53 4.17
CA GLY D 542 25.69 -3.64 2.81
C GLY D 542 26.16 -5.04 2.49
N SER D 543 26.79 -5.16 1.31
CA SER D 543 27.28 -6.44 0.85
C SER D 543 28.41 -6.93 1.75
N LEU D 544 28.16 -8.04 2.45
CA LEU D 544 29.16 -8.60 3.35
C LEU D 544 28.86 -10.10 3.49
N THR D 545 29.66 -10.93 2.81
CA THR D 545 29.45 -12.37 2.83
C THR D 545 29.76 -12.93 4.21
N ILE D 546 29.04 -14.00 4.57
CA ILE D 546 29.16 -14.61 5.88
C ILE D 546 30.02 -15.87 5.77
N ASN D 547 31.08 -15.93 6.57
CA ASN D 547 31.94 -17.11 6.66
C ASN D 547 32.31 -17.33 8.12
N GLU D 548 33.26 -18.23 8.35
CA GLU D 548 33.62 -18.57 9.72
C GLU D 548 34.62 -17.59 10.32
N GLU D 549 35.54 -17.07 9.51
CA GLU D 549 36.56 -16.17 10.03
C GLU D 549 35.94 -14.88 10.55
N ARG D 550 35.09 -14.24 9.75
CA ARG D 550 34.42 -13.01 10.20
C ARG D 550 33.45 -13.28 11.33
N SER D 551 32.76 -14.42 11.30
CA SER D 551 31.86 -14.77 12.41
C SER D 551 32.61 -15.05 13.70
N GLU D 552 33.90 -15.37 13.62
CA GLU D 552 34.69 -15.59 14.82
C GLU D 552 35.05 -14.29 15.53
N VAL D 553 34.78 -13.14 14.91
CA VAL D 553 35.12 -11.85 15.50
C VAL D 553 33.85 -11.14 15.95
N VAL D 554 32.93 -10.90 15.02
CA VAL D 554 31.70 -10.18 15.30
C VAL D 554 30.52 -11.14 15.15
N ASP D 555 29.34 -10.65 15.54
CA ASP D 555 28.13 -11.45 15.55
C ASP D 555 27.21 -10.97 14.43
N PHE D 556 26.51 -11.91 13.80
CA PHE D 556 25.74 -11.66 12.59
C PHE D 556 24.24 -11.77 12.86
N SER D 557 23.45 -11.48 11.83
CA SER D 557 22.01 -11.65 11.85
C SER D 557 21.62 -12.73 10.85
N VAL D 558 20.38 -13.19 10.96
CA VAL D 558 19.92 -14.24 10.04
C VAL D 558 19.96 -13.71 8.61
N PRO D 559 20.35 -14.50 7.62
CA PRO D 559 20.46 -13.98 6.26
C PRO D 559 19.09 -13.71 5.65
N PHE D 560 19.08 -12.76 4.70
CA PHE D 560 17.86 -12.36 4.03
C PHE D 560 18.02 -12.38 2.51
N ILE D 561 19.04 -13.06 2.00
CA ILE D 561 19.25 -13.22 0.57
C ILE D 561 20.19 -14.40 0.38
N GLU D 562 20.04 -15.08 -0.76
CA GLU D 562 20.82 -16.28 -1.06
C GLU D 562 21.79 -15.99 -2.20
N THR D 563 23.04 -16.41 -2.02
CA THR D 563 24.08 -16.21 -3.02
C THR D 563 25.20 -17.21 -2.75
N GLY D 564 26.33 -17.02 -3.42
CA GLY D 564 27.49 -17.88 -3.23
C GLY D 564 28.59 -17.63 -4.23
N ILE D 565 29.15 -18.70 -4.78
CA ILE D 565 30.23 -18.61 -5.77
C ILE D 565 29.70 -19.18 -7.08
N SER D 566 29.72 -18.37 -8.12
CA SER D 566 29.23 -18.77 -9.43
C SER D 566 30.16 -18.22 -10.51
N VAL D 567 30.03 -18.76 -11.72
CA VAL D 567 30.86 -18.35 -12.84
C VAL D 567 29.97 -18.05 -14.03
N MET D 568 30.49 -17.23 -14.94
CA MET D 568 29.80 -16.90 -16.18
C MET D 568 30.77 -17.02 -17.34
N VAL D 569 30.23 -17.34 -18.51
CA VAL D 569 31.01 -17.42 -19.74
C VAL D 569 30.23 -16.73 -20.85
N SER D 570 30.95 -16.28 -21.88
CA SER D 570 30.30 -15.70 -23.03
C SER D 570 29.51 -16.75 -23.79
N ARG D 571 28.49 -16.31 -24.51
CA ARG D 571 27.61 -17.23 -25.22
C ARG D 571 28.17 -17.49 -26.61
N SER D 572 28.49 -18.76 -26.88
CA SER D 572 28.96 -19.14 -28.20
C SER D 572 27.81 -19.16 -29.19
N ASN D 573 28.09 -18.73 -30.42
CA ASN D 573 27.09 -18.75 -31.49
C ASN D 573 27.05 -20.13 -32.14
N GLY D 574 25.85 -20.68 -32.27
CA GLY D 574 25.63 -21.99 -32.84
C GLY D 574 24.96 -22.91 -31.83
N THR D 575 24.97 -24.20 -32.15
CA THR D 575 24.35 -25.21 -31.29
C THR D 575 25.23 -26.44 -31.25
N VAL D 576 25.12 -27.20 -30.16
CA VAL D 576 25.88 -28.44 -29.98
C VAL D 576 25.06 -29.54 -30.65
N SER D 577 25.36 -29.79 -31.93
CA SER D 577 24.67 -30.81 -32.72
C SER D 577 25.73 -31.68 -33.38
N PRO D 578 26.35 -32.59 -32.61
CA PRO D 578 27.45 -33.40 -33.16
C PRO D 578 27.01 -34.36 -34.25
N SER D 579 25.97 -35.14 -33.99
CA SER D 579 25.51 -36.20 -34.89
C SER D 579 24.00 -36.06 -35.14
N ALA D 580 23.58 -34.86 -35.49
CA ALA D 580 22.15 -34.58 -35.67
C ALA D 580 21.51 -35.42 -36.77
N PHE D 581 22.29 -35.90 -37.74
CA PHE D 581 21.70 -36.69 -38.82
C PHE D 581 21.25 -38.06 -38.33
N LEU D 582 21.81 -38.54 -37.22
CA LEU D 582 21.36 -39.79 -36.62
C LEU D 582 20.18 -39.60 -35.68
N GLU D 583 19.91 -38.37 -35.25
CA GLU D 583 18.78 -38.13 -34.34
C GLU D 583 17.45 -38.62 -34.89
N PRO D 584 17.06 -38.35 -36.14
CA PRO D 584 15.82 -38.93 -36.65
C PRO D 584 15.96 -40.43 -36.85
N PHE D 585 14.80 -41.09 -36.90
CA PHE D 585 14.73 -42.54 -37.11
C PHE D 585 15.42 -43.32 -36.00
N SER D 586 15.59 -44.62 -36.21
CA SER D 586 16.29 -45.47 -35.27
C SER D 586 16.80 -46.69 -36.03
N ALA D 587 17.77 -47.39 -35.44
CA ALA D 587 18.40 -48.52 -36.11
C ALA D 587 17.38 -49.58 -36.51
N ASP D 588 16.28 -49.69 -35.76
CA ASP D 588 15.26 -50.68 -36.06
C ASP D 588 14.70 -50.49 -37.46
N VAL D 589 14.26 -49.27 -37.79
CA VAL D 589 13.69 -49.03 -39.11
C VAL D 589 14.77 -49.09 -40.17
N TRP D 590 16.00 -48.71 -39.83
CA TRP D 590 17.10 -48.74 -40.80
C TRP D 590 17.39 -50.18 -41.24
N VAL D 591 17.38 -51.13 -40.30
CA VAL D 591 17.62 -52.52 -40.69
C VAL D 591 16.34 -53.14 -41.27
N MET D 592 15.17 -52.69 -40.82
CA MET D 592 13.92 -53.21 -41.36
C MET D 592 13.77 -52.87 -42.84
N MET D 593 14.16 -51.65 -43.24
CA MET D 593 14.05 -51.31 -44.64
C MET D 593 15.09 -52.05 -45.47
N PHE D 594 16.29 -52.30 -44.91
CA PHE D 594 17.26 -53.19 -45.55
C PHE D 594 16.64 -54.56 -45.83
N VAL D 595 16.05 -55.20 -44.82
CA VAL D 595 15.54 -56.55 -45.04
C VAL D 595 14.35 -56.51 -45.98
N MET D 596 13.50 -55.49 -45.89
CA MET D 596 12.35 -55.38 -46.80
C MET D 596 12.81 -55.23 -48.25
N LEU D 597 13.82 -54.39 -48.49
CA LEU D 597 14.31 -54.23 -49.85
C LEU D 597 14.99 -55.50 -50.35
N LEU D 598 15.70 -56.22 -49.47
CA LEU D 598 16.27 -57.51 -49.88
C LEU D 598 15.18 -58.48 -50.30
N ILE D 599 14.10 -58.57 -49.51
CA ILE D 599 13.00 -59.48 -49.83
C ILE D 599 12.33 -59.08 -51.14
N VAL D 600 12.08 -57.79 -51.33
CA VAL D 600 11.37 -57.37 -52.54
C VAL D 600 12.25 -57.57 -53.77
N SER D 601 13.57 -57.35 -53.63
CA SER D 601 14.47 -57.64 -54.75
C SER D 601 14.50 -59.13 -55.07
N ALA D 602 14.52 -59.98 -54.05
CA ALA D 602 14.50 -61.41 -54.28
C ALA D 602 13.22 -61.85 -55.00
N VAL D 603 12.08 -61.35 -54.54
CA VAL D 603 10.82 -61.74 -55.19
C VAL D 603 10.74 -61.14 -56.59
N ALA D 604 11.34 -59.97 -56.82
CA ALA D 604 11.39 -59.40 -58.17
C ALA D 604 12.22 -60.29 -59.09
N VAL D 605 13.35 -60.79 -58.62
CA VAL D 605 14.14 -61.73 -59.41
C VAL D 605 13.33 -63.00 -59.68
N PHE D 606 12.61 -63.49 -58.67
CA PHE D 606 11.75 -64.66 -58.86
C PHE D 606 10.71 -64.41 -59.94
N VAL D 607 10.11 -63.21 -59.95
CA VAL D 607 9.17 -62.86 -61.00
C VAL D 607 9.86 -62.83 -62.36
N PHE D 608 11.06 -62.26 -62.41
CA PHE D 608 11.80 -62.20 -63.67
C PHE D 608 12.14 -63.59 -64.19
N GLU D 609 12.22 -64.59 -63.28
CA GLU D 609 12.42 -65.96 -63.73
C GLU D 609 11.25 -66.44 -64.58
N TYR D 610 10.03 -66.10 -64.18
CA TYR D 610 8.84 -66.47 -64.94
C TYR D 610 8.08 -65.24 -65.42
N SER D 630 17.80 -59.07 -69.86
CA SER D 630 18.96 -59.55 -69.10
C SER D 630 18.97 -58.95 -67.70
N PHE D 631 17.86 -59.10 -66.99
CA PHE D 631 17.75 -58.58 -65.62
C PHE D 631 18.58 -59.45 -64.69
N THR D 632 19.72 -58.92 -64.26
CA THR D 632 20.64 -59.64 -63.40
C THR D 632 20.27 -59.45 -61.94
N ILE D 633 21.15 -59.85 -61.03
CA ILE D 633 20.89 -59.76 -59.60
C ILE D 633 21.46 -58.46 -59.04
N GLY D 634 22.66 -58.08 -59.49
CA GLY D 634 23.23 -56.81 -59.03
C GLY D 634 22.46 -55.61 -59.50
N LYS D 635 22.04 -55.60 -60.77
CA LYS D 635 21.25 -54.50 -61.30
C LYS D 635 19.91 -54.37 -60.59
N ALA D 636 19.30 -55.49 -60.20
CA ALA D 636 18.00 -55.44 -59.53
C ALA D 636 18.09 -54.66 -58.22
N ILE D 637 19.07 -55.00 -57.38
CA ILE D 637 19.21 -54.32 -56.10
C ILE D 637 19.73 -52.90 -56.30
N TRP D 638 20.59 -52.71 -57.31
CA TRP D 638 21.14 -51.39 -57.59
C TRP D 638 20.05 -50.41 -57.99
N LEU D 639 19.10 -50.86 -58.82
CA LEU D 639 17.98 -50.01 -59.22
C LEU D 639 17.21 -49.52 -58.01
N LEU D 640 16.84 -50.44 -57.11
CA LEU D 640 16.03 -50.06 -55.96
C LEU D 640 16.79 -49.14 -55.02
N TRP D 641 18.08 -49.44 -54.79
CA TRP D 641 18.86 -48.60 -53.88
C TRP D 641 19.08 -47.20 -54.46
N GLY D 642 19.30 -47.10 -55.77
CA GLY D 642 19.40 -45.79 -56.39
C GLY D 642 18.08 -45.05 -56.39
N LEU D 643 16.98 -45.77 -56.55
CA LEU D 643 15.68 -45.12 -56.65
C LEU D 643 15.18 -44.63 -55.30
N VAL D 644 15.53 -45.33 -54.21
CA VAL D 644 15.04 -44.94 -52.89
C VAL D 644 15.59 -43.58 -52.49
N PHE D 645 16.77 -43.22 -52.98
CA PHE D 645 17.40 -41.95 -52.62
C PHE D 645 17.21 -40.92 -53.73
N ASN D 646 15.97 -40.43 -53.81
CA ASN D 646 15.59 -39.29 -54.65
C ASN D 646 15.77 -39.59 -56.14
N ASN D 647 15.83 -40.88 -56.50
CA ASN D 647 15.96 -41.31 -57.90
C ASN D 647 17.14 -40.54 -58.51
N SER D 648 18.30 -40.64 -57.87
CA SER D 648 19.46 -39.90 -58.33
C SER D 648 20.26 -40.68 -59.36
N VAL D 649 20.51 -41.96 -59.07
CA VAL D 649 21.38 -42.77 -59.95
C VAL D 649 20.62 -43.10 -61.23
N PRO D 650 21.24 -43.00 -62.41
CA PRO D 650 20.59 -43.47 -63.63
C PRO D 650 20.82 -44.96 -63.82
N VAL D 651 19.74 -45.70 -64.03
CA VAL D 651 19.75 -47.14 -64.17
C VAL D 651 18.89 -47.53 -65.37
N GLN D 652 18.79 -48.84 -65.61
CA GLN D 652 17.94 -49.38 -66.67
C GLN D 652 16.81 -50.19 -66.04
N ASN D 653 15.66 -50.14 -66.69
CA ASN D 653 14.42 -50.70 -66.17
C ASN D 653 14.02 -51.98 -66.91
N PRO D 654 13.20 -52.84 -66.28
CA PRO D 654 12.83 -54.11 -66.95
C PRO D 654 11.66 -53.97 -67.90
N LYS D 655 11.20 -55.09 -68.45
CA LYS D 655 10.06 -55.12 -69.36
C LYS D 655 8.90 -55.95 -68.81
N GLY D 656 8.88 -56.19 -67.50
CA GLY D 656 7.82 -56.96 -66.87
C GLY D 656 6.84 -56.06 -66.16
N THR D 657 5.55 -56.21 -66.50
CA THR D 657 4.52 -55.33 -65.95
C THR D 657 4.41 -55.46 -64.44
N THR D 658 4.41 -56.68 -63.93
CA THR D 658 4.31 -56.89 -62.48
C THR D 658 5.53 -56.33 -61.76
N SER D 659 6.72 -56.47 -62.36
CA SER D 659 7.90 -55.83 -61.80
C SER D 659 7.76 -54.32 -61.80
N LYS D 660 7.13 -53.77 -62.84
CA LYS D 660 6.84 -52.32 -62.86
C LYS D 660 5.94 -51.94 -61.71
N ILE D 661 4.90 -52.74 -61.44
CA ILE D 661 4.00 -52.45 -60.32
C ILE D 661 4.77 -52.48 -59.01
N MET D 662 5.62 -53.49 -58.83
CA MET D 662 6.39 -53.62 -57.59
C MET D 662 7.32 -52.43 -57.39
N VAL D 663 8.02 -52.02 -58.45
CA VAL D 663 8.94 -50.89 -58.31
C VAL D 663 8.16 -49.59 -58.10
N SER D 664 6.96 -49.47 -58.67
CA SER D 664 6.13 -48.30 -58.40
C SER D 664 5.73 -48.24 -56.93
N VAL D 665 5.37 -49.38 -56.36
CA VAL D 665 5.04 -49.43 -54.93
C VAL D 665 6.27 -49.05 -54.10
N TRP D 666 7.43 -49.58 -54.47
CA TRP D 666 8.66 -49.24 -53.75
C TRP D 666 8.95 -47.75 -53.85
N ALA D 667 8.70 -47.15 -55.02
CA ALA D 667 8.90 -45.71 -55.19
C ALA D 667 7.94 -44.91 -54.31
N PHE D 668 6.68 -45.33 -54.22
CA PHE D 668 5.75 -44.71 -53.29
C PHE D 668 6.32 -44.72 -51.87
N PHE D 669 6.77 -45.89 -51.42
CA PHE D 669 7.32 -46.00 -50.07
C PHE D 669 8.54 -45.10 -49.90
N ALA D 670 9.42 -45.07 -50.90
CA ALA D 670 10.64 -44.27 -50.80
C ALA D 670 10.32 -42.79 -50.72
N VAL D 671 9.37 -42.31 -51.53
CA VAL D 671 9.01 -40.90 -51.49
C VAL D 671 8.45 -40.53 -50.13
N ILE D 672 7.53 -41.36 -49.60
CA ILE D 672 6.96 -41.07 -48.28
C ILE D 672 8.06 -41.07 -47.22
N PHE D 673 9.04 -41.83 -47.48
CA PHE D 673 10.08 -41.83 -46.59
C PHE D 673 10.78 -40.55 -46.54
N LEU D 674 11.19 -40.12 -47.71
CA LEU D 674 12.12 -38.98 -47.68
C LEU D 674 11.49 -37.73 -47.07
N ALA D 675 10.26 -37.43 -47.42
CA ALA D 675 9.66 -36.19 -46.91
C ALA D 675 9.57 -36.24 -45.40
N SER D 676 9.18 -37.38 -44.84
CA SER D 676 9.08 -37.47 -43.38
C SER D 676 10.45 -37.24 -42.79
N TYR D 677 11.47 -37.82 -43.37
CA TYR D 677 12.80 -37.64 -42.78
C TYR D 677 13.20 -36.18 -42.79
N THR D 678 13.01 -35.46 -43.88
CA THR D 678 13.38 -34.04 -43.83
C THR D 678 12.55 -33.30 -42.79
N ALA D 679 11.24 -33.50 -42.75
CA ALA D 679 10.48 -32.70 -41.76
C ALA D 679 10.90 -33.08 -40.37
N ASN D 680 11.11 -34.35 -40.10
CA ASN D 680 11.51 -34.73 -38.73
C ASN D 680 12.82 -34.05 -38.41
N LEU D 681 13.77 -34.09 -39.32
CA LEU D 681 15.04 -33.41 -38.99
C LEU D 681 14.81 -31.92 -38.82
N ALA D 682 14.07 -31.26 -39.68
CA ALA D 682 13.95 -29.80 -39.49
C ALA D 682 13.26 -29.51 -38.16
N ALA D 683 12.19 -30.21 -37.89
CA ALA D 683 11.52 -29.90 -36.66
C ALA D 683 12.45 -30.00 -35.55
N PHE D 684 13.22 -31.05 -35.55
CA PHE D 684 14.15 -31.30 -34.54
C PHE D 684 15.12 -30.19 -34.39
N MET D 685 15.63 -29.68 -35.48
CA MET D 685 16.49 -28.56 -35.38
C MET D 685 15.81 -27.36 -34.77
N ILE D 686 14.56 -27.13 -35.10
CA ILE D 686 13.93 -25.97 -34.52
C ILE D 686 14.04 -26.19 -33.05
N GLN D 687 13.93 -27.41 -32.57
CA GLN D 687 14.03 -27.50 -31.12
C GLN D 687 15.41 -28.01 -30.73
N GLU D 688 16.32 -27.06 -30.50
CA GLU D 688 17.67 -27.35 -30.06
C GLU D 688 17.92 -26.76 -28.68
N GLU D 689 18.78 -27.44 -27.91
CA GLU D 689 19.07 -27.06 -26.53
C GLU D 689 20.49 -26.51 -26.45
N TYR D 690 20.63 -25.37 -25.77
CA TYR D 690 21.94 -24.76 -25.57
C TYR D 690 22.53 -25.21 -24.24
N VAL D 691 23.70 -25.85 -24.29
CA VAL D 691 24.35 -26.40 -23.12
C VAL D 691 25.72 -25.74 -22.98
N ASP D 692 26.01 -25.25 -21.77
CA ASP D 692 27.28 -24.58 -21.52
C ASP D 692 28.45 -25.57 -21.64
N GLN D 693 29.61 -25.03 -21.99
CA GLN D 693 30.79 -25.86 -22.22
C GLN D 693 31.28 -26.50 -20.92
N VAL D 694 31.27 -25.74 -19.82
CA VAL D 694 31.83 -26.20 -18.54
C VAL D 694 30.70 -26.73 -17.68
N SER D 695 30.86 -27.97 -17.18
CA SER D 695 29.84 -28.57 -16.34
C SER D 695 29.87 -27.98 -14.93
N GLY D 696 31.06 -27.78 -14.38
CA GLY D 696 31.15 -27.27 -13.03
C GLY D 696 32.58 -26.92 -12.66
N LEU D 697 32.79 -26.69 -11.36
CA LEU D 697 34.11 -26.35 -10.84
C LEU D 697 35.05 -27.54 -10.79
N SER D 698 34.53 -28.77 -10.83
CA SER D 698 35.36 -29.96 -10.84
C SER D 698 35.62 -30.45 -12.26
N ASP D 699 35.28 -29.66 -13.27
CA ASP D 699 35.50 -30.05 -14.65
C ASP D 699 36.99 -30.09 -14.95
N LYS D 700 37.36 -30.95 -15.91
CA LYS D 700 38.75 -31.09 -16.30
C LYS D 700 39.29 -29.82 -16.95
N LYS D 701 38.41 -28.93 -17.43
CA LYS D 701 38.87 -27.70 -18.06
C LYS D 701 39.49 -26.74 -17.06
N PHE D 702 39.21 -26.93 -15.77
CA PHE D 702 39.75 -26.05 -14.73
C PHE D 702 40.93 -26.69 -14.01
N GLN D 703 40.75 -27.91 -13.51
CA GLN D 703 41.80 -28.55 -12.72
C GLN D 703 43.05 -28.80 -13.56
N ARG D 704 42.88 -29.17 -14.83
CA ARG D 704 43.98 -29.42 -15.76
C ARG D 704 43.88 -28.37 -16.86
N PRO D 705 44.47 -27.19 -16.66
CA PRO D 705 44.23 -26.08 -17.59
C PRO D 705 45.18 -26.01 -18.77
N ASN D 706 46.37 -26.61 -18.64
CA ASN D 706 47.42 -26.39 -19.62
C ASN D 706 47.45 -27.44 -20.73
N ASP D 707 46.69 -28.52 -20.61
CA ASP D 707 46.85 -29.65 -21.52
C ASP D 707 45.90 -29.63 -22.71
N PHE D 708 44.79 -28.88 -22.64
CA PHE D 708 43.81 -28.93 -23.71
C PHE D 708 44.21 -28.05 -24.89
N SER D 709 44.31 -26.75 -24.66
CA SER D 709 44.52 -25.73 -25.67
C SER D 709 45.37 -24.64 -25.04
N PRO D 710 45.74 -23.58 -25.77
CA PRO D 710 46.29 -22.40 -25.09
C PRO D 710 45.42 -22.01 -23.91
N PRO D 711 46.02 -21.86 -22.73
CA PRO D 711 45.25 -21.87 -21.49
C PRO D 711 44.14 -20.82 -21.47
N PHE D 712 43.04 -21.15 -20.77
CA PHE D 712 41.91 -20.25 -20.61
C PHE D 712 42.34 -18.94 -19.98
N ARG D 713 41.51 -17.90 -20.14
CA ARG D 713 41.77 -16.60 -19.55
C ARG D 713 40.65 -16.32 -18.55
N PHE D 714 40.89 -16.61 -17.28
CA PHE D 714 39.90 -16.39 -16.24
C PHE D 714 40.61 -15.96 -14.97
N GLY D 715 39.93 -15.13 -14.18
CA GLY D 715 40.52 -14.57 -12.98
C GLY D 715 39.45 -14.11 -12.02
N THR D 716 39.90 -13.75 -10.82
CA THR D 716 39.01 -13.29 -9.76
C THR D 716 39.50 -11.94 -9.25
N VAL D 717 38.58 -11.17 -8.70
CA VAL D 717 38.93 -9.90 -8.06
C VAL D 717 39.52 -10.20 -6.69
N PRO D 718 40.73 -9.73 -6.39
CA PRO D 718 41.36 -10.05 -5.09
C PRO D 718 40.74 -9.27 -3.94
N ASN D 719 41.30 -9.44 -2.73
CA ASN D 719 40.78 -8.77 -1.55
C ASN D 719 39.30 -9.08 -1.34
N GLY D 720 38.93 -10.34 -1.52
CA GLY D 720 37.54 -10.75 -1.43
C GLY D 720 37.40 -12.10 -0.75
N SER D 721 36.15 -12.39 -0.35
CA SER D 721 35.83 -13.66 0.27
C SER D 721 35.93 -14.82 -0.72
N THR D 722 35.71 -14.55 -2.01
CA THR D 722 35.83 -15.61 -3.01
C THR D 722 37.26 -16.14 -3.07
N GLU D 723 38.25 -15.25 -3.05
CA GLU D 723 39.64 -15.67 -3.08
C GLU D 723 40.01 -16.46 -1.83
N ARG D 724 39.53 -16.01 -0.66
CA ARG D 724 39.78 -16.74 0.57
C ARG D 724 39.16 -18.13 0.53
N ASN D 725 37.93 -18.24 0.01
CA ASN D 725 37.27 -19.54 -0.09
C ASN D 725 38.00 -20.46 -1.05
N ILE D 726 38.48 -19.94 -2.18
CA ILE D 726 39.13 -20.79 -3.17
C ILE D 726 40.57 -21.12 -2.78
N ARG D 727 41.20 -20.32 -1.92
CA ARG D 727 42.59 -20.58 -1.54
C ARG D 727 42.73 -21.90 -0.79
N ASN D 728 41.93 -22.10 0.25
CA ASN D 728 42.09 -23.29 1.07
C ASN D 728 41.67 -24.56 0.33
N ASN D 729 40.63 -24.46 -0.49
CA ASN D 729 40.15 -25.63 -1.22
C ASN D 729 41.13 -26.04 -2.31
N TYR D 730 41.71 -25.06 -3.01
CA TYR D 730 42.56 -25.34 -4.16
C TYR D 730 43.67 -24.29 -4.23
N ALA D 731 44.91 -24.72 -4.04
CA ALA D 731 46.03 -23.78 -4.01
C ALA D 731 46.64 -23.57 -5.39
N GLU D 732 46.76 -24.63 -6.20
CA GLU D 732 47.35 -24.48 -7.52
C GLU D 732 46.51 -23.58 -8.41
N MET D 733 45.19 -23.59 -8.25
CA MET D 733 44.36 -22.64 -8.98
C MET D 733 44.72 -21.21 -8.60
N HIS D 734 44.92 -20.95 -7.30
CA HIS D 734 45.35 -19.62 -6.87
C HIS D 734 46.70 -19.26 -7.48
N ALA D 735 47.62 -20.22 -7.52
CA ALA D 735 48.91 -19.98 -8.16
C ALA D 735 48.72 -19.55 -9.62
N TYR D 736 47.77 -20.17 -10.32
CA TYR D 736 47.50 -19.79 -11.70
C TYR D 736 46.87 -18.40 -11.77
N MET D 737 45.92 -18.11 -10.87
CA MET D 737 45.30 -16.77 -10.82
C MET D 737 46.33 -15.68 -10.55
N GLY D 738 47.44 -16.03 -9.89
CA GLY D 738 48.42 -15.05 -9.47
C GLY D 738 48.90 -14.05 -10.52
N LYS D 739 48.60 -14.30 -11.79
CA LYS D 739 48.98 -13.39 -12.86
C LYS D 739 47.81 -12.80 -13.64
N PHE D 740 46.59 -13.28 -13.42
CA PHE D 740 45.45 -12.86 -14.24
C PHE D 740 44.36 -12.15 -13.44
N ASN D 741 44.75 -11.28 -12.52
CA ASN D 741 43.77 -10.51 -11.77
C ASN D 741 43.21 -9.38 -12.63
N GLN D 742 42.15 -8.76 -12.13
CA GLN D 742 41.49 -7.66 -12.84
C GLN D 742 41.11 -6.57 -11.85
N ARG D 743 40.93 -5.36 -12.39
CA ARG D 743 40.74 -4.18 -11.54
C ARG D 743 39.40 -4.21 -10.82
N GLY D 744 38.32 -4.49 -11.54
CA GLY D 744 37.00 -4.39 -10.94
C GLY D 744 35.94 -5.08 -11.77
N VAL D 745 34.70 -4.99 -11.29
CA VAL D 745 33.58 -5.67 -11.93
C VAL D 745 33.32 -5.08 -13.32
N ASP D 746 33.30 -3.76 -13.41
CA ASP D 746 33.01 -3.12 -14.70
C ASP D 746 34.09 -3.44 -15.73
N ASP D 747 35.36 -3.38 -15.32
CA ASP D 747 36.44 -3.70 -16.24
C ASP D 747 36.38 -5.15 -16.69
N ALA D 748 36.09 -6.08 -15.78
CA ALA D 748 35.97 -7.48 -16.15
C ALA D 748 34.81 -7.71 -17.11
N LEU D 749 33.67 -7.07 -16.84
CA LEU D 749 32.51 -7.22 -17.72
C LEU D 749 32.80 -6.66 -19.10
N LEU D 750 33.50 -5.52 -19.17
CA LEU D 750 33.88 -4.97 -20.46
C LEU D 750 34.86 -5.88 -21.19
N SER D 751 35.85 -6.42 -20.48
CA SER D 751 36.87 -7.25 -21.11
C SER D 751 36.34 -8.61 -21.52
N LEU D 752 35.23 -9.06 -20.94
CA LEU D 752 34.68 -10.36 -21.31
C LEU D 752 34.25 -10.39 -22.77
N LYS D 753 33.66 -9.29 -23.26
CA LYS D 753 33.13 -9.27 -24.62
C LYS D 753 34.22 -9.18 -25.67
N THR D 754 35.36 -8.56 -25.35
CA THR D 754 36.43 -8.36 -26.32
C THR D 754 37.36 -9.57 -26.43
N GLY D 755 37.02 -10.69 -25.81
CA GLY D 755 37.80 -11.91 -25.93
C GLY D 755 39.02 -11.99 -25.06
N LYS D 756 39.29 -10.99 -24.22
CA LYS D 756 40.46 -11.04 -23.36
C LYS D 756 40.31 -12.04 -22.22
N LEU D 757 39.08 -12.37 -21.85
CA LEU D 757 38.81 -13.33 -20.79
C LEU D 757 37.76 -14.34 -21.25
N ASP D 758 37.92 -15.58 -20.80
CA ASP D 758 36.99 -16.64 -21.15
C ASP D 758 36.02 -17.00 -20.03
N ALA D 759 36.37 -16.73 -18.77
CA ALA D 759 35.49 -17.01 -17.65
C ALA D 759 35.76 -16.00 -16.55
N PHE D 760 34.80 -15.88 -15.63
CA PHE D 760 34.89 -14.93 -14.54
C PHE D 760 34.22 -15.52 -13.31
N ILE D 761 34.81 -15.29 -12.14
CA ILE D 761 34.32 -15.82 -10.88
C ILE D 761 34.08 -14.67 -9.91
N TYR D 762 32.88 -14.62 -9.33
CA TYR D 762 32.54 -13.60 -8.35
C TYR D 762 31.26 -14.04 -7.63
N ASP D 763 30.78 -13.18 -6.74
CA ASP D 763 29.58 -13.51 -5.96
C ASP D 763 28.35 -13.53 -6.87
N ALA D 764 27.52 -14.57 -6.71
CA ALA D 764 26.41 -14.80 -7.61
C ALA D 764 25.34 -13.71 -7.50
N ALA D 765 25.22 -13.07 -6.33
CA ALA D 765 24.15 -12.09 -6.13
C ALA D 765 24.25 -10.93 -7.10
N VAL D 766 25.46 -10.43 -7.33
CA VAL D 766 25.61 -9.28 -8.22
C VAL D 766 25.69 -9.71 -9.67
N LEU D 767 26.20 -10.91 -9.96
CA LEU D 767 26.24 -11.39 -11.34
C LEU D 767 24.84 -11.68 -11.87
N ASN D 768 23.96 -12.23 -11.02
CA ASN D 768 22.59 -12.48 -11.46
C ASN D 768 21.89 -11.18 -11.86
N TYR D 769 22.12 -10.12 -11.08
CA TYR D 769 21.58 -8.80 -11.45
C TYR D 769 22.23 -8.26 -12.71
N MET D 770 23.56 -8.38 -12.82
CA MET D 770 24.28 -7.77 -13.94
C MET D 770 23.96 -8.45 -15.25
N ALA D 771 23.60 -9.75 -15.22
CA ALA D 771 23.27 -10.45 -16.45
C ALA D 771 22.03 -9.86 -17.11
N GLY D 772 21.00 -9.56 -16.32
CA GLY D 772 19.76 -9.05 -16.86
C GLY D 772 19.72 -7.57 -17.14
N ARG D 773 20.79 -6.84 -16.83
CA ARG D 773 20.81 -5.39 -17.03
C ARG D 773 21.69 -4.95 -18.18
N ASP D 774 22.64 -5.77 -18.60
CA ASP D 774 23.49 -5.42 -19.73
C ASP D 774 22.68 -5.32 -21.01
N GLU D 775 23.14 -4.47 -21.92
CA GLU D 775 22.49 -4.29 -23.21
C GLU D 775 22.46 -5.60 -23.99
N GLY D 776 21.28 -6.12 -24.26
CA GLY D 776 21.13 -7.40 -24.91
C GLY D 776 21.30 -8.55 -23.94
N CYS D 777 21.25 -9.76 -24.49
CA CYS D 777 21.33 -11.00 -23.72
C CYS D 777 22.45 -11.88 -24.24
N LYS D 778 23.61 -11.27 -24.51
CA LYS D 778 24.76 -12.00 -25.01
C LYS D 778 25.61 -12.63 -23.92
N LEU D 779 25.25 -12.44 -22.66
CA LEU D 779 25.98 -13.01 -21.53
C LEU D 779 25.04 -13.89 -20.71
N VAL D 780 25.55 -15.06 -20.30
CA VAL D 780 24.76 -16.04 -19.57
C VAL D 780 25.60 -16.57 -18.41
N THR D 781 25.02 -17.49 -17.65
CA THR D 781 25.69 -18.20 -16.58
C THR D 781 25.48 -19.69 -16.76
N ILE D 782 26.35 -20.49 -16.13
CA ILE D 782 26.36 -21.92 -16.38
C ILE D 782 25.12 -22.57 -15.76
N GLY D 783 24.62 -23.61 -16.42
CA GLY D 783 23.58 -24.46 -15.85
C GLY D 783 22.36 -23.69 -15.43
N SER D 784 21.85 -24.04 -14.25
CA SER D 784 20.67 -23.41 -13.66
C SER D 784 21.06 -22.41 -12.57
N GLY D 785 22.18 -21.72 -12.73
CA GLY D 785 22.67 -20.83 -11.69
C GLY D 785 23.10 -21.58 -10.44
N LYS D 786 23.81 -22.70 -10.62
CA LYS D 786 24.21 -23.55 -9.50
C LYS D 786 25.24 -22.80 -8.64
N VAL D 787 24.80 -22.36 -7.47
CA VAL D 787 25.69 -21.66 -6.53
C VAL D 787 26.57 -22.69 -5.83
N PHE D 788 27.81 -22.30 -5.55
CA PHE D 788 28.77 -23.13 -4.86
C PHE D 788 29.05 -22.55 -3.49
N ALA D 789 28.90 -23.38 -2.45
CA ALA D 789 29.05 -22.95 -1.06
C ALA D 789 28.10 -21.78 -0.75
N SER D 790 26.81 -22.08 -0.84
CA SER D 790 25.79 -21.04 -0.73
C SER D 790 25.76 -20.44 0.67
N THR D 791 26.01 -19.14 0.75
CA THR D 791 25.91 -18.39 1.99
C THR D 791 25.03 -17.17 1.74
N GLY D 792 24.78 -16.37 2.76
CA GLY D 792 23.92 -15.22 2.64
C GLY D 792 24.52 -14.00 3.30
N TYR D 793 24.06 -12.84 2.84
CA TYR D 793 24.49 -11.58 3.43
C TYR D 793 23.87 -11.40 4.81
N GLY D 794 24.41 -10.43 5.55
CA GLY D 794 23.93 -10.17 6.89
C GLY D 794 24.18 -8.75 7.36
N ILE D 795 23.92 -8.50 8.64
CA ILE D 795 24.08 -7.18 9.24
C ILE D 795 25.06 -7.33 10.40
N ALA D 796 26.28 -6.84 10.22
CA ALA D 796 27.30 -6.97 11.25
C ALA D 796 26.93 -6.13 12.46
N ILE D 797 27.18 -6.69 13.65
CA ILE D 797 26.85 -6.04 14.91
C ILE D 797 27.99 -6.29 15.89
N GLN D 798 28.32 -5.27 16.69
CA GLN D 798 29.35 -5.41 17.69
C GLN D 798 28.99 -6.52 18.68
N LYS D 799 30.00 -7.27 19.09
CA LYS D 799 29.77 -8.48 19.88
C LYS D 799 29.15 -8.14 21.23
N ASP D 800 28.23 -9.01 21.67
CA ASP D 800 27.61 -8.93 23.00
C ASP D 800 26.84 -7.64 23.20
N SER D 801 25.92 -7.35 22.27
CA SER D 801 25.03 -6.20 22.36
C SER D 801 23.59 -6.68 22.45
N GLY D 802 22.78 -5.97 23.23
CA GLY D 802 21.40 -6.35 23.42
C GLY D 802 20.52 -6.15 22.19
N TRP D 803 20.93 -5.26 21.28
CA TRP D 803 20.13 -4.96 20.10
C TRP D 803 20.15 -6.10 19.09
N LYS D 804 21.05 -7.07 19.23
CA LYS D 804 21.19 -8.14 18.25
C LYS D 804 19.91 -8.95 18.15
N ARG D 805 19.40 -9.44 19.28
CA ARG D 805 18.18 -10.23 19.26
C ARG D 805 16.99 -9.42 18.76
N GLN D 806 16.92 -8.14 19.17
CA GLN D 806 15.81 -7.29 18.75
C GLN D 806 15.78 -7.13 17.23
N VAL D 807 16.93 -6.74 16.65
CA VAL D 807 16.97 -6.52 15.20
C VAL D 807 16.79 -7.84 14.45
N ASP D 808 17.32 -8.94 15.00
CA ASP D 808 17.16 -10.23 14.35
C ASP D 808 15.70 -10.66 14.31
N LEU D 809 14.96 -10.42 15.40
CA LEU D 809 13.54 -10.74 15.41
C LEU D 809 12.74 -9.78 14.55
N ALA D 810 13.18 -8.52 14.45
CA ALA D 810 12.46 -7.54 13.64
C ALA D 810 12.62 -7.80 12.15
N ILE D 811 13.82 -8.19 11.72
CA ILE D 811 14.05 -8.42 10.29
C ILE D 811 13.27 -9.63 9.80
N LEU D 812 13.06 -10.62 10.66
CA LEU D 812 12.27 -11.79 10.28
C LEU D 812 10.79 -11.46 10.09
N GLN D 813 10.32 -10.36 10.67
CA GLN D 813 8.93 -9.94 10.51
C GLN D 813 8.57 -9.62 9.07
N LEU D 814 9.55 -9.24 8.25
CA LEU D 814 9.33 -8.94 6.85
C LEU D 814 9.06 -10.19 6.02
N PHE D 815 9.49 -11.36 6.48
CA PHE D 815 9.15 -12.59 5.79
C PHE D 815 7.64 -12.80 5.73
N GLY D 816 6.95 -12.68 6.86
CA GLY D 816 5.53 -12.91 6.89
C GLY D 816 4.73 -11.88 6.11
N ASP D 817 5.07 -10.60 6.27
CA ASP D 817 4.27 -9.54 5.64
C ASP D 817 4.37 -9.57 4.12
N GLY D 818 5.47 -10.08 3.58
CA GLY D 818 5.67 -10.13 2.15
C GLY D 818 6.08 -8.83 1.51
N GLU D 819 6.39 -7.80 2.30
CA GLU D 819 6.81 -6.53 1.73
C GLU D 819 8.16 -6.66 1.01
N MET D 820 9.05 -7.49 1.55
CA MET D 820 10.37 -7.65 0.94
C MET D 820 10.28 -8.22 -0.48
N GLU D 821 9.30 -9.09 -0.73
CA GLU D 821 9.14 -9.67 -2.06
C GLU D 821 8.81 -8.60 -3.10
N GLU D 822 7.88 -7.70 -2.78
CA GLU D 822 7.60 -6.56 -3.66
C GLU D 822 8.81 -5.65 -3.77
N LEU D 823 9.48 -5.40 -2.65
CA LEU D 823 10.66 -4.54 -2.64
C LEU D 823 11.73 -5.07 -3.59
N GLU D 824 12.02 -6.36 -3.51
CA GLU D 824 13.07 -6.93 -4.34
C GLU D 824 12.63 -7.11 -5.79
N ALA D 825 11.33 -7.34 -6.03
CA ALA D 825 10.85 -7.32 -7.41
C ALA D 825 11.00 -5.94 -8.02
N LEU D 826 10.87 -4.90 -7.20
CA LEU D 826 11.07 -3.54 -7.70
C LEU D 826 12.54 -3.23 -7.93
N TRP D 827 13.42 -3.68 -7.03
CA TRP D 827 14.81 -3.25 -7.03
C TRP D 827 15.77 -4.21 -7.72
N LEU D 828 15.31 -5.38 -8.15
CA LEU D 828 16.23 -6.39 -8.67
C LEU D 828 15.78 -7.08 -9.95
N THR D 829 14.58 -6.83 -10.44
CA THR D 829 14.10 -7.50 -11.63
C THR D 829 14.88 -7.05 -12.86
N GLY D 830 15.22 -8.01 -13.73
CA GLY D 830 15.94 -7.75 -14.94
C GLY D 830 15.07 -7.88 -16.18
N ILE D 831 15.74 -8.02 -17.32
CA ILE D 831 15.09 -8.13 -18.61
C ILE D 831 15.39 -9.48 -19.27
N CYS D 832 16.66 -9.89 -19.26
CA CYS D 832 17.06 -11.13 -19.91
C CYS D 832 16.53 -12.34 -19.14
N HIS D 833 16.41 -13.45 -19.85
CA HIS D 833 15.92 -14.70 -19.29
C HIS D 833 16.99 -15.77 -19.40
N ASN D 834 16.92 -16.77 -18.52
CA ASN D 834 17.81 -17.93 -18.56
C ASN D 834 17.11 -19.16 -19.13
N GLU D 835 15.97 -18.98 -19.80
CA GLU D 835 15.16 -20.10 -20.26
C GLU D 835 15.53 -20.54 -21.67
N LYS D 836 16.82 -20.76 -21.91
CA LYS D 836 17.33 -21.41 -23.13
C LYS D 836 16.78 -20.74 -24.40
N ASN D 837 17.22 -19.49 -24.61
CA ASN D 837 16.78 -18.74 -25.79
C ASN D 837 17.08 -19.51 -27.07
N GLU D 838 18.33 -19.92 -27.24
CA GLU D 838 18.74 -20.80 -28.36
C GLU D 838 18.32 -20.21 -29.70
N VAL D 839 18.95 -19.08 -30.03
CA VAL D 839 18.54 -18.27 -31.18
C VAL D 839 18.60 -19.08 -32.47
N MET D 840 19.79 -19.51 -32.87
CA MET D 840 19.95 -20.22 -34.13
C MET D 840 21.38 -20.72 -34.27
N SER D 841 21.55 -21.86 -34.91
CA SER D 841 22.85 -22.30 -35.38
C SER D 841 22.99 -21.97 -36.87
N SER D 842 24.20 -21.59 -37.27
CA SER D 842 24.41 -21.14 -38.64
C SER D 842 25.80 -21.51 -39.11
N GLN D 843 25.96 -21.46 -40.43
CA GLN D 843 27.25 -21.60 -41.14
C GLN D 843 27.75 -23.04 -41.16
N LEU D 844 27.10 -23.94 -40.41
CA LEU D 844 27.39 -25.37 -40.46
C LEU D 844 28.88 -25.68 -40.43
N ASP D 845 29.55 -25.36 -39.33
CA ASP D 845 30.99 -25.59 -39.23
C ASP D 845 31.32 -27.06 -39.41
N ILE D 846 32.58 -27.34 -39.74
CA ILE D 846 33.02 -28.70 -40.01
C ILE D 846 32.79 -29.60 -38.81
N ASP D 847 33.04 -29.10 -37.61
CA ASP D 847 32.82 -29.91 -36.40
C ASP D 847 31.37 -30.32 -36.25
N ASN D 848 30.44 -29.59 -36.84
CA ASN D 848 29.02 -29.95 -36.74
C ASN D 848 28.68 -31.16 -37.60
N MET D 849 29.43 -31.40 -38.68
CA MET D 849 29.11 -32.46 -39.62
C MET D 849 30.35 -33.27 -40.04
N ALA D 850 31.20 -33.64 -39.07
CA ALA D 850 32.37 -34.45 -39.40
C ALA D 850 32.01 -35.93 -39.52
N GLY D 851 30.94 -36.36 -38.84
CA GLY D 851 30.62 -37.77 -38.79
C GLY D 851 30.31 -38.36 -40.16
N VAL D 852 29.68 -37.56 -41.03
CA VAL D 852 29.37 -38.05 -42.37
C VAL D 852 30.65 -38.31 -43.17
N PHE D 853 31.63 -37.42 -43.07
CA PHE D 853 32.90 -37.68 -43.74
C PHE D 853 33.65 -38.83 -43.09
N TYR D 854 33.50 -39.02 -41.79
CA TYR D 854 34.08 -40.21 -41.14
C TYR D 854 33.47 -41.49 -41.72
N MET D 855 32.14 -41.49 -41.90
CA MET D 855 31.47 -42.63 -42.53
C MET D 855 31.95 -42.83 -43.96
N LEU D 856 32.16 -41.72 -44.68
CA LEU D 856 32.67 -41.82 -46.05
C LEU D 856 34.05 -42.46 -46.09
N GLY D 857 34.93 -42.06 -45.16
CA GLY D 857 36.25 -42.66 -45.10
C GLY D 857 36.19 -44.13 -44.73
N ALA D 858 35.31 -44.49 -43.79
CA ALA D 858 35.14 -45.89 -43.44
C ALA D 858 34.64 -46.70 -44.63
N ALA D 859 33.71 -46.15 -45.40
CA ALA D 859 33.21 -46.82 -46.59
C ALA D 859 34.32 -46.99 -47.62
N MET D 860 35.16 -45.97 -47.78
CA MET D 860 36.28 -46.07 -48.71
C MET D 860 37.24 -47.18 -48.28
N ALA D 861 37.54 -47.26 -46.99
CA ALA D 861 38.43 -48.32 -46.49
C ALA D 861 37.81 -49.70 -46.71
N LEU D 862 36.51 -49.84 -46.43
CA LEU D 862 35.84 -51.11 -46.67
C LEU D 862 35.87 -51.47 -48.15
N SER D 863 35.63 -50.50 -49.02
CA SER D 863 35.66 -50.76 -50.45
C SER D 863 37.02 -51.25 -50.91
N LEU D 864 38.09 -50.57 -50.47
CA LEU D 864 39.43 -50.97 -50.90
C LEU D 864 39.79 -52.35 -50.36
N ILE D 865 39.48 -52.63 -49.09
CA ILE D 865 39.83 -53.94 -48.55
C ILE D 865 39.01 -55.05 -49.22
N THR D 866 37.75 -54.77 -49.53
CA THR D 866 36.92 -55.76 -50.24
C THR D 866 37.44 -55.98 -51.65
N PHE D 867 37.89 -54.92 -52.33
CA PHE D 867 38.47 -55.09 -53.66
C PHE D 867 39.73 -55.93 -53.62
N ILE D 868 40.59 -55.70 -52.61
CA ILE D 868 41.79 -56.52 -52.47
C ILE D 868 41.43 -57.97 -52.21
N CYS D 869 40.44 -58.20 -51.33
CA CYS D 869 40.01 -59.56 -51.03
C CYS D 869 39.48 -60.27 -52.27
N GLU D 870 38.66 -59.56 -53.06
CA GLU D 870 38.11 -60.14 -54.28
C GLU D 870 39.21 -60.45 -55.29
N HIS D 871 40.18 -59.53 -55.43
CA HIS D 871 41.29 -59.76 -56.36
C HIS D 871 42.09 -60.98 -55.93
N LEU D 872 42.35 -61.13 -54.63
CA LEU D 872 43.04 -62.33 -54.15
C LEU D 872 42.21 -63.58 -54.40
N PHE D 873 40.90 -63.53 -54.18
CA PHE D 873 40.05 -64.69 -54.39
C PHE D 873 40.06 -65.11 -55.86
N TYR D 874 40.05 -64.14 -56.77
CA TYR D 874 40.11 -64.46 -58.19
C TYR D 874 41.51 -64.72 -58.69
N TRP D 875 42.54 -64.49 -57.86
CA TRP D 875 43.92 -64.70 -58.30
C TRP D 875 44.28 -66.18 -58.31
N GLN D 876 43.78 -66.93 -57.33
CA GLN D 876 44.12 -68.34 -57.22
C GLN D 876 43.45 -69.16 -58.33
C1 NAG E . -39.51 -9.52 -19.81
C2 NAG E . -39.48 -10.77 -18.94
C3 NAG E . -40.69 -11.64 -19.26
C4 NAG E . -41.97 -10.85 -19.02
C5 NAG E . -41.96 -9.54 -19.83
C6 NAG E . -43.11 -8.65 -19.45
C7 NAG E . -37.76 -12.38 -18.24
C8 NAG E . -36.49 -13.08 -18.62
N2 NAG E . -38.25 -11.52 -19.13
O3 NAG E . -40.69 -12.80 -18.42
O4 NAG E . -43.11 -11.62 -19.38
O5 NAG E . -40.76 -8.79 -19.58
O6 NAG E . -43.51 -8.90 -18.11
O7 NAG E . -38.33 -12.61 -17.17
C1 NAG E . -43.83 -12.09 -18.22
C2 NAG E . -44.86 -13.14 -18.66
C3 NAG E . -45.60 -13.70 -17.47
C4 NAG E . -44.62 -14.21 -16.41
C5 NAG E . -43.61 -13.11 -16.07
C6 NAG E . -42.53 -13.58 -15.12
C7 NAG E . -46.21 -13.25 -20.71
C8 NAG E . -47.17 -12.52 -21.59
N2 NAG E . -45.79 -12.58 -19.63
O3 NAG E . -46.46 -14.75 -17.88
O4 NAG E . -45.32 -14.57 -15.23
O5 NAG E . -42.95 -12.66 -17.26
O6 NAG E . -42.58 -14.98 -14.93
O7 NAG E . -45.85 -14.39 -20.95
C1 NAG F . -38.26 43.87 11.92
C2 NAG F . -39.19 43.30 10.84
C3 NAG F . -39.86 42.02 11.32
C4 NAG F . -38.81 41.01 11.77
C5 NAG F . -37.93 41.62 12.86
C6 NAG F . -36.80 40.73 13.28
C7 NAG F . -41.10 44.82 11.23
C8 NAG F . -42.02 45.81 10.60
N2 NAG F . -40.17 44.28 10.42
O3 NAG F . -40.66 41.48 10.27
O4 NAG F . -39.43 39.84 12.30
O5 NAG F . -37.33 42.83 12.37
O6 NAG F . -37.02 40.17 14.57
O7 NAG F . -41.18 44.53 12.42
C1 NAG F . -39.50 38.82 11.28
C2 NAG F . -39.11 37.46 11.89
C3 NAG F . -39.25 36.36 10.84
C4 NAG F . -40.65 36.38 10.24
C5 NAG F . -40.97 37.76 9.70
C6 NAG F . -42.38 37.90 9.18
C7 NAG F . -37.31 36.66 13.35
C8 NAG F . -35.88 36.83 13.77
N2 NAG F . -37.75 37.50 12.41
O3 NAG F . -39.02 35.09 11.45
O4 NAG F . -40.74 35.44 9.18
O5 NAG F . -40.82 38.74 10.74
O6 NAG F . -42.89 36.65 8.74
O7 NAG F . -38.02 35.80 13.85
C1 NAG G . 44.29 -5.44 -2.38
C2 NAG G . 44.43 -4.28 -3.37
C3 NAG G . 45.88 -3.83 -3.45
C4 NAG G . 46.42 -3.50 -2.06
C5 NAG G . 46.18 -4.67 -1.11
C6 NAG G . 46.55 -4.36 0.32
C7 NAG G . 42.68 -4.43 -5.07
C8 NAG G . 42.31 -4.90 -6.46
N2 NAG G . 43.93 -4.67 -4.68
O3 NAG G . 45.98 -2.69 -4.28
O4 NAG G . 47.81 -3.22 -2.13
O5 NAG G . 44.79 -5.02 -1.10
O6 NAG G . 47.96 -4.26 0.48
O7 NAG G . 41.87 -3.84 -4.36
C1 NAG G . 48.05 -1.82 -1.86
C2 NAG G . 49.49 -1.50 -2.27
C3 NAG G . 49.78 -0.01 -2.03
C4 NAG G . 48.75 0.85 -2.74
C5 NAG G . 47.34 0.44 -2.32
C6 NAG G . 46.26 1.18 -3.09
C7 NAG G . 51.24 -3.21 -2.13
C8 NAG G . 52.15 -3.97 -1.23
N2 NAG G . 50.44 -2.32 -1.54
O3 NAG G . 51.09 0.30 -2.50
O4 NAG G . 48.95 2.22 -2.43
O5 NAG G . 47.14 -0.96 -2.58
O6 NAG G . 46.78 2.34 -3.73
O7 NAG G . 51.22 -3.38 -3.35
C1 NAG H . 6.10 -44.09 45.05
C2 NAG H . 7.01 -45.10 45.76
C3 NAG H . 8.12 -45.56 44.83
C4 NAG H . 7.54 -46.05 43.51
C5 NAG H . 6.62 -44.99 42.91
C6 NAG H . 5.93 -45.47 41.65
C7 NAG H . 6.86 -44.46 48.13
C8 NAG H . 7.60 -43.86 49.29
N2 NAG H . 7.56 -44.55 46.98
O3 NAG H . 8.87 -46.59 45.45
O4 NAG H . 8.60 -46.33 42.60
O5 NAG H . 5.60 -44.65 43.84
O6 NAG H . 4.86 -44.60 41.29
O7 NAG H . 5.71 -44.85 48.22
C1 NAG I . 9.43 -7.63 72.08
C2 NAG I . 9.60 -8.76 73.09
C3 NAG I . 9.80 -8.19 74.48
C4 NAG I . 10.94 -7.18 74.49
C5 NAG I . 10.73 -6.13 73.42
C6 NAG I . 11.89 -5.17 73.29
C7 NAG I . 8.27 -10.59 72.11
C8 NAG I . 7.04 -11.43 72.24
N2 NAG I . 8.45 -9.66 73.06
O3 NAG I . 10.08 -9.26 75.39
O4 NAG I . 11.02 -6.55 75.77
O5 NAG I . 10.56 -6.76 72.14
O6 NAG I . 12.53 -5.30 72.02
O7 NAG I . 9.08 -10.75 71.20
C1 NAG J . 22.69 -0.74 53.18
C2 NAG J . 22.69 0.36 54.23
C3 NAG J . 21.95 1.59 53.70
C4 NAG J . 22.51 2.01 52.36
C5 NAG J . 22.52 0.83 51.39
C6 NAG J . 23.16 1.15 50.06
C7 NAG J . 20.86 -0.53 55.63
C8 NAG J . 20.47 -0.95 57.03
N2 NAG J . 22.11 -0.09 55.50
O3 NAG J . 22.08 2.66 54.63
O4 NAG J . 21.71 3.05 51.79
O5 NAG J . 23.26 -0.26 51.96
O6 NAG J . 24.58 1.08 50.13
O7 NAG J . 20.07 -0.60 54.69
C1 NAG K . -51.96 1.00 -20.01
C2 NAG K . -52.54 -0.20 -19.26
C3 NAG K . -53.62 0.25 -18.29
C4 NAG K . -53.11 1.39 -17.44
C5 NAG K . -52.76 2.59 -18.32
C6 NAG K . -51.41 3.18 -18.02
C7 NAG K . -52.38 -2.31 -20.49
C8 NAG K . -53.06 -3.24 -21.46
N2 NAG K . -53.04 -1.20 -20.18
O3 NAG K . -54.01 -0.85 -17.47
O4 NAG K . -54.10 1.78 -16.49
O5 NAG K . -52.74 2.19 -19.71
O6 NAG K . -51.49 4.18 -17.01
O7 NAG K . -51.27 -2.56 -20.03
C1 NAG L . -26.18 -37.13 38.53
C2 NAG L . -24.96 -37.88 38.01
C3 NAG L . -25.30 -38.64 36.74
C4 NAG L . -26.52 -39.54 36.97
C5 NAG L . -27.68 -38.72 37.53
C6 NAG L . -28.87 -39.57 37.91
C7 NAG L . -22.57 -37.32 37.87
C8 NAG L . -21.56 -36.25 37.60
N2 NAG L . -23.85 -36.96 37.77
O3 NAG L . -24.19 -39.42 36.33
O4 NAG L . -26.91 -40.15 35.75
O5 NAG L . -27.26 -38.05 38.73
O6 NAG L . -29.45 -39.14 39.13
O7 NAG L . -22.23 -38.46 38.18
C10 377 M . 14.03 -31.69 -50.53
C11 377 M . 11.86 -31.26 -51.71
N01 377 M . 11.55 -32.15 -53.96
C02 377 M . 12.23 -33.98 -50.74
C03 377 M . 14.31 -32.85 -51.48
C04 377 M . 12.16 -32.42 -52.67
C05 377 M . 12.51 -31.54 -50.35
C06 377 M . 13.73 -34.14 -50.91
C07 377 M . 11.58 -33.71 -52.10
C08 377 M . 13.68 -32.56 -52.84
C09 377 M . 11.94 -32.83 -49.78
C12 377 M . 11.63 -35.27 -50.16
C13 377 M . 15.83 -33.00 -51.66
C1 NAG N . -11.71 57.84 -24.14
C2 NAG N . -12.71 58.61 -25.00
C3 NAG N . -13.44 57.65 -25.94
C4 NAG N . -12.46 56.80 -26.73
C5 NAG N . -11.47 56.12 -25.78
C6 NAG N . -10.38 55.36 -26.51
C7 NAG N . -13.36 60.52 -23.60
C8 NAG N . -14.46 61.14 -22.79
N2 NAG N . -13.66 59.35 -24.19
O3 NAG N . -14.27 58.40 -26.83
O4 NAG N . -13.15 55.81 -27.48
O5 NAG N . -10.83 57.11 -24.96
O6 NAG N . -9.64 54.54 -25.61
O7 NAG N . -12.26 61.04 -23.71
C1 NAG O . -32.26 64.17 14.46
C2 NAG O . -32.73 65.52 14.99
C3 NAG O . -32.74 65.53 16.51
C4 NAG O . -33.54 64.36 17.05
C5 NAG O . -33.03 63.06 16.45
C6 NAG O . -33.87 61.86 16.84
C7 NAG O . -32.18 67.26 13.35
C8 NAG O . -31.22 68.34 12.96
N2 NAG O . -31.90 66.60 14.46
O3 NAG O . -33.29 66.76 16.98
O4 NAG O . -33.42 64.30 18.47
O5 NAG O . -33.08 63.13 15.01
O6 NAG O . -33.21 60.64 16.53
O7 NAG O . -33.18 67.01 12.67
C1 NAG P . 53.24 -6.44 9.97
C2 NAG P . 53.53 -5.69 8.68
C3 NAG P . 55.03 -5.52 8.50
C4 NAG P . 55.64 -4.86 9.73
C5 NAG P . 55.27 -5.63 10.98
C6 NAG P . 55.73 -4.96 12.25
C7 NAG P . 52.15 -5.79 6.64
C8 NAG P . 51.65 -6.65 5.53
N2 NAG P . 52.96 -6.38 7.53
O3 NAG P . 55.29 -4.71 7.34
O4 NAG P . 57.06 -4.82 9.60
O5 NAG P . 53.83 -5.75 11.07
O6 NAG P . 54.93 -5.35 13.36
O7 NAG P . 51.84 -4.60 6.74
C1 NAG Q . 21.24 51.42 -11.51
C2 NAG Q . 20.65 51.46 -12.92
C3 NAG Q . 21.57 50.72 -13.90
C4 NAG Q . 22.99 51.27 -13.80
C5 NAG Q . 23.47 51.25 -12.36
C6 NAG Q . 24.83 51.90 -12.18
C7 NAG Q . 18.22 51.57 -12.63
C8 NAG Q . 16.92 50.81 -12.71
N2 NAG Q . 19.31 50.88 -12.95
O3 NAG Q . 21.08 50.85 -15.22
O4 NAG Q . 23.87 50.49 -14.60
O5 NAG Q . 22.56 51.97 -11.52
O6 NAG Q . 24.75 53.02 -11.30
O7 NAG Q . 18.27 52.75 -12.27
#